data_3QIL
#
_entry.id   3QIL
#
_cell.length_a   255.780
_cell.length_b   255.780
_cell.length_c   312.990
_cell.angle_alpha   90.000
_cell.angle_beta   90.000
_cell.angle_gamma   120.00
#
_symmetry.space_group_name_H-M   'H 3'
#
_entity_poly.entity_id   1
_entity_poly.type   'polypeptide(L)'
_entity_poly.pdbx_seq_one_letter_code
;MGSSHHHHHHSSGLVPRGSHMWKQSVELAKKDSLYKDAMQYASESKDTELAEELLQWFLQEEKRECFGACLFTCYDLLRP
DVVLELAWRHNIMDFAMPYFIQVMKEYLTKVDKLDASESLRKEEE
;
_entity_poly.pdbx_strand_id   A,B,C,D,E,F,G,H,I,J,K,L,M,N,O,P,Q,R,S,T,U,V,W,X
#
# COMPACT_ATOMS: atom_id res chain seq x y z
N MET A 1 22.08 -21.92 40.29
CA MET A 1 22.79 -22.85 39.37
C MET A 1 23.82 -23.60 40.17
N GLY A 2 24.28 -22.98 41.26
CA GLY A 2 25.28 -23.64 42.09
C GLY A 2 24.78 -24.04 43.46
N SER A 3 24.89 -25.34 43.76
CA SER A 3 24.49 -25.91 45.04
C SER A 3 25.68 -26.63 45.71
N SER A 4 26.05 -26.19 46.91
CA SER A 4 27.18 -26.75 47.68
C SER A 4 26.78 -27.28 49.05
N HIS A 5 26.83 -28.60 49.22
CA HIS A 5 26.47 -29.29 50.45
C HIS A 5 27.70 -29.99 51.12
N HIS A 6 27.98 -29.61 52.39
CA HIS A 6 29.11 -30.14 53.17
C HIS A 6 28.73 -30.74 54.51
N HIS A 7 28.95 -32.05 54.62
CA HIS A 7 28.63 -32.73 55.84
C HIS A 7 29.93 -32.94 56.56
N HIS A 8 29.84 -33.05 57.87
CA HIS A 8 31.01 -33.21 58.71
C HIS A 8 31.43 -34.68 59.00
N HIS A 9 32.70 -34.87 59.39
CA HIS A 9 33.29 -36.17 59.68
C HIS A 9 34.80 -36.01 59.75
N HIS A 10 35.59 -36.97 59.23
CA HIS A 10 37.08 -36.81 59.20
C HIS A 10 37.56 -36.71 57.74
N SER A 11 38.87 -36.78 57.53
CA SER A 11 39.39 -36.64 56.18
C SER A 11 39.70 -35.12 55.91
N SER A 12 39.99 -34.71 54.66
CA SER A 12 40.33 -33.29 54.31
C SER A 12 40.14 -32.90 52.83
N GLY A 13 39.30 -31.90 52.62
CA GLY A 13 39.01 -31.44 51.29
C GLY A 13 39.16 -29.95 51.22
N LEU A 14 40.19 -29.50 50.52
CA LEU A 14 40.43 -28.12 50.43
C LEU A 14 40.33 -27.53 49.06
N VAL A 15 39.37 -26.64 48.93
CA VAL A 15 39.21 -26.03 47.66
C VAL A 15 39.19 -24.61 47.93
N PRO A 16 40.11 -23.90 47.32
CA PRO A 16 40.31 -22.46 47.44
C PRO A 16 39.15 -21.46 47.14
N ARG A 17 39.05 -20.39 47.98
CA ARG A 17 38.05 -19.28 47.89
C ARG A 17 36.82 -19.25 48.88
N GLY A 18 37.00 -18.93 50.18
CA GLY A 18 35.84 -18.91 51.10
C GLY A 18 35.83 -19.53 52.52
N SER A 19 35.04 -20.61 52.67
CA SER A 19 34.83 -21.33 53.95
C SER A 19 35.90 -22.28 54.54
N HIS A 20 35.90 -22.42 55.87
CA HIS A 20 36.81 -23.32 56.60
C HIS A 20 36.23 -23.80 57.94
N MET A 21 35.82 -25.07 57.97
CA MET A 21 35.23 -25.69 59.16
C MET A 21 36.33 -26.23 60.01
N TRP A 22 36.05 -26.34 61.30
CA TRP A 22 37.06 -26.83 62.23
C TRP A 22 37.24 -28.37 62.36
N LYS A 23 37.74 -28.77 63.53
CA LYS A 23 38.00 -30.14 63.92
C LYS A 23 39.42 -30.54 63.61
N GLN A 24 40.10 -31.09 64.63
CA GLN A 24 41.49 -31.50 64.53
C GLN A 24 41.85 -32.22 63.25
N SER A 25 42.98 -31.83 62.68
CA SER A 25 43.52 -32.43 61.45
C SER A 25 44.64 -31.54 61.01
N VAL A 26 45.85 -32.10 60.88
CA VAL A 26 47.03 -31.34 60.51
C VAL A 26 47.01 -30.86 59.09
N GLU A 27 47.04 -29.54 58.91
CA GLU A 27 46.97 -28.99 57.55
C GLU A 27 47.72 -27.71 57.50
N LEU A 28 48.29 -27.46 56.34
CA LEU A 28 49.06 -26.25 56.16
C LEU A 28 49.05 -25.77 54.73
N ALA A 29 48.99 -24.48 54.58
CA ALA A 29 48.97 -24.03 53.24
C ALA A 29 49.90 -22.86 52.92
N LYS A 30 49.27 -21.68 53.08
CA LYS A 30 49.80 -20.29 52.86
C LYS A 30 48.78 -19.04 53.06
N LYS A 31 49.17 -18.07 53.89
CA LYS A 31 48.35 -16.86 54.17
C LYS A 31 47.25 -17.17 55.16
N ASP A 32 47.09 -16.37 56.20
CA ASP A 32 46.07 -16.67 57.19
C ASP A 32 45.03 -15.60 57.33
N SER A 33 44.58 -15.43 58.57
CA SER A 33 43.59 -14.43 58.91
C SER A 33 42.30 -14.51 58.08
N LEU A 34 41.58 -13.40 58.05
CA LEU A 34 40.34 -13.27 57.30
C LEU A 34 39.22 -13.98 58.03
N TYR A 35 38.79 -13.42 59.16
CA TYR A 35 37.71 -14.00 59.96
C TYR A 35 36.36 -13.31 59.73
N LYS A 36 36.41 -11.99 59.50
CA LYS A 36 35.24 -11.12 59.23
C LYS A 36 34.78 -11.33 57.78
N ASP A 37 35.72 -11.29 56.85
CA ASP A 37 35.45 -11.47 55.42
C ASP A 37 34.89 -12.86 55.19
N ALA A 38 35.38 -13.83 55.95
CA ALA A 38 34.91 -15.20 55.83
C ALA A 38 33.65 -15.35 56.68
N MET A 39 33.39 -14.36 57.53
CA MET A 39 32.24 -14.41 58.40
C MET A 39 31.07 -13.81 57.73
N GLN A 40 31.29 -13.09 56.64
CA GLN A 40 30.21 -12.43 55.89
C GLN A 40 29.49 -13.38 54.92
N TYR A 41 30.26 -14.18 54.20
CA TYR A 41 29.71 -15.12 53.24
C TYR A 41 28.96 -16.32 53.89
N ALA A 42 28.75 -16.28 55.22
CA ALA A 42 28.04 -17.38 55.93
C ALA A 42 26.67 -17.01 56.41
N SER A 43 26.41 -15.70 56.42
CA SER A 43 25.15 -15.17 56.83
C SER A 43 24.16 -15.08 55.68
N GLU A 44 24.47 -14.23 54.68
CA GLU A 44 23.66 -13.99 53.44
C GLU A 44 23.85 -15.15 52.45
N SER A 45 23.98 -16.34 53.06
CA SER A 45 24.13 -17.65 52.40
C SER A 45 22.79 -18.41 52.41
N LYS A 46 22.65 -19.22 53.44
CA LYS A 46 21.48 -20.04 53.64
C LYS A 46 21.81 -20.72 54.98
N ASP A 47 21.99 -22.03 54.94
CA ASP A 47 22.30 -22.82 56.13
C ASP A 47 21.13 -22.66 57.10
N THR A 48 20.21 -23.62 57.13
CA THR A 48 19.08 -23.55 58.05
C THR A 48 19.56 -24.18 59.35
N GLU A 49 19.61 -25.51 59.39
CA GLU A 49 20.07 -26.22 60.58
C GLU A 49 21.56 -25.99 60.74
N LEU A 50 22.33 -26.40 59.73
CA LEU A 50 23.79 -26.30 59.73
C LEU A 50 24.30 -24.96 60.25
N ALA A 51 23.71 -23.87 59.78
CA ALA A 51 24.09 -22.55 60.26
C ALA A 51 24.27 -22.55 61.80
N GLU A 52 23.13 -22.49 62.52
CA GLU A 52 23.06 -22.43 64.01
C GLU A 52 24.23 -23.04 64.77
N GLU A 53 24.46 -24.34 64.59
CA GLU A 53 25.56 -25.03 65.27
C GLU A 53 26.89 -24.25 65.28
N LEU A 54 27.05 -23.37 64.30
CA LEU A 54 28.27 -22.57 64.19
C LEU A 54 28.35 -21.46 65.25
N LEU A 55 27.31 -20.61 65.32
CA LEU A 55 27.16 -19.50 66.29
C LEU A 55 27.23 -19.89 67.76
N GLN A 56 26.56 -20.96 68.15
CA GLN A 56 26.65 -21.43 69.52
C GLN A 56 28.09 -21.39 70.08
N TRP A 57 29.04 -21.99 69.34
CA TRP A 57 30.50 -22.07 69.65
C TRP A 57 31.23 -20.72 69.57
N PHE A 58 30.69 -19.80 68.76
CA PHE A 58 31.20 -18.44 68.59
C PHE A 58 30.69 -17.59 69.72
N LEU A 59 29.45 -17.90 70.19
CA LEU A 59 28.72 -17.22 71.32
C LEU A 59 28.98 -17.92 72.63
N GLN A 60 29.71 -19.02 72.51
CA GLN A 60 30.11 -19.83 73.65
C GLN A 60 31.49 -19.37 74.12
N GLU A 61 32.40 -19.02 73.20
CA GLU A 61 33.76 -18.60 73.54
C GLU A 61 34.06 -17.29 72.83
N GLU A 62 35.11 -16.58 73.28
CA GLU A 62 35.58 -15.28 72.73
C GLU A 62 34.73 -14.10 73.21
N LYS A 63 35.08 -12.88 72.81
CA LYS A 63 34.28 -11.72 73.23
C LYS A 63 33.86 -10.90 72.02
N ARG A 64 34.70 -10.93 71.00
CA ARG A 64 34.42 -10.19 69.78
C ARG A 64 33.72 -11.11 68.81
N GLU A 65 34.08 -12.40 68.86
CA GLU A 65 33.52 -13.46 68.00
C GLU A 65 32.07 -13.74 68.39
N CYS A 66 31.65 -13.21 69.53
CA CYS A 66 30.29 -13.38 69.98
C CYS A 66 29.54 -12.22 69.40
N PHE A 67 30.11 -11.05 69.59
CA PHE A 67 29.48 -9.87 69.06
C PHE A 67 29.25 -10.00 67.57
N GLY A 68 30.31 -10.28 66.83
CA GLY A 68 30.19 -10.42 65.38
C GLY A 68 29.14 -11.42 64.94
N ALA A 69 29.10 -12.53 65.66
CA ALA A 69 28.16 -13.59 65.35
C ALA A 69 26.77 -13.07 65.62
N CYS A 70 26.70 -12.11 66.53
CA CYS A 70 25.43 -11.51 66.88
C CYS A 70 25.00 -10.66 65.69
N LEU A 71 25.87 -9.76 65.25
CA LEU A 71 25.54 -8.92 64.12
C LEU A 71 25.33 -9.87 62.97
N PHE A 72 26.06 -11.00 62.98
CA PHE A 72 25.96 -12.05 61.96
C PHE A 72 24.54 -12.60 61.93
N THR A 73 23.95 -12.77 63.11
CA THR A 73 22.57 -13.28 63.26
C THR A 73 21.48 -12.33 62.77
N CYS A 74 21.45 -11.11 63.33
CA CYS A 74 20.49 -10.03 63.00
C CYS A 74 20.17 -9.81 61.49
N TYR A 75 21.20 -9.71 60.65
CA TYR A 75 21.03 -9.53 59.18
C TYR A 75 20.52 -10.79 58.39
N ASP A 76 19.94 -11.76 59.10
CA ASP A 76 19.39 -13.00 58.51
C ASP A 76 17.97 -13.25 58.98
N LEU A 77 17.58 -12.44 59.97
CA LEU A 77 16.28 -12.46 60.61
C LEU A 77 16.03 -13.71 61.45
N LEU A 78 14.95 -14.41 61.12
CA LEU A 78 14.52 -15.63 61.79
C LEU A 78 15.66 -16.46 62.43
N ARG A 79 15.97 -16.22 63.72
CA ARG A 79 17.02 -16.90 64.55
C ARG A 79 17.24 -16.45 66.04
N PRO A 80 16.17 -15.99 66.65
CA PRO A 80 16.27 -15.54 68.03
C PRO A 80 16.36 -16.78 68.87
N ASP A 81 15.39 -16.90 69.78
CA ASP A 81 15.25 -17.98 70.76
C ASP A 81 16.57 -18.29 71.30
N VAL A 82 17.28 -19.17 70.61
CA VAL A 82 18.62 -19.54 71.02
C VAL A 82 19.47 -18.36 71.57
N VAL A 83 19.47 -17.25 70.84
CA VAL A 83 20.24 -16.07 71.20
C VAL A 83 20.06 -15.71 72.68
N LEU A 84 18.85 -15.92 73.15
CA LEU A 84 18.50 -15.59 74.52
C LEU A 84 19.12 -16.54 75.54
N GLU A 85 19.08 -17.82 75.23
CA GLU A 85 19.56 -18.76 76.20
C GLU A 85 20.92 -18.36 76.51
N LEU A 86 21.72 -18.17 75.46
CA LEU A 86 23.20 -17.88 75.57
C LEU A 86 23.63 -16.67 76.34
N ALA A 87 22.59 -15.86 76.63
CA ALA A 87 22.59 -14.56 77.35
C ALA A 87 22.23 -14.72 78.83
N TRP A 88 21.56 -15.82 79.12
CA TRP A 88 21.15 -16.09 80.44
C TRP A 88 22.21 -17.05 80.85
N ARG A 89 23.37 -17.07 80.19
CA ARG A 89 24.43 -18.03 80.57
C ARG A 89 25.24 -17.67 81.80
N HIS A 90 26.42 -17.12 81.57
CA HIS A 90 27.27 -16.72 82.65
C HIS A 90 27.04 -15.33 83.17
N ASN A 91 27.08 -14.34 82.29
CA ASN A 91 26.86 -12.95 82.76
C ASN A 91 25.82 -12.12 81.95
N ILE A 92 25.79 -10.81 82.23
CA ILE A 92 24.88 -9.84 81.58
C ILE A 92 25.27 -9.72 80.12
N MET A 93 24.39 -9.17 79.31
CA MET A 93 24.68 -9.11 77.90
C MET A 93 23.69 -8.12 77.32
N ASP A 94 23.78 -7.92 76.00
CA ASP A 94 22.96 -7.01 75.21
C ASP A 94 22.08 -7.66 74.17
N PHE A 95 20.78 -7.51 74.33
CA PHE A 95 19.83 -8.08 73.40
C PHE A 95 19.70 -7.21 72.14
N ALA A 96 18.68 -7.49 71.35
CA ALA A 96 18.46 -6.75 70.16
C ALA A 96 17.14 -6.06 70.25
N MET A 97 16.27 -6.40 69.30
CA MET A 97 14.94 -5.81 69.20
C MET A 97 14.00 -6.45 68.15
N PRO A 98 13.87 -7.78 68.13
CA PRO A 98 12.98 -8.40 67.14
C PRO A 98 11.50 -8.57 67.60
N TYR A 99 10.80 -7.46 67.77
CA TYR A 99 9.41 -7.53 68.22
C TYR A 99 8.45 -6.71 67.36
N PHE A 100 8.72 -5.41 67.28
CA PHE A 100 7.90 -4.50 66.50
C PHE A 100 7.40 -5.11 65.19
N ILE A 101 8.34 -5.71 64.43
CA ILE A 101 8.04 -6.34 63.15
C ILE A 101 6.79 -7.14 63.31
N GLN A 102 6.66 -7.76 64.48
CA GLN A 102 5.50 -8.60 64.74
C GLN A 102 4.23 -7.83 65.12
N VAL A 103 4.38 -6.68 65.75
CA VAL A 103 3.23 -5.88 66.14
C VAL A 103 2.33 -5.53 64.97
N MET A 104 2.88 -5.60 63.75
CA MET A 104 2.17 -5.32 62.50
C MET A 104 1.07 -6.37 62.27
N LYS A 105 1.47 -7.52 61.76
CA LYS A 105 0.59 -8.65 61.46
C LYS A 105 -0.46 -8.90 62.56
N GLU A 106 -0.08 -8.57 63.77
CA GLU A 106 -0.95 -8.76 64.91
C GLU A 106 -2.25 -8.03 64.70
N TYR A 107 -2.23 -6.76 65.11
CA TYR A 107 -3.38 -5.90 65.01
C TYR A 107 -3.79 -5.79 63.55
N LEU A 108 -2.93 -6.25 62.63
CA LEU A 108 -3.22 -6.20 61.19
C LEU A 108 -4.28 -7.23 60.78
N THR A 109 -4.00 -8.50 61.04
CA THR A 109 -4.91 -9.56 60.67
C THR A 109 -6.34 -9.31 61.17
N LYS A 110 -6.45 -9.00 62.44
CA LYS A 110 -7.74 -8.75 63.05
C LYS A 110 -8.62 -7.88 62.18
N VAL A 111 -8.21 -6.64 62.01
CA VAL A 111 -8.95 -5.67 61.20
C VAL A 111 -9.41 -6.28 59.88
N ASP A 112 -8.55 -7.10 59.26
CA ASP A 112 -8.90 -7.71 57.99
C ASP A 112 -10.11 -8.64 58.16
N LYS A 113 -10.03 -9.54 59.12
CA LYS A 113 -11.12 -10.48 59.36
C LYS A 113 -12.43 -9.77 59.73
N LEU A 114 -12.26 -8.62 60.37
CA LEU A 114 -13.37 -7.80 60.82
C LEU A 114 -14.22 -7.39 59.63
N ASP A 115 -13.64 -6.63 58.72
CA ASP A 115 -14.37 -6.13 57.56
C ASP A 115 -14.58 -7.22 56.56
N ALA A 116 -14.13 -8.40 56.95
CA ALA A 116 -14.20 -9.55 56.10
C ALA A 116 -15.52 -10.25 56.25
N SER A 117 -16.15 -10.05 57.40
CA SER A 117 -17.42 -10.67 57.64
C SER A 117 -18.52 -9.64 57.49
N GLU A 118 -18.22 -8.38 57.84
CA GLU A 118 -19.17 -7.28 57.74
C GLU A 118 -19.70 -7.13 56.33
N SER A 119 -18.91 -7.59 55.37
CA SER A 119 -19.29 -7.49 53.99
C SER A 119 -20.04 -8.74 53.53
N LEU A 120 -19.56 -9.91 53.95
CA LEU A 120 -20.19 -11.17 53.58
C LEU A 120 -21.54 -11.32 54.24
N ARG A 121 -21.94 -10.27 54.96
CA ARG A 121 -23.22 -10.29 55.64
C ARG A 121 -24.18 -9.27 55.03
N LYS A 122 -23.65 -8.27 54.34
CA LYS A 122 -24.47 -7.23 53.70
C LYS A 122 -24.88 -7.60 52.26
N GLU A 123 -24.41 -8.74 51.77
CA GLU A 123 -24.73 -9.22 50.43
C GLU A 123 -25.88 -10.23 50.46
N GLU A 124 -26.16 -10.76 51.64
CA GLU A 124 -27.24 -11.73 51.84
C GLU A 124 -28.49 -11.09 52.44
N GLU A 125 -28.29 -9.99 53.19
CA GLU A 125 -29.40 -9.28 53.80
C GLU A 125 -30.09 -8.41 52.76
N ALA B 29 -7.79 -31.93 107.29
CA ALA B 29 -6.32 -31.69 107.24
C ALA B 29 -5.47 -32.84 107.82
N LYS B 30 -4.83 -32.64 108.97
CA LYS B 30 -4.01 -33.69 109.58
C LYS B 30 -2.75 -33.90 108.74
N LYS B 31 -1.65 -34.30 109.38
CA LYS B 31 -0.42 -34.60 108.65
C LYS B 31 -0.10 -33.63 107.49
N ASP B 32 0.62 -34.11 106.48
CA ASP B 32 0.98 -33.28 105.32
C ASP B 32 1.00 -34.06 104.01
N SER B 33 1.39 -35.33 104.07
CA SER B 33 1.44 -36.16 102.88
C SER B 33 0.10 -36.08 102.16
N LEU B 34 -0.97 -35.86 102.91
CA LEU B 34 -2.30 -35.73 102.33
C LEU B 34 -2.37 -34.52 101.39
N TYR B 35 -1.69 -33.43 101.77
CA TYR B 35 -1.64 -32.21 100.96
C TYR B 35 -1.01 -32.53 99.62
N LYS B 36 0.29 -32.85 99.66
CA LYS B 36 1.04 -33.20 98.46
C LYS B 36 0.33 -34.21 97.50
N ASP B 37 -0.68 -34.93 97.98
CA ASP B 37 -1.44 -35.90 97.17
C ASP B 37 -2.67 -35.23 96.52
N ALA B 38 -3.17 -34.15 97.14
CA ALA B 38 -4.34 -33.39 96.66
C ALA B 38 -4.00 -32.69 95.40
N MET B 39 -3.17 -31.66 95.55
CA MET B 39 -2.80 -30.90 94.41
C MET B 39 -2.50 -31.85 93.27
N GLN B 40 -2.03 -33.04 93.58
CA GLN B 40 -1.69 -33.99 92.53
C GLN B 40 -2.87 -34.76 91.92
N TYR B 41 -4.00 -34.79 92.61
CA TYR B 41 -5.17 -35.47 92.06
C TYR B 41 -6.08 -34.43 91.38
N ALA B 42 -5.67 -33.16 91.40
CA ALA B 42 -6.36 -31.99 90.83
C ALA B 42 -5.75 -31.55 89.48
N SER B 43 -4.55 -32.05 89.23
CA SER B 43 -3.83 -31.76 88.00
C SER B 43 -4.44 -32.54 86.85
N GLU B 44 -4.98 -33.71 87.15
CA GLU B 44 -5.59 -34.56 86.14
C GLU B 44 -6.93 -33.94 85.69
N SER B 45 -7.76 -33.58 86.64
CA SER B 45 -9.05 -33.01 86.29
C SER B 45 -8.77 -31.72 85.54
N LYS B 46 -8.18 -30.73 86.22
CA LYS B 46 -7.85 -29.45 85.60
C LYS B 46 -9.08 -28.71 85.05
N ASP B 47 -9.24 -27.44 85.43
CA ASP B 47 -10.38 -26.62 85.00
C ASP B 47 -9.92 -25.28 84.49
N THR B 48 -10.64 -24.24 84.87
CA THR B 48 -10.30 -22.89 84.44
C THR B 48 -9.63 -22.17 85.62
N GLU B 49 -10.26 -21.09 86.09
CA GLU B 49 -9.72 -20.35 87.23
C GLU B 49 -9.61 -21.33 88.39
N LEU B 50 -10.48 -22.34 88.40
CA LEU B 50 -10.45 -23.36 89.44
C LEU B 50 -9.08 -23.99 89.41
N ALA B 51 -8.65 -24.47 88.24
CA ALA B 51 -7.33 -25.06 88.11
C ALA B 51 -6.23 -23.99 88.14
N GLU B 52 -6.55 -22.74 87.83
CA GLU B 52 -5.56 -21.65 87.84
C GLU B 52 -5.24 -21.19 89.27
N GLU B 53 -6.17 -20.47 89.85
CA GLU B 53 -6.04 -19.98 91.19
C GLU B 53 -5.37 -21.03 92.08
N LEU B 54 -5.89 -22.25 92.05
CA LEU B 54 -5.34 -23.29 92.91
C LEU B 54 -3.82 -23.25 92.99
N LEU B 55 -3.20 -22.77 91.93
CA LEU B 55 -1.75 -22.72 91.89
C LEU B 55 -1.04 -21.70 92.75
N GLN B 56 -1.47 -20.45 92.75
CA GLN B 56 -0.80 -19.42 93.58
C GLN B 56 -0.53 -19.81 95.05
N TRP B 57 -1.47 -20.56 95.64
CA TRP B 57 -1.37 -21.05 97.03
C TRP B 57 -0.46 -22.27 97.09
N PHE B 58 -0.27 -22.92 95.94
CA PHE B 58 0.63 -24.07 95.85
C PHE B 58 2.03 -23.45 95.70
N LEU B 59 2.06 -22.12 95.64
CA LEU B 59 3.30 -21.37 95.50
C LEU B 59 3.53 -20.44 96.69
N GLN B 60 2.48 -20.20 97.45
CA GLN B 60 2.61 -19.36 98.62
C GLN B 60 3.67 -19.86 99.58
N GLU B 61 4.05 -21.12 99.45
CA GLU B 61 5.08 -21.67 100.33
C GLU B 61 5.59 -23.00 99.76
N GLU B 62 6.40 -23.71 100.54
CA GLU B 62 6.95 -24.99 100.09
C GLU B 62 7.93 -24.82 98.91
N LYS B 63 8.66 -25.89 98.59
CA LYS B 63 9.61 -25.85 97.48
C LYS B 63 9.06 -26.45 96.21
N ARG B 64 9.33 -27.71 95.96
CA ARG B 64 8.84 -28.37 94.75
C ARG B 64 7.32 -28.30 94.57
N GLU B 65 6.62 -28.03 95.67
CA GLU B 65 5.18 -27.94 95.63
C GLU B 65 4.82 -26.83 94.68
N CYS B 66 5.65 -25.79 94.68
CA CYS B 66 5.43 -24.66 93.79
C CYS B 66 5.74 -25.10 92.35
N PHE B 67 6.77 -25.92 92.21
CA PHE B 67 7.19 -26.43 90.91
C PHE B 67 6.10 -27.20 90.23
N GLY B 68 5.69 -28.29 90.87
CA GLY B 68 4.63 -29.14 90.35
C GLY B 68 3.42 -28.35 89.89
N ALA B 69 3.17 -27.23 90.57
CA ALA B 69 2.04 -26.37 90.23
C ALA B 69 2.39 -25.48 89.05
N CYS B 70 3.64 -25.06 88.99
CA CYS B 70 4.11 -24.20 87.90
C CYS B 70 3.82 -24.88 86.57
N LEU B 71 3.75 -26.19 86.60
CA LEU B 71 3.50 -26.96 85.39
C LEU B 71 2.05 -26.80 84.93
N PHE B 72 1.18 -26.82 85.92
CA PHE B 72 -0.23 -26.69 85.64
C PHE B 72 -0.59 -25.37 84.93
N THR B 73 -0.06 -24.23 85.39
CA THR B 73 -0.37 -22.93 84.80
C THR B 73 -0.24 -22.95 83.29
N CYS B 74 0.90 -23.44 82.82
CA CYS B 74 1.15 -23.52 81.39
C CYS B 74 0.22 -24.49 80.68
N TYR B 75 -0.25 -25.48 81.42
CA TYR B 75 -1.16 -26.46 80.85
C TYR B 75 -2.43 -25.73 80.43
N ASP B 76 -2.80 -24.69 81.19
CA ASP B 76 -4.01 -23.93 80.87
C ASP B 76 -3.85 -23.24 79.51
N LEU B 77 -2.73 -23.52 78.85
CA LEU B 77 -2.42 -22.96 77.54
C LEU B 77 -2.06 -21.48 77.55
N LEU B 78 -2.69 -20.68 78.40
CA LEU B 78 -2.38 -19.25 78.45
C LEU B 78 -2.46 -18.66 79.87
N ARG B 79 -1.30 -18.47 80.53
CA ARG B 79 -1.28 -17.90 81.90
C ARG B 79 0.07 -17.36 82.43
N PRO B 80 0.32 -16.09 82.15
CA PRO B 80 1.55 -15.44 82.58
C PRO B 80 1.46 -15.00 84.04
N ASP B 81 1.64 -13.68 84.23
CA ASP B 81 1.58 -12.97 85.51
C ASP B 81 2.20 -13.64 86.69
N VAL B 82 1.57 -14.74 87.11
CA VAL B 82 2.00 -15.61 88.25
C VAL B 82 3.34 -16.31 87.96
N VAL B 83 3.79 -16.09 86.73
CA VAL B 83 5.06 -16.59 86.21
C VAL B 83 6.12 -15.49 86.44
N LEU B 84 5.69 -14.22 86.45
CA LEU B 84 6.58 -13.07 86.67
C LEU B 84 6.76 -12.80 88.14
N GLU B 85 5.67 -12.69 88.88
CA GLU B 85 5.75 -12.42 90.34
C GLU B 85 6.74 -13.27 91.26
N LEU B 86 6.50 -14.59 91.21
CA LEU B 86 7.22 -15.63 91.95
C LEU B 86 8.64 -15.79 91.37
N ALA B 87 8.90 -15.05 90.30
CA ALA B 87 10.20 -15.06 89.63
C ALA B 87 11.15 -14.11 90.38
N TRP B 88 10.58 -13.11 91.03
CA TRP B 88 11.37 -12.13 91.78
C TRP B 88 11.51 -12.57 93.24
N ARG B 89 11.79 -13.84 93.43
CA ARG B 89 11.94 -14.36 94.77
C ARG B 89 13.42 -14.31 95.17
N HIS B 90 14.19 -15.31 94.76
CA HIS B 90 15.61 -15.36 95.10
C HIS B 90 16.48 -15.95 93.96
N ASN B 91 16.43 -17.28 93.77
CA ASN B 91 17.24 -17.96 92.76
C ASN B 91 16.79 -17.76 91.31
N ILE B 92 17.23 -18.63 90.41
CA ILE B 92 16.85 -18.52 89.01
C ILE B 92 15.48 -19.13 88.76
N MET B 93 14.92 -18.89 87.58
CA MET B 93 13.59 -19.42 87.30
C MET B 93 13.59 -19.97 85.94
N ASP B 94 12.40 -20.25 85.41
CA ASP B 94 12.16 -20.79 84.07
C ASP B 94 11.37 -19.85 83.13
N PHE B 95 10.87 -20.43 82.00
CA PHE B 95 10.19 -19.70 80.88
C PHE B 95 10.03 -20.43 79.48
N ALA B 96 8.98 -20.06 78.83
CA ALA B 96 8.76 -20.69 77.61
C ALA B 96 8.00 -19.72 76.81
N MET B 97 8.15 -19.83 75.50
CA MET B 97 7.47 -18.93 74.59
C MET B 97 6.88 -19.58 73.35
N PRO B 98 5.60 -19.28 73.04
CA PRO B 98 4.88 -19.79 71.88
C PRO B 98 5.32 -19.13 70.54
N TYR B 99 4.39 -18.48 69.82
CA TYR B 99 4.66 -17.86 68.52
C TYR B 99 4.72 -18.82 67.35
N PHE B 100 5.17 -18.36 66.19
CA PHE B 100 5.30 -19.20 64.98
C PHE B 100 3.98 -19.74 64.43
N ILE B 101 3.25 -20.53 65.23
CA ILE B 101 1.96 -21.13 64.80
C ILE B 101 1.14 -19.98 64.24
N GLN B 102 1.48 -18.78 64.67
CA GLN B 102 0.77 -17.62 64.24
C GLN B 102 1.30 -17.22 62.90
N VAL B 103 2.63 -17.32 62.77
CA VAL B 103 3.33 -16.97 61.53
C VAL B 103 2.70 -17.64 60.30
N MET B 104 2.28 -18.90 60.44
CA MET B 104 1.65 -19.68 59.35
C MET B 104 0.15 -19.39 59.22
N LYS B 105 -0.27 -18.20 59.64
CA LYS B 105 -1.67 -17.79 59.58
C LYS B 105 -1.93 -16.57 58.72
N GLU B 106 -1.18 -15.49 58.95
CA GLU B 106 -1.34 -14.29 58.15
C GLU B 106 -1.01 -14.57 56.68
N TYR B 107 -0.20 -15.60 56.48
CA TYR B 107 0.22 -16.01 55.14
C TYR B 107 -0.95 -16.64 54.42
N LEU B 108 -1.96 -17.11 55.19
CA LEU B 108 -3.19 -17.72 54.64
C LEU B 108 -4.22 -16.65 54.24
N THR B 109 -4.44 -15.67 55.12
CA THR B 109 -5.38 -14.59 54.85
C THR B 109 -4.92 -13.70 53.68
N LYS B 110 -3.62 -13.69 53.43
CA LYS B 110 -3.04 -12.93 52.31
C LYS B 110 -3.22 -13.66 50.95
N VAL B 111 -3.56 -14.95 51.00
CA VAL B 111 -3.79 -15.73 49.79
C VAL B 111 -5.27 -15.62 49.44
N ASP B 112 -6.12 -15.35 50.44
CA ASP B 112 -7.58 -15.23 50.25
C ASP B 112 -7.96 -13.85 49.74
N LYS B 113 -7.28 -12.84 50.25
CA LYS B 113 -7.53 -11.47 49.84
C LYS B 113 -7.18 -11.26 48.37
N LEU B 114 -6.25 -12.08 47.88
CA LEU B 114 -5.80 -12.02 46.48
C LEU B 114 -6.77 -12.76 45.55
N ASP B 115 -7.09 -14.01 45.87
CA ASP B 115 -8.01 -14.81 45.04
C ASP B 115 -9.47 -14.26 45.11
N ALA B 116 -9.75 -13.38 46.07
CA ALA B 116 -11.08 -12.77 46.19
C ALA B 116 -11.11 -11.40 45.54
N SER B 117 -9.97 -11.03 44.96
CA SER B 117 -9.82 -9.75 44.27
C SER B 117 -9.48 -9.97 42.79
N GLU B 118 -8.75 -11.05 42.48
CA GLU B 118 -8.37 -11.35 41.09
C GLU B 118 -9.60 -11.67 40.25
N SER B 119 -10.41 -12.60 40.73
CA SER B 119 -11.62 -13.02 40.03
C SER B 119 -12.75 -11.99 40.19
N LEU B 120 -12.73 -11.27 41.31
CA LEU B 120 -13.74 -10.25 41.57
C LEU B 120 -13.53 -9.04 40.64
N ARG B 121 -12.28 -8.82 40.23
CA ARG B 121 -11.91 -7.72 39.34
C ARG B 121 -11.95 -8.15 37.88
N LYS B 122 -11.57 -9.39 37.62
CA LYS B 122 -11.55 -9.93 36.26
C LYS B 122 -12.99 -10.19 35.79
N GLU B 123 -13.96 -9.72 36.57
CA GLU B 123 -15.38 -9.88 36.23
C GLU B 123 -16.03 -8.54 35.83
N GLU B 124 -15.52 -7.44 36.39
CA GLU B 124 -16.06 -6.12 36.08
C GLU B 124 -15.78 -5.69 34.63
N GLU B 125 -14.83 -6.35 33.98
CA GLU B 125 -14.48 -6.05 32.59
C GLU B 125 -15.50 -6.63 31.61
N MET C 1 -30.63 53.31 108.40
CA MET C 1 -29.22 53.57 108.72
C MET C 1 -28.17 52.74 108.00
N GLY C 2 -28.41 51.41 107.83
CA GLY C 2 -27.51 50.45 107.14
C GLY C 2 -28.12 49.61 106.00
N SER C 3 -27.41 49.45 104.87
CA SER C 3 -27.97 48.72 103.73
C SER C 3 -26.98 47.73 103.14
N SER C 4 -27.33 46.45 103.13
CA SER C 4 -26.42 45.43 102.59
C SER C 4 -26.91 44.83 101.27
N HIS C 5 -26.01 44.78 100.26
CA HIS C 5 -26.33 44.23 98.93
C HIS C 5 -25.31 43.23 98.41
N HIS C 6 -25.62 41.95 98.60
CA HIS C 6 -24.74 40.84 98.18
C HIS C 6 -25.18 40.30 96.86
N HIS C 7 -24.31 40.47 95.88
CA HIS C 7 -24.60 40.00 94.56
C HIS C 7 -23.56 38.97 94.17
N HIS C 8 -23.98 37.71 94.10
CA HIS C 8 -23.12 36.58 93.75
C HIS C 8 -23.52 35.93 92.42
N HIS C 9 -22.60 35.95 91.45
CA HIS C 9 -22.83 35.39 90.11
C HIS C 9 -21.75 34.33 89.75
N HIS C 10 -22.22 33.13 89.43
CA HIS C 10 -21.38 31.99 89.10
C HIS C 10 -21.66 31.42 87.71
N SER C 11 -20.73 31.64 86.80
CA SER C 11 -20.93 31.12 85.47
C SER C 11 -19.85 30.05 85.25
N SER C 12 -20.26 28.79 85.13
CA SER C 12 -19.32 27.68 84.91
C SER C 12 -19.20 27.30 83.44
N GLY C 13 -18.02 27.55 82.86
CA GLY C 13 -17.80 27.20 81.47
C GLY C 13 -17.23 25.80 81.35
N LEU C 14 -18.06 24.85 80.93
CA LEU C 14 -17.65 23.44 80.80
C LEU C 14 -16.38 23.35 79.95
N VAL C 15 -15.23 23.54 80.60
CA VAL C 15 -13.93 23.47 79.93
C VAL C 15 -12.81 22.95 80.86
N PRO C 16 -12.59 23.62 82.01
CA PRO C 16 -11.54 23.20 82.94
C PRO C 16 -11.67 21.75 83.40
N ARG C 17 -10.66 20.95 83.08
CA ARG C 17 -10.63 19.54 83.45
C ARG C 17 -9.28 19.16 84.04
N GLY C 18 -9.28 18.75 85.30
CA GLY C 18 -8.05 18.35 85.97
C GLY C 18 -8.02 16.90 86.42
N SER C 19 -7.01 16.13 85.97
CA SER C 19 -6.84 14.72 86.34
C SER C 19 -5.75 14.56 87.38
N HIS C 20 -6.14 14.06 88.55
CA HIS C 20 -5.19 13.86 89.63
C HIS C 20 -5.18 12.40 90.03
N MET C 21 -4.01 11.80 89.91
CA MET C 21 -3.82 10.40 90.24
C MET C 21 -3.19 10.28 91.64
N TRP C 22 -2.43 9.20 91.86
CA TRP C 22 -1.78 8.98 93.15
C TRP C 22 -0.72 7.86 93.04
N LYS C 23 0.30 7.91 93.90
CA LYS C 23 1.39 6.90 93.96
C LYS C 23 2.59 7.44 94.72
N GLN C 24 2.42 7.60 96.03
CA GLN C 24 3.49 8.13 96.84
C GLN C 24 3.63 7.38 98.17
N SER C 25 4.55 6.43 98.21
CA SER C 25 4.86 5.60 99.38
C SER C 25 5.65 4.38 98.92
N VAL C 26 4.93 3.34 98.51
CA VAL C 26 5.52 2.08 98.02
C VAL C 26 6.60 1.58 98.97
N GLU C 27 7.33 0.58 98.49
CA GLU C 27 8.40 -0.01 99.27
C GLU C 27 9.69 0.08 98.48
N LEU C 28 10.44 1.15 98.69
CA LEU C 28 11.71 1.30 98.01
C LEU C 28 12.66 2.12 98.91
N ALA C 29 12.08 3.04 99.70
CA ALA C 29 12.84 3.89 100.61
C ALA C 29 13.96 4.68 99.91
N LYS C 30 13.64 5.30 98.78
CA LYS C 30 14.59 6.11 98.00
C LYS C 30 13.85 7.08 97.08
N LYS C 31 13.71 8.34 97.53
CA LYS C 31 13.00 9.36 96.76
C LYS C 31 13.89 10.55 96.39
N ASP C 32 13.84 10.94 95.12
CA ASP C 32 14.61 12.08 94.62
C ASP C 32 13.60 13.15 94.22
N SER C 33 13.74 14.35 94.76
CA SER C 33 12.83 15.46 94.46
C SER C 33 13.12 16.22 93.17
N LEU C 34 12.51 17.39 93.06
CA LEU C 34 12.63 18.28 91.89
C LEU C 34 11.73 17.80 90.76
N TYR C 35 11.51 18.67 89.78
CA TYR C 35 10.67 18.38 88.62
C TYR C 35 9.28 17.93 89.05
N LYS C 36 8.66 17.09 88.22
CA LYS C 36 7.32 16.57 88.50
C LYS C 36 6.32 17.74 88.46
N ASP C 37 5.03 17.45 88.63
CA ASP C 37 3.96 18.45 88.66
C ASP C 37 3.37 18.72 87.28
N ALA C 38 4.03 19.61 86.56
CA ALA C 38 3.59 19.98 85.24
C ALA C 38 3.82 18.90 84.18
N MET C 39 4.40 17.76 84.55
CA MET C 39 4.74 16.68 83.57
C MET C 39 3.68 15.60 83.45
N GLN C 40 2.94 15.47 84.54
CA GLN C 40 1.86 14.52 84.64
C GLN C 40 0.60 15.07 83.97
N TYR C 41 0.48 16.40 83.93
CA TYR C 41 -0.68 17.04 83.32
C TYR C 41 -0.49 17.09 81.78
N ALA C 42 0.75 17.31 81.33
CA ALA C 42 1.09 17.40 79.92
C ALA C 42 1.01 16.01 79.28
N SER C 43 1.12 14.98 80.10
CA SER C 43 1.01 13.62 79.63
C SER C 43 -0.29 13.42 78.83
N GLU C 44 -1.33 14.17 79.17
CA GLU C 44 -2.64 14.10 78.48
C GLU C 44 -2.60 14.62 77.02
N SER C 45 -1.39 14.91 76.52
CA SER C 45 -1.17 15.42 75.14
C SER C 45 -0.66 14.35 74.16
N LYS C 46 0.55 13.85 74.38
CA LYS C 46 1.19 12.82 73.54
C LYS C 46 0.90 12.84 72.06
N ASP C 47 1.13 11.68 71.43
CA ASP C 47 0.92 11.47 70.01
C ASP C 47 2.08 11.96 69.18
N THR C 48 2.32 11.32 68.04
CA THR C 48 3.40 11.71 67.13
C THR C 48 4.73 11.48 67.81
N GLU C 49 5.80 11.76 67.08
CA GLU C 49 7.15 11.58 67.59
C GLU C 49 7.41 12.47 68.80
N LEU C 50 7.10 13.74 68.65
CA LEU C 50 7.30 14.69 69.74
C LEU C 50 6.81 14.12 71.09
N ALA C 51 5.80 13.24 71.07
CA ALA C 51 5.28 12.60 72.31
C ALA C 51 6.31 11.67 72.95
N GLU C 52 6.94 10.85 72.10
CA GLU C 52 7.97 9.89 72.51
C GLU C 52 9.25 10.64 72.95
N GLU C 53 9.52 11.78 72.28
CA GLU C 53 10.69 12.64 72.58
C GLU C 53 10.59 13.08 74.06
N LEU C 54 9.37 13.06 74.60
CA LEU C 54 9.08 13.40 75.97
C LEU C 54 9.51 12.27 76.90
N LEU C 55 9.60 11.05 76.39
CA LEU C 55 10.05 9.95 77.25
C LEU C 55 11.59 9.84 77.24
N GLN C 56 12.23 10.45 76.24
CA GLN C 56 13.71 10.47 76.08
C GLN C 56 14.39 10.96 77.38
N TRP C 57 14.42 12.28 77.57
CA TRP C 57 15.00 12.97 78.73
C TRP C 57 14.25 12.84 80.09
N PHE C 58 13.08 12.18 80.06
CA PHE C 58 12.23 11.98 81.26
C PHE C 58 12.50 10.63 81.86
N LEU C 59 13.12 9.78 81.03
CA LEU C 59 13.51 8.40 81.36
C LEU C 59 15.05 8.27 81.46
N GLN C 60 15.75 9.40 81.47
CA GLN C 60 17.19 9.39 81.58
C GLN C 60 17.66 9.41 83.02
N GLU C 61 18.06 10.60 83.50
CA GLU C 61 18.55 10.82 84.88
C GLU C 61 17.45 11.10 85.88
N GLU C 62 16.39 10.32 85.75
CA GLU C 62 15.20 10.39 86.57
C GLU C 62 14.76 8.99 87.05
N LYS C 63 14.08 8.93 88.21
CA LYS C 63 13.56 7.67 88.78
C LYS C 63 12.01 7.72 88.95
N ARG C 64 11.52 8.39 90.00
CA ARG C 64 10.07 8.55 90.25
C ARG C 64 9.36 9.44 89.17
N GLU C 65 10.08 9.74 88.08
CA GLU C 65 9.66 10.61 86.92
C GLU C 65 9.46 9.85 85.54
N CYS C 66 9.94 8.60 85.58
CA CYS C 66 9.91 7.59 84.54
C CYS C 66 8.68 6.79 84.67
N PHE C 67 8.29 6.49 85.92
CA PHE C 67 7.07 5.70 86.20
C PHE C 67 5.87 6.55 85.80
N GLY C 68 5.94 7.84 86.13
CA GLY C 68 4.89 8.74 85.78
C GLY C 68 4.85 8.77 84.28
N ALA C 69 5.98 8.48 83.65
CA ALA C 69 6.09 8.45 82.19
C ALA C 69 5.75 7.04 81.70
N CYS C 70 5.74 6.09 82.63
CA CYS C 70 5.42 4.71 82.30
C CYS C 70 3.93 4.58 82.35
N LEU C 71 3.33 5.26 83.34
CA LEU C 71 1.87 5.23 83.52
C LEU C 71 1.27 6.26 82.55
N PHE C 72 1.88 6.28 81.37
CA PHE C 72 1.58 7.19 80.25
C PHE C 72 1.17 6.51 78.91
N THR C 73 2.04 5.67 78.37
CA THR C 73 1.76 4.96 77.15
C THR C 73 0.92 3.71 77.44
N CYS C 74 0.89 3.24 78.69
CA CYS C 74 0.05 2.08 79.06
C CYS C 74 -1.41 2.56 78.99
N TYR C 75 -1.63 3.79 79.43
CA TYR C 75 -2.95 4.42 79.41
C TYR C 75 -3.30 4.66 77.93
N ASP C 76 -2.25 4.64 77.11
CA ASP C 76 -2.34 4.83 75.65
C ASP C 76 -2.84 3.51 75.06
N LEU C 77 -2.13 3.02 74.03
CA LEU C 77 -2.46 1.78 73.36
C LEU C 77 -1.21 0.95 73.04
N LEU C 78 -0.59 1.23 71.91
CA LEU C 78 0.60 0.52 71.46
C LEU C 78 1.76 1.49 71.15
N ARG C 79 2.90 1.24 71.79
CA ARG C 79 4.05 2.08 71.60
C ARG C 79 5.22 1.59 72.46
N PRO C 80 5.89 0.49 72.06
CA PRO C 80 7.02 -0.08 72.81
C PRO C 80 8.37 0.36 72.24
N ASP C 81 9.25 -0.62 72.06
CA ASP C 81 10.55 -0.38 71.47
C ASP C 81 11.49 0.32 72.43
N VAL C 82 11.54 1.63 72.35
CA VAL C 82 12.41 2.40 73.24
C VAL C 82 12.17 1.99 74.73
N VAL C 83 10.92 1.56 75.01
CA VAL C 83 10.43 1.17 76.35
C VAL C 83 11.33 0.16 76.95
N LEU C 84 12.20 -0.30 76.10
CA LEU C 84 13.12 -1.28 76.53
C LEU C 84 14.52 -0.83 76.45
N GLU C 85 14.93 -0.11 75.40
CA GLU C 85 16.32 0.34 75.28
C GLU C 85 16.86 1.14 76.50
N LEU C 86 15.94 1.80 77.20
CA LEU C 86 16.20 2.63 78.40
C LEU C 86 16.44 1.78 79.65
N ALA C 87 15.72 0.68 79.74
CA ALA C 87 15.86 -0.23 80.83
C ALA C 87 17.24 -0.87 80.66
N TRP C 88 17.87 -0.60 79.52
CA TRP C 88 19.18 -1.15 79.22
C TRP C 88 20.12 0.01 79.18
N ARG C 89 19.65 1.18 79.59
CA ARG C 89 20.53 2.34 79.59
C ARG C 89 21.72 2.05 80.49
N HIS C 90 21.45 1.43 81.64
CA HIS C 90 22.51 1.08 82.60
C HIS C 90 21.95 0.39 83.83
N ASN C 91 20.64 0.54 84.04
CA ASN C 91 19.97 -0.05 85.19
C ASN C 91 18.85 -1.02 84.85
N ILE C 92 17.98 -1.24 85.82
CA ILE C 92 16.89 -2.18 85.66
C ILE C 92 15.62 -1.41 85.43
N MET C 93 14.56 -2.19 85.28
CA MET C 93 13.25 -1.68 85.04
C MET C 93 12.19 -2.55 85.70
N ASP C 94 11.01 -1.97 85.92
CA ASP C 94 9.93 -2.71 86.56
C ASP C 94 8.60 -2.58 85.83
N PHE C 95 7.79 -3.65 85.87
CA PHE C 95 6.47 -3.72 85.23
C PHE C 95 6.54 -3.53 83.72
N ALA C 96 5.51 -3.96 83.03
CA ALA C 96 5.45 -3.76 81.59
C ALA C 96 4.30 -4.56 81.06
N MET C 97 4.56 -5.44 80.09
CA MET C 97 3.58 -6.36 79.43
C MET C 97 2.21 -5.85 79.02
N PRO C 98 2.12 -4.62 78.44
CA PRO C 98 0.80 -4.10 78.04
C PRO C 98 0.20 -4.76 76.79
N TYR C 99 0.75 -5.90 76.38
CA TYR C 99 0.29 -6.60 75.17
C TYR C 99 -0.05 -8.03 75.46
N PHE C 100 0.12 -8.44 76.72
CA PHE C 100 -0.17 -9.80 77.10
C PHE C 100 -1.64 -10.01 77.28
N ILE C 101 -2.39 -8.92 77.10
CA ILE C 101 -3.86 -8.93 77.22
C ILE C 101 -4.49 -9.36 75.89
N GLN C 102 -4.00 -8.79 74.79
CA GLN C 102 -4.48 -9.11 73.44
C GLN C 102 -4.09 -10.55 73.06
N VAL C 103 -3.12 -11.11 73.77
CA VAL C 103 -2.64 -12.49 73.53
C VAL C 103 -3.73 -13.58 73.58
N MET C 104 -4.96 -13.16 73.85
CA MET C 104 -6.10 -14.06 73.96
C MET C 104 -6.89 -14.28 72.65
N LYS C 105 -7.85 -13.40 72.37
CA LYS C 105 -8.74 -13.48 71.20
C LYS C 105 -8.10 -14.00 69.93
N GLU C 106 -6.78 -14.05 69.91
CA GLU C 106 -6.08 -14.46 68.72
C GLU C 106 -6.09 -15.94 68.53
N TYR C 107 -5.53 -16.61 69.51
CA TYR C 107 -5.43 -18.05 69.47
C TYR C 107 -6.81 -18.63 69.56
N LEU C 108 -7.74 -17.82 70.04
CA LEU C 108 -9.10 -18.28 70.17
C LEU C 108 -9.75 -18.24 68.79
N THR C 109 -9.55 -17.14 68.07
CA THR C 109 -10.14 -16.98 66.74
C THR C 109 -9.31 -17.84 65.82
N LYS C 110 -8.36 -18.48 66.48
CA LYS C 110 -7.45 -19.34 65.79
C LYS C 110 -8.00 -20.74 65.84
N VAL C 111 -8.16 -21.30 67.05
CA VAL C 111 -8.68 -22.67 67.24
C VAL C 111 -10.14 -22.72 66.78
N ASP C 112 -10.71 -21.53 66.59
CA ASP C 112 -12.09 -21.42 66.14
C ASP C 112 -12.17 -21.37 64.61
N LYS C 113 -11.25 -20.64 63.97
CA LYS C 113 -11.25 -20.54 62.50
C LYS C 113 -11.00 -21.92 61.85
N LEU C 114 -10.20 -22.77 62.50
CA LEU C 114 -9.92 -24.12 61.99
C LEU C 114 -11.20 -24.96 61.90
N ASP C 115 -11.90 -25.10 63.03
CA ASP C 115 -13.16 -25.87 63.10
C ASP C 115 -14.25 -25.27 62.18
N ALA C 116 -14.21 -23.95 61.99
CA ALA C 116 -15.19 -23.24 61.13
C ALA C 116 -15.12 -23.72 59.68
N SER C 117 -14.04 -24.44 59.37
CA SER C 117 -13.83 -24.98 58.03
C SER C 117 -13.79 -26.52 58.07
N GLU C 118 -13.08 -27.10 59.05
CA GLU C 118 -12.96 -28.55 59.20
C GLU C 118 -14.31 -29.29 59.18
N SER C 119 -15.39 -28.55 59.33
CA SER C 119 -16.73 -29.14 59.32
C SER C 119 -17.38 -29.00 57.96
N LEU C 120 -17.36 -27.79 57.41
CA LEU C 120 -17.95 -27.52 56.10
C LEU C 120 -17.26 -28.33 55.04
N ARG C 121 -16.15 -28.98 55.43
CA ARG C 121 -15.37 -29.82 54.50
C ARG C 121 -15.73 -31.27 54.73
N LYS C 122 -15.88 -31.64 56.00
CA LYS C 122 -16.28 -33.00 56.36
C LYS C 122 -17.72 -33.07 55.90
N GLU C 123 -18.29 -31.89 55.74
CA GLU C 123 -19.66 -31.71 55.27
C GLU C 123 -19.69 -31.85 53.73
N GLU C 124 -18.64 -31.40 53.05
CA GLU C 124 -18.53 -31.46 51.60
C GLU C 124 -18.39 -32.91 51.10
N GLU C 125 -17.60 -33.10 50.05
CA GLU C 125 -17.40 -34.44 49.47
C GLU C 125 -18.72 -35.22 49.36
N MET D 1 16.93 -25.24 37.06
CA MET D 1 16.89 -25.42 38.55
C MET D 1 17.36 -26.83 38.88
N GLY D 2 17.12 -27.75 37.97
CA GLY D 2 17.51 -29.14 38.19
C GLY D 2 18.64 -29.61 37.32
N SER D 3 19.71 -30.06 37.98
CA SER D 3 20.90 -30.58 37.32
C SER D 3 21.19 -32.01 37.78
N SER D 4 21.27 -32.91 36.81
CA SER D 4 21.50 -34.32 37.09
C SER D 4 22.71 -34.89 36.35
N HIS D 5 23.74 -35.31 37.09
CA HIS D 5 24.97 -35.85 36.50
C HIS D 5 25.21 -37.31 36.98
N HIS D 6 25.40 -38.24 36.03
CA HIS D 6 25.61 -39.67 36.33
C HIS D 6 26.83 -40.25 35.68
N HIS D 7 27.74 -40.67 36.52
CA HIS D 7 28.94 -41.22 35.95
C HIS D 7 28.73 -42.69 36.12
N HIS D 8 29.46 -43.45 35.28
CA HIS D 8 29.44 -44.92 35.24
C HIS D 8 30.50 -45.63 36.10
N HIS D 9 30.21 -46.88 36.43
CA HIS D 9 31.09 -47.70 37.24
C HIS D 9 30.23 -48.87 37.69
N HIS D 10 30.37 -49.36 38.93
CA HIS D 10 29.54 -50.48 39.38
C HIS D 10 28.54 -50.06 40.46
N SER D 11 27.97 -51.01 41.18
CA SER D 11 26.99 -50.71 42.23
C SER D 11 25.64 -50.45 41.56
N SER D 12 24.67 -49.88 42.29
CA SER D 12 23.32 -49.65 41.76
C SER D 12 22.50 -48.60 42.48
N GLY D 13 21.93 -47.70 41.72
CA GLY D 13 21.13 -46.69 42.33
C GLY D 13 19.93 -46.59 41.44
N LEU D 14 18.79 -46.97 41.98
CA LEU D 14 17.61 -46.91 41.17
C LEU D 14 16.58 -45.92 41.68
N VAL D 15 16.34 -44.88 40.88
CA VAL D 15 15.32 -43.85 41.21
C VAL D 15 14.32 -43.77 40.12
N PRO D 16 13.08 -44.10 40.45
CA PRO D 16 11.92 -44.13 39.55
C PRO D 16 11.58 -42.85 38.72
N ARG D 17 11.19 -43.05 37.45
CA ARG D 17 10.79 -42.02 36.43
C ARG D 17 11.78 -41.58 35.28
N GLY D 18 12.03 -42.45 34.27
CA GLY D 18 12.94 -42.10 33.16
C GLY D 18 14.07 -43.02 32.58
N SER D 19 15.32 -42.68 32.90
CA SER D 19 16.51 -43.40 32.42
C SER D 19 17.00 -44.73 33.05
N HIS D 20 17.74 -45.49 32.22
CA HIS D 20 18.32 -46.77 32.60
C HIS D 20 19.53 -47.13 31.73
N MET D 21 20.70 -47.08 32.35
CA MET D 21 21.94 -47.41 31.67
C MET D 21 22.22 -48.90 31.85
N TRP D 22 23.02 -49.43 30.95
CA TRP D 22 23.34 -50.85 31.01
C TRP D 22 24.51 -51.29 31.92
N LYS D 23 25.17 -52.38 31.51
CA LYS D 23 26.29 -53.01 32.22
C LYS D 23 25.77 -53.99 33.27
N GLN D 24 26.30 -55.23 33.26
CA GLN D 24 25.89 -56.32 34.17
C GLN D 24 25.69 -55.99 35.65
N SER D 25 24.62 -56.54 36.25
CA SER D 25 24.26 -56.33 37.65
C SER D 25 22.83 -56.86 37.84
N VAL D 26 22.67 -57.82 38.75
CA VAL D 26 21.38 -58.45 38.99
C VAL D 26 20.37 -57.56 39.63
N GLU D 27 19.36 -57.22 38.86
CA GLU D 27 18.35 -56.32 39.35
C GLU D 27 17.00 -56.72 38.87
N LEU D 28 15.99 -56.41 39.68
CA LEU D 28 14.67 -56.77 39.29
C LEU D 28 13.72 -55.86 40.00
N ALA D 29 12.66 -55.49 39.31
CA ALA D 29 11.70 -54.62 39.95
C ALA D 29 10.16 -54.99 40.02
N LYS D 30 9.55 -54.63 38.85
CA LYS D 30 8.11 -54.67 38.31
C LYS D 30 7.73 -53.76 36.98
N LYS D 31 7.19 -54.37 35.90
CA LYS D 31 6.81 -53.69 34.59
C LYS D 31 8.03 -53.43 33.67
N ASP D 32 7.96 -53.80 32.38
CA ASP D 32 9.13 -53.59 31.49
C ASP D 32 8.86 -52.72 30.31
N SER D 33 9.53 -53.06 29.21
CA SER D 33 9.36 -52.34 27.97
C SER D 33 9.64 -50.86 28.15
N LEU D 34 9.12 -50.04 27.22
CA LEU D 34 9.29 -48.58 27.19
C LEU D 34 10.68 -48.15 26.72
N TYR D 35 10.98 -48.39 25.44
CA TYR D 35 12.30 -48.05 24.84
C TYR D 35 12.23 -46.75 24.03
N LYS D 36 11.08 -46.52 23.38
CA LYS D 36 10.86 -45.31 22.57
C LYS D 36 10.60 -44.12 23.50
N ASP D 37 9.72 -44.33 24.48
CA ASP D 37 9.36 -43.29 25.45
C ASP D 37 10.58 -42.90 26.27
N ALA D 38 11.43 -43.89 26.54
CA ALA D 38 12.64 -43.64 27.32
C ALA D 38 13.75 -43.13 26.41
N MET D 39 13.54 -43.27 25.11
CA MET D 39 14.51 -42.85 24.14
C MET D 39 14.29 -41.42 23.78
N GLN D 40 13.10 -40.91 24.07
CA GLN D 40 12.74 -39.53 23.75
C GLN D 40 13.35 -38.54 24.73
N TYR D 41 13.30 -38.86 26.01
CA TYR D 41 13.85 -37.98 27.03
C TYR D 41 15.39 -37.94 27.07
N ALA D 42 16.07 -38.56 26.11
CA ALA D 42 17.56 -38.59 26.05
C ALA D 42 18.15 -37.66 24.99
N SER D 43 17.28 -37.26 24.05
CA SER D 43 17.62 -36.38 22.92
C SER D 43 17.46 -34.88 23.26
N GLU D 44 16.22 -34.45 23.50
CA GLU D 44 15.90 -33.05 23.85
C GLU D 44 16.26 -32.81 25.33
N SER D 45 17.38 -33.43 25.73
CA SER D 45 17.98 -33.35 27.06
C SER D 45 19.19 -32.43 27.01
N LYS D 46 20.32 -33.06 26.79
CA LYS D 46 21.57 -32.39 26.73
C LYS D 46 22.49 -33.53 26.38
N ASP D 47 23.49 -33.78 27.23
CA ASP D 47 24.52 -34.81 27.05
C ASP D 47 25.38 -34.46 25.84
N THR D 48 26.56 -33.91 26.07
CA THR D 48 27.44 -33.57 24.95
C THR D 48 28.27 -34.82 24.63
N GLU D 49 29.27 -35.10 25.45
CA GLU D 49 30.13 -36.27 25.28
C GLU D 49 29.34 -37.54 25.59
N LEU D 50 28.88 -37.62 26.84
CA LEU D 50 28.12 -38.76 27.35
C LEU D 50 27.14 -39.29 26.34
N ALA D 51 26.41 -38.39 25.71
CA ALA D 51 25.44 -38.82 24.74
C ALA D 51 25.99 -39.86 23.74
N GLU D 52 26.78 -39.32 22.81
CA GLU D 52 27.35 -40.09 21.72
C GLU D 52 27.57 -41.51 22.06
N GLU D 53 28.39 -41.77 23.08
CA GLU D 53 28.68 -43.13 23.47
C GLU D 53 27.47 -44.06 23.48
N LEU D 54 26.28 -43.50 23.66
CA LEU D 54 25.06 -44.31 23.69
C LEU D 54 24.62 -44.80 22.28
N LEU D 55 24.48 -43.87 21.35
CA LEU D 55 24.09 -44.17 20.00
C LEU D 55 24.97 -45.24 19.36
N GLN D 56 26.28 -45.07 19.45
CA GLN D 56 27.22 -46.04 18.83
C GLN D 56 26.76 -47.50 18.96
N TRP D 57 26.47 -47.86 20.20
CA TRP D 57 26.04 -49.20 20.54
C TRP D 57 24.65 -49.42 19.95
N PHE D 58 23.88 -48.35 19.83
CA PHE D 58 22.57 -48.54 19.28
C PHE D 58 22.68 -48.70 17.79
N LEU D 59 23.70 -48.07 17.19
CA LEU D 59 23.96 -48.11 15.74
C LEU D 59 24.92 -49.18 15.42
N GLN D 60 25.38 -49.83 16.49
CA GLN D 60 26.29 -50.96 16.37
C GLN D 60 25.50 -52.28 16.28
N GLU D 61 24.39 -52.41 17.00
CA GLU D 61 23.60 -53.63 16.97
C GLU D 61 22.13 -53.30 16.78
N GLU D 62 21.32 -54.30 16.42
CA GLU D 62 19.88 -54.12 16.20
C GLU D 62 19.64 -53.56 14.79
N LYS D 63 18.36 -53.41 14.44
CA LYS D 63 17.99 -52.86 13.14
C LYS D 63 16.97 -51.71 13.28
N ARG D 64 16.19 -51.75 14.35
CA ARG D 64 15.19 -50.71 14.60
C ARG D 64 15.80 -49.72 15.57
N GLU D 65 16.64 -50.24 16.45
CA GLU D 65 17.35 -49.45 17.47
C GLU D 65 18.41 -48.58 16.83
N CYS D 66 18.74 -48.85 15.58
CA CYS D 66 19.69 -48.01 14.87
C CYS D 66 18.87 -46.89 14.24
N PHE D 67 17.77 -47.27 13.59
CA PHE D 67 16.89 -46.32 12.95
C PHE D 67 16.45 -45.31 13.96
N GLY D 68 15.79 -45.77 15.02
CA GLY D 68 15.37 -44.83 16.02
C GLY D 68 16.45 -43.88 16.56
N ALA D 69 17.68 -44.36 16.71
CA ALA D 69 18.81 -43.55 17.25
C ALA D 69 19.19 -42.47 16.24
N CYS D 70 18.92 -42.81 14.98
CA CYS D 70 19.18 -41.92 13.88
C CYS D 70 18.24 -40.74 14.02
N LEU D 71 16.93 -41.02 14.00
CA LEU D 71 15.93 -39.98 14.15
C LEU D 71 16.30 -39.32 15.48
N PHE D 72 16.78 -40.12 16.44
CA PHE D 72 17.17 -39.60 17.75
C PHE D 72 18.25 -38.55 17.56
N THR D 73 19.15 -38.84 16.63
CA THR D 73 20.20 -37.90 16.34
C THR D 73 19.70 -36.63 15.67
N CYS D 74 19.12 -36.75 14.48
CA CYS D 74 18.60 -35.63 13.68
C CYS D 74 17.93 -34.47 14.44
N TYR D 75 17.02 -34.79 15.36
CA TYR D 75 16.30 -33.77 16.13
C TYR D 75 17.13 -33.07 17.24
N ASP D 76 18.44 -33.21 17.14
CA ASP D 76 19.38 -32.62 18.07
C ASP D 76 20.40 -31.78 17.32
N LEU D 77 20.43 -31.94 16.00
CA LEU D 77 21.35 -31.22 15.12
C LEU D 77 22.79 -31.70 15.25
N LEU D 78 23.70 -30.75 15.54
CA LEU D 78 25.14 -30.96 15.70
C LEU D 78 25.53 -32.36 16.23
N ARG D 79 25.70 -33.34 15.31
CA ARG D 79 26.08 -34.76 15.59
C ARG D 79 26.31 -35.72 14.41
N PRO D 80 26.78 -35.16 13.27
CA PRO D 80 27.02 -36.00 12.11
C PRO D 80 28.28 -36.79 12.31
N ASP D 81 29.23 -36.54 11.43
CA ASP D 81 30.51 -37.22 11.42
C ASP D 81 30.30 -38.67 11.85
N VAL D 82 30.45 -38.92 13.12
CA VAL D 82 30.25 -40.26 13.58
C VAL D 82 29.19 -41.04 12.79
N VAL D 83 28.06 -40.40 12.59
CA VAL D 83 26.98 -41.05 11.88
C VAL D 83 27.45 -41.71 10.61
N LEU D 84 28.37 -41.04 9.93
CA LEU D 84 28.90 -41.51 8.68
C LEU D 84 29.76 -42.76 8.79
N GLU D 85 30.66 -42.77 9.76
CA GLU D 85 31.52 -43.92 9.84
C GLU D 85 30.64 -45.13 9.95
N LEU D 86 29.75 -45.13 10.95
CA LEU D 86 28.86 -46.25 11.19
C LEU D 86 28.09 -46.70 9.98
N ALA D 87 28.19 -45.98 8.87
CA ALA D 87 27.43 -46.36 7.67
C ALA D 87 28.38 -47.03 6.67
N TRP D 88 29.64 -46.85 6.96
CA TRP D 88 30.57 -47.34 6.08
C TRP D 88 30.96 -48.58 6.77
N ARG D 89 30.16 -49.04 7.70
CA ARG D 89 30.63 -50.23 8.34
C ARG D 89 30.53 -51.49 7.52
N HIS D 90 29.47 -52.22 7.77
CA HIS D 90 29.24 -53.49 7.11
C HIS D 90 28.49 -53.41 5.80
N ASN D 91 27.31 -52.80 5.83
CA ASN D 91 26.55 -52.70 4.60
C ASN D 91 26.03 -51.27 4.27
N ILE D 92 25.23 -51.23 3.21
CA ILE D 92 24.65 -50.01 2.70
C ILE D 92 23.77 -49.38 3.73
N MET D 93 23.56 -48.09 3.55
CA MET D 93 22.68 -47.41 4.44
C MET D 93 22.05 -46.17 3.83
N ASP D 94 21.28 -45.46 4.66
CA ASP D 94 20.53 -44.24 4.32
C ASP D 94 20.94 -43.01 5.09
N PHE D 95 21.55 -42.09 4.41
CA PHE D 95 21.98 -40.92 5.09
C PHE D 95 20.80 -40.02 5.38
N ALA D 96 21.10 -38.78 5.76
CA ALA D 96 20.11 -37.75 6.05
C ALA D 96 20.18 -36.59 5.05
N MET D 97 20.46 -35.38 5.57
CA MET D 97 20.60 -34.15 4.74
C MET D 97 21.07 -32.89 5.45
N PRO D 98 22.12 -32.99 6.28
CA PRO D 98 22.61 -31.81 6.99
C PRO D 98 23.65 -30.96 6.22
N TYR D 99 23.23 -30.35 5.11
CA TYR D 99 24.15 -29.51 4.32
C TYR D 99 23.63 -28.11 4.00
N PHE D 100 22.43 -28.06 3.38
CA PHE D 100 21.75 -26.82 2.99
C PHE D 100 21.87 -25.74 4.07
N ILE D 101 21.59 -26.11 5.32
CA ILE D 101 21.67 -25.19 6.46
C ILE D 101 22.98 -24.40 6.40
N GLN D 102 24.07 -25.07 6.00
CA GLN D 102 25.39 -24.44 5.91
C GLN D 102 25.54 -23.56 4.69
N VAL D 103 24.88 -23.93 3.60
CA VAL D 103 24.95 -23.14 2.37
C VAL D 103 24.57 -21.68 2.60
N MET D 104 23.81 -21.43 3.68
CA MET D 104 23.36 -20.08 4.06
C MET D 104 24.57 -19.22 4.46
N LYS D 105 25.05 -19.41 5.68
CA LYS D 105 26.21 -18.67 6.23
C LYS D 105 27.37 -18.50 5.23
N GLU D 106 27.53 -19.50 4.36
CA GLU D 106 28.56 -19.50 3.34
C GLU D 106 28.45 -18.25 2.52
N TYR D 107 27.65 -18.31 1.45
CA TYR D 107 27.45 -17.17 0.56
C TYR D 107 26.90 -15.95 1.32
N LEU D 108 26.47 -16.17 2.57
CA LEU D 108 25.93 -15.09 3.40
C LEU D 108 27.03 -14.16 3.94
N THR D 109 27.96 -14.73 4.68
CA THR D 109 29.06 -13.95 5.24
C THR D 109 29.76 -13.06 4.20
N LYS D 110 30.13 -13.66 3.07
CA LYS D 110 30.81 -12.95 1.97
C LYS D 110 30.16 -11.62 1.64
N VAL D 111 28.92 -11.67 1.16
CA VAL D 111 28.20 -10.46 0.80
C VAL D 111 28.30 -9.39 1.92
N ASP D 112 28.28 -9.83 3.18
CA ASP D 112 28.34 -8.90 4.33
C ASP D 112 29.68 -8.16 4.36
N LYS D 113 30.76 -8.92 4.33
CA LYS D 113 32.09 -8.34 4.34
C LYS D 113 32.29 -7.46 3.08
N LEU D 114 31.63 -7.83 1.97
CA LEU D 114 31.73 -7.09 0.70
C LEU D 114 31.31 -5.65 0.90
N ASP D 115 30.05 -5.45 1.31
CA ASP D 115 29.50 -4.11 1.55
C ASP D 115 29.99 -3.50 2.88
N ALA D 116 30.78 -4.28 3.63
CA ALA D 116 31.34 -3.84 4.91
C ALA D 116 32.58 -3.00 4.71
N SER D 117 33.18 -3.11 3.52
CA SER D 117 34.38 -2.35 3.18
C SER D 117 34.06 -1.24 2.17
N GLU D 118 33.12 -1.51 1.27
CA GLU D 118 32.71 -0.54 0.25
C GLU D 118 32.23 0.75 0.92
N SER D 119 31.75 0.61 2.15
CA SER D 119 31.24 1.74 2.93
C SER D 119 32.34 2.42 3.72
N LEU D 120 33.20 1.63 4.36
CA LEU D 120 34.30 2.17 5.15
C LEU D 120 35.36 2.83 4.25
N ARG D 121 35.06 2.90 2.96
CA ARG D 121 35.96 3.51 2.00
C ARG D 121 35.36 4.78 1.39
N LYS D 122 34.04 4.91 1.43
CA LYS D 122 33.36 6.10 0.90
C LYS D 122 33.19 7.21 1.96
N GLU D 123 33.62 6.94 3.19
CA GLU D 123 33.53 7.90 4.29
C GLU D 123 34.85 8.66 4.46
N GLU D 124 35.91 8.10 3.88
CA GLU D 124 37.24 8.70 3.96
C GLU D 124 37.59 9.45 2.67
N GLU D 125 37.01 9.02 1.55
CA GLU D 125 37.25 9.64 0.26
C GLU D 125 36.46 10.94 0.14
N ALA E 29 64.03 -43.23 -17.54
CA ALA E 29 62.98 -44.29 -17.34
C ALA E 29 63.65 -45.59 -16.87
N LYS E 30 63.53 -46.64 -17.68
CA LYS E 30 64.11 -47.94 -17.37
C LYS E 30 63.44 -48.52 -16.14
N LYS E 31 63.47 -49.85 -16.03
CA LYS E 31 62.89 -50.57 -14.90
C LYS E 31 61.61 -49.94 -14.34
N ASP E 32 61.34 -50.14 -13.05
CA ASP E 32 60.14 -49.59 -12.39
C ASP E 32 60.32 -49.15 -10.94
N SER E 33 61.15 -49.85 -10.20
CA SER E 33 61.35 -49.48 -8.82
C SER E 33 61.74 -48.00 -8.73
N LEU E 34 62.34 -47.47 -9.81
CA LEU E 34 62.74 -46.06 -9.87
C LEU E 34 61.51 -45.19 -9.75
N TYR E 35 60.42 -45.62 -10.37
CA TYR E 35 59.16 -44.89 -10.34
C TYR E 35 58.70 -44.83 -8.90
N LYS E 36 58.38 -45.99 -8.35
CA LYS E 36 57.93 -46.09 -6.99
C LYS E 36 58.76 -45.31 -5.98
N ASP E 37 59.99 -44.93 -6.34
CA ASP E 37 60.84 -44.14 -5.43
C ASP E 37 60.71 -42.62 -5.63
N ALA E 38 60.32 -42.24 -6.85
CA ALA E 38 60.16 -40.83 -7.22
C ALA E 38 59.04 -40.23 -6.48
N MET E 39 57.84 -40.70 -6.82
CA MET E 39 56.66 -40.15 -6.20
C MET E 39 56.88 -40.05 -4.72
N GLN E 40 57.76 -40.88 -4.19
CA GLN E 40 58.00 -40.90 -2.77
C GLN E 40 59.01 -39.90 -2.30
N TYR E 41 59.77 -39.33 -3.22
CA TYR E 41 60.73 -38.32 -2.85
C TYR E 41 60.12 -36.92 -3.13
N ALA E 42 58.85 -36.90 -3.61
CA ALA E 42 58.07 -35.68 -3.92
C ALA E 42 57.01 -35.39 -2.91
N SER E 43 56.73 -36.39 -2.10
CA SER E 43 55.73 -36.24 -1.08
C SER E 43 56.29 -35.36 0.02
N GLU E 44 57.62 -35.37 0.18
CA GLU E 44 58.31 -34.61 1.25
C GLU E 44 58.33 -33.14 0.91
N SER E 45 58.70 -32.89 -0.33
CA SER E 45 58.77 -31.55 -0.88
C SER E 45 57.33 -31.01 -0.80
N LYS E 46 56.47 -31.55 -1.67
CA LYS E 46 55.06 -31.17 -1.74
C LYS E 46 54.91 -29.71 -2.13
N ASP E 47 54.13 -29.43 -3.17
CA ASP E 47 53.88 -28.04 -3.62
C ASP E 47 52.38 -27.72 -3.69
N THR E 48 52.02 -27.02 -4.75
CA THR E 48 50.63 -26.70 -4.96
C THR E 48 50.13 -27.65 -6.05
N GLU E 49 49.68 -27.08 -7.16
CA GLU E 49 49.19 -27.88 -8.26
C GLU E 49 50.31 -28.83 -8.62
N LEU E 50 51.54 -28.39 -8.38
CA LEU E 50 52.67 -29.22 -8.67
C LEU E 50 52.50 -30.48 -7.88
N ALA E 51 52.30 -30.34 -6.58
CA ALA E 51 52.12 -31.51 -5.73
C ALA E 51 50.72 -32.13 -5.90
N GLU E 52 49.77 -31.37 -6.42
CA GLU E 52 48.42 -31.90 -6.63
C GLU E 52 48.34 -32.80 -7.89
N GLU E 53 48.35 -32.13 -9.05
CA GLU E 53 48.29 -32.79 -10.35
C GLU E 53 49.08 -34.08 -10.29
N LEU E 54 50.32 -34.01 -9.81
CA LEU E 54 51.17 -35.20 -9.74
C LEU E 54 50.41 -36.47 -9.30
N LEU E 55 49.40 -36.29 -8.46
CA LEU E 55 48.62 -37.42 -7.96
C LEU E 55 47.73 -38.18 -8.95
N GLN E 56 46.88 -37.49 -9.72
CA GLN E 56 46.00 -38.17 -10.70
C GLN E 56 46.68 -39.28 -11.57
N TRP E 57 47.92 -39.03 -12.02
CA TRP E 57 48.70 -39.98 -12.85
C TRP E 57 49.28 -41.11 -11.99
N PHE E 58 49.35 -40.84 -10.69
CA PHE E 58 49.83 -41.81 -9.75
C PHE E 58 48.62 -42.67 -9.48
N LEU E 59 47.50 -42.27 -10.05
CA LEU E 59 46.24 -42.99 -9.88
C LEU E 59 45.77 -43.52 -11.20
N GLN E 60 46.33 -42.99 -12.28
CA GLN E 60 45.91 -43.45 -13.60
C GLN E 60 46.06 -44.98 -13.75
N GLU E 61 46.87 -45.59 -12.89
CA GLU E 61 47.07 -47.03 -12.98
C GLU E 61 47.74 -47.47 -11.69
N GLU E 62 48.16 -48.73 -11.67
CA GLU E 62 48.79 -49.30 -10.48
C GLU E 62 47.79 -49.39 -9.33
N LYS E 63 48.19 -50.10 -8.27
CA LYS E 63 47.35 -50.28 -7.09
C LYS E 63 47.71 -49.32 -5.94
N ARG E 64 48.57 -49.75 -5.01
CA ARG E 64 48.99 -48.92 -3.86
C ARG E 64 49.65 -47.61 -4.25
N GLU E 65 50.07 -47.55 -5.50
CA GLU E 65 50.71 -46.38 -6.04
C GLU E 65 49.64 -45.31 -6.00
N CYS E 66 48.39 -45.69 -6.24
CA CYS E 66 47.29 -44.74 -6.19
C CYS E 66 47.05 -44.37 -4.71
N PHE E 67 47.23 -45.34 -3.81
CA PHE E 67 47.01 -45.18 -2.37
C PHE E 67 47.98 -44.19 -1.75
N GLY E 68 49.26 -44.49 -1.87
CA GLY E 68 50.28 -43.58 -1.34
C GLY E 68 50.07 -42.14 -1.80
N ALA E 69 49.51 -41.94 -3.01
CA ALA E 69 49.23 -40.61 -3.58
C ALA E 69 47.96 -40.00 -3.00
N CYS E 70 46.99 -40.87 -2.73
CA CYS E 70 45.73 -40.43 -2.16
C CYS E 70 46.01 -39.71 -0.83
N LEU E 71 47.11 -40.07 -0.15
CA LEU E 71 47.50 -39.43 1.10
C LEU E 71 47.96 -37.99 0.87
N PHE E 72 48.65 -37.78 -0.24
CA PHE E 72 49.16 -36.45 -0.60
C PHE E 72 48.09 -35.39 -0.85
N THR E 73 47.06 -35.74 -1.62
CA THR E 73 45.95 -34.81 -1.93
C THR E 73 45.42 -34.13 -0.66
N CYS E 74 45.12 -34.92 0.37
CA CYS E 74 44.60 -34.41 1.65
C CYS E 74 45.62 -33.58 2.41
N TYR E 75 46.90 -33.88 2.16
CA TYR E 75 47.97 -33.14 2.80
C TYR E 75 47.88 -31.70 2.33
N ASP E 76 47.42 -31.50 1.09
CA ASP E 76 47.29 -30.14 0.53
C ASP E 76 46.20 -29.36 1.30
N LEU E 77 45.67 -29.99 2.34
CA LEU E 77 44.62 -29.40 3.20
C LEU E 77 43.23 -29.28 2.56
N LEU E 78 43.17 -29.00 1.25
CA LEU E 78 41.87 -28.86 0.57
C LEU E 78 41.90 -29.33 -0.88
N ARG E 79 41.39 -30.52 -1.12
CA ARG E 79 41.37 -31.03 -2.48
C ARG E 79 40.49 -32.22 -2.68
N PRO E 80 39.24 -31.99 -3.09
CA PRO E 80 38.24 -33.03 -3.34
C PRO E 80 38.32 -33.66 -4.73
N ASP E 81 37.21 -33.52 -5.46
CA ASP E 81 37.06 -33.98 -6.84
C ASP E 81 37.66 -35.32 -7.16
N VAL E 82 38.98 -35.34 -7.40
CA VAL E 82 39.76 -36.57 -7.71
C VAL E 82 39.41 -37.79 -6.84
N VAL E 83 38.93 -37.42 -5.63
CA VAL E 83 38.48 -38.26 -4.50
C VAL E 83 37.17 -38.90 -4.86
N LEU E 84 36.37 -38.17 -5.62
CA LEU E 84 35.08 -38.69 -6.08
C LEU E 84 35.22 -39.55 -7.35
N GLU E 85 35.76 -39.02 -8.45
CA GLU E 85 36.02 -39.74 -9.69
C GLU E 85 36.58 -41.22 -9.58
N LEU E 86 37.73 -41.34 -8.89
CA LEU E 86 38.46 -42.60 -8.67
C LEU E 86 37.75 -43.49 -7.65
N ALA E 87 36.71 -42.91 -7.06
CA ALA E 87 35.91 -43.62 -6.10
C ALA E 87 34.93 -44.50 -6.84
N TRP E 88 34.58 -44.12 -8.07
CA TRP E 88 33.63 -44.87 -8.92
C TRP E 88 34.33 -45.87 -9.84
N ARG E 89 35.31 -46.57 -9.29
CA ARG E 89 36.06 -47.56 -10.06
C ARG E 89 35.42 -48.95 -9.88
N HIS E 90 35.71 -49.62 -8.78
CA HIS E 90 35.18 -50.96 -8.53
C HIS E 90 34.83 -51.24 -7.05
N ASN E 91 35.87 -51.45 -6.22
CA ASN E 91 35.70 -51.76 -4.79
C ASN E 91 35.32 -50.57 -3.91
N ILE E 92 35.57 -50.71 -2.61
CA ILE E 92 35.26 -49.68 -1.67
C ILE E 92 36.33 -48.63 -1.60
N MET E 93 35.94 -47.46 -1.12
CA MET E 93 36.89 -46.38 -1.00
C MET E 93 36.93 -45.83 0.40
N ASP E 94 37.68 -44.73 0.60
CA ASP E 94 37.80 -44.03 1.90
C ASP E 94 37.10 -42.64 1.95
N PHE E 95 37.36 -41.91 3.05
CA PHE E 95 36.79 -40.60 3.30
C PHE E 95 37.14 -40.05 4.72
N ALA E 96 37.08 -38.72 4.70
CA ALA E 96 37.33 -37.85 5.81
C ALA E 96 36.55 -36.57 5.57
N MET E 97 36.30 -35.89 6.69
CA MET E 97 35.58 -34.61 6.78
C MET E 97 36.01 -33.69 7.93
N PRO E 98 36.36 -32.45 7.59
CA PRO E 98 36.79 -31.43 8.54
C PRO E 98 35.58 -30.90 9.37
N TYR E 99 35.31 -29.57 9.31
CA TYR E 99 34.22 -28.91 10.08
C TYR E 99 34.65 -28.61 11.50
N PHE E 100 33.68 -28.32 12.39
CA PHE E 100 33.90 -28.03 13.85
C PHE E 100 34.80 -26.83 14.12
N ILE E 101 36.04 -26.87 13.62
CA ILE E 101 36.98 -25.76 13.81
C ILE E 101 36.28 -24.47 13.40
N GLN E 102 35.28 -24.63 12.54
CA GLN E 102 34.51 -23.51 12.04
C GLN E 102 33.49 -23.13 13.05
N VAL E 103 32.89 -24.14 13.65
CA VAL E 103 31.88 -23.93 14.70
C VAL E 103 32.39 -23.01 15.84
N MET E 104 33.67 -23.12 16.21
CA MET E 104 34.28 -22.29 17.29
C MET E 104 34.74 -20.93 16.75
N LYS E 105 34.07 -20.47 15.69
CA LYS E 105 34.41 -19.20 15.06
C LYS E 105 33.26 -18.21 15.05
N GLU E 106 32.12 -18.64 14.53
CA GLU E 106 30.94 -17.78 14.49
C GLU E 106 30.56 -17.34 15.94
N TYR E 107 31.01 -18.11 16.93
CA TYR E 107 30.71 -17.85 18.36
C TYR E 107 31.58 -16.68 18.90
N LEU E 108 32.70 -16.45 18.22
CA LEU E 108 33.61 -15.38 18.58
C LEU E 108 33.10 -14.06 18.03
N THR E 109 32.84 -14.03 16.71
CA THR E 109 32.27 -12.86 16.00
C THR E 109 30.94 -12.42 16.63
N LYS E 110 30.17 -13.31 17.26
CA LYS E 110 28.90 -12.90 17.93
C LYS E 110 29.13 -12.24 19.32
N VAL E 111 30.33 -12.41 19.86
CA VAL E 111 30.69 -11.82 21.13
C VAL E 111 31.19 -10.41 20.92
N ASP E 112 31.74 -10.17 19.74
CA ASP E 112 32.29 -8.86 19.38
C ASP E 112 31.17 -7.88 18.94
N LYS E 113 30.19 -8.38 18.18
CA LYS E 113 29.07 -7.56 17.70
C LYS E 113 28.24 -7.06 18.86
N LEU E 114 28.32 -7.77 19.98
CA LEU E 114 27.59 -7.39 21.17
C LEU E 114 28.37 -6.35 21.96
N ASP E 115 29.66 -6.61 22.19
CA ASP E 115 30.50 -5.67 22.91
C ASP E 115 30.71 -4.39 22.14
N ALA E 116 30.52 -4.42 20.83
CA ALA E 116 30.69 -3.20 20.04
C ALA E 116 29.37 -2.50 19.85
N SER E 117 28.33 -3.00 20.50
CA SER E 117 27.00 -2.39 20.43
C SER E 117 26.54 -1.95 21.83
N GLU E 118 26.96 -2.69 22.86
CA GLU E 118 26.58 -2.34 24.23
C GLU E 118 27.17 -1.02 24.64
N SER E 119 28.49 -0.90 24.48
CA SER E 119 29.20 0.33 24.83
C SER E 119 28.96 1.45 23.82
N LEU E 120 28.70 1.07 22.57
CA LEU E 120 28.44 2.06 21.51
C LEU E 120 27.07 2.69 21.69
N ARG E 121 26.15 1.94 22.31
CA ARG E 121 24.80 2.44 22.56
C ARG E 121 24.72 3.10 23.91
N LYS E 122 25.48 2.57 24.86
CA LYS E 122 25.51 3.13 26.22
C LYS E 122 26.26 4.47 26.24
N GLU E 123 26.60 4.99 25.06
CA GLU E 123 27.32 6.27 24.94
C GLU E 123 26.42 7.37 24.35
N GLU E 124 25.44 6.98 23.54
CA GLU E 124 24.53 7.95 22.92
C GLU E 124 23.59 8.61 23.92
N GLU E 125 23.46 7.99 25.09
CA GLU E 125 22.60 8.52 26.13
C GLU E 125 23.26 9.70 26.84
N MET F 1 15.03 -4.17 -73.80
CA MET F 1 14.31 -5.41 -73.47
C MET F 1 14.18 -5.85 -72.00
N GLY F 2 15.29 -5.99 -71.27
CA GLY F 2 15.24 -6.45 -69.87
C GLY F 2 15.82 -5.58 -68.77
N SER F 3 15.15 -5.57 -67.62
CA SER F 3 15.55 -4.73 -66.48
C SER F 3 15.49 -5.46 -65.14
N SER F 4 16.64 -5.57 -64.47
CA SER F 4 16.80 -6.27 -63.18
C SER F 4 17.07 -5.35 -62.01
N HIS F 5 16.23 -5.48 -60.98
CA HIS F 5 16.26 -4.67 -59.77
C HIS F 5 16.21 -5.45 -58.48
N HIS F 6 17.40 -5.65 -57.96
CA HIS F 6 17.62 -6.37 -56.72
C HIS F 6 17.79 -5.43 -55.57
N HIS F 7 16.84 -5.52 -54.66
CA HIS F 7 16.85 -4.73 -53.45
C HIS F 7 16.90 -5.61 -52.22
N HIS F 8 18.07 -5.63 -51.56
CA HIS F 8 18.31 -6.45 -50.37
C HIS F 8 18.47 -5.59 -49.10
N HIS F 9 17.58 -5.79 -48.13
CA HIS F 9 17.62 -5.03 -46.87
C HIS F 9 17.72 -5.97 -45.67
N HIS F 10 18.78 -5.78 -44.89
CA HIS F 10 19.03 -6.56 -43.71
C HIS F 10 19.11 -5.76 -42.41
N SER F 11 18.06 -5.87 -41.58
CA SER F 11 17.99 -5.19 -40.28
C SER F 11 18.11 -6.21 -39.14
N SER F 12 19.23 -6.18 -38.41
CA SER F 12 19.46 -7.11 -37.31
C SER F 12 19.12 -6.52 -35.95
N GLY F 13 18.07 -7.04 -35.32
CA GLY F 13 17.66 -6.55 -34.01
C GLY F 13 18.35 -7.35 -32.93
N LEU F 14 19.36 -6.75 -32.31
CA LEU F 14 20.11 -7.42 -31.25
C LEU F 14 19.17 -7.97 -30.17
N VAL F 15 18.64 -9.18 -30.41
CA VAL F 15 17.73 -9.85 -29.48
C VAL F 15 17.85 -11.38 -29.51
N PRO F 16 17.67 -12.00 -30.69
CA PRO F 16 17.77 -13.46 -30.82
C PRO F 16 19.09 -14.03 -30.33
N ARG F 17 19.01 -14.89 -29.32
CA ARG F 17 20.20 -15.52 -28.75
C ARG F 17 19.97 -17.02 -28.55
N GLY F 18 20.78 -17.83 -29.24
CA GLY F 18 20.65 -19.28 -29.13
C GLY F 18 21.90 -19.94 -28.59
N SER F 19 21.74 -20.72 -27.51
CA SER F 19 22.85 -21.41 -26.90
C SER F 19 22.76 -22.90 -27.23
N HIS F 20 23.79 -23.37 -27.90
CA HIS F 20 23.85 -24.78 -28.29
C HIS F 20 25.10 -25.44 -27.70
N MET F 21 24.86 -26.45 -26.87
CA MET F 21 25.93 -27.22 -26.21
C MET F 21 26.22 -28.53 -26.97
N TRP F 22 26.67 -29.56 -26.25
CA TRP F 22 26.97 -30.85 -26.88
C TRP F 22 27.19 -31.93 -25.82
N LYS F 23 26.92 -33.19 -26.17
CA LYS F 23 27.10 -34.36 -25.29
C LYS F 23 26.33 -35.56 -25.84
N GLN F 24 26.79 -36.11 -26.96
CA GLN F 24 26.12 -37.24 -27.57
C GLN F 24 27.10 -38.31 -28.07
N SER F 25 27.33 -39.34 -27.24
CA SER F 25 28.24 -40.45 -27.53
C SER F 25 28.54 -41.18 -26.22
N VAL F 26 29.56 -40.69 -25.51
CA VAL F 26 29.98 -41.25 -24.23
C VAL F 26 30.12 -42.76 -24.32
N GLU F 27 30.28 -43.36 -23.16
CA GLU F 27 30.45 -44.79 -23.05
C GLU F 27 29.40 -45.36 -22.12
N LEU F 28 28.29 -45.77 -22.69
CA LEU F 28 27.23 -46.34 -21.88
C LEU F 28 26.45 -47.34 -22.72
N ALA F 29 26.35 -47.04 -24.02
CA ALA F 29 25.63 -47.88 -25.00
C ALA F 29 24.17 -48.13 -24.62
N LYS F 30 23.45 -47.07 -24.25
CA LYS F 30 22.03 -47.15 -23.87
C LYS F 30 21.36 -45.76 -24.01
N LYS F 31 20.67 -45.54 -25.12
CA LYS F 31 20.00 -44.26 -25.39
C LYS F 31 18.48 -44.40 -25.56
N ASP F 32 17.74 -43.53 -24.90
CA ASP F 32 16.28 -43.54 -24.97
C ASP F 32 15.88 -42.22 -25.60
N SER F 33 15.08 -42.29 -26.65
CA SER F 33 14.64 -41.11 -27.36
C SER F 33 13.42 -40.39 -26.76
N LEU F 34 12.84 -39.51 -27.56
CA LEU F 34 11.68 -38.71 -27.18
C LEU F 34 12.10 -37.54 -26.32
N TYR F 35 11.20 -36.56 -26.19
CA TYR F 35 11.45 -35.35 -25.41
C TYR F 35 12.70 -34.63 -25.87
N LYS F 36 13.36 -33.93 -24.94
CA LYS F 36 14.58 -33.20 -25.25
C LYS F 36 14.25 -32.03 -26.23
N ASP F 37 15.24 -31.21 -26.57
CA ASP F 37 15.10 -30.09 -27.52
C ASP F 37 14.68 -28.77 -26.87
N ALA F 38 13.39 -28.67 -26.65
CA ALA F 38 12.82 -27.51 -26.03
C ALA F 38 13.11 -27.42 -24.53
N MET F 39 13.70 -28.45 -23.92
CA MET F 39 13.98 -28.49 -22.44
C MET F 39 15.34 -27.89 -21.99
N GLN F 40 16.24 -27.85 -22.97
CA GLN F 40 17.61 -27.35 -22.86
C GLN F 40 17.60 -25.86 -23.08
N TYR F 41 16.64 -25.38 -23.87
CA TYR F 41 16.52 -23.95 -24.15
C TYR F 41 15.79 -23.27 -22.95
N ALA F 42 14.81 -23.96 -22.36
CA ALA F 42 14.04 -23.43 -21.25
C ALA F 42 14.89 -23.42 -19.99
N SER F 43 15.90 -24.26 -19.96
CA SER F 43 16.79 -24.28 -18.83
C SER F 43 17.32 -22.86 -18.47
N GLU F 44 17.45 -21.98 -19.49
CA GLU F 44 17.98 -20.59 -19.33
C GLU F 44 17.03 -19.67 -18.55
N SER F 45 15.98 -20.26 -18.00
CA SER F 45 14.99 -19.52 -17.23
C SER F 45 15.18 -19.66 -15.71
N LYS F 46 14.97 -20.89 -15.22
CA LYS F 46 15.07 -21.25 -13.80
C LYS F 46 14.66 -20.17 -12.81
N ASP F 47 15.16 -20.31 -11.59
CA ASP F 47 14.87 -19.40 -10.48
C ASP F 47 13.53 -19.72 -9.82
N THR F 48 13.45 -19.49 -8.51
CA THR F 48 12.23 -19.72 -7.72
C THR F 48 11.90 -21.22 -7.68
N GLU F 49 10.85 -21.59 -6.95
CA GLU F 49 10.44 -22.99 -6.84
C GLU F 49 10.09 -23.61 -8.20
N LEU F 50 9.25 -22.91 -8.98
CA LEU F 50 8.82 -23.41 -10.30
C LEU F 50 10.02 -23.94 -11.12
N ALA F 51 11.20 -23.38 -10.88
CA ALA F 51 12.40 -23.83 -11.57
C ALA F 51 12.72 -25.24 -11.16
N GLU F 52 12.60 -25.51 -9.86
CA GLU F 52 12.92 -26.81 -9.25
C GLU F 52 11.85 -27.81 -9.56
N GLU F 53 10.65 -27.30 -9.74
CA GLU F 53 9.54 -28.13 -10.10
C GLU F 53 9.86 -28.70 -11.46
N LEU F 54 10.74 -28.02 -12.21
CA LEU F 54 11.16 -28.49 -13.54
C LEU F 54 12.09 -29.69 -13.51
N LEU F 55 12.77 -29.90 -12.37
CA LEU F 55 13.69 -31.03 -12.20
C LEU F 55 12.95 -32.23 -11.60
N GLN F 56 11.76 -31.98 -11.09
CA GLN F 56 10.94 -33.06 -10.53
C GLN F 56 10.71 -34.13 -11.62
N TRP F 57 9.71 -33.90 -12.48
CA TRP F 57 9.31 -34.81 -13.56
C TRP F 57 10.31 -35.00 -14.68
N PHE F 58 11.43 -34.29 -14.58
CA PHE F 58 12.47 -34.37 -15.60
C PHE F 58 13.52 -35.35 -15.17
N LEU F 59 13.59 -35.56 -13.85
CA LEU F 59 14.56 -36.46 -13.21
C LEU F 59 13.87 -37.76 -12.75
N GLN F 60 12.65 -37.97 -13.22
CA GLN F 60 11.93 -39.18 -12.87
C GLN F 60 12.21 -40.33 -13.85
N GLU F 61 11.28 -40.57 -14.79
CA GLU F 61 11.39 -41.65 -15.79
C GLU F 61 12.17 -41.25 -17.03
N GLU F 62 13.29 -40.60 -16.78
CA GLU F 62 14.16 -40.10 -17.81
C GLU F 62 15.61 -40.43 -17.47
N LYS F 63 16.46 -40.49 -18.51
CA LYS F 63 17.89 -40.76 -18.31
C LYS F 63 18.75 -39.67 -18.93
N ARG F 64 18.90 -39.66 -20.25
CA ARG F 64 19.70 -38.65 -20.93
C ARG F 64 19.03 -37.25 -20.86
N GLU F 65 17.92 -37.20 -20.10
CA GLU F 65 17.06 -36.01 -19.87
C GLU F 65 17.19 -35.36 -18.48
N CYS F 66 17.90 -36.07 -17.60
CA CYS F 66 18.30 -35.72 -16.18
C CYS F 66 19.66 -35.04 -16.17
N PHE F 67 20.58 -35.45 -17.08
CA PHE F 67 21.95 -34.88 -17.23
C PHE F 67 21.82 -33.47 -17.84
N GLY F 68 20.96 -33.34 -18.84
CA GLY F 68 20.67 -32.04 -19.43
C GLY F 68 20.06 -31.15 -18.35
N ALA F 69 19.46 -31.76 -17.31
CA ALA F 69 18.89 -31.03 -16.17
C ALA F 69 19.94 -30.90 -15.03
N CYS F 70 21.04 -31.66 -15.14
CA CYS F 70 22.14 -31.65 -14.16
C CYS F 70 23.13 -30.55 -14.58
N LEU F 71 23.41 -30.46 -15.88
CA LEU F 71 24.27 -29.42 -16.42
C LEU F 71 23.40 -28.16 -16.51
N PHE F 72 22.62 -27.94 -15.44
CA PHE F 72 21.64 -26.84 -15.25
C PHE F 72 21.84 -26.01 -13.96
N THR F 73 21.75 -26.67 -12.82
CA THR F 73 21.93 -25.93 -11.62
C THR F 73 23.44 -25.77 -11.40
N CYS F 74 24.29 -26.60 -12.04
CA CYS F 74 25.76 -26.48 -11.86
C CYS F 74 26.19 -25.18 -12.49
N TYR F 75 25.55 -24.89 -13.61
CA TYR F 75 25.78 -23.66 -14.37
C TYR F 75 25.23 -22.52 -13.51
N ASP F 76 24.35 -22.89 -12.58
CA ASP F 76 23.69 -21.96 -11.64
C ASP F 76 24.72 -21.62 -10.53
N LEU F 77 24.31 -21.72 -9.26
CA LEU F 77 25.20 -21.43 -8.13
C LEU F 77 25.04 -22.47 -7.03
N LEU F 78 24.06 -22.24 -6.16
CA LEU F 78 23.75 -23.12 -5.05
C LEU F 78 22.28 -23.61 -5.08
N ARG F 79 22.09 -24.92 -5.08
CA ARG F 79 20.75 -25.50 -5.10
C ARG F 79 20.82 -27.04 -5.08
N PRO F 80 21.13 -27.65 -3.90
CA PRO F 80 21.22 -29.11 -3.75
C PRO F 80 19.94 -29.75 -3.23
N ASP F 81 20.09 -30.60 -2.21
CA ASP F 81 18.99 -31.30 -1.52
C ASP F 81 18.29 -32.40 -2.33
N VAL F 82 17.28 -31.97 -3.05
CA VAL F 82 16.56 -32.89 -3.88
C VAL F 82 17.60 -33.59 -4.77
N VAL F 83 18.63 -32.82 -5.13
CA VAL F 83 19.67 -33.27 -6.07
C VAL F 83 20.10 -34.59 -5.66
N LEU F 84 19.65 -34.93 -4.49
CA LEU F 84 20.06 -36.14 -4.01
C LEU F 84 18.97 -37.10 -3.87
N GLU F 85 17.80 -36.65 -3.43
CA GLU F 85 16.69 -37.61 -3.13
C GLU F 85 16.30 -38.52 -4.26
N LEU F 86 16.57 -38.01 -5.47
CA LEU F 86 16.33 -38.62 -6.78
C LEU F 86 17.33 -39.73 -7.15
N ALA F 87 18.61 -39.53 -6.88
CA ALA F 87 19.55 -40.58 -7.08
C ALA F 87 19.22 -41.65 -6.05
N TRP F 88 18.22 -41.43 -5.20
CA TRP F 88 17.82 -42.45 -4.21
C TRP F 88 16.40 -42.87 -4.54
N ARG F 89 15.91 -42.38 -5.66
CA ARG F 89 14.56 -42.72 -6.10
C ARG F 89 14.49 -44.24 -6.23
N HIS F 90 15.52 -44.84 -6.80
CA HIS F 90 15.57 -46.29 -7.00
C HIS F 90 16.88 -46.73 -7.66
N ASN F 91 17.57 -45.79 -8.31
CA ASN F 91 18.80 -46.10 -9.01
C ASN F 91 19.97 -45.29 -8.50
N ILE F 92 21.01 -45.19 -9.35
CA ILE F 92 22.28 -44.49 -9.04
C ILE F 92 22.39 -43.11 -9.70
N MET F 93 23.49 -42.47 -9.43
CA MET F 93 23.66 -41.17 -9.98
C MET F 93 25.14 -40.96 -10.27
N ASP F 94 25.43 -40.02 -11.16
CA ASP F 94 26.83 -39.75 -11.52
C ASP F 94 27.19 -38.27 -11.45
N PHE F 95 28.43 -37.96 -11.07
CA PHE F 95 28.97 -36.57 -10.96
C PHE F 95 28.24 -35.76 -9.92
N ALA F 96 28.88 -34.69 -9.47
CA ALA F 96 28.21 -33.85 -8.50
C ALA F 96 29.21 -32.83 -8.01
N MET F 97 29.31 -32.75 -6.69
CA MET F 97 30.25 -31.89 -5.98
C MET F 97 30.45 -30.46 -6.41
N PRO F 98 29.37 -29.74 -6.69
CA PRO F 98 29.56 -28.35 -7.12
C PRO F 98 29.93 -27.40 -5.96
N TYR F 99 30.32 -27.94 -4.80
CA TYR F 99 30.66 -27.07 -3.64
C TYR F 99 32.06 -27.31 -3.09
N PHE F 100 32.73 -28.24 -3.74
CA PHE F 100 34.05 -28.63 -3.35
C PHE F 100 35.04 -27.62 -3.78
N ILE F 101 34.54 -26.65 -4.51
CA ILE F 101 35.38 -25.59 -5.01
C ILE F 101 35.51 -24.53 -3.91
N GLN F 102 34.39 -24.16 -3.28
CA GLN F 102 34.39 -23.14 -2.24
C GLN F 102 35.12 -23.63 -1.00
N VAL F 103 35.30 -24.93 -0.93
CA VAL F 103 35.98 -25.56 0.18
C VAL F 103 37.39 -25.04 0.46
N MET F 104 37.86 -24.13 -0.38
CA MET F 104 39.20 -23.56 -0.23
C MET F 104 39.32 -22.30 0.64
N LYS F 105 39.06 -21.14 0.04
CA LYS F 105 39.16 -19.81 0.70
C LYS F 105 38.73 -19.75 2.15
N GLU F 106 37.97 -20.75 2.57
CA GLU F 106 37.45 -20.78 3.92
C GLU F 106 38.52 -21.07 4.97
N TYR F 107 39.12 -22.24 4.82
CA TYR F 107 40.15 -22.71 5.71
C TYR F 107 41.40 -21.85 5.55
N LEU F 108 41.50 -21.12 4.45
CA LEU F 108 42.64 -20.25 4.19
C LEU F 108 42.47 -18.94 4.97
N THR F 109 41.28 -18.37 4.87
CA THR F 109 40.97 -17.14 5.58
C THR F 109 40.81 -17.55 7.02
N LYS F 110 41.04 -18.82 7.30
CA LYS F 110 40.92 -19.42 8.65
C LYS F 110 42.25 -19.47 9.38
N VAL F 111 43.20 -20.15 8.74
CA VAL F 111 44.54 -20.27 9.26
C VAL F 111 45.16 -18.89 9.16
N ASP F 112 44.53 -18.02 8.36
CA ASP F 112 45.02 -16.65 8.17
C ASP F 112 44.48 -15.73 9.25
N LYS F 113 43.20 -15.90 9.60
CA LYS F 113 42.54 -15.10 10.64
C LYS F 113 43.21 -15.32 11.98
N LEU F 114 43.61 -16.56 12.23
CA LEU F 114 44.29 -16.94 13.47
C LEU F 114 45.56 -16.09 13.65
N ASP F 115 46.48 -16.18 12.70
CA ASP F 115 47.74 -15.43 12.75
C ASP F 115 47.53 -13.92 12.76
N ALA F 116 46.45 -13.45 12.14
CA ALA F 116 46.13 -12.02 12.05
C ALA F 116 45.91 -11.40 13.42
N SER F 117 45.77 -12.27 14.41
CA SER F 117 45.55 -11.84 15.77
C SER F 117 46.67 -12.34 16.67
N GLU F 118 47.07 -13.60 16.49
CA GLU F 118 48.12 -14.21 17.30
C GLU F 118 49.39 -13.35 17.37
N SER F 119 49.50 -12.38 16.46
CA SER F 119 50.68 -11.50 16.43
C SER F 119 50.41 -10.19 17.17
N LEU F 120 49.26 -9.56 16.89
CA LEU F 120 48.86 -8.30 17.53
C LEU F 120 48.70 -8.50 19.03
N ARG F 121 48.74 -9.75 19.48
CA ARG F 121 48.61 -10.09 20.90
C ARG F 121 50.01 -10.30 21.48
N LYS F 122 50.86 -11.03 20.75
CA LYS F 122 52.23 -11.30 21.17
C LYS F 122 52.92 -9.94 21.12
N GLU F 123 52.29 -9.07 20.35
CA GLU F 123 52.73 -7.70 20.17
C GLU F 123 52.26 -6.90 21.39
N GLU F 124 51.07 -7.24 21.91
CA GLU F 124 50.50 -6.54 23.07
C GLU F 124 51.31 -6.80 24.33
N GLU F 125 50.63 -6.86 25.47
CA GLU F 125 51.27 -7.09 26.77
C GLU F 125 52.52 -6.25 26.93
N MET G 1 -8.59 -71.27 -9.72
CA MET G 1 -7.97 -72.33 -8.88
C MET G 1 -6.46 -72.34 -9.09
N GLY G 2 -6.06 -71.89 -10.28
CA GLY G 2 -4.64 -71.84 -10.63
C GLY G 2 -4.05 -70.45 -10.74
N SER G 3 -3.03 -70.20 -9.92
CA SER G 3 -2.33 -68.92 -9.89
C SER G 3 -0.84 -69.13 -10.20
N SER G 4 -0.36 -68.44 -11.23
CA SER G 4 1.01 -68.56 -11.68
C SER G 4 1.75 -67.22 -11.72
N HIS G 5 2.72 -67.04 -10.82
CA HIS G 5 3.50 -65.80 -10.70
C HIS G 5 4.98 -66.07 -11.02
N HIS G 6 5.54 -65.30 -11.97
CA HIS G 6 6.95 -65.45 -12.41
C HIS G 6 7.76 -64.18 -12.40
N HIS G 7 8.77 -64.19 -11.54
CA HIS G 7 9.58 -63.01 -11.46
C HIS G 7 10.82 -63.29 -12.26
N HIS G 8 11.47 -62.22 -12.72
CA HIS G 8 12.68 -62.33 -13.52
C HIS G 8 13.99 -62.28 -12.69
N HIS G 9 15.07 -62.80 -13.29
CA HIS G 9 16.41 -62.85 -12.69
C HIS G 9 17.29 -63.78 -13.52
N HIS G 10 18.10 -64.66 -12.92
CA HIS G 10 18.90 -65.62 -13.71
C HIS G 10 18.44 -67.08 -13.43
N SER G 11 19.17 -68.09 -13.86
CA SER G 11 18.75 -69.49 -13.65
C SER G 11 17.85 -69.93 -14.81
N SER G 12 17.23 -71.11 -14.68
CA SER G 12 16.40 -71.67 -15.74
C SER G 12 15.39 -72.70 -15.26
N GLY G 13 14.15 -72.32 -15.48
CA GLY G 13 13.07 -73.15 -15.10
C GLY G 13 12.19 -73.33 -16.31
N LEU G 14 12.24 -74.54 -16.86
CA LEU G 14 11.45 -74.93 -18.00
C LEU G 14 10.31 -75.96 -17.77
N VAL G 15 9.06 -75.50 -17.83
CA VAL G 15 7.94 -76.40 -17.63
C VAL G 15 7.13 -76.29 -18.86
N PRO G 16 7.00 -77.39 -19.60
CA PRO G 16 6.26 -77.53 -20.85
C PRO G 16 4.77 -77.10 -20.97
N ARG G 17 4.43 -76.50 -22.12
CA ARG G 17 3.08 -76.01 -22.45
C ARG G 17 2.81 -74.48 -22.31
N GLY G 18 3.37 -73.63 -23.20
CA GLY G 18 3.09 -72.19 -23.09
C GLY G 18 4.11 -71.05 -23.29
N SER G 19 4.31 -70.29 -22.21
CA SER G 19 5.21 -69.14 -22.21
C SER G 19 6.75 -69.37 -22.22
N HIS G 20 7.48 -68.36 -22.71
CA HIS G 20 8.95 -68.37 -22.77
C HIS G 20 9.50 -66.95 -22.77
N MET G 21 10.08 -66.53 -21.64
CA MET G 21 10.68 -65.19 -21.46
C MET G 21 12.11 -65.18 -21.92
N TRP G 22 12.61 -64.01 -22.25
CA TRP G 22 13.96 -63.94 -22.75
C TRP G 22 15.13 -63.85 -21.71
N LYS G 23 16.22 -63.25 -22.18
CA LYS G 23 17.45 -63.01 -21.45
C LYS G 23 18.41 -64.15 -21.68
N GLN G 24 19.66 -63.79 -21.91
CA GLN G 24 20.71 -64.77 -22.18
C GLN G 24 20.79 -65.93 -21.21
N SER G 25 20.99 -67.12 -21.76
CA SER G 25 21.14 -68.36 -21.00
C SER G 25 21.07 -69.50 -22.01
N VAL G 26 22.09 -70.35 -22.01
CA VAL G 26 22.15 -71.45 -22.96
C VAL G 26 21.21 -72.55 -22.63
N GLU G 27 20.28 -72.77 -23.54
CA GLU G 27 19.24 -73.79 -23.34
C GLU G 27 18.92 -74.41 -24.65
N LEU G 28 18.54 -75.67 -24.57
CA LEU G 28 18.20 -76.37 -25.78
C LEU G 28 17.22 -77.53 -25.51
N ALA G 29 16.18 -77.65 -26.33
CA ALA G 29 15.24 -78.74 -26.12
C ALA G 29 14.90 -79.67 -27.28
N LYS G 30 13.88 -79.15 -28.02
CA LYS G 30 13.21 -79.75 -29.22
C LYS G 30 11.89 -79.03 -29.84
N LYS G 31 11.92 -78.73 -31.14
CA LYS G 31 10.77 -78.07 -31.84
C LYS G 31 10.78 -76.58 -31.56
N ASP G 32 10.68 -75.73 -32.58
CA ASP G 32 10.70 -74.29 -32.33
C ASP G 32 9.45 -73.59 -32.77
N SER G 33 9.65 -72.36 -33.22
CA SER G 33 8.53 -71.58 -33.71
C SER G 33 7.42 -71.37 -32.65
N LEU G 34 6.23 -71.00 -33.13
CA LEU G 34 5.04 -70.74 -32.31
C LEU G 34 5.13 -69.41 -31.55
N TYR G 35 4.95 -68.29 -32.28
CA TYR G 35 5.02 -66.93 -31.70
C TYR G 35 3.66 -66.30 -31.56
N LYS G 36 2.78 -66.59 -32.53
CA LYS G 36 1.40 -66.10 -32.57
C LYS G 36 0.60 -66.89 -31.55
N ASP G 37 0.71 -68.21 -31.60
CA ASP G 37 0.00 -69.11 -30.68
C ASP G 37 0.46 -68.81 -29.25
N ALA G 38 1.73 -68.48 -29.08
CA ALA G 38 2.29 -68.16 -27.75
C ALA G 38 2.01 -66.71 -27.42
N MET G 39 1.60 -65.95 -28.43
CA MET G 39 1.31 -64.57 -28.25
C MET G 39 -0.12 -64.38 -27.85
N GLN G 40 -0.97 -65.38 -28.08
CA GLN G 40 -2.39 -65.30 -27.75
C GLN G 40 -2.69 -65.51 -26.26
N TYR G 41 -2.03 -66.51 -25.66
CA TYR G 41 -2.22 -66.82 -24.24
C TYR G 41 -1.60 -65.76 -23.30
N ALA G 42 -1.11 -64.62 -23.82
CA ALA G 42 -0.48 -63.54 -23.00
C ALA G 42 -1.36 -62.28 -22.82
N SER G 43 -2.34 -62.19 -23.71
CA SER G 43 -3.33 -61.11 -23.76
C SER G 43 -4.52 -61.39 -22.83
N GLU G 44 -5.35 -62.40 -23.19
CA GLU G 44 -6.54 -62.85 -22.45
C GLU G 44 -6.15 -63.65 -21.20
N SER G 45 -5.04 -63.19 -20.61
CA SER G 45 -4.47 -63.73 -19.38
C SER G 45 -4.74 -62.76 -18.23
N LYS G 46 -3.84 -61.81 -18.07
CA LYS G 46 -3.88 -60.83 -17.01
C LYS G 46 -2.61 -60.03 -17.22
N ASP G 47 -1.76 -60.02 -16.20
CA ASP G 47 -0.52 -59.27 -16.26
C ASP G 47 -0.88 -57.84 -16.34
N THR G 48 -0.79 -57.15 -15.22
CA THR G 48 -1.09 -55.73 -15.19
C THR G 48 0.21 -55.00 -15.53
N GLU G 49 1.11 -54.92 -14.54
CA GLU G 49 2.40 -54.25 -14.73
C GLU G 49 3.26 -55.11 -15.66
N LEU G 50 3.51 -56.35 -15.23
CA LEU G 50 4.32 -57.33 -15.96
C LEU G 50 4.03 -57.34 -17.46
N ALA G 51 2.76 -57.45 -17.80
CA ALA G 51 2.37 -57.40 -19.20
C ALA G 51 3.19 -56.33 -19.98
N GLU G 52 2.80 -55.05 -19.82
CA GLU G 52 3.40 -53.87 -20.51
C GLU G 52 4.86 -53.99 -20.92
N GLU G 53 5.73 -54.16 -19.94
CA GLU G 53 7.15 -54.31 -20.23
C GLU G 53 7.44 -55.21 -21.44
N LEU G 54 6.53 -56.11 -21.79
CA LEU G 54 6.70 -57.02 -22.92
C LEU G 54 6.51 -56.40 -24.32
N LEU G 55 5.40 -55.70 -24.51
CA LEU G 55 5.05 -55.04 -25.76
C LEU G 55 6.00 -53.96 -26.14
N GLN G 56 6.50 -53.17 -25.20
CA GLN G 56 7.47 -52.11 -25.53
C GLN G 56 8.62 -52.56 -26.50
N TRP G 57 9.25 -53.70 -26.13
CA TRP G 57 10.37 -54.42 -26.82
C TRP G 57 9.88 -55.04 -28.14
N PHE G 58 8.60 -55.38 -28.16
CA PHE G 58 7.93 -55.89 -29.36
C PHE G 58 7.61 -54.73 -30.27
N LEU G 59 7.24 -53.57 -29.67
CA LEU G 59 6.92 -52.32 -30.39
C LEU G 59 8.16 -51.51 -30.55
N GLN G 60 9.24 -51.99 -29.96
CA GLN G 60 10.50 -51.33 -30.06
C GLN G 60 11.25 -51.90 -31.26
N GLU G 61 11.18 -53.21 -31.48
CA GLU G 61 11.88 -53.77 -32.63
C GLU G 61 10.95 -54.58 -33.54
N GLU G 62 11.42 -55.00 -34.72
CA GLU G 62 10.58 -55.79 -35.64
C GLU G 62 9.52 -54.92 -36.35
N LYS G 63 8.76 -55.53 -37.28
CA LYS G 63 7.69 -54.85 -38.05
C LYS G 63 6.35 -55.56 -37.99
N ARG G 64 6.41 -56.88 -37.89
CA ARG G 64 5.21 -57.72 -37.77
C ARG G 64 4.92 -57.96 -36.29
N GLU G 65 5.99 -58.02 -35.46
CA GLU G 65 5.92 -58.23 -33.97
C GLU G 65 5.44 -56.95 -33.25
N CYS G 66 5.39 -55.84 -33.97
CA CYS G 66 4.87 -54.58 -33.44
C CYS G 66 3.39 -54.64 -33.74
N PHE G 67 3.04 -54.93 -34.99
CA PHE G 67 1.64 -55.07 -35.42
C PHE G 67 0.86 -56.10 -34.56
N GLY G 68 1.36 -57.33 -34.46
CA GLY G 68 0.70 -58.34 -33.62
C GLY G 68 0.49 -57.91 -32.17
N ALA G 69 1.50 -57.26 -31.56
CA ALA G 69 1.47 -56.74 -30.18
C ALA G 69 0.42 -55.65 -30.05
N CYS G 70 0.15 -54.98 -31.18
CA CYS G 70 -0.87 -53.93 -31.21
C CYS G 70 -2.22 -54.61 -31.13
N LEU G 71 -2.46 -55.54 -32.05
CA LEU G 71 -3.71 -56.28 -32.05
C LEU G 71 -3.76 -56.92 -30.67
N PHE G 72 -2.60 -57.34 -30.18
CA PHE G 72 -2.46 -57.96 -28.85
C PHE G 72 -3.02 -57.00 -27.76
N THR G 73 -2.69 -55.74 -27.91
CA THR G 73 -3.14 -54.74 -26.97
C THR G 73 -4.63 -54.53 -27.01
N CYS G 74 -5.14 -54.07 -28.16
CA CYS G 74 -6.57 -53.80 -28.41
C CYS G 74 -7.59 -54.74 -27.76
N TYR G 75 -7.40 -56.04 -27.89
CA TYR G 75 -8.33 -57.05 -27.33
C TYR G 75 -8.21 -57.22 -25.80
N ASP G 76 -7.59 -56.24 -25.15
CA ASP G 76 -7.41 -56.23 -23.70
C ASP G 76 -7.95 -54.91 -23.11
N LEU G 77 -8.24 -53.95 -23.99
CA LEU G 77 -8.75 -52.63 -23.62
C LEU G 77 -7.73 -51.78 -22.89
N LEU G 78 -8.09 -51.30 -21.70
CA LEU G 78 -7.21 -50.44 -20.86
C LEU G 78 -5.68 -50.65 -21.01
N ARG G 79 -5.02 -49.84 -21.86
CA ARG G 79 -3.57 -49.87 -22.20
C ARG G 79 -3.07 -48.94 -23.35
N PRO G 80 -3.73 -47.80 -23.50
CA PRO G 80 -3.32 -46.89 -24.56
C PRO G 80 -2.07 -46.21 -24.12
N ASP G 81 -2.17 -44.89 -24.02
CA ASP G 81 -1.10 -43.99 -23.60
C ASP G 81 0.16 -44.45 -24.20
N VAL G 82 0.81 -45.33 -23.47
CA VAL G 82 2.06 -45.87 -23.95
C VAL G 82 2.04 -46.07 -25.46
N VAL G 83 0.97 -46.66 -25.97
CA VAL G 83 0.87 -46.95 -27.40
C VAL G 83 1.23 -45.74 -28.29
N LEU G 84 0.85 -44.59 -27.77
CA LEU G 84 1.06 -43.35 -28.47
C LEU G 84 2.50 -42.93 -28.53
N GLU G 85 3.17 -42.89 -27.38
CA GLU G 85 4.56 -42.47 -27.34
C GLU G 85 5.34 -43.22 -28.37
N LEU G 86 5.18 -44.55 -28.41
CA LEU G 86 5.92 -45.48 -29.33
C LEU G 86 5.68 -45.27 -30.82
N ALA G 87 4.69 -44.41 -31.09
CA ALA G 87 4.23 -43.98 -32.43
C ALA G 87 4.83 -42.60 -32.86
N TRP G 88 5.21 -41.80 -31.87
CA TRP G 88 5.81 -40.51 -32.04
C TRP G 88 7.29 -40.82 -31.87
N ARG G 89 7.74 -42.05 -32.23
CA ARG G 89 9.17 -42.40 -32.12
C ARG G 89 9.97 -42.04 -33.33
N HIS G 90 10.21 -43.03 -34.17
CA HIS G 90 10.99 -42.79 -35.37
C HIS G 90 10.18 -42.38 -36.56
N ASN G 91 9.16 -43.15 -36.90
CA ASN G 91 8.38 -42.76 -38.05
C ASN G 91 6.89 -42.76 -37.86
N ILE G 92 6.19 -42.56 -38.96
CA ILE G 92 4.75 -42.52 -38.95
C ILE G 92 4.21 -43.85 -38.55
N MET G 93 2.96 -43.84 -38.10
CA MET G 93 2.34 -45.10 -37.76
C MET G 93 0.81 -45.02 -38.00
N ASP G 94 0.08 -46.05 -37.52
CA ASP G 94 -1.41 -46.28 -37.53
C ASP G 94 -2.05 -46.52 -36.14
N PHE G 95 -2.82 -45.55 -35.70
CA PHE G 95 -3.46 -45.61 -34.41
C PHE G 95 -4.65 -46.54 -34.44
N ALA G 96 -5.44 -46.43 -33.40
CA ALA G 96 -6.59 -47.24 -33.26
C ALA G 96 -7.79 -46.37 -33.26
N MET G 97 -8.55 -46.47 -32.17
CA MET G 97 -9.79 -45.73 -31.99
C MET G 97 -10.44 -45.87 -30.59
N PRO G 98 -9.66 -45.78 -29.51
CA PRO G 98 -10.29 -45.93 -28.19
C PRO G 98 -10.90 -44.63 -27.60
N TYR G 99 -11.94 -44.09 -28.22
CA TYR G 99 -12.52 -42.86 -27.70
C TYR G 99 -14.04 -42.95 -27.48
N PHE G 100 -14.75 -43.28 -28.55
CA PHE G 100 -16.20 -43.40 -28.53
C PHE G 100 -16.71 -44.05 -27.24
N ILE G 101 -16.10 -45.17 -26.86
CA ILE G 101 -16.50 -45.88 -25.66
C ILE G 101 -16.68 -44.91 -24.54
N GLN G 102 -15.79 -43.92 -24.49
CA GLN G 102 -15.83 -42.89 -23.43
C GLN G 102 -16.91 -41.83 -23.61
N VAL G 103 -17.24 -41.52 -24.85
CA VAL G 103 -18.28 -40.54 -25.14
C VAL G 103 -19.62 -40.91 -24.48
N MET G 104 -19.78 -42.19 -24.13
CA MET G 104 -21.02 -42.68 -23.50
C MET G 104 -21.14 -42.07 -22.11
N LYS G 105 -20.40 -42.64 -21.18
CA LYS G 105 -20.37 -42.20 -19.82
C LYS G 105 -20.34 -40.66 -19.70
N GLU G 106 -19.68 -40.00 -20.62
CA GLU G 106 -19.61 -38.55 -20.55
C GLU G 106 -21.03 -37.94 -20.44
N TYR G 107 -21.63 -37.74 -21.59
CA TYR G 107 -22.95 -37.15 -21.66
C TYR G 107 -23.96 -38.00 -20.90
N LEU G 108 -23.56 -39.21 -20.52
CA LEU G 108 -24.46 -40.12 -19.81
C LEU G 108 -24.67 -39.69 -18.36
N THR G 109 -23.56 -39.59 -17.63
CA THR G 109 -23.59 -39.21 -16.22
C THR G 109 -24.38 -37.93 -16.01
N LYS G 110 -24.05 -36.90 -16.78
CA LYS G 110 -24.70 -35.61 -16.66
C LYS G 110 -26.20 -35.75 -16.53
N VAL G 111 -26.81 -36.27 -17.59
CA VAL G 111 -28.25 -36.45 -17.62
C VAL G 111 -28.77 -37.11 -16.36
N ASP G 112 -28.00 -38.06 -15.84
CA ASP G 112 -28.39 -38.76 -14.62
C ASP G 112 -28.46 -37.79 -13.42
N LYS G 113 -27.39 -37.04 -13.19
CA LYS G 113 -27.36 -36.10 -12.07
C LYS G 113 -28.40 -35.01 -12.23
N LEU G 114 -28.75 -34.73 -13.49
CA LEU G 114 -29.76 -33.70 -13.83
C LEU G 114 -31.10 -34.08 -13.26
N ASP G 115 -31.65 -35.22 -13.67
CA ASP G 115 -32.95 -35.69 -13.17
C ASP G 115 -32.89 -36.27 -11.74
N ALA G 116 -31.69 -36.26 -11.16
CA ALA G 116 -31.39 -36.76 -9.81
C ALA G 116 -31.65 -35.70 -8.74
N SER G 117 -31.66 -34.43 -9.17
CA SER G 117 -31.91 -33.33 -8.26
C SER G 117 -33.31 -32.77 -8.49
N GLU G 118 -33.74 -32.79 -9.76
CA GLU G 118 -35.07 -32.31 -10.15
C GLU G 118 -36.15 -33.07 -9.39
N SER G 119 -35.82 -34.28 -8.96
CA SER G 119 -36.76 -35.12 -8.20
C SER G 119 -36.64 -34.89 -6.69
N LEU G 120 -35.41 -34.79 -6.20
CA LEU G 120 -35.15 -34.57 -4.79
C LEU G 120 -35.58 -33.18 -4.38
N ARG G 121 -36.16 -32.45 -5.32
CA ARG G 121 -36.63 -31.10 -5.05
C ARG G 121 -38.16 -31.01 -5.12
N LYS G 122 -38.81 -31.95 -5.82
CA LYS G 122 -40.28 -31.96 -5.95
C LYS G 122 -40.96 -32.76 -4.84
N GLU G 123 -40.16 -33.37 -3.98
CA GLU G 123 -40.65 -34.16 -2.85
C GLU G 123 -40.71 -33.32 -1.57
N GLU G 124 -39.97 -32.20 -1.57
CA GLU G 124 -39.92 -31.28 -0.42
C GLU G 124 -40.84 -30.06 -0.62
N GLU G 125 -41.09 -29.70 -1.88
CA GLU G 125 -41.96 -28.57 -2.22
C GLU G 125 -43.43 -28.95 -2.10
N ALA H 29 10.05 -0.23 -21.20
CA ALA H 29 10.66 -1.20 -22.15
C ALA H 29 12.18 -1.20 -21.97
N LYS H 30 12.94 -0.73 -22.95
CA LYS H 30 14.41 -0.73 -22.85
C LYS H 30 14.96 -2.16 -22.89
N LYS H 31 16.19 -2.36 -23.37
CA LYS H 31 16.82 -3.67 -23.44
C LYS H 31 15.86 -4.87 -23.77
N ASP H 32 16.19 -6.08 -23.29
CA ASP H 32 15.34 -7.26 -23.53
C ASP H 32 15.30 -8.22 -22.35
N SER H 33 16.40 -8.31 -21.59
CA SER H 33 16.50 -9.18 -20.41
C SER H 33 15.31 -8.91 -19.50
N LEU H 34 14.83 -7.66 -19.52
CA LEU H 34 13.68 -7.26 -18.72
C LEU H 34 12.44 -8.04 -19.16
N TYR H 35 12.29 -8.28 -20.46
CA TYR H 35 11.16 -9.04 -21.01
C TYR H 35 11.18 -10.47 -20.45
N LYS H 36 12.22 -11.22 -20.81
CA LYS H 36 12.37 -12.61 -20.36
C LYS H 36 12.19 -12.82 -18.83
N ASP H 37 12.28 -11.75 -18.04
CA ASP H 37 12.10 -11.82 -16.58
C ASP H 37 10.61 -11.59 -16.23
N ALA H 38 9.85 -10.89 -17.11
CA ALA H 38 8.40 -10.57 -16.94
C ALA H 38 7.59 -11.80 -17.01
N MET H 39 7.44 -12.28 -18.22
CA MET H 39 6.69 -13.47 -18.40
C MET H 39 7.03 -14.49 -17.33
N GLN H 40 8.21 -14.42 -16.72
CA GLN H 40 8.61 -15.38 -15.70
C GLN H 40 8.16 -15.05 -14.30
N TYR H 41 7.77 -13.80 -14.06
CA TYR H 41 7.28 -13.41 -12.74
C TYR H 41 5.72 -13.43 -12.77
N ALA H 42 5.15 -13.77 -13.94
CA ALA H 42 3.69 -13.89 -14.23
C ALA H 42 3.21 -15.35 -14.17
N SER H 43 4.17 -16.27 -14.24
CA SER H 43 3.87 -17.69 -14.20
C SER H 43 3.53 -18.13 -12.79
N GLU H 44 4.13 -17.45 -11.81
CA GLU H 44 3.90 -17.81 -10.43
C GLU H 44 2.50 -17.40 -10.04
N SER H 45 2.15 -16.14 -10.33
CA SER H 45 0.82 -15.62 -9.98
C SER H 45 -0.20 -16.46 -10.71
N LYS H 46 -0.20 -16.35 -12.04
CA LYS H 46 -1.14 -17.11 -12.86
C LYS H 46 -2.62 -16.79 -12.58
N ASP H 47 -3.36 -16.49 -13.65
CA ASP H 47 -4.79 -16.18 -13.53
C ASP H 47 -5.62 -16.98 -14.52
N THR H 48 -6.62 -16.34 -15.11
CA THR H 48 -7.46 -17.01 -16.09
C THR H 48 -7.02 -16.61 -17.51
N GLU H 49 -7.89 -15.89 -18.21
CA GLU H 49 -7.60 -15.41 -19.56
C GLU H 49 -6.39 -14.50 -19.43
N LEU H 50 -6.27 -13.86 -18.27
CA LEU H 50 -5.12 -13.01 -18.01
C LEU H 50 -3.86 -13.88 -18.18
N ALA H 51 -3.78 -15.01 -17.46
CA ALA H 51 -2.63 -15.95 -17.53
C ALA H 51 -2.66 -16.74 -18.85
N GLU H 52 -3.83 -16.88 -19.46
CA GLU H 52 -3.93 -17.56 -20.76
C GLU H 52 -3.41 -16.66 -21.90
N GLU H 53 -4.22 -15.66 -22.30
CA GLU H 53 -3.89 -14.72 -23.38
C GLU H 53 -2.41 -14.34 -23.36
N LEU H 54 -1.90 -13.99 -22.19
CA LEU H 54 -0.49 -13.60 -22.08
C LEU H 54 0.45 -14.50 -22.88
N LEU H 55 0.11 -15.77 -23.01
CA LEU H 55 0.93 -16.72 -23.74
C LEU H 55 1.08 -16.59 -25.28
N GLN H 56 -0.02 -16.42 -26.01
CA GLN H 56 0.08 -16.30 -27.47
C GLN H 56 1.15 -15.28 -27.97
N TRP H 57 1.26 -14.15 -27.27
CA TRP H 57 2.21 -13.13 -27.63
C TRP H 57 3.58 -13.57 -27.19
N PHE H 58 3.61 -14.54 -26.28
CA PHE H 58 4.87 -15.09 -25.79
C PHE H 58 5.23 -16.15 -26.81
N LEU H 59 4.35 -16.29 -27.80
CA LEU H 59 4.57 -17.25 -28.85
C LEU H 59 4.58 -16.55 -30.19
N GLN H 60 4.08 -15.33 -30.23
CA GLN H 60 4.12 -14.61 -31.47
C GLN H 60 5.56 -14.50 -32.05
N GLU H 61 6.59 -14.71 -31.24
CA GLU H 61 7.97 -14.64 -31.75
C GLU H 61 8.90 -15.30 -30.73
N GLU H 62 10.22 -15.17 -30.93
CA GLU H 62 11.22 -15.77 -30.03
C GLU H 62 11.18 -17.30 -30.04
N LYS H 63 12.19 -17.93 -29.43
CA LYS H 63 12.27 -19.39 -29.38
C LYS H 63 11.77 -19.97 -28.08
N ARG H 64 12.68 -20.19 -27.13
CA ARG H 64 12.30 -20.77 -25.86
C ARG H 64 11.27 -19.95 -25.12
N GLU H 65 11.14 -18.70 -25.52
CA GLU H 65 10.19 -17.82 -24.91
C GLU H 65 8.82 -18.44 -25.16
N CYS H 66 8.63 -19.04 -26.32
CA CYS H 66 7.34 -19.66 -26.64
C CYS H 66 7.21 -20.90 -25.79
N PHE H 67 8.32 -21.58 -25.59
CA PHE H 67 8.37 -22.79 -24.81
C PHE H 67 7.95 -22.57 -23.37
N GLY H 68 8.70 -21.73 -22.64
CA GLY H 68 8.37 -21.44 -21.25
C GLY H 68 6.90 -21.08 -21.02
N ALA H 69 6.28 -20.50 -22.05
CA ALA H 69 4.87 -20.09 -22.03
C ALA H 69 3.98 -21.29 -22.30
N CYS H 70 4.44 -22.17 -23.18
CA CYS H 70 3.68 -23.37 -23.53
C CYS H 70 3.39 -24.16 -22.25
N LEU H 71 4.26 -24.00 -21.24
CA LEU H 71 4.09 -24.68 -19.95
C LEU H 71 2.90 -24.12 -19.18
N PHE H 72 2.78 -22.80 -19.22
CA PHE H 72 1.69 -22.11 -18.54
C PHE H 72 0.24 -22.51 -18.98
N THR H 73 0.02 -22.59 -20.30
CA THR H 73 -1.30 -22.95 -20.87
C THR H 73 -1.86 -24.20 -20.19
N CYS H 74 -1.05 -25.27 -20.17
CA CYS H 74 -1.45 -26.54 -19.55
C CYS H 74 -1.67 -26.41 -18.05
N TYR H 75 -0.98 -25.44 -17.45
CA TYR H 75 -1.11 -25.20 -16.03
C TYR H 75 -2.53 -24.77 -15.78
N ASP H 76 -3.11 -24.03 -16.73
CA ASP H 76 -4.49 -23.56 -16.59
C ASP H 76 -5.44 -24.78 -16.55
N LEU H 77 -4.87 -25.99 -16.54
CA LEU H 77 -5.62 -27.25 -16.49
C LEU H 77 -6.38 -27.61 -17.78
N LEU H 78 -6.94 -26.62 -18.48
CA LEU H 78 -7.69 -26.88 -19.71
C LEU H 78 -7.52 -25.77 -20.75
N ARG H 79 -6.65 -26.01 -21.73
CA ARG H 79 -6.42 -25.03 -22.80
C ARG H 79 -5.69 -25.50 -24.06
N PRO H 80 -6.49 -25.96 -25.04
CA PRO H 80 -6.00 -26.46 -26.33
C PRO H 80 -5.71 -25.32 -27.33
N ASP H 81 -6.35 -25.41 -28.52
CA ASP H 81 -6.33 -24.46 -29.65
C ASP H 81 -5.01 -23.92 -30.09
N VAL H 82 -4.51 -23.05 -29.22
CA VAL H 82 -3.18 -22.36 -29.32
C VAL H 82 -2.06 -23.40 -29.38
N VAL H 83 -2.41 -24.63 -28.97
CA VAL H 83 -1.51 -25.81 -28.91
C VAL H 83 -1.48 -26.41 -30.33
N LEU H 84 -2.57 -26.21 -31.06
CA LEU H 84 -2.70 -26.73 -32.40
C LEU H 84 -2.11 -25.75 -33.39
N GLU H 85 -2.54 -24.50 -33.33
CA GLU H 85 -2.05 -23.42 -34.28
C GLU H 85 -0.49 -23.22 -34.53
N LEU H 86 0.19 -23.10 -33.39
CA LEU H 86 1.62 -22.91 -33.31
C LEU H 86 2.31 -24.26 -33.60
N ALA H 87 1.51 -25.31 -33.73
CA ALA H 87 2.05 -26.63 -34.00
C ALA H 87 2.36 -26.74 -35.49
N TRP H 88 1.63 -25.98 -36.31
CA TRP H 88 1.77 -25.95 -37.79
C TRP H 88 2.76 -24.89 -38.27
N ARG H 89 3.87 -24.81 -37.54
CA ARG H 89 4.90 -23.84 -37.88
C ARG H 89 5.93 -24.49 -38.80
N HIS H 90 6.89 -25.21 -38.23
CA HIS H 90 7.94 -25.87 -39.00
C HIS H 90 8.36 -27.26 -38.43
N ASN H 91 9.12 -27.26 -37.33
CA ASN H 91 9.60 -28.51 -36.73
C ASN H 91 8.53 -29.33 -35.99
N ILE H 92 8.97 -30.23 -35.11
CA ILE H 92 8.09 -31.08 -34.35
C ILE H 92 7.62 -30.35 -33.10
N MET H 93 6.59 -30.86 -32.44
CA MET H 93 6.05 -30.20 -31.26
C MET H 93 5.86 -31.25 -30.20
N ASP H 94 5.09 -30.89 -29.17
CA ASP H 94 4.73 -31.79 -28.04
C ASP H 94 3.18 -32.08 -27.96
N PHE H 95 2.77 -32.73 -26.83
CA PHE H 95 1.40 -33.18 -26.49
C PHE H 95 1.17 -34.03 -25.15
N ALA H 96 0.02 -33.78 -24.59
CA ALA H 96 -0.27 -34.48 -23.42
C ALA H 96 -1.76 -34.64 -23.44
N MET H 97 -2.24 -35.77 -22.87
CA MET H 97 -3.66 -36.16 -22.76
C MET H 97 -4.12 -36.73 -21.41
N PRO H 98 -5.14 -36.14 -20.82
CA PRO H 98 -5.71 -36.54 -19.54
C PRO H 98 -6.44 -37.86 -19.64
N TYR H 99 -7.74 -37.86 -19.30
CA TYR H 99 -8.60 -39.05 -19.33
C TYR H 99 -8.46 -39.87 -18.07
N PHE H 100 -8.91 -41.13 -18.11
CA PHE H 100 -8.84 -42.09 -16.98
C PHE H 100 -9.55 -41.66 -15.70
N ILE H 101 -9.13 -40.51 -15.14
CA ILE H 101 -9.71 -39.97 -13.90
C ILE H 101 -11.22 -40.00 -14.07
N GLN H 102 -11.65 -40.00 -15.32
CA GLN H 102 -13.05 -40.00 -15.63
C GLN H 102 -13.56 -41.43 -15.53
N VAL H 103 -12.75 -42.37 -16.02
CA VAL H 103 -13.12 -43.78 -16.02
C VAL H 103 -13.57 -44.27 -14.67
N MET H 104 -12.94 -43.74 -13.64
CA MET H 104 -13.27 -44.13 -12.29
C MET H 104 -14.43 -43.30 -11.78
N LYS H 105 -15.28 -42.80 -12.66
CA LYS H 105 -16.39 -41.99 -12.23
C LYS H 105 -17.73 -42.59 -12.59
N GLU H 106 -17.88 -42.98 -13.84
CA GLU H 106 -19.15 -43.57 -14.25
C GLU H 106 -19.34 -44.89 -13.51
N TYR H 107 -18.24 -45.49 -13.06
CA TYR H 107 -18.29 -46.75 -12.33
C TYR H 107 -18.93 -46.51 -10.97
N LEU H 108 -18.87 -45.27 -10.50
CA LEU H 108 -19.47 -44.86 -9.23
C LEU H 108 -20.99 -44.59 -9.37
N THR H 109 -21.37 -43.81 -10.38
CA THR H 109 -22.78 -43.46 -10.60
C THR H 109 -23.60 -44.63 -10.88
N LYS H 110 -22.96 -45.73 -11.34
CA LYS H 110 -23.57 -47.05 -11.69
C LYS H 110 -23.83 -47.92 -10.46
N VAL H 111 -23.16 -47.57 -9.37
CA VAL H 111 -23.34 -48.27 -8.11
C VAL H 111 -24.46 -47.61 -7.29
N ASP H 112 -24.71 -46.30 -7.50
CA ASP H 112 -25.78 -45.55 -6.82
C ASP H 112 -27.15 -45.82 -7.44
N LYS H 113 -27.21 -45.94 -8.77
CA LYS H 113 -28.46 -46.22 -9.52
C LYS H 113 -29.00 -47.60 -9.19
N LEU H 114 -28.11 -48.51 -8.79
CA LEU H 114 -28.49 -49.86 -8.41
C LEU H 114 -28.98 -49.89 -6.96
N ASP H 115 -28.18 -49.35 -6.02
CA ASP H 115 -28.56 -49.33 -4.58
C ASP H 115 -29.78 -48.42 -4.33
N ALA H 116 -30.11 -47.56 -5.30
CA ALA H 116 -31.27 -46.68 -5.15
C ALA H 116 -32.49 -47.24 -5.91
N SER H 117 -32.31 -48.45 -6.44
CA SER H 117 -33.36 -49.17 -7.14
C SER H 117 -33.65 -50.51 -6.44
N GLU H 118 -32.64 -51.13 -5.82
CA GLU H 118 -32.83 -52.40 -5.11
C GLU H 118 -33.71 -52.25 -3.90
N SER H 119 -33.37 -51.30 -3.04
CA SER H 119 -34.15 -51.04 -1.83
C SER H 119 -35.45 -50.28 -2.13
N LEU H 120 -35.44 -49.47 -3.20
CA LEU H 120 -36.64 -48.71 -3.58
C LEU H 120 -37.71 -49.66 -4.15
N ARG H 121 -37.26 -50.77 -4.74
CA ARG H 121 -38.15 -51.77 -5.31
C ARG H 121 -38.52 -52.83 -4.27
N LYS H 122 -37.56 -53.17 -3.41
CA LYS H 122 -37.78 -54.18 -2.36
C LYS H 122 -38.69 -53.60 -1.27
N GLU H 123 -39.27 -52.44 -1.53
CA GLU H 123 -40.18 -51.78 -0.60
C GLU H 123 -41.62 -51.77 -1.08
N GLU H 124 -41.80 -51.76 -2.41
CA GLU H 124 -43.14 -51.75 -2.99
C GLU H 124 -43.88 -53.07 -2.78
N GLU H 125 -43.14 -54.12 -2.42
CA GLU H 125 -43.73 -55.44 -2.16
C GLU H 125 -44.39 -55.49 -0.79
N MET I 1 -60.20 7.02 -74.77
CA MET I 1 -59.48 6.28 -75.78
C MET I 1 -58.71 5.17 -75.18
N GLY I 2 -57.97 5.39 -74.11
CA GLY I 2 -57.20 4.27 -73.54
C GLY I 2 -57.45 3.89 -72.09
N SER I 3 -57.38 2.60 -71.76
CA SER I 3 -57.64 2.19 -70.39
C SER I 3 -56.62 1.15 -69.85
N SER I 4 -55.90 1.49 -68.78
CA SER I 4 -54.88 0.61 -68.18
C SER I 4 -55.32 0.01 -66.83
N HIS I 5 -55.20 -1.31 -66.66
CA HIS I 5 -55.62 -1.99 -65.41
C HIS I 5 -54.55 -2.93 -64.86
N HIS I 6 -53.82 -2.43 -63.88
CA HIS I 6 -52.75 -3.22 -63.29
C HIS I 6 -53.22 -3.87 -62.04
N HIS I 7 -53.19 -5.18 -62.07
CA HIS I 7 -53.61 -5.91 -60.92
C HIS I 7 -52.51 -6.78 -60.45
N HIS I 8 -51.89 -6.38 -59.34
CA HIS I 8 -50.76 -7.10 -58.72
C HIS I 8 -51.11 -7.78 -57.39
N HIS I 9 -50.99 -9.12 -57.34
CA HIS I 9 -51.29 -9.94 -56.15
C HIS I 9 -50.06 -10.79 -55.68
N HIS I 10 -49.66 -10.60 -54.42
CA HIS I 10 -48.50 -11.29 -53.87
C HIS I 10 -48.85 -12.08 -52.63
N SER I 11 -48.85 -13.40 -52.76
CA SER I 11 -49.18 -14.23 -51.63
C SER I 11 -47.92 -14.99 -51.23
N SER I 12 -47.38 -14.68 -50.05
CA SER I 12 -46.16 -15.34 -49.56
C SER I 12 -46.46 -16.49 -48.59
N GLY I 13 -46.19 -17.72 -49.03
CA GLY I 13 -46.43 -18.87 -48.17
C GLY I 13 -45.17 -19.17 -47.38
N LEU I 14 -45.18 -18.84 -46.09
CA LEU I 14 -44.02 -19.05 -45.21
C LEU I 14 -43.57 -20.51 -45.29
N VAL I 15 -42.74 -20.81 -46.29
CA VAL I 15 -42.21 -22.16 -46.49
C VAL I 15 -40.81 -22.16 -47.10
N PRO I 16 -40.63 -21.53 -48.27
CA PRO I 16 -39.32 -21.46 -48.92
C PRO I 16 -38.20 -20.89 -48.05
N ARG I 17 -37.18 -21.70 -47.77
CA ARG I 17 -36.06 -21.28 -46.95
C ARG I 17 -34.75 -21.69 -47.62
N GLY I 18 -33.95 -20.69 -47.97
CA GLY I 18 -32.68 -20.97 -48.61
C GLY I 18 -31.51 -20.50 -47.79
N SER I 19 -30.58 -21.41 -47.51
CA SER I 19 -29.37 -21.10 -46.75
C SER I 19 -28.14 -21.02 -47.67
N HIS I 20 -27.52 -19.84 -47.72
CA HIS I 20 -26.34 -19.64 -48.56
C HIS I 20 -25.15 -19.20 -47.71
N MET I 21 -24.11 -20.02 -47.74
CA MET I 21 -22.90 -19.74 -46.99
C MET I 21 -21.82 -19.09 -47.89
N TRP I 22 -20.55 -19.32 -47.57
CA TRP I 22 -19.48 -18.75 -48.37
C TRP I 22 -18.15 -19.41 -48.01
N LYS I 23 -17.20 -19.44 -48.95
CA LYS I 23 -15.85 -20.02 -48.75
C LYS I 23 -15.18 -20.28 -50.08
N GLN I 24 -14.82 -19.22 -50.78
CA GLN I 24 -14.17 -19.37 -52.07
C GLN I 24 -13.01 -18.41 -52.29
N SER I 25 -11.79 -18.89 -52.05
CA SER I 25 -10.54 -18.12 -52.20
C SER I 25 -9.43 -18.85 -51.45
N VAL I 26 -9.32 -18.57 -50.16
CA VAL I 26 -8.34 -19.18 -49.30
C VAL I 26 -6.97 -19.13 -49.93
N GLU I 27 -6.06 -19.87 -49.34
CA GLU I 27 -4.70 -19.92 -49.81
C GLU I 27 -4.33 -21.36 -50.04
N LEU I 28 -4.51 -21.83 -51.26
CA LEU I 28 -4.15 -23.19 -51.57
C LEU I 28 -3.73 -23.26 -53.03
N ALA I 29 -4.36 -22.40 -53.83
CA ALA I 29 -4.13 -22.29 -55.26
C ALA I 29 -4.31 -23.61 -56.00
N LYS I 30 -5.41 -24.30 -55.72
CA LYS I 30 -5.73 -25.59 -56.37
C LYS I 30 -7.24 -25.88 -56.27
N LYS I 31 -7.98 -25.59 -57.33
CA LYS I 31 -9.43 -25.79 -57.37
C LYS I 31 -9.87 -26.78 -58.46
N ASP I 32 -10.72 -27.73 -58.08
CA ASP I 32 -11.24 -28.74 -59.00
C ASP I 32 -12.73 -28.49 -59.11
N SER I 33 -13.23 -28.34 -60.32
CA SER I 33 -14.65 -28.09 -60.53
C SER I 33 -15.54 -29.31 -60.53
N LEU I 34 -16.76 -29.12 -61.03
CA LEU I 34 -17.80 -30.15 -61.12
C LEU I 34 -18.49 -30.36 -59.79
N TYR I 35 -19.64 -31.03 -59.82
CA TYR I 35 -20.43 -31.31 -58.62
C TYR I 35 -20.77 -30.02 -57.87
N LYS I 36 -20.91 -30.13 -56.54
CA LYS I 36 -21.22 -28.97 -55.72
C LYS I 36 -22.65 -28.47 -56.06
N ASP I 37 -23.12 -27.45 -55.35
CA ASP I 37 -24.43 -26.84 -55.58
C ASP I 37 -25.54 -27.55 -54.77
N ALA I 38 -26.11 -28.57 -55.38
CA ALA I 38 -27.17 -29.32 -54.76
C ALA I 38 -26.80 -30.15 -53.53
N MET I 39 -25.52 -30.19 -53.17
CA MET I 39 -25.03 -31.04 -52.05
C MET I 39 -24.99 -30.34 -50.71
N GLN I 40 -24.85 -29.03 -50.84
CA GLN I 40 -24.76 -28.15 -49.73
C GLN I 40 -26.15 -27.92 -49.18
N TYR I 41 -27.13 -27.92 -50.09
CA TYR I 41 -28.54 -27.71 -49.74
C TYR I 41 -29.05 -28.99 -49.09
N ALA I 42 -28.63 -30.15 -49.60
CA ALA I 42 -29.05 -31.43 -49.08
C ALA I 42 -28.45 -31.68 -47.69
N SER I 43 -27.31 -31.05 -47.42
CA SER I 43 -26.67 -31.18 -46.13
C SER I 43 -27.66 -30.91 -44.96
N GLU I 44 -28.67 -30.06 -45.18
CA GLU I 44 -29.67 -29.71 -44.15
C GLU I 44 -30.64 -30.85 -43.79
N SER I 45 -30.38 -32.05 -44.35
CA SER I 45 -31.20 -33.26 -44.14
C SER I 45 -30.59 -34.22 -43.08
N LYS I 46 -29.43 -34.79 -43.41
CA LYS I 46 -28.69 -35.72 -42.54
C LYS I 46 -29.51 -36.65 -41.65
N ASP I 47 -28.86 -37.15 -40.60
CA ASP I 47 -29.45 -38.06 -39.61
C ASP I 47 -29.47 -39.50 -40.07
N THR I 48 -29.36 -40.42 -39.11
CA THR I 48 -29.37 -41.86 -39.43
C THR I 48 -28.14 -42.20 -40.24
N GLU I 49 -28.01 -43.47 -40.59
CA GLU I 49 -26.88 -43.94 -41.36
C GLU I 49 -26.84 -43.30 -42.75
N LEU I 50 -27.96 -43.33 -43.47
CA LEU I 50 -28.06 -42.75 -44.82
C LEU I 50 -27.34 -41.35 -44.87
N ALA I 51 -27.30 -40.62 -43.75
CA ALA I 51 -26.62 -39.31 -43.66
C ALA I 51 -25.10 -39.41 -43.79
N GLU I 52 -24.53 -40.39 -43.07
CA GLU I 52 -23.09 -40.68 -43.07
C GLU I 52 -22.66 -41.33 -44.39
N GLU I 53 -23.59 -42.08 -44.98
CA GLU I 53 -23.35 -42.75 -46.27
C GLU I 53 -23.12 -41.61 -47.24
N LEU I 54 -23.64 -40.44 -46.90
CA LEU I 54 -23.49 -39.25 -47.72
C LEU I 54 -22.08 -38.72 -47.62
N LEU I 55 -21.36 -39.05 -46.53
CA LEU I 55 -19.96 -38.61 -46.35
C LEU I 55 -18.92 -39.60 -46.98
N GLN I 56 -19.37 -40.83 -47.26
CA GLN I 56 -18.57 -41.85 -47.93
C GLN I 56 -17.97 -41.34 -49.31
N TRP I 57 -18.78 -41.40 -50.38
CA TRP I 57 -18.40 -40.99 -51.75
C TRP I 57 -18.15 -39.49 -52.00
N PHE I 58 -18.38 -38.69 -50.96
CA PHE I 58 -18.24 -37.24 -51.03
C PHE I 58 -16.90 -36.89 -50.46
N LEU I 59 -16.33 -37.81 -49.69
CA LEU I 59 -15.05 -37.59 -49.06
C LEU I 59 -14.02 -38.50 -49.71
N GLN I 60 -14.40 -39.05 -50.85
CA GLN I 60 -13.49 -39.90 -51.56
C GLN I 60 -12.60 -39.13 -52.54
N GLU I 61 -12.94 -39.14 -53.83
CA GLU I 61 -12.19 -38.46 -54.92
C GLU I 61 -12.59 -37.01 -55.13
N GLU I 62 -12.68 -36.31 -54.02
CA GLU I 62 -13.09 -34.93 -54.03
C GLU I 62 -12.20 -34.16 -53.04
N LYS I 63 -12.11 -32.86 -53.24
CA LYS I 63 -11.35 -31.99 -52.36
C LYS I 63 -12.22 -30.86 -51.76
N ARG I 64 -12.55 -29.83 -52.55
CA ARG I 64 -13.41 -28.73 -52.09
C ARG I 64 -14.89 -29.13 -51.84
N GLU I 65 -15.16 -30.45 -51.92
CA GLU I 65 -16.48 -31.10 -51.73
C GLU I 65 -16.66 -31.86 -50.37
N CYS I 66 -15.51 -32.14 -49.71
CA CYS I 66 -15.34 -32.80 -48.40
C CYS I 66 -15.47 -31.79 -47.34
N PHE I 67 -14.94 -30.58 -47.57
CA PHE I 67 -15.00 -29.45 -46.59
C PHE I 67 -16.49 -29.04 -46.45
N GLY I 68 -17.18 -28.97 -47.60
CA GLY I 68 -18.58 -28.64 -47.62
C GLY I 68 -19.28 -29.75 -46.86
N ALA I 69 -18.64 -30.91 -46.81
CA ALA I 69 -19.17 -32.05 -46.09
C ALA I 69 -18.63 -32.05 -44.65
N CYS I 70 -17.57 -31.27 -44.42
CA CYS I 70 -16.96 -31.15 -43.11
C CYS I 70 -17.73 -30.09 -42.36
N LEU I 71 -18.10 -29.03 -43.06
CA LEU I 71 -18.90 -27.92 -42.47
C LEU I 71 -20.35 -28.38 -42.47
N PHE I 72 -20.50 -29.67 -42.11
CA PHE I 72 -21.77 -30.44 -42.03
C PHE I 72 -22.09 -31.11 -40.67
N THR I 73 -21.25 -32.03 -40.21
CA THR I 73 -21.48 -32.66 -38.94
C THR I 73 -21.00 -31.73 -37.81
N CYS I 74 -20.18 -30.73 -38.10
CA CYS I 74 -19.71 -29.77 -37.06
C CYS I 74 -20.92 -28.91 -36.68
N TYR I 75 -21.71 -28.56 -37.68
CA TYR I 75 -22.93 -27.77 -37.50
C TYR I 75 -23.93 -28.67 -36.76
N ASP I 76 -23.66 -29.97 -36.83
CA ASP I 76 -24.46 -31.03 -36.19
C ASP I 76 -24.11 -31.02 -34.69
N LEU I 77 -23.81 -32.20 -34.13
CA LEU I 77 -23.45 -32.34 -32.72
C LEU I 77 -22.27 -33.30 -32.53
N LEU I 78 -22.58 -34.59 -32.45
CA LEU I 78 -21.58 -35.64 -32.26
C LEU I 78 -21.66 -36.72 -33.37
N ARG I 79 -20.54 -36.96 -34.04
CA ARG I 79 -20.49 -37.93 -35.11
C ARG I 79 -19.07 -37.97 -35.72
N PRO I 80 -18.11 -38.61 -35.05
CA PRO I 80 -16.72 -38.72 -35.51
C PRO I 80 -16.43 -40.05 -36.20
N ASP I 81 -15.37 -40.70 -35.77
CA ASP I 81 -15.02 -42.02 -36.25
C ASP I 81 -14.55 -42.04 -37.67
N VAL I 82 -15.48 -42.19 -38.58
CA VAL I 82 -15.15 -42.22 -40.00
C VAL I 82 -14.39 -40.93 -40.30
N VAL I 83 -14.72 -39.87 -39.55
CA VAL I 83 -14.12 -38.54 -39.75
C VAL I 83 -12.59 -38.59 -39.76
N LEU I 84 -12.07 -39.72 -39.33
CA LEU I 84 -10.69 -39.87 -39.28
C LEU I 84 -10.24 -40.86 -40.30
N GLU I 85 -10.87 -42.03 -40.37
CA GLU I 85 -10.41 -43.02 -41.34
C GLU I 85 -10.09 -42.52 -42.77
N LEU I 86 -10.83 -41.51 -43.23
CA LEU I 86 -10.71 -40.89 -44.56
C LEU I 86 -9.47 -40.00 -44.67
N ALA I 87 -9.12 -39.36 -43.58
CA ALA I 87 -7.96 -38.54 -43.62
C ALA I 87 -6.80 -39.48 -43.62
N TRP I 88 -7.12 -40.78 -43.52
CA TRP I 88 -6.11 -41.86 -43.58
C TRP I 88 -6.36 -42.68 -44.82
N ARG I 89 -7.20 -42.16 -45.73
CA ARG I 89 -7.48 -42.85 -46.99
C ARG I 89 -6.20 -42.95 -47.80
N HIS I 90 -5.46 -41.85 -47.83
CA HIS I 90 -4.19 -41.79 -48.57
C HIS I 90 -3.51 -40.42 -48.43
N ASN I 91 -4.27 -39.43 -47.99
CA ASN I 91 -3.75 -38.06 -47.84
C ASN I 91 -3.93 -37.48 -46.46
N ILE I 92 -3.82 -36.17 -46.36
CA ILE I 92 -3.93 -35.49 -45.08
C ILE I 92 -5.31 -34.93 -44.85
N MET I 93 -5.47 -34.24 -43.74
CA MET I 93 -6.75 -33.64 -43.46
C MET I 93 -6.53 -32.35 -42.69
N ASP I 94 -7.51 -31.45 -42.69
CA ASP I 94 -7.39 -30.16 -41.99
C ASP I 94 -8.59 -29.83 -41.07
N PHE I 95 -8.33 -29.16 -39.94
CA PHE I 95 -9.36 -28.78 -38.96
C PHE I 95 -10.05 -29.99 -38.36
N ALA I 96 -10.67 -29.80 -37.21
CA ALA I 96 -11.36 -30.90 -36.57
C ALA I 96 -11.79 -30.43 -35.20
N MET I 97 -11.40 -31.22 -34.22
CA MET I 97 -11.64 -30.96 -32.81
C MET I 97 -12.96 -30.39 -32.36
N PRO I 98 -14.11 -30.90 -32.88
CA PRO I 98 -15.43 -30.39 -32.46
C PRO I 98 -15.87 -30.84 -31.03
N TYR I 99 -14.94 -31.34 -30.22
CA TYR I 99 -15.25 -31.84 -28.86
C TYR I 99 -14.33 -31.24 -27.77
N PHE I 100 -13.37 -30.45 -28.21
CA PHE I 100 -12.47 -29.82 -27.28
C PHE I 100 -13.15 -28.74 -26.52
N ILE I 101 -14.41 -28.49 -26.90
CA ILE I 101 -15.26 -27.46 -26.27
C ILE I 101 -15.91 -28.02 -25.01
N GLN I 102 -16.47 -29.24 -25.10
CA GLN I 102 -17.13 -29.87 -23.96
C GLN I 102 -16.09 -30.26 -22.93
N VAL I 103 -14.84 -30.27 -23.35
CA VAL I 103 -13.72 -30.60 -22.47
C VAL I 103 -13.60 -29.73 -21.22
N MET I 104 -14.51 -28.78 -21.05
CA MET I 104 -14.51 -27.85 -19.90
C MET I 104 -15.39 -28.26 -18.69
N LYS I 105 -16.69 -27.95 -18.75
CA LYS I 105 -17.67 -28.24 -17.68
C LYS I 105 -17.49 -29.56 -16.93
N GLU I 106 -16.74 -30.48 -17.54
CA GLU I 106 -16.50 -31.81 -16.96
C GLU I 106 -15.56 -31.74 -15.78
N TYR I 107 -14.34 -31.27 -16.05
CA TYR I 107 -13.34 -31.17 -15.02
C TYR I 107 -13.71 -30.12 -13.99
N LEU I 108 -14.61 -29.23 -14.39
CA LEU I 108 -15.09 -28.19 -13.49
C LEU I 108 -16.11 -28.80 -12.52
N THR I 109 -17.06 -29.59 -13.04
CA THR I 109 -18.08 -30.22 -12.20
C THR I 109 -17.40 -31.39 -11.49
N LYS I 110 -16.09 -31.46 -11.73
CA LYS I 110 -15.21 -32.47 -11.17
C LYS I 110 -14.52 -31.97 -9.93
N VAL I 111 -13.74 -30.90 -10.09
CA VAL I 111 -13.03 -30.29 -8.98
C VAL I 111 -14.09 -29.66 -8.05
N ASP I 112 -15.33 -29.57 -8.54
CA ASP I 112 -16.42 -28.99 -7.76
C ASP I 112 -17.16 -30.08 -7.00
N LYS I 113 -17.41 -31.22 -7.64
CA LYS I 113 -18.10 -32.30 -6.97
C LYS I 113 -17.28 -32.79 -5.76
N LEU I 114 -15.95 -32.74 -5.89
CA LEU I 114 -15.05 -33.16 -4.80
C LEU I 114 -15.29 -32.31 -3.55
N ASP I 115 -15.13 -30.99 -3.68
CA ASP I 115 -15.34 -30.06 -2.57
C ASP I 115 -16.79 -30.11 -2.06
N ALA I 116 -17.73 -30.42 -2.94
CA ALA I 116 -19.15 -30.50 -2.56
C ALA I 116 -19.39 -31.57 -1.50
N SER I 117 -18.40 -32.44 -1.29
CA SER I 117 -18.48 -33.51 -0.30
C SER I 117 -17.40 -33.39 0.79
N GLU I 118 -16.18 -33.05 0.38
CA GLU I 118 -15.05 -32.90 1.30
C GLU I 118 -15.35 -31.96 2.49
N SER I 119 -16.43 -31.20 2.39
CA SER I 119 -16.81 -30.28 3.46
C SER I 119 -17.86 -30.89 4.38
N LEU I 120 -18.91 -31.47 3.77
CA LEU I 120 -20.02 -32.07 4.52
C LEU I 120 -19.51 -33.23 5.32
N ARG I 121 -18.25 -33.57 5.06
CA ARG I 121 -17.61 -34.65 5.76
C ARG I 121 -16.75 -34.05 6.86
N LYS I 122 -16.02 -32.99 6.54
CA LYS I 122 -15.17 -32.34 7.55
C LYS I 122 -16.15 -31.73 8.51
N GLU I 123 -17.38 -31.61 8.00
CA GLU I 123 -18.51 -31.09 8.72
C GLU I 123 -19.08 -32.17 9.64
N GLU I 124 -19.08 -33.41 9.14
CA GLU I 124 -19.60 -34.55 9.89
C GLU I 124 -18.74 -34.86 11.13
N GLU I 125 -18.57 -36.14 11.45
CA GLU I 125 -17.79 -36.58 12.61
C GLU I 125 -18.09 -35.72 13.84
N MET J 1 -53.47 17.17 7.78
CA MET J 1 -54.38 17.62 8.86
C MET J 1 -55.74 17.81 8.27
N GLY J 2 -55.77 18.09 6.97
CA GLY J 2 -57.04 18.30 6.29
C GLY J 2 -57.40 17.23 5.29
N SER J 3 -58.57 16.62 5.50
CA SER J 3 -59.08 15.57 4.63
C SER J 3 -60.47 15.95 4.08
N SER J 4 -60.58 16.00 2.76
CA SER J 4 -61.84 16.35 2.09
C SER J 4 -62.36 15.25 1.13
N HIS J 5 -63.52 14.66 1.46
CA HIS J 5 -64.12 13.59 0.64
C HIS J 5 -65.49 14.03 0.08
N HIS J 6 -65.67 13.93 -1.23
CA HIS J 6 -66.90 14.35 -1.87
C HIS J 6 -67.44 13.30 -2.73
N HIS J 7 -68.61 12.84 -2.38
CA HIS J 7 -69.23 11.84 -3.19
C HIS J 7 -70.28 12.57 -4.02
N HIS J 8 -70.62 11.97 -5.17
CA HIS J 8 -71.60 12.53 -6.13
C HIS J 8 -73.07 12.08 -5.93
N HIS J 9 -73.97 12.89 -6.48
CA HIS J 9 -75.39 12.66 -6.38
C HIS J 9 -76.02 13.98 -6.72
N HIS J 10 -77.16 14.33 -6.10
CA HIS J 10 -77.85 15.61 -6.36
C HIS J 10 -77.69 16.60 -5.21
N SER J 11 -78.48 17.67 -5.25
CA SER J 11 -78.38 18.69 -4.23
C SER J 11 -77.32 19.68 -4.66
N SER J 12 -76.89 20.54 -3.73
CA SER J 12 -75.87 21.59 -3.99
C SER J 12 -75.11 22.15 -2.76
N GLY J 13 -73.82 22.06 -2.79
CA GLY J 13 -73.16 22.54 -1.62
C GLY J 13 -72.07 23.36 -2.17
N LEU J 14 -72.09 24.65 -1.86
CA LEU J 14 -71.04 25.47 -2.37
C LEU J 14 -70.23 26.12 -1.30
N VAL J 15 -68.93 25.83 -1.37
CA VAL J 15 -67.96 26.39 -0.46
C VAL J 15 -66.86 26.97 -1.25
N PRO J 16 -66.67 28.28 -1.16
CA PRO J 16 -65.67 29.09 -1.86
C PRO J 16 -64.17 28.72 -1.71
N ARG J 17 -63.43 28.81 -2.85
CA ARG J 17 -61.97 28.54 -3.02
C ARG J 17 -61.48 27.19 -3.71
N GLY J 18 -61.61 27.01 -5.05
CA GLY J 18 -61.15 25.75 -5.69
C GLY J 18 -61.95 24.94 -6.73
N SER J 19 -62.41 23.77 -6.31
CA SER J 19 -63.17 22.84 -7.16
C SER J 19 -64.65 23.08 -7.50
N HIS J 20 -65.03 22.49 -8.63
CA HIS J 20 -66.40 22.54 -9.14
C HIS J 20 -66.76 21.34 -10.07
N MET J 21 -67.58 20.43 -9.54
CA MET J 21 -68.03 19.26 -10.28
C MET J 21 -69.27 19.59 -11.07
N TRP J 22 -69.46 18.89 -12.17
CA TRP J 22 -70.59 19.17 -13.01
C TRP J 22 -71.91 18.61 -12.55
N LYS J 23 -72.73 18.31 -13.55
CA LYS J 23 -74.06 17.72 -13.46
C LYS J 23 -75.08 18.83 -13.31
N GLN J 24 -76.22 18.68 -14.03
CA GLN J 24 -77.33 19.65 -14.06
C GLN J 24 -77.84 20.07 -12.68
N SER J 25 -78.03 21.37 -12.52
CA SER J 25 -78.50 22.01 -11.28
C SER J 25 -78.29 23.52 -11.43
N VAL J 26 -79.40 24.26 -11.35
CA VAL J 26 -79.38 25.71 -11.49
C VAL J 26 -78.63 26.45 -10.38
N GLU J 27 -77.55 27.03 -10.79
CA GLU J 27 -76.79 27.72 -9.85
C GLU J 27 -76.25 28.94 -10.50
N LEU J 28 -76.00 29.91 -9.63
CA LEU J 28 -75.51 31.18 -10.04
C LEU J 28 -74.79 31.82 -8.87
N ALA J 29 -73.66 32.45 -9.15
CA ALA J 29 -72.93 33.13 -8.08
C ALA J 29 -72.44 34.62 -8.32
N LYS J 30 -71.24 34.70 -8.96
CA LYS J 30 -70.42 35.91 -9.36
C LYS J 30 -68.90 35.64 -9.79
N LYS J 31 -68.50 36.04 -11.01
CA LYS J 31 -67.12 35.80 -11.58
C LYS J 31 -66.97 34.38 -12.17
N ASP J 32 -66.48 34.23 -13.41
CA ASP J 32 -66.35 32.88 -14.00
C ASP J 32 -64.94 32.49 -14.37
N SER J 33 -64.84 31.73 -15.46
CA SER J 33 -63.57 31.28 -16.00
C SER J 33 -62.76 30.51 -14.95
N LEU J 34 -61.44 30.44 -15.16
CA LEU J 34 -60.51 29.75 -14.26
C LEU J 34 -60.60 28.23 -14.40
N TYR J 35 -60.13 27.72 -15.54
CA TYR J 35 -60.18 26.28 -15.83
C TYR J 35 -58.82 25.66 -15.65
N LYS J 36 -57.78 26.41 -16.01
CA LYS J 36 -56.40 25.96 -15.90
C LYS J 36 -55.99 25.99 -14.42
N ASP J 37 -56.27 27.12 -13.76
CA ASP J 37 -55.95 27.31 -12.35
C ASP J 37 -56.71 26.30 -11.50
N ALA J 38 -57.93 25.97 -11.91
CA ALA J 38 -58.75 25.00 -11.18
C ALA J 38 -58.36 23.59 -11.61
N MET J 39 -57.60 23.51 -12.71
CA MET J 39 -57.18 22.24 -13.25
C MET J 39 -55.86 21.78 -12.67
N GLN J 40 -55.16 22.70 -12.03
CA GLN J 40 -53.86 22.44 -11.39
C GLN J 40 -54.01 21.79 -10.01
N TYR J 41 -54.94 22.29 -9.21
CA TYR J 41 -55.17 21.77 -7.87
C TYR J 41 -55.86 20.38 -7.85
N ALA J 42 -56.01 19.75 -9.00
CA ALA J 42 -56.68 18.43 -9.08
C ALA J 42 -55.70 17.31 -9.33
N SER J 43 -54.50 17.69 -9.78
CA SER J 43 -53.43 16.75 -10.09
C SER J 43 -52.55 16.44 -8.90
N GLU J 44 -51.81 17.46 -8.45
CA GLU J 44 -50.92 17.34 -7.32
C GLU J 44 -51.78 17.31 -6.04
N SER J 45 -52.97 16.69 -6.17
CA SER J 45 -53.93 16.47 -5.07
C SER J 45 -53.80 15.02 -4.58
N LYS J 46 -54.61 14.18 -5.17
CA LYS J 46 -54.63 12.77 -4.81
C LYS J 46 -55.63 12.24 -5.80
N ASP J 47 -56.71 11.68 -5.29
CA ASP J 47 -57.78 11.12 -6.12
C ASP J 47 -57.25 9.92 -6.84
N THR J 48 -57.53 8.72 -6.35
CA THR J 48 -57.08 7.53 -7.02
C THR J 48 -58.15 7.14 -8.05
N GLU J 49 -59.26 6.55 -7.60
CA GLU J 49 -60.33 6.16 -8.49
C GLU J 49 -61.04 7.40 -9.03
N LEU J 50 -61.57 8.19 -8.11
CA LEU J 50 -62.28 9.41 -8.42
C LEU J 50 -61.62 10.24 -9.52
N ALA J 51 -60.31 10.44 -9.41
CA ALA J 51 -59.58 11.23 -10.39
C ALA J 51 -59.96 10.87 -11.83
N GLU J 52 -59.52 9.68 -12.24
CA GLU J 52 -59.71 9.13 -13.60
C GLU J 52 -61.01 9.53 -14.26
N GLU J 53 -62.13 9.15 -13.66
CA GLU J 53 -63.43 9.47 -14.21
C GLU J 53 -63.53 10.89 -14.78
N LEU J 54 -62.70 11.79 -14.30
CA LEU J 54 -62.72 13.17 -14.75
C LEU J 54 -62.11 13.40 -16.14
N LEU J 55 -60.89 12.89 -16.29
CA LEU J 55 -60.12 13.04 -17.53
C LEU J 55 -60.86 12.49 -18.71
N GLN J 56 -61.39 11.28 -18.54
CA GLN J 56 -62.12 10.63 -19.61
C GLN J 56 -63.01 11.60 -20.38
N TRP J 57 -63.81 12.33 -19.63
CA TRP J 57 -64.73 13.28 -20.20
C TRP J 57 -63.93 14.46 -20.70
N PHE J 58 -62.73 14.63 -20.20
CA PHE J 58 -62.00 15.73 -20.73
C PHE J 58 -61.33 15.35 -22.00
N LEU J 59 -61.01 14.06 -22.14
CA LEU J 59 -60.33 13.44 -23.33
C LEU J 59 -61.28 12.86 -24.34
N GLN J 60 -62.54 12.94 -23.96
CA GLN J 60 -63.64 12.50 -24.77
C GLN J 60 -64.12 13.64 -25.66
N GLU J 61 -64.03 14.88 -25.17
CA GLU J 61 -64.50 16.06 -25.91
C GLU J 61 -63.49 17.17 -25.82
N GLU J 62 -63.78 18.25 -26.54
CA GLU J 62 -62.91 19.41 -26.57
C GLU J 62 -61.61 19.01 -27.27
N LYS J 63 -60.71 19.97 -27.41
CA LYS J 63 -59.40 19.79 -28.06
C LYS J 63 -58.22 20.34 -27.22
N ARG J 64 -58.50 21.38 -26.44
CA ARG J 64 -57.50 21.98 -25.57
C ARG J 64 -57.65 21.35 -24.18
N GLU J 65 -58.89 20.97 -23.85
CA GLU J 65 -59.23 20.32 -22.56
C GLU J 65 -58.76 18.85 -22.53
N CYS J 66 -58.39 18.33 -23.70
CA CYS J 66 -57.83 16.98 -23.80
C CYS J 66 -56.32 17.15 -23.58
N PHE J 67 -55.71 18.11 -24.28
CA PHE J 67 -54.28 18.40 -24.15
C PHE J 67 -53.95 18.77 -22.73
N GLY J 68 -54.60 19.76 -22.18
CA GLY J 68 -54.28 20.01 -20.80
C GLY J 68 -54.44 18.81 -19.84
N ALA J 69 -55.47 17.97 -20.01
CA ALA J 69 -55.74 16.82 -19.11
C ALA J 69 -54.60 15.82 -19.24
N CYS J 70 -53.99 15.87 -20.40
CA CYS J 70 -52.88 15.02 -20.69
C CYS J 70 -51.70 15.48 -19.84
N LEU J 71 -51.30 16.73 -20.04
CA LEU J 71 -50.19 17.27 -19.29
C LEU J 71 -50.62 17.02 -17.85
N PHE J 72 -51.93 17.14 -17.57
CA PHE J 72 -52.49 16.92 -16.23
C PHE J 72 -52.15 15.52 -15.76
N THR J 73 -52.23 14.58 -16.67
CA THR J 73 -51.88 13.25 -16.29
C THR J 73 -50.41 13.03 -16.01
N CYS J 74 -49.58 13.27 -17.03
CA CYS J 74 -48.13 13.11 -16.95
C CYS J 74 -47.47 13.47 -15.63
N TYR J 75 -47.80 14.65 -15.10
CA TYR J 75 -47.21 15.14 -13.83
C TYR J 75 -47.72 14.45 -12.55
N ASP J 76 -48.38 13.30 -12.75
CA ASP J 76 -48.92 12.49 -11.66
C ASP J 76 -48.40 11.07 -11.75
N LEU J 77 -47.76 10.77 -12.89
CA LEU J 77 -47.16 9.46 -13.18
C LEU J 77 -48.19 8.39 -13.40
N LEU J 78 -48.09 7.34 -12.58
CA LEU J 78 -48.96 6.17 -12.62
C LEU J 78 -50.39 6.49 -13.10
N ARG J 79 -50.61 6.44 -14.42
CA ARG J 79 -51.94 6.67 -15.05
C ARG J 79 -52.02 6.48 -16.57
N PRO J 80 -51.19 5.59 -17.10
CA PRO J 80 -51.23 5.40 -18.53
C PRO J 80 -52.48 4.62 -18.87
N ASP J 81 -52.25 3.44 -19.47
CA ASP J 81 -53.26 2.50 -19.95
C ASP J 81 -54.39 3.24 -20.59
N VAL J 82 -55.32 3.61 -19.74
CA VAL J 82 -56.48 4.35 -20.18
C VAL J 82 -56.11 5.36 -21.27
N VAL J 83 -55.05 6.13 -21.01
CA VAL J 83 -54.61 7.17 -21.94
C VAL J 83 -54.58 6.63 -23.36
N LEU J 84 -54.21 5.37 -23.44
CA LEU J 84 -54.07 4.71 -24.71
C LEU J 84 -55.36 4.47 -25.45
N GLU J 85 -56.34 3.89 -24.75
CA GLU J 85 -57.59 3.56 -25.38
C GLU J 85 -58.17 4.79 -26.06
N LEU J 86 -58.09 5.94 -25.40
CA LEU J 86 -58.65 7.19 -25.91
C LEU J 86 -57.93 7.82 -27.11
N ALA J 87 -56.82 7.19 -27.42
CA ALA J 87 -56.00 7.62 -28.52
C ALA J 87 -56.28 6.72 -29.70
N TRP J 88 -56.86 5.58 -29.42
CA TRP J 88 -57.12 4.63 -30.42
C TRP J 88 -58.55 4.86 -30.66
N ARG J 89 -59.13 6.00 -30.27
CA ARG J 89 -60.56 6.22 -30.50
C ARG J 89 -60.99 6.61 -31.91
N HIS J 90 -61.14 7.91 -32.15
CA HIS J 90 -61.58 8.41 -33.46
C HIS J 90 -60.45 8.69 -34.46
N ASN J 91 -59.49 9.52 -34.06
CA ASN J 91 -58.35 9.85 -34.94
C ASN J 91 -56.96 9.74 -34.29
N ILE J 92 -55.95 10.13 -35.07
CA ILE J 92 -54.56 10.08 -34.66
C ILE J 92 -54.31 10.92 -33.37
N MET J 93 -53.29 10.65 -32.56
CA MET J 93 -53.04 11.47 -31.39
C MET J 93 -51.57 11.47 -31.18
N ASP J 94 -51.11 12.01 -30.06
CA ASP J 94 -49.67 12.09 -29.64
C ASP J 94 -49.42 11.44 -28.26
N PHE J 95 -48.58 10.44 -28.23
CA PHE J 95 -48.36 9.77 -26.99
C PHE J 95 -47.35 10.53 -26.16
N ALA J 96 -46.91 9.92 -25.07
CA ALA J 96 -45.94 10.54 -24.21
C ALA J 96 -44.68 9.73 -24.29
N MET J 97 -44.22 9.22 -23.14
CA MET J 97 -42.98 8.41 -23.03
C MET J 97 -42.72 7.69 -21.67
N PRO J 98 -43.73 7.07 -21.10
CA PRO J 98 -43.51 6.39 -19.82
C PRO J 98 -42.89 4.98 -19.90
N TYR J 99 -41.66 4.86 -20.36
CA TYR J 99 -41.11 3.53 -20.44
C TYR J 99 -39.77 3.41 -19.81
N PHE J 100 -38.85 4.25 -20.29
CA PHE J 100 -37.47 4.28 -19.80
C PHE J 100 -37.39 4.06 -18.30
N ILE J 101 -38.24 4.78 -17.54
CA ILE J 101 -38.26 4.69 -16.08
C ILE J 101 -38.25 3.24 -15.66
N GLN J 102 -38.95 2.42 -16.42
CA GLN J 102 -39.02 1.02 -16.10
C GLN J 102 -37.78 0.24 -16.49
N VAL J 103 -37.15 0.61 -17.60
CA VAL J 103 -35.96 -0.08 -18.05
C VAL J 103 -34.92 -0.22 -16.94
N MET J 104 -35.02 0.65 -15.94
CA MET J 104 -34.09 0.67 -14.81
C MET J 104 -34.25 -0.62 -13.99
N LYS J 105 -35.32 -0.65 -13.19
CA LYS J 105 -35.63 -1.75 -12.31
C LYS J 105 -35.46 -3.09 -13.00
N GLU J 106 -35.69 -3.10 -14.31
CA GLU J 106 -35.57 -4.30 -15.11
C GLU J 106 -34.17 -4.92 -14.99
N TYR J 107 -33.27 -4.45 -15.84
CA TYR J 107 -31.91 -4.94 -15.81
C TYR J 107 -31.27 -4.71 -14.44
N LEU J 108 -31.93 -3.91 -13.59
CA LEU J 108 -31.42 -3.60 -12.24
C LEU J 108 -31.58 -4.77 -11.27
N THR J 109 -32.81 -5.22 -11.05
CA THR J 109 -33.08 -6.34 -10.15
C THR J 109 -32.22 -7.59 -10.42
N LYS J 110 -32.16 -7.98 -11.69
CA LYS J 110 -31.38 -9.13 -12.11
C LYS J 110 -29.99 -9.13 -11.51
N VAL J 111 -29.18 -8.14 -11.90
CA VAL J 111 -27.81 -8.01 -11.41
C VAL J 111 -27.73 -8.17 -9.89
N ASP J 112 -28.75 -7.66 -9.18
CA ASP J 112 -28.79 -7.73 -7.71
C ASP J 112 -28.92 -9.19 -7.27
N LYS J 113 -29.92 -9.88 -7.81
CA LYS J 113 -30.11 -11.28 -7.47
C LYS J 113 -28.89 -12.12 -7.87
N LEU J 114 -28.21 -11.70 -8.95
CA LEU J 114 -27.02 -12.39 -9.47
C LEU J 114 -25.95 -12.47 -8.40
N ASP J 115 -25.45 -11.32 -7.95
CA ASP J 115 -24.40 -11.23 -6.93
C ASP J 115 -24.95 -11.53 -5.51
N ALA J 116 -26.27 -11.80 -5.45
CA ALA J 116 -26.94 -12.09 -4.19
C ALA J 116 -26.79 -13.55 -3.85
N SER J 117 -26.52 -14.37 -4.86
CA SER J 117 -26.33 -15.81 -4.65
C SER J 117 -24.84 -16.19 -4.72
N GLU J 118 -24.07 -15.49 -5.57
CA GLU J 118 -22.63 -15.73 -5.74
C GLU J 118 -21.88 -15.59 -4.40
N SER J 119 -22.46 -14.79 -3.51
CA SER J 119 -21.89 -14.54 -2.17
C SER J 119 -22.36 -15.57 -1.14
N LEU J 120 -23.66 -15.88 -1.16
CA LEU J 120 -24.25 -16.85 -0.22
C LEU J 120 -23.76 -18.27 -0.53
N ARG J 121 -22.85 -18.37 -1.49
CA ARG J 121 -22.28 -19.65 -1.89
C ARG J 121 -20.79 -19.72 -1.55
N LYS J 122 -20.12 -18.57 -1.41
CA LYS J 122 -18.70 -18.55 -1.08
C LYS J 122 -18.44 -18.52 0.44
N GLU J 123 -19.52 -18.47 1.22
CA GLU J 123 -19.45 -18.45 2.68
C GLU J 123 -19.61 -19.86 3.26
N GLU J 124 -20.16 -20.76 2.44
CA GLU J 124 -20.38 -22.15 2.84
C GLU J 124 -19.28 -23.08 2.29
N GLU J 125 -18.66 -22.69 1.17
CA GLU J 125 -17.60 -23.49 0.55
C GLU J 125 -16.27 -23.28 1.27
N ALA K 29 -57.51 -33.80 -45.55
CA ALA K 29 -57.91 -32.43 -46.01
C ALA K 29 -59.38 -32.42 -46.42
N LYS K 30 -59.66 -32.16 -47.69
CA LYS K 30 -61.04 -32.11 -48.21
C LYS K 30 -61.77 -30.91 -47.60
N LYS K 31 -62.77 -30.43 -48.32
CA LYS K 31 -63.63 -29.33 -47.88
C LYS K 31 -62.89 -28.26 -47.05
N ASP K 32 -63.59 -27.59 -46.15
CA ASP K 32 -62.98 -26.55 -45.30
C ASP K 32 -63.51 -26.49 -43.85
N SER K 33 -64.80 -26.79 -43.69
CA SER K 33 -65.39 -26.78 -42.36
C SER K 33 -64.55 -27.62 -41.42
N LEU K 34 -63.89 -28.64 -41.96
CA LEU K 34 -63.02 -29.52 -41.18
C LEU K 34 -61.90 -28.70 -40.56
N TYR K 35 -61.39 -27.73 -41.33
CA TYR K 35 -60.31 -26.87 -40.85
C TYR K 35 -60.81 -26.07 -39.65
N LYS K 36 -61.81 -25.21 -39.89
CA LYS K 36 -62.37 -24.38 -38.83
C LYS K 36 -62.72 -25.14 -37.53
N ASP K 37 -62.87 -26.46 -37.62
CA ASP K 37 -63.18 -27.27 -36.44
C ASP K 37 -61.91 -27.75 -35.70
N ALA K 38 -60.79 -27.89 -36.44
CA ALA K 38 -59.47 -28.35 -35.91
C ALA K 38 -58.92 -27.34 -34.92
N MET K 39 -58.55 -26.18 -35.44
CA MET K 39 -57.99 -25.15 -34.61
C MET K 39 -58.84 -25.01 -33.36
N GLN K 40 -60.10 -25.34 -33.50
CA GLN K 40 -60.97 -25.19 -32.38
C GLN K 40 -60.90 -26.34 -31.41
N TYR K 41 -60.38 -27.48 -31.84
CA TYR K 41 -60.29 -28.59 -30.90
C TYR K 41 -58.88 -28.64 -30.30
N ALA K 42 -58.07 -27.67 -30.67
CA ALA K 42 -56.67 -27.60 -30.20
C ALA K 42 -56.47 -26.49 -29.20
N SER K 43 -57.49 -25.68 -29.13
CA SER K 43 -57.48 -24.56 -28.23
C SER K 43 -57.72 -25.10 -26.86
N GLU K 44 -58.48 -26.19 -26.75
CA GLU K 44 -58.83 -26.74 -25.45
C GLU K 44 -57.59 -27.37 -24.88
N SER K 45 -56.93 -28.16 -25.71
CA SER K 45 -55.73 -28.85 -25.31
C SER K 45 -54.71 -27.76 -24.94
N LYS K 46 -54.23 -27.04 -25.96
CA LYS K 46 -53.28 -25.97 -25.75
C LYS K 46 -51.96 -26.49 -25.17
N ASP K 47 -50.83 -26.17 -25.81
CA ASP K 47 -49.47 -26.58 -25.35
C ASP K 47 -48.53 -25.40 -25.22
N THR K 48 -47.30 -25.60 -25.66
CA THR K 48 -46.31 -24.53 -25.62
C THR K 48 -46.14 -24.02 -27.05
N GLU K 49 -44.94 -24.13 -27.58
CA GLU K 49 -44.71 -23.69 -28.93
C GLU K 49 -45.72 -24.43 -29.79
N LEU K 50 -46.12 -25.62 -29.34
CA LEU K 50 -47.09 -26.40 -30.09
C LEU K 50 -48.34 -25.57 -30.23
N ALA K 51 -48.83 -25.06 -29.10
CA ALA K 51 -50.04 -24.23 -29.04
C ALA K 51 -49.75 -22.83 -29.61
N GLU K 52 -48.49 -22.40 -29.54
CA GLU K 52 -48.12 -21.09 -30.05
C GLU K 52 -48.08 -21.04 -31.58
N GLU K 53 -47.01 -21.63 -32.12
CA GLU K 53 -46.78 -21.68 -33.56
C GLU K 53 -48.08 -21.92 -34.31
N LEU K 54 -48.86 -22.91 -33.88
CA LEU K 54 -50.12 -23.21 -34.54
C LEU K 54 -50.89 -21.96 -34.97
N LEU K 55 -50.76 -20.90 -34.20
CA LEU K 55 -51.47 -19.66 -34.49
C LEU K 55 -51.09 -18.84 -35.74
N GLN K 56 -49.80 -18.57 -35.91
CA GLN K 56 -49.34 -17.78 -37.07
C GLN K 56 -49.96 -18.25 -38.40
N TRP K 57 -50.09 -19.56 -38.59
CA TRP K 57 -50.67 -20.12 -39.81
C TRP K 57 -52.18 -19.98 -39.77
N PHE K 58 -52.69 -19.78 -38.57
CA PHE K 58 -54.12 -19.58 -38.41
C PHE K 58 -54.30 -18.12 -38.71
N LEU K 59 -53.20 -17.42 -38.97
CA LEU K 59 -53.27 -15.98 -39.25
C LEU K 59 -52.76 -15.68 -40.64
N GLN K 60 -52.05 -16.64 -41.20
CA GLN K 60 -51.52 -16.46 -42.52
C GLN K 60 -52.60 -16.09 -43.56
N GLU K 61 -53.85 -16.33 -43.23
CA GLU K 61 -54.88 -16.00 -44.20
C GLU K 61 -56.15 -16.06 -43.42
N GLU K 62 -57.27 -16.02 -44.13
CA GLU K 62 -58.61 -16.06 -43.53
C GLU K 62 -58.86 -14.81 -42.64
N LYS K 63 -60.11 -14.61 -42.23
CA LYS K 63 -60.51 -13.47 -41.39
C LYS K 63 -60.60 -13.83 -39.91
N ARG K 64 -61.81 -14.14 -39.44
CA ARG K 64 -62.01 -14.51 -38.07
C ARG K 64 -61.14 -15.66 -37.61
N GLU K 65 -60.62 -16.45 -38.56
CA GLU K 65 -59.78 -17.60 -38.23
C GLU K 65 -58.53 -17.10 -37.55
N CYS K 66 -58.09 -15.91 -37.95
CA CYS K 66 -56.93 -15.27 -37.37
C CYS K 66 -57.34 -14.79 -35.97
N PHE K 67 -58.59 -14.33 -35.84
CA PHE K 67 -59.13 -13.80 -34.58
C PHE K 67 -59.17 -14.83 -33.47
N GLY K 68 -59.90 -15.92 -33.75
CA GLY K 68 -60.04 -17.03 -32.81
C GLY K 68 -58.69 -17.52 -32.31
N ALA K 69 -57.67 -17.39 -33.16
CA ALA K 69 -56.29 -17.80 -32.83
C ALA K 69 -55.60 -16.72 -32.00
N CYS K 70 -55.91 -15.46 -32.30
CA CYS K 70 -55.33 -14.35 -31.56
C CYS K 70 -55.64 -14.49 -30.07
N LEU K 71 -56.76 -15.15 -29.75
CA LEU K 71 -57.18 -15.39 -28.37
C LEU K 71 -56.24 -16.39 -27.68
N PHE K 72 -55.81 -17.39 -28.44
CA PHE K 72 -54.91 -18.42 -27.94
C PHE K 72 -53.52 -17.90 -27.51
N THR K 73 -52.88 -17.06 -28.35
CA THR K 73 -51.56 -16.50 -28.04
C THR K 73 -51.53 -15.95 -26.61
N CYS K 74 -52.50 -15.11 -26.26
CA CYS K 74 -52.58 -14.50 -24.92
C CYS K 74 -52.88 -15.51 -23.82
N TYR K 75 -53.54 -16.59 -24.21
CA TYR K 75 -53.84 -17.62 -23.25
C TYR K 75 -52.51 -18.19 -22.76
N ASP K 76 -51.49 -18.21 -23.63
CA ASP K 76 -50.17 -18.75 -23.27
C ASP K 76 -49.51 -17.88 -22.17
N LEU K 77 -50.28 -16.90 -21.70
CA LEU K 77 -49.85 -15.97 -20.66
C LEU K 77 -48.79 -14.96 -21.11
N LEU K 78 -47.85 -15.36 -21.97
CA LEU K 78 -46.80 -14.45 -22.43
C LEU K 78 -46.40 -14.69 -23.89
N ARG K 79 -46.94 -13.87 -24.79
CA ARG K 79 -46.61 -13.99 -26.21
C ARG K 79 -46.96 -12.80 -27.09
N PRO K 80 -45.95 -11.91 -27.27
CA PRO K 80 -46.06 -10.71 -28.08
C PRO K 80 -45.79 -10.97 -29.54
N ASP K 81 -44.78 -10.26 -30.05
CA ASP K 81 -44.32 -10.35 -31.44
C ASP K 81 -45.40 -10.52 -32.49
N VAL K 82 -45.88 -11.74 -32.66
CA VAL K 82 -46.97 -12.05 -33.62
C VAL K 82 -48.14 -11.04 -33.56
N VAL K 83 -48.23 -10.40 -32.37
CA VAL K 83 -49.23 -9.40 -32.04
C VAL K 83 -48.87 -8.08 -32.74
N LEU K 84 -47.58 -7.82 -32.93
CA LEU K 84 -47.08 -6.62 -33.60
C LEU K 84 -47.03 -6.72 -35.13
N GLU K 85 -46.40 -7.77 -35.66
CA GLU K 85 -46.34 -8.07 -37.08
C GLU K 85 -47.72 -7.98 -37.89
N LEU K 86 -48.70 -8.81 -37.48
CA LEU K 86 -50.05 -8.89 -38.10
C LEU K 86 -50.91 -7.62 -37.87
N ALA K 87 -50.38 -6.76 -37.01
CA ALA K 87 -51.02 -5.50 -36.67
C ALA K 87 -50.77 -4.52 -37.80
N TRP K 88 -49.67 -4.70 -38.53
CA TRP K 88 -49.32 -3.80 -39.64
C TRP K 88 -49.88 -4.30 -40.97
N ARG K 89 -51.14 -4.72 -40.92
CA ARG K 89 -51.78 -5.23 -42.10
C ARG K 89 -52.55 -4.11 -42.81
N HIS K 90 -53.76 -3.83 -42.34
CA HIS K 90 -54.59 -2.77 -42.93
C HIS K 90 -55.44 -1.99 -41.92
N ASN K 91 -56.52 -2.61 -41.41
CA ASN K 91 -57.43 -1.97 -40.44
C ASN K 91 -56.89 -1.84 -39.03
N ILE K 92 -57.79 -1.67 -38.08
CA ILE K 92 -57.40 -1.53 -36.69
C ILE K 92 -57.22 -2.87 -36.03
N MET K 93 -56.57 -2.83 -34.87
CA MET K 93 -56.32 -4.04 -34.12
C MET K 93 -56.69 -3.91 -32.63
N ASP K 94 -56.21 -4.83 -31.82
CA ASP K 94 -56.49 -4.81 -30.40
C ASP K 94 -55.17 -4.70 -29.60
N PHE K 95 -55.28 -4.96 -28.27
CA PHE K 95 -54.22 -4.87 -27.24
C PHE K 95 -54.73 -4.92 -25.75
N ALA K 96 -53.82 -5.47 -24.97
CA ALA K 96 -53.97 -5.67 -23.56
C ALA K 96 -52.61 -5.55 -22.89
N MET K 97 -52.61 -5.12 -21.63
CA MET K 97 -51.38 -5.01 -20.87
C MET K 97 -51.55 -5.43 -19.44
N PRO K 98 -50.62 -6.25 -18.94
CA PRO K 98 -50.58 -6.77 -17.58
C PRO K 98 -50.12 -5.69 -16.57
N TYR K 99 -49.03 -5.95 -15.82
CA TYR K 99 -48.49 -5.02 -14.81
C TYR K 99 -49.23 -5.09 -13.48
N PHE K 100 -48.98 -4.14 -12.59
CA PHE K 100 -49.66 -4.06 -11.27
C PHE K 100 -49.34 -5.24 -10.36
N ILE K 101 -49.68 -6.45 -10.78
CA ILE K 101 -49.42 -7.63 -9.96
C ILE K 101 -47.97 -7.58 -9.51
N GLN K 102 -47.17 -6.88 -10.30
CA GLN K 102 -45.76 -6.75 -10.01
C GLN K 102 -45.62 -5.71 -8.97
N VAL K 103 -46.33 -4.60 -9.13
CA VAL K 103 -46.26 -3.55 -8.14
C VAL K 103 -46.45 -4.06 -6.69
N MET K 104 -47.32 -5.05 -6.47
CA MET K 104 -47.56 -5.57 -5.11
C MET K 104 -46.53 -6.60 -4.72
N LYS K 105 -45.34 -6.47 -5.28
CA LYS K 105 -44.25 -7.41 -5.01
C LYS K 105 -42.99 -6.78 -4.44
N GLU K 106 -42.49 -5.73 -5.09
CA GLU K 106 -41.29 -5.06 -4.60
C GLU K 106 -41.58 -4.47 -3.20
N TYR K 107 -42.87 -4.26 -2.92
CA TYR K 107 -43.31 -3.72 -1.63
C TYR K 107 -43.13 -4.78 -0.54
N LEU K 108 -43.12 -6.05 -0.95
CA LEU K 108 -42.95 -7.17 -0.01
C LEU K 108 -41.47 -7.39 0.30
N THR K 109 -40.64 -7.51 -0.74
CA THR K 109 -39.21 -7.68 -0.54
C THR K 109 -38.66 -6.53 0.27
N LYS K 110 -39.25 -5.32 0.24
CA LYS K 110 -38.81 -4.13 1.02
C LYS K 110 -39.15 -4.17 2.55
N VAL K 111 -40.11 -5.01 2.89
CA VAL K 111 -40.51 -5.18 4.28
C VAL K 111 -39.61 -6.21 4.96
N ASP K 112 -39.08 -7.11 4.15
CA ASP K 112 -38.18 -8.18 4.57
C ASP K 112 -36.73 -7.67 4.80
N LYS K 113 -36.26 -6.79 3.92
CA LYS K 113 -34.90 -6.24 4.05
C LYS K 113 -34.79 -5.35 5.30
N LEU K 114 -35.94 -4.86 5.77
CA LEU K 114 -35.97 -4.02 6.96
C LEU K 114 -35.98 -4.88 8.21
N ASP K 115 -36.90 -5.83 8.26
CA ASP K 115 -36.97 -6.73 9.40
C ASP K 115 -35.75 -7.67 9.51
N ALA K 116 -34.98 -7.84 8.44
CA ALA K 116 -33.82 -8.71 8.55
C ALA K 116 -32.59 -7.84 8.81
N SER K 117 -32.83 -6.54 9.02
CA SER K 117 -31.74 -5.60 9.32
C SER K 117 -31.96 -4.97 10.70
N GLU K 118 -33.22 -4.78 11.08
CA GLU K 118 -33.52 -4.18 12.38
C GLU K 118 -33.07 -5.09 13.52
N SER K 119 -33.47 -6.35 13.45
CA SER K 119 -33.11 -7.33 14.47
C SER K 119 -31.67 -7.80 14.33
N LEU K 120 -31.17 -7.81 13.10
CA LEU K 120 -29.80 -8.24 12.84
C LEU K 120 -28.82 -7.19 13.38
N ARG K 121 -29.27 -5.93 13.43
CA ARG K 121 -28.45 -4.83 13.95
C ARG K 121 -28.66 -4.64 15.45
N LYS K 122 -29.89 -4.86 15.90
CA LYS K 122 -30.23 -4.72 17.32
C LYS K 122 -29.64 -5.87 18.14
N GLU K 123 -28.79 -6.68 17.50
CA GLU K 123 -28.13 -7.81 18.17
C GLU K 123 -26.63 -7.58 18.36
N GLU K 124 -26.02 -6.79 17.48
CA GLU K 124 -24.59 -6.51 17.57
C GLU K 124 -24.22 -5.63 18.76
N GLU K 125 -25.22 -4.97 19.33
CA GLU K 125 -25.01 -4.11 20.48
C GLU K 125 -24.84 -4.95 21.75
N MET L 1 23.02 -20.19 -66.23
CA MET L 1 22.26 -19.04 -66.84
C MET L 1 21.11 -18.30 -66.02
N GLY L 2 20.21 -19.04 -65.36
CA GLY L 2 19.14 -18.44 -64.59
C GLY L 2 18.99 -18.89 -63.13
N SER L 3 18.59 -17.96 -62.25
CA SER L 3 18.43 -18.26 -60.82
C SER L 3 17.20 -17.57 -60.28
N SER L 4 16.27 -18.34 -59.75
CA SER L 4 15.05 -17.76 -59.23
C SER L 4 15.00 -17.88 -57.74
N HIS L 5 14.66 -16.77 -57.07
CA HIS L 5 14.56 -16.70 -55.61
C HIS L 5 13.26 -16.03 -55.08
N HIS L 6 12.37 -16.91 -54.66
CA HIS L 6 11.09 -16.50 -54.14
C HIS L 6 11.11 -16.57 -52.66
N HIS L 7 10.93 -15.42 -52.06
CA HIS L 7 10.87 -15.38 -50.61
C HIS L 7 9.53 -14.81 -50.20
N HIS L 8 8.71 -15.63 -49.55
CA HIS L 8 7.37 -15.22 -49.10
C HIS L 8 7.24 -15.24 -47.55
N HIS L 9 6.98 -14.07 -46.96
CA HIS L 9 6.84 -13.97 -45.50
C HIS L 9 5.46 -13.39 -45.13
N HIS L 10 4.71 -14.15 -44.34
CA HIS L 10 3.36 -13.78 -43.88
C HIS L 10 3.23 -13.71 -42.36
N SER L 11 3.13 -12.48 -41.86
CA SER L 11 2.98 -12.27 -40.43
C SER L 11 1.57 -11.73 -40.17
N SER L 12 0.74 -12.53 -39.51
CA SER L 12 -0.62 -12.11 -39.18
C SER L 12 -0.77 -11.58 -37.75
N GLY L 13 -1.04 -10.27 -37.63
CA GLY L 13 -1.21 -9.67 -36.32
C GLY L 13 -2.66 -9.71 -35.91
N LEU L 14 -2.98 -10.62 -34.98
CA LEU L 14 -4.36 -10.78 -34.52
C LEU L 14 -4.92 -9.44 -34.07
N VAL L 15 -5.48 -8.68 -35.02
CA VAL L 15 -6.07 -7.38 -34.75
C VAL L 15 -7.22 -7.04 -35.71
N PRO L 16 -6.96 -7.04 -37.03
CA PRO L 16 -8.00 -6.72 -38.02
C PRO L 16 -9.25 -7.61 -37.92
N ARG L 17 -10.38 -6.97 -37.64
CA ARG L 17 -11.63 -7.70 -37.51
C ARG L 17 -12.73 -6.96 -38.29
N GLY L 18 -13.28 -7.64 -39.31
CA GLY L 18 -14.33 -7.06 -40.13
C GLY L 18 -15.64 -7.82 -40.06
N SER L 19 -16.72 -7.13 -39.68
CA SER L 19 -18.03 -7.74 -39.59
C SER L 19 -18.90 -7.31 -40.76
N HIS L 20 -19.35 -8.29 -41.54
CA HIS L 20 -20.18 -8.01 -42.70
C HIS L 20 -21.51 -8.73 -42.58
N MET L 21 -22.59 -7.95 -42.54
CA MET L 21 -23.94 -8.49 -42.42
C MET L 21 -24.61 -8.57 -43.80
N TRP L 22 -25.92 -8.47 -43.83
CA TRP L 22 -26.67 -8.54 -45.09
C TRP L 22 -28.13 -8.08 -44.89
N LYS L 23 -28.73 -7.55 -45.95
CA LYS L 23 -30.14 -7.09 -45.99
C LYS L 23 -30.39 -6.18 -47.20
N GLN L 24 -30.40 -6.78 -48.38
CA GLN L 24 -30.61 -6.02 -49.60
C GLN L 24 -31.55 -6.75 -50.59
N SER L 25 -32.83 -6.37 -50.56
CA SER L 25 -33.88 -6.94 -51.43
C SER L 25 -35.26 -6.60 -50.83
N VAL L 26 -35.71 -7.44 -49.90
CA VAL L 26 -36.99 -7.26 -49.22
C VAL L 26 -38.11 -6.95 -50.22
N GLU L 27 -39.24 -6.56 -49.67
CA GLU L 27 -40.41 -6.23 -50.46
C GLU L 27 -40.86 -4.83 -50.10
N LEU L 28 -40.33 -3.85 -50.83
CA LEU L 28 -40.73 -2.47 -50.61
C LEU L 28 -40.67 -1.74 -51.95
N ALA L 29 -39.73 -2.16 -52.80
CA ALA L 29 -39.53 -1.57 -54.12
C ALA L 29 -39.31 -0.06 -54.06
N LYS L 30 -38.43 0.37 -53.15
CA LYS L 30 -38.09 1.79 -52.96
C LYS L 30 -36.73 1.93 -52.25
N LYS L 31 -35.67 2.15 -53.04
CA LYS L 31 -34.30 2.30 -52.52
C LYS L 31 -33.67 3.67 -52.82
N ASP L 32 -33.12 4.31 -51.80
CA ASP L 32 -32.46 5.61 -51.92
C ASP L 32 -30.98 5.39 -51.64
N SER L 33 -30.13 5.78 -52.59
CA SER L 33 -28.67 5.60 -52.47
C SER L 33 -27.96 6.66 -51.61
N LEU L 34 -26.63 6.68 -51.72
CA LEU L 34 -25.74 7.58 -50.99
C LEU L 34 -25.51 7.10 -49.56
N TYR L 35 -24.50 7.67 -48.91
CA TYR L 35 -24.14 7.31 -47.55
C TYR L 35 -23.90 5.81 -47.41
N LYS L 36 -24.18 5.27 -46.22
CA LYS L 36 -24.00 3.85 -45.95
C LYS L 36 -22.48 3.51 -46.02
N ASP L 37 -22.10 2.25 -45.76
CA ASP L 37 -20.71 1.78 -45.82
C ASP L 37 -19.92 1.97 -44.48
N ALA L 38 -19.40 3.16 -44.28
CA ALA L 38 -18.66 3.47 -43.09
C ALA L 38 -19.53 3.64 -41.82
N MET L 39 -20.87 3.57 -41.94
CA MET L 39 -21.80 3.82 -40.79
C MET L 39 -22.16 2.59 -40.00
N GLN L 40 -22.10 1.49 -40.74
CA GLN L 40 -22.37 0.15 -40.28
C GLN L 40 -21.15 -0.34 -39.51
N TYR L 41 -19.95 0.07 -39.94
CA TYR L 41 -18.70 -0.36 -39.27
C TYR L 41 -18.54 0.48 -37.96
N ALA L 42 -18.95 1.75 -37.99
CA ALA L 42 -18.90 2.67 -36.85
C ALA L 42 -19.85 2.20 -35.78
N SER L 43 -20.91 1.53 -36.20
CA SER L 43 -21.92 1.05 -35.25
C SER L 43 -21.31 0.25 -34.10
N GLU L 44 -20.15 -0.40 -34.32
CA GLU L 44 -19.43 -1.23 -33.32
C GLU L 44 -18.76 -0.43 -32.19
N SER L 45 -19.07 0.86 -32.17
CA SER L 45 -18.53 1.75 -31.17
C SER L 45 -19.53 2.07 -30.07
N LYS L 46 -20.63 2.76 -30.44
CA LYS L 46 -21.70 3.20 -29.53
C LYS L 46 -21.27 3.56 -28.13
N ASP L 47 -22.23 3.52 -27.22
CA ASP L 47 -22.05 3.85 -25.81
C ASP L 47 -22.08 5.35 -25.58
N THR L 48 -22.54 5.75 -24.39
CA THR L 48 -22.61 7.17 -24.02
C THR L 48 -23.56 7.94 -24.94
N GLU L 49 -23.77 9.21 -24.62
CA GLU L 49 -24.66 10.05 -25.39
C GLU L 49 -24.25 10.12 -26.84
N LEU L 50 -22.97 10.43 -27.06
CA LEU L 50 -22.45 10.53 -28.41
C LEU L 50 -22.94 9.35 -29.29
N ALA L 51 -23.18 8.18 -28.69
CA ALA L 51 -23.65 7.02 -29.46
C ALA L 51 -25.05 7.28 -30.00
N GLU L 52 -25.90 7.80 -29.13
CA GLU L 52 -27.26 8.13 -29.49
C GLU L 52 -27.29 9.33 -30.46
N GLU L 53 -26.40 10.28 -30.24
CA GLU L 53 -26.37 11.43 -31.11
C GLU L 53 -26.21 10.89 -32.52
N LEU L 54 -25.75 9.64 -32.63
CA LEU L 54 -25.52 9.01 -33.94
C LEU L 54 -26.80 8.53 -34.61
N LEU L 55 -27.82 8.31 -33.79
CA LEU L 55 -29.08 7.90 -34.32
C LEU L 55 -29.94 9.14 -34.66
N GLN L 56 -29.53 10.33 -34.19
CA GLN L 56 -30.25 11.59 -34.48
C GLN L 56 -30.35 11.86 -36.02
N TRP L 57 -29.26 12.36 -36.61
CA TRP L 57 -29.21 12.70 -38.04
C TRP L 57 -29.18 11.51 -38.98
N PHE L 58 -29.12 10.31 -38.40
CA PHE L 58 -29.09 9.06 -39.17
C PHE L 58 -30.47 8.51 -39.33
N LEU L 59 -31.40 8.92 -38.46
CA LEU L 59 -32.82 8.49 -38.46
C LEU L 59 -33.73 9.67 -38.91
N GLN L 60 -33.10 10.71 -39.47
CA GLN L 60 -33.81 11.86 -39.97
C GLN L 60 -34.25 11.66 -41.43
N GLU L 61 -33.54 12.28 -42.36
CA GLU L 61 -33.86 12.21 -43.80
C GLU L 61 -33.26 10.99 -44.48
N GLU L 62 -33.42 9.84 -43.82
CA GLU L 62 -32.88 8.58 -44.29
C GLU L 62 -33.91 7.47 -44.16
N LYS L 63 -33.79 6.44 -45.02
CA LYS L 63 -34.70 5.29 -44.96
C LYS L 63 -33.96 4.01 -44.73
N ARG L 64 -33.29 3.48 -45.77
CA ARG L 64 -32.53 2.24 -45.61
C ARG L 64 -31.25 2.40 -44.74
N GLU L 65 -31.12 3.56 -44.06
CA GLU L 65 -29.98 4.00 -43.18
C GLU L 65 -30.21 4.09 -41.62
N CYS L 66 -31.50 4.02 -41.26
CA CYS L 66 -32.15 4.04 -39.89
C CYS L 66 -32.19 2.60 -39.39
N PHE L 67 -32.53 1.66 -40.32
CA PHE L 67 -32.66 0.16 -40.14
C PHE L 67 -31.28 -0.36 -39.79
N GLY L 68 -30.27 0.11 -40.52
CA GLY L 68 -28.89 -0.26 -40.24
C GLY L 68 -28.54 0.36 -38.89
N ALA L 69 -29.28 1.40 -38.51
CA ALA L 69 -29.13 2.11 -37.22
C ALA L 69 -30.08 1.47 -36.20
N CYS L 70 -31.04 0.68 -36.69
CA CYS L 70 -32.02 -0.03 -35.85
C CYS L 70 -31.43 -1.41 -35.41
N LEU L 71 -30.74 -2.07 -36.34
CA LEU L 71 -30.06 -3.36 -36.10
C LEU L 71 -28.70 -3.00 -35.44
N PHE L 72 -28.79 -2.00 -34.54
CA PHE L 72 -27.68 -1.39 -33.74
C PHE L 72 -27.85 -1.44 -32.20
N THR L 73 -28.91 -0.82 -31.69
CA THR L 73 -29.18 -0.86 -30.28
C THR L 73 -29.87 -2.19 -29.92
N CYS L 74 -30.43 -2.92 -30.89
CA CYS L 74 -31.08 -4.23 -30.60
C CYS L 74 -29.97 -5.23 -30.31
N TYR L 75 -28.88 -5.06 -31.06
CA TYR L 75 -27.69 -5.88 -30.91
C TYR L 75 -27.08 -5.46 -29.58
N ASP L 76 -27.47 -4.27 -29.09
CA ASP L 76 -27.04 -3.67 -27.82
C ASP L 76 -27.82 -4.37 -26.67
N LEU L 77 -28.39 -3.59 -25.75
CA LEU L 77 -29.16 -4.14 -24.64
C LEU L 77 -30.43 -3.33 -24.43
N LEU L 78 -30.32 -2.24 -23.67
CA LEU L 78 -31.44 -1.38 -23.34
C LEU L 78 -31.19 0.09 -23.76
N ARG L 79 -32.06 0.63 -24.60
CA ARG L 79 -31.90 2.00 -25.04
C ARG L 79 -33.05 2.41 -25.98
N PRO L 80 -34.25 2.70 -25.45
CA PRO L 80 -35.44 3.11 -26.24
C PRO L 80 -35.64 4.63 -26.29
N ASP L 81 -36.85 5.06 -25.93
CA ASP L 81 -37.22 6.49 -25.83
C ASP L 81 -37.23 7.21 -27.15
N VAL L 82 -36.09 7.72 -27.52
CA VAL L 82 -36.03 8.42 -28.77
C VAL L 82 -36.49 7.42 -29.85
N VAL L 83 -36.22 6.13 -29.61
CA VAL L 83 -36.50 5.05 -30.56
C VAL L 83 -37.87 5.17 -31.08
N LEU L 84 -38.58 6.04 -30.41
CA LEU L 84 -39.93 6.20 -30.77
C LEU L 84 -40.23 7.58 -31.28
N GLU L 85 -39.60 8.63 -30.74
CA GLU L 85 -39.98 10.01 -31.15
C GLU L 85 -39.84 10.31 -32.61
N LEU L 86 -38.95 9.50 -33.20
CA LEU L 86 -38.56 9.50 -34.61
C LEU L 86 -39.61 8.86 -35.51
N ALA L 87 -40.19 7.73 -35.09
CA ALA L 87 -41.26 7.14 -35.88
C ALA L 87 -42.49 8.04 -35.74
N TRP L 88 -42.35 9.17 -35.04
CA TRP L 88 -43.47 10.10 -34.89
C TRP L 88 -42.96 11.38 -35.51
N ARG L 89 -41.77 11.35 -36.07
CA ARG L 89 -41.22 12.54 -36.72
C ARG L 89 -42.21 13.04 -37.75
N HIS L 90 -42.79 12.12 -38.52
CA HIS L 90 -43.76 12.48 -39.55
C HIS L 90 -44.30 11.25 -40.28
N ASN L 91 -43.57 10.14 -40.15
CA ASN L 91 -43.94 8.91 -40.81
C ASN L 91 -44.15 7.75 -39.84
N ILE L 92 -44.08 6.53 -40.38
CA ILE L 92 -44.28 5.29 -39.63
C ILE L 92 -42.95 4.62 -39.29
N MET L 93 -43.06 3.46 -38.67
CA MET L 93 -41.89 2.71 -38.30
C MET L 93 -42.21 1.20 -38.33
N ASP L 94 -41.17 0.38 -38.37
CA ASP L 94 -41.36 -1.07 -38.42
C ASP L 94 -40.46 -1.82 -37.45
N PHE L 95 -40.95 -2.95 -36.91
CA PHE L 95 -40.26 -3.81 -35.94
C PHE L 95 -39.94 -3.09 -34.66
N ALA L 96 -39.66 -3.84 -33.61
CA ALA L 96 -39.28 -3.18 -32.39
C ALA L 96 -39.21 -4.21 -31.33
N MET L 97 -39.93 -3.92 -30.27
CA MET L 97 -40.08 -4.80 -29.11
C MET L 97 -38.88 -5.53 -28.58
N PRO L 98 -37.73 -4.88 -28.38
CA PRO L 98 -36.58 -5.63 -27.86
C PRO L 98 -36.66 -5.93 -26.34
N TYR L 99 -37.83 -5.75 -25.73
CA TYR L 99 -37.98 -5.98 -24.27
C TYR L 99 -39.04 -7.04 -23.91
N PHE L 100 -39.69 -7.53 -24.95
CA PHE L 100 -40.75 -8.50 -24.78
C PHE L 100 -40.20 -9.83 -24.45
N ILE L 101 -38.88 -9.91 -24.47
CA ILE L 101 -38.21 -11.14 -24.17
C ILE L 101 -38.07 -11.26 -22.67
N GLN L 102 -37.68 -10.16 -22.02
CA GLN L 102 -37.50 -10.19 -20.57
C GLN L 102 -38.83 -10.33 -19.84
N VAL L 103 -39.91 -10.03 -20.56
CA VAL L 103 -41.24 -10.11 -20.00
C VAL L 103 -41.63 -11.43 -19.42
N MET L 104 -40.70 -12.40 -19.43
CA MET L 104 -40.93 -13.76 -18.91
C MET L 104 -40.49 -14.02 -17.44
N LYS L 105 -39.21 -14.33 -17.21
CA LYS L 105 -38.66 -14.63 -15.88
C LYS L 105 -39.19 -13.84 -14.70
N GLU L 106 -39.82 -12.71 -14.99
CA GLU L 106 -40.34 -11.81 -13.95
C GLU L 106 -41.61 -12.38 -13.28
N TYR L 107 -42.61 -12.59 -14.11
CA TYR L 107 -43.88 -13.10 -13.64
C TYR L 107 -43.70 -14.54 -13.16
N LEU L 108 -42.63 -15.18 -13.62
CA LEU L 108 -42.33 -16.55 -13.24
C LEU L 108 -41.74 -16.55 -11.83
N THR L 109 -40.74 -15.70 -11.59
CA THR L 109 -40.13 -15.54 -10.28
C THR L 109 -41.19 -14.76 -9.47
N LYS L 110 -42.35 -14.53 -10.07
CA LYS L 110 -43.41 -13.80 -9.39
C LYS L 110 -44.36 -14.76 -8.74
N VAL L 111 -44.92 -15.64 -9.58
CA VAL L 111 -45.85 -16.69 -9.18
C VAL L 111 -45.06 -17.74 -8.39
N ASP L 112 -43.73 -17.67 -8.49
CA ASP L 112 -42.85 -18.60 -7.76
C ASP L 112 -42.50 -18.04 -6.38
N LYS L 113 -42.28 -16.72 -6.28
CA LYS L 113 -41.96 -16.06 -5.00
C LYS L 113 -43.11 -16.20 -4.01
N LEU L 114 -44.33 -16.11 -4.54
CA LEU L 114 -45.55 -16.24 -3.74
C LEU L 114 -45.58 -17.59 -3.02
N ASP L 115 -45.54 -18.67 -3.79
CA ASP L 115 -45.57 -20.02 -3.24
C ASP L 115 -44.35 -20.30 -2.31
N ALA L 116 -43.22 -19.66 -2.59
CA ALA L 116 -42.00 -19.84 -1.81
C ALA L 116 -42.20 -19.42 -0.35
N SER L 117 -43.30 -18.71 -0.11
CA SER L 117 -43.64 -18.23 1.21
C SER L 117 -44.97 -18.82 1.69
N GLU L 118 -45.97 -18.85 0.80
CA GLU L 118 -47.29 -19.38 1.14
C GLU L 118 -47.24 -20.76 1.78
N SER L 119 -46.10 -21.44 1.67
CA SER L 119 -45.93 -22.78 2.24
C SER L 119 -45.27 -22.71 3.60
N LEU L 120 -44.15 -21.98 3.68
CA LEU L 120 -43.44 -21.80 4.93
C LEU L 120 -44.33 -21.10 5.97
N ARG L 121 -45.50 -20.61 5.55
CA ARG L 121 -46.44 -19.96 6.47
C ARG L 121 -47.52 -20.97 6.87
N LYS L 122 -48.01 -21.75 5.91
CA LYS L 122 -49.03 -22.78 6.16
C LYS L 122 -48.30 -23.82 7.01
N GLU L 123 -46.97 -23.76 6.94
CA GLU L 123 -46.06 -24.63 7.68
C GLU L 123 -45.89 -24.11 9.12
N GLU L 124 -45.92 -22.79 9.27
CA GLU L 124 -45.78 -22.14 10.57
C GLU L 124 -46.99 -22.40 11.46
N GLU L 125 -47.39 -21.41 12.24
CA GLU L 125 -48.53 -21.53 13.14
C GLU L 125 -48.50 -22.88 13.85
N MET M 1 23.92 58.05 9.71
CA MET M 1 24.10 59.02 10.83
C MET M 1 25.24 59.93 10.49
N GLY M 2 26.16 59.42 9.69
CA GLY M 2 27.31 60.21 9.31
C GLY M 2 27.31 60.60 7.86
N SER M 3 27.39 61.92 7.62
CA SER M 3 27.44 62.49 6.29
C SER M 3 28.70 63.36 6.11
N SER M 4 29.51 63.00 5.12
CA SER M 4 30.76 63.71 4.82
C SER M 4 30.84 64.26 3.37
N HIS M 5 30.81 65.59 3.24
CA HIS M 5 30.88 66.33 1.93
C HIS M 5 32.19 67.18 1.74
N HIS M 6 32.94 66.89 0.69
CA HIS M 6 34.20 67.57 0.49
C HIS M 6 34.28 68.17 -0.85
N HIS M 7 34.41 69.48 -0.85
CA HIS M 7 34.52 70.14 -2.11
C HIS M 7 35.97 70.51 -2.31
N HIS M 8 36.36 70.64 -3.57
CA HIS M 8 37.74 70.98 -3.92
C HIS M 8 38.04 72.50 -4.01
N HIS M 9 39.32 72.82 -3.85
CA HIS M 9 39.82 74.18 -3.91
C HIS M 9 41.26 74.17 -3.41
N HIS M 10 41.70 75.19 -2.68
CA HIS M 10 43.08 75.20 -2.13
C HIS M 10 43.00 75.03 -0.61
N SER M 11 44.11 75.24 0.08
CA SER M 11 44.16 75.07 1.53
C SER M 11 44.48 73.61 1.87
N SER M 12 44.39 73.21 3.16
CA SER M 12 44.76 71.83 3.62
C SER M 12 44.11 71.35 4.93
N GLY M 13 43.32 70.31 4.81
CA GLY M 13 42.66 69.80 5.97
C GLY M 13 42.95 68.35 5.99
N LEU M 14 43.68 67.98 7.02
CA LEU M 14 44.05 66.60 7.21
C LEU M 14 43.46 65.96 8.47
N VAL M 15 42.59 64.98 8.24
CA VAL M 15 41.94 64.25 9.33
C VAL M 15 42.20 62.82 9.09
N PRO M 16 42.89 62.19 10.01
CA PRO M 16 43.30 60.78 10.02
C PRO M 16 42.24 59.65 9.87
N ARG M 17 42.58 58.64 9.03
CA ARG M 17 41.76 57.44 8.73
C ARG M 17 40.98 57.34 7.36
N GLY M 18 41.66 57.11 6.21
CA GLY M 18 40.92 57.01 4.93
C GLY M 18 41.35 57.66 3.60
N SER M 19 40.59 58.66 3.18
CA SER M 19 40.80 59.39 1.91
C SER M 19 41.91 60.50 1.78
N HIS M 20 42.40 60.73 0.55
CA HIS M 20 43.42 61.77 0.23
C HIS M 20 43.34 62.23 -1.26
N MET M 21 42.83 63.46 -1.49
CA MET M 21 42.67 64.02 -2.84
C MET M 21 43.91 64.69 -3.24
N TRP M 22 44.08 64.79 -4.54
CA TRP M 22 45.31 65.36 -5.01
C TRP M 22 45.34 66.87 -5.06
N LYS M 23 46.16 67.35 -5.99
CA LYS M 23 46.40 68.75 -6.25
C LYS M 23 47.57 69.31 -5.40
N GLN M 24 48.48 70.04 -6.05
CA GLN M 24 49.70 70.62 -5.43
C GLN M 24 49.49 71.36 -4.11
N SER M 25 50.39 71.09 -3.16
CA SER M 25 50.38 71.68 -1.82
C SER M 25 51.36 70.88 -0.96
N VAL M 26 52.35 71.57 -0.38
CA VAL M 26 53.39 70.92 0.41
C VAL M 26 52.92 70.38 1.73
N GLU M 27 52.99 69.06 1.85
CA GLU M 27 52.52 68.36 3.05
C GLU M 27 53.37 67.16 3.38
N LEU M 28 53.48 66.94 4.68
CA LEU M 28 54.31 65.88 5.17
C LEU M 28 53.81 65.34 6.50
N ALA M 29 53.85 64.03 6.70
CA ALA M 29 53.37 63.50 7.96
C ALA M 29 54.26 62.39 8.52
N LYS M 30 53.86 61.17 8.12
CA LYS M 30 54.41 59.83 8.52
C LYS M 30 53.68 58.46 8.01
N LYS M 31 54.41 57.60 7.32
CA LYS M 31 53.84 56.33 6.77
C LYS M 31 53.14 56.60 5.45
N ASP M 32 53.50 55.83 4.42
CA ASP M 32 52.91 56.02 3.10
C ASP M 32 52.13 54.81 2.59
N SER M 33 52.17 54.65 1.26
CA SER M 33 51.51 53.57 0.56
C SER M 33 50.01 53.51 0.83
N LEU M 34 49.45 52.33 0.64
CA LEU M 34 48.03 52.11 0.87
C LEU M 34 47.17 52.77 -0.22
N TYR M 35 47.23 52.20 -1.43
CA TYR M 35 46.47 52.69 -2.59
C TYR M 35 45.23 51.81 -2.87
N LYS M 36 45.35 50.48 -2.64
CA LYS M 36 44.29 49.46 -2.83
C LYS M 36 43.31 49.54 -1.67
N ASP M 37 43.84 49.57 -0.45
CA ASP M 37 43.03 49.67 0.76
C ASP M 37 42.27 51.01 0.74
N ALA M 38 42.90 52.06 0.22
CA ALA M 38 42.27 53.40 0.13
C ALA M 38 41.37 53.51 -1.11
N MET M 39 41.54 52.57 -2.03
CA MET M 39 40.76 52.53 -3.25
C MET M 39 39.47 51.76 -3.04
N GLN M 40 39.42 50.94 -1.97
CA GLN M 40 38.25 50.12 -1.64
C GLN M 40 37.13 50.95 -1.00
N TYR M 41 37.50 51.80 -0.04
CA TYR M 41 36.52 52.64 0.65
C TYR M 41 35.94 53.77 -0.24
N ALA M 42 36.25 53.78 -1.53
CA ALA M 42 35.74 54.84 -2.43
C ALA M 42 34.62 54.33 -3.34
N SER M 43 34.50 53.02 -3.40
CA SER M 43 33.54 52.37 -4.26
C SER M 43 32.25 52.12 -3.59
N GLU M 44 32.31 51.26 -2.59
CA GLU M 44 31.13 50.89 -1.81
C GLU M 44 30.83 52.04 -0.85
N SER M 45 31.04 53.25 -1.39
CA SER M 45 30.83 54.54 -0.71
C SER M 45 29.52 55.14 -1.18
N LYS M 46 29.69 56.01 -2.13
CA LYS M 46 28.61 56.71 -2.75
C LYS M 46 29.34 57.44 -3.83
N ASP M 47 29.24 58.77 -3.80
CA ASP M 47 29.86 59.65 -4.80
C ASP M 47 29.19 59.41 -6.15
N THR M 48 28.25 60.28 -6.55
CA THR M 48 27.57 60.14 -7.84
C THR M 48 28.43 60.88 -8.87
N GLU M 49 28.35 62.20 -8.89
CA GLU M 49 29.14 63.01 -9.82
C GLU M 49 30.61 62.96 -9.42
N LEU M 50 30.90 63.42 -8.21
CA LEU M 50 32.25 63.47 -7.65
C LEU M 50 33.08 62.23 -7.98
N ALA M 51 32.52 61.05 -7.74
CA ALA M 51 33.23 59.81 -8.04
C ALA M 51 33.97 59.84 -9.41
N GLU M 52 33.17 59.72 -10.49
CA GLU M 52 33.62 59.66 -11.89
C GLU M 52 34.89 60.42 -12.14
N GLU M 53 34.85 61.72 -11.91
CA GLU M 53 36.03 62.56 -12.12
C GLU M 53 37.32 61.90 -11.64
N LEU M 54 37.22 61.00 -10.66
CA LEU M 54 38.39 60.33 -10.12
C LEU M 54 38.98 59.29 -11.07
N LEU M 55 38.15 58.33 -11.44
CA LEU M 55 38.53 57.24 -12.34
C LEU M 55 39.18 57.74 -13.65
N GLN M 56 38.57 58.72 -14.26
CA GLN M 56 39.12 59.23 -15.50
C GLN M 56 40.65 59.37 -15.42
N TRP M 57 41.13 60.03 -14.37
CA TRP M 57 42.55 60.27 -14.19
C TRP M 57 43.31 58.98 -13.88
N PHE M 58 42.57 58.02 -13.38
CA PHE M 58 43.17 56.72 -13.10
C PHE M 58 43.22 55.85 -14.34
N LEU M 59 42.27 56.04 -15.24
CA LEU M 59 42.18 55.27 -16.49
C LEU M 59 42.86 56.04 -17.58
N GLN M 60 43.41 57.20 -17.22
CA GLN M 60 44.13 58.11 -18.13
C GLN M 60 45.64 57.90 -18.11
N GLU M 61 46.12 57.65 -16.90
CA GLU M 61 47.53 57.40 -16.75
C GLU M 61 47.69 56.06 -16.00
N GLU M 62 48.91 55.53 -15.94
CA GLU M 62 49.18 54.27 -15.25
C GLU M 62 48.65 53.04 -16.03
N LYS M 63 48.92 51.82 -15.52
CA LYS M 63 48.50 50.54 -16.14
C LYS M 63 47.81 49.58 -15.17
N ARG M 64 48.20 49.70 -13.91
CA ARG M 64 47.63 48.89 -12.87
C ARG M 64 46.54 49.70 -12.24
N GLU M 65 46.74 51.03 -12.18
CA GLU M 65 45.76 51.98 -11.61
C GLU M 65 44.53 52.17 -12.52
N CYS M 66 44.62 51.68 -13.76
CA CYS M 66 43.49 51.73 -14.68
C CYS M 66 42.71 50.43 -14.42
N PHE M 67 43.43 49.31 -14.34
CA PHE M 67 42.84 48.00 -14.07
C PHE M 67 42.07 48.01 -12.76
N GLY M 68 42.73 48.37 -11.67
CA GLY M 68 42.04 48.46 -10.38
C GLY M 68 40.79 49.36 -10.36
N ALA M 69 40.83 50.52 -11.04
CA ALA M 69 39.72 51.47 -11.13
C ALA M 69 38.57 50.84 -11.92
N CYS M 70 38.94 49.91 -12.80
CA CYS M 70 37.98 49.18 -13.62
C CYS M 70 37.23 48.24 -12.69
N LEU M 71 37.95 47.34 -12.03
CA LEU M 71 37.33 46.45 -11.08
C LEU M 71 36.59 47.37 -10.09
N PHE M 72 37.18 48.54 -9.80
CA PHE M 72 36.61 49.56 -8.86
C PHE M 72 35.25 49.94 -9.41
N THR M 73 35.19 50.10 -10.71
CA THR M 73 33.94 50.44 -11.34
C THR M 73 32.90 49.33 -11.23
N CYS M 74 33.16 48.16 -11.84
CA CYS M 74 32.25 46.99 -11.85
C CYS M 74 31.41 46.67 -10.58
N TYR M 75 32.06 46.67 -9.40
CA TYR M 75 31.38 46.38 -8.13
C TYR M 75 30.47 47.52 -7.59
N ASP M 76 30.11 48.47 -8.46
CA ASP M 76 29.24 49.62 -8.12
C ASP M 76 28.07 49.68 -9.13
N LEU M 77 28.18 48.89 -10.19
CA LEU M 77 27.19 48.83 -11.24
C LEU M 77 27.12 50.10 -12.09
N LEU M 78 25.92 50.69 -12.16
CA LEU M 78 25.66 51.91 -12.92
C LEU M 78 26.86 52.87 -13.10
N ARG M 79 27.67 52.66 -14.16
CA ARG M 79 28.84 53.50 -14.52
C ARG M 79 29.62 53.15 -15.81
N PRO M 80 28.92 52.63 -16.83
CA PRO M 80 29.58 52.27 -18.08
C PRO M 80 29.87 53.51 -18.90
N ASP M 81 29.29 53.55 -20.09
CA ASP M 81 29.47 54.63 -21.04
C ASP M 81 30.89 55.08 -21.03
N VAL M 82 31.14 56.05 -20.18
CA VAL M 82 32.48 56.59 -20.03
C VAL M 82 33.56 55.52 -20.22
N VAL M 83 33.36 54.37 -19.56
CA VAL M 83 34.31 53.27 -19.59
C VAL M 83 34.69 52.96 -21.00
N LEU M 84 33.74 53.10 -21.87
CA LEU M 84 34.01 52.81 -23.24
C LEU M 84 34.87 53.82 -23.98
N GLU M 85 34.63 55.11 -23.73
CA GLU M 85 35.34 56.15 -24.45
C GLU M 85 36.76 55.94 -24.35
N LEU M 86 37.23 55.86 -23.10
CA LEU M 86 38.68 55.67 -22.61
C LEU M 86 39.47 54.45 -23.19
N ALA M 87 38.64 53.56 -23.75
CA ALA M 87 39.04 52.30 -24.38
C ALA M 87 39.17 52.53 -25.90
N TRP M 88 38.46 53.51 -26.38
CA TRP M 88 38.52 53.76 -27.74
C TRP M 88 39.48 54.87 -27.72
N ARG M 89 40.43 54.96 -26.77
CA ARG M 89 41.46 56.07 -26.72
C ARG M 89 42.74 55.84 -27.56
N HIS M 90 43.80 55.37 -26.90
CA HIS M 90 45.05 55.13 -27.61
C HIS M 90 45.19 53.73 -28.17
N ASN M 91 45.01 52.71 -27.34
CA ASN M 91 45.15 51.35 -27.85
C ASN M 91 43.99 50.41 -27.46
N ILE M 92 44.20 49.12 -27.73
CA ILE M 92 43.23 48.06 -27.43
C ILE M 92 43.01 47.91 -25.91
N MET M 93 41.93 47.29 -25.48
CA MET M 93 41.79 47.21 -24.07
C MET M 93 40.93 46.06 -24.02
N ASP M 94 40.40 45.82 -22.81
CA ASP M 94 39.45 44.75 -22.33
C ASP M 94 38.15 45.25 -21.65
N PHE M 95 37.04 45.01 -22.32
CA PHE M 95 35.77 45.44 -21.78
C PHE M 95 35.30 44.52 -20.64
N ALA M 96 34.04 44.68 -20.23
CA ALA M 96 33.39 43.88 -19.17
C ALA M 96 32.26 43.05 -19.73
N MET M 97 31.07 43.27 -19.17
CA MET M 97 29.89 42.51 -19.59
C MET M 97 28.59 43.00 -18.99
N PRO M 98 28.34 44.29 -19.04
CA PRO M 98 27.09 44.79 -18.45
C PRO M 98 25.85 44.79 -19.41
N TYR M 99 25.36 43.64 -19.85
CA TYR M 99 24.22 43.62 -20.78
C TYR M 99 23.09 42.68 -20.36
N PHE M 100 23.47 41.42 -20.18
CA PHE M 100 22.55 40.35 -19.78
C PHE M 100 21.55 40.86 -18.75
N ILE M 101 22.07 41.54 -17.72
CA ILE M 101 21.23 42.07 -16.64
C ILE M 101 20.06 42.75 -17.29
N GLN M 102 20.31 43.41 -18.42
CA GLN M 102 19.25 44.11 -19.08
C GLN M 102 18.33 43.22 -19.88
N VAL M 103 18.84 42.17 -20.46
CA VAL M 103 17.98 41.28 -21.21
C VAL M 103 16.74 40.79 -20.44
N MET M 104 16.81 40.86 -19.10
CA MET M 104 15.72 40.41 -18.22
C MET M 104 14.50 41.30 -18.42
N LYS M 105 14.54 42.46 -17.77
CA LYS M 105 13.48 43.45 -17.82
C LYS M 105 12.90 43.60 -19.23
N GLU M 106 13.75 43.40 -20.24
CA GLU M 106 13.34 43.53 -21.62
C GLU M 106 12.16 42.63 -21.93
N TYR M 107 12.48 41.40 -22.29
CA TYR M 107 11.46 40.44 -22.62
C TYR M 107 10.54 40.23 -21.41
N LEU M 108 10.92 40.75 -20.25
CA LEU M 108 10.13 40.61 -19.02
C LEU M 108 8.88 41.52 -19.02
N THR M 109 9.10 42.82 -19.12
CA THR M 109 8.00 43.78 -19.11
C THR M 109 6.90 43.38 -20.11
N LYS M 110 7.32 43.09 -21.33
CA LYS M 110 6.40 42.71 -22.41
C LYS M 110 5.38 41.72 -21.94
N VAL M 111 5.84 40.52 -21.62
CA VAL M 111 4.95 39.48 -21.16
C VAL M 111 3.96 39.98 -20.09
N ASP M 112 4.42 40.88 -19.21
CA ASP M 112 3.57 41.42 -18.15
C ASP M 112 2.42 42.22 -18.73
N LYS M 113 2.78 43.18 -19.57
CA LYS M 113 1.78 44.01 -20.23
C LYS M 113 0.82 43.14 -21.07
N LEU M 114 1.33 42.02 -21.62
CA LEU M 114 0.55 41.08 -22.45
C LEU M 114 -0.64 40.53 -21.69
N ASP M 115 -0.36 39.84 -20.58
CA ASP M 115 -1.41 39.28 -19.76
C ASP M 115 -2.12 40.32 -18.88
N ALA M 116 -1.69 41.58 -18.96
CA ALA M 116 -2.28 42.69 -18.21
C ALA M 116 -3.47 43.27 -18.92
N SER M 117 -3.61 42.97 -20.20
CA SER M 117 -4.75 43.46 -20.97
C SER M 117 -5.71 42.30 -21.28
N GLU M 118 -5.16 41.10 -21.51
CA GLU M 118 -5.96 39.89 -21.82
C GLU M 118 -6.97 39.62 -20.69
N SER M 119 -6.64 40.12 -19.52
CA SER M 119 -7.49 39.95 -18.35
C SER M 119 -8.50 41.10 -18.22
N LEU M 120 -8.04 42.32 -18.42
CA LEU M 120 -8.89 43.50 -18.31
C LEU M 120 -9.91 43.51 -19.42
N ARG M 121 -9.90 42.47 -20.24
CA ARG M 121 -10.82 42.35 -21.36
C ARG M 121 -11.82 41.20 -21.16
N LYS M 122 -11.45 40.24 -20.32
CA LYS M 122 -12.34 39.10 -20.05
C LYS M 122 -13.27 39.38 -18.88
N GLU M 123 -13.13 40.55 -18.24
CA GLU M 123 -13.97 40.95 -17.12
C GLU M 123 -15.14 41.82 -17.58
N GLU M 124 -15.03 42.38 -18.79
CA GLU M 124 -16.06 43.23 -19.37
C GLU M 124 -16.92 42.47 -20.40
N GLU M 125 -16.36 41.44 -21.00
CA GLU M 125 -17.07 40.62 -22.01
C GLU M 125 -18.00 39.62 -21.30
N ALA N 29 19.44 63.29 -63.75
CA ALA N 29 20.85 63.03 -63.30
C ALA N 29 21.73 64.24 -63.62
N LYS N 30 22.74 64.03 -64.47
CA LYS N 30 23.65 65.06 -64.88
C LYS N 30 24.47 65.54 -63.71
N LYS N 31 25.67 66.04 -64.00
CA LYS N 31 26.57 66.58 -62.99
C LYS N 31 26.53 65.79 -61.66
N ASP N 32 26.83 66.45 -60.52
CA ASP N 32 26.81 65.81 -59.19
C ASP N 32 26.31 66.69 -58.02
N SER N 33 26.58 67.99 -58.10
CA SER N 33 26.14 68.91 -57.07
C SER N 33 24.66 68.69 -56.82
N LEU N 34 23.95 68.29 -57.87
CA LEU N 34 22.52 68.03 -57.78
C LEU N 34 22.27 66.92 -56.77
N TYR N 35 23.14 65.92 -56.76
CA TYR N 35 23.01 64.81 -55.83
C TYR N 35 23.15 65.34 -54.42
N LYS N 36 24.33 65.87 -54.12
CA LYS N 36 24.61 66.40 -52.81
C LYS N 36 23.51 67.34 -52.27
N ASP N 37 22.69 67.88 -53.15
CA ASP N 37 21.61 68.76 -52.70
C ASP N 37 20.29 67.98 -52.37
N ALA N 38 20.06 66.81 -52.99
CA ALA N 38 18.81 66.01 -52.79
C ALA N 38 18.75 65.45 -51.42
N MET N 39 19.70 64.55 -51.16
CA MET N 39 19.76 63.92 -49.88
C MET N 39 19.56 64.96 -48.79
N GLN N 40 20.03 66.19 -49.07
CA GLN N 40 19.93 67.30 -48.12
C GLN N 40 18.55 67.94 -48.04
N TYR N 41 17.72 67.74 -49.06
CA TYR N 41 16.36 68.28 -49.06
C TYR N 41 15.37 67.20 -48.59
N ALA N 42 15.93 66.04 -48.27
CA ALA N 42 15.23 64.84 -47.80
C ALA N 42 15.27 64.66 -46.32
N SER N 43 16.28 65.31 -45.77
CA SER N 43 16.54 65.25 -44.36
C SER N 43 15.50 66.03 -43.59
N GLU N 44 14.97 67.08 -44.20
CA GLU N 44 14.02 67.90 -43.50
C GLU N 44 12.72 67.17 -43.45
N SER N 45 12.33 66.66 -44.61
CA SER N 45 11.08 65.95 -44.68
C SER N 45 11.20 64.79 -43.71
N LYS N 46 12.02 63.82 -44.08
CA LYS N 46 12.23 62.66 -43.25
C LYS N 46 10.94 61.82 -43.07
N ASP N 47 11.03 60.50 -43.32
CA ASP N 47 9.90 59.54 -43.14
C ASP N 47 10.25 58.31 -42.30
N THR N 48 9.80 57.16 -42.77
CA THR N 48 10.12 55.92 -42.07
C THR N 48 11.21 55.19 -42.87
N GLU N 49 10.88 54.01 -43.37
CA GLU N 49 11.83 53.24 -44.15
C GLU N 49 12.23 54.11 -45.32
N LEU N 50 11.31 54.97 -45.73
CA LEU N 50 11.59 55.88 -46.81
C LEU N 50 12.84 56.67 -46.40
N ALA N 51 12.82 57.28 -45.21
CA ALA N 51 13.93 58.09 -44.67
C ALA N 51 15.10 57.21 -44.22
N GLU N 52 14.79 55.97 -43.90
CA GLU N 52 15.82 55.05 -43.48
C GLU N 52 16.63 54.53 -44.67
N GLU N 53 16.02 53.61 -45.44
CA GLU N 53 16.66 53.01 -46.59
C GLU N 53 17.51 54.03 -47.33
N LEU N 54 16.92 55.17 -47.65
CA LEU N 54 17.63 56.22 -48.38
C LEU N 54 19.10 56.36 -47.97
N LEU N 55 19.37 56.09 -46.71
CA LEU N 55 20.71 56.24 -46.20
C LEU N 55 21.77 55.24 -46.66
N GLN N 56 21.45 53.95 -46.64
CA GLN N 56 22.44 52.95 -47.04
C GLN N 56 23.15 53.28 -48.35
N TRP N 57 22.40 53.82 -49.32
CA TRP N 57 22.96 54.18 -50.62
C TRP N 57 23.73 55.48 -50.55
N PHE N 58 23.48 56.25 -49.50
CA PHE N 58 24.17 57.50 -49.29
C PHE N 58 25.46 57.11 -48.63
N LEU N 59 25.57 55.82 -48.35
CA LEU N 59 26.74 55.29 -47.71
C LEU N 59 27.41 54.30 -48.63
N GLN N 60 26.72 53.89 -49.67
CA GLN N 60 27.34 52.95 -50.58
C GLN N 60 28.67 53.47 -51.16
N GLU N 61 28.84 54.78 -51.15
CA GLU N 61 30.06 55.36 -51.67
C GLU N 61 30.15 56.77 -51.16
N GLU N 62 31.15 57.50 -51.67
CA GLU N 62 31.38 58.88 -51.26
C GLU N 62 31.89 58.93 -49.81
N LYS N 63 32.36 60.11 -49.39
CA LYS N 63 32.87 60.29 -48.04
C LYS N 63 31.83 60.92 -47.09
N ARG N 64 31.87 62.25 -46.96
CA ARG N 64 30.95 62.94 -46.08
C ARG N 64 29.50 62.68 -46.45
N GLU N 65 29.29 62.19 -47.67
CA GLU N 65 27.93 61.92 -48.08
C GLU N 65 27.40 60.85 -47.17
N CYS N 66 28.27 59.94 -46.75
CA CYS N 66 27.86 58.88 -45.85
C CYS N 66 27.62 59.49 -44.48
N PHE N 67 28.46 60.45 -44.12
CA PHE N 67 28.37 61.14 -42.83
C PHE N 67 27.04 61.88 -42.64
N GLY N 68 26.74 62.80 -43.54
CA GLY N 68 25.50 63.56 -43.46
C GLY N 68 24.28 62.66 -43.32
N ALA N 69 24.37 61.45 -43.88
CA ALA N 69 23.28 60.47 -43.84
C ALA N 69 23.29 59.75 -42.50
N CYS N 70 24.49 59.50 -41.98
CA CYS N 70 24.62 58.81 -40.70
C CYS N 70 23.84 59.57 -39.62
N LEU N 71 23.67 60.88 -39.83
CA LEU N 71 22.94 61.71 -38.88
C LEU N 71 21.46 61.39 -38.93
N PHE N 72 20.97 61.16 -40.13
CA PHE N 72 19.56 60.85 -40.34
C PHE N 72 19.06 59.56 -39.65
N THR N 73 19.82 58.48 -39.76
CA THR N 73 19.45 57.20 -39.14
C THR N 73 19.05 57.37 -37.70
N CYS N 74 19.90 58.05 -36.94
CA CYS N 74 19.65 58.29 -35.52
C CYS N 74 18.46 59.22 -35.28
N TYR N 75 18.21 60.07 -36.26
CA TYR N 75 17.09 60.98 -36.16
C TYR N 75 15.83 60.12 -36.09
N ASP N 76 15.85 58.98 -36.78
CA ASP N 76 14.69 58.08 -36.80
C ASP N 76 14.43 57.55 -35.39
N LEU N 77 15.20 58.04 -34.43
CA LEU N 77 15.08 57.67 -33.03
C LEU N 77 15.57 56.23 -32.73
N LEU N 78 15.36 55.29 -33.65
CA LEU N 78 15.79 53.91 -33.41
C LEU N 78 16.23 53.18 -34.70
N ARG N 79 17.54 53.11 -34.92
CA ARG N 79 18.06 52.44 -36.10
C ARG N 79 19.51 52.10 -36.07
N PRO N 80 19.83 50.87 -35.61
CA PRO N 80 21.17 50.31 -35.48
C PRO N 80 21.66 49.67 -36.79
N ASP N 81 22.00 48.37 -36.71
CA ASP N 81 22.46 47.56 -37.85
C ASP N 81 23.39 48.29 -38.80
N VAL N 82 22.81 49.12 -39.67
CA VAL N 82 23.59 49.94 -40.62
C VAL N 82 24.77 50.69 -39.96
N VAL N 83 24.68 50.87 -38.63
CA VAL N 83 25.68 51.53 -37.79
C VAL N 83 26.88 50.60 -37.54
N LEU N 84 26.60 49.29 -37.51
CA LEU N 84 27.63 48.25 -37.31
C LEU N 84 28.38 47.88 -38.59
N GLU N 85 27.61 47.54 -39.64
CA GLU N 85 28.09 47.14 -40.98
C GLU N 85 29.19 48.07 -41.58
N LEU N 86 28.83 49.36 -41.74
CA LEU N 86 29.72 50.42 -42.31
C LEU N 86 30.83 50.82 -41.33
N ALA N 87 30.74 50.26 -40.14
CA ALA N 87 31.72 50.48 -39.11
C ALA N 87 32.94 49.61 -39.39
N TRP N 88 32.73 48.45 -40.03
CA TRP N 88 33.83 47.51 -40.37
C TRP N 88 34.43 47.79 -41.75
N ARG N 89 34.67 49.07 -42.00
CA ARG N 89 35.23 49.50 -43.26
C ARG N 89 36.74 49.62 -43.17
N HIS N 90 37.25 50.74 -42.63
CA HIS N 90 38.69 50.94 -42.49
C HIS N 90 39.07 51.73 -41.21
N ASN N 91 38.82 53.04 -41.23
CA ASN N 91 39.16 53.91 -40.10
C ASN N 91 38.25 53.78 -38.90
N ILE N 92 38.24 54.82 -38.09
CA ILE N 92 37.45 54.82 -36.90
C ILE N 92 36.08 55.28 -37.19
N MET N 93 35.23 55.04 -36.20
CA MET N 93 33.85 55.40 -36.31
C MET N 93 33.33 56.10 -35.03
N ASP N 94 32.01 56.29 -34.99
CA ASP N 94 31.26 56.92 -33.90
C ASP N 94 30.28 55.95 -33.18
N PHE N 95 29.53 56.51 -32.20
CA PHE N 95 28.54 55.81 -31.35
C PHE N 95 27.83 56.70 -30.24
N ALA N 96 26.65 56.24 -29.89
CA ALA N 96 25.82 56.90 -28.93
C ALA N 96 24.95 55.84 -28.33
N MET N 97 24.49 56.11 -27.13
CA MET N 97 23.61 55.18 -26.46
C MET N 97 22.63 55.90 -25.61
N PRO N 98 21.38 55.47 -25.68
CA PRO N 98 20.25 56.02 -24.94
C PRO N 98 20.24 55.54 -23.49
N TYR N 99 19.18 54.85 -23.05
CA TYR N 99 19.00 54.36 -21.65
C TYR N 99 18.58 55.45 -20.64
N PHE N 100 18.69 55.20 -19.32
CA PHE N 100 18.33 56.16 -18.24
C PHE N 100 16.87 56.57 -18.21
N ILE N 101 16.37 57.13 -19.32
CA ILE N 101 14.97 57.56 -19.45
C ILE N 101 14.11 56.37 -19.05
N GLN N 102 14.68 55.18 -19.21
CA GLN N 102 14.01 53.96 -18.89
C GLN N 102 14.09 53.76 -17.40
N VAL N 103 15.27 54.02 -16.83
CA VAL N 103 15.48 53.86 -15.39
C VAL N 103 14.43 54.61 -14.54
N MET N 104 13.99 55.80 -14.97
CA MET N 104 12.98 56.60 -14.24
C MET N 104 11.55 56.13 -14.56
N LYS N 105 11.41 54.87 -14.93
CA LYS N 105 10.12 54.27 -15.28
C LYS N 105 9.71 53.10 -14.39
N GLU N 106 10.60 52.12 -14.24
CA GLU N 106 10.33 50.95 -13.38
C GLU N 106 10.07 51.42 -11.93
N TYR N 107 10.63 52.58 -11.60
CA TYR N 107 10.49 53.15 -10.29
C TYR N 107 9.09 53.67 -10.08
N LEU N 108 8.42 53.97 -11.18
CA LEU N 108 7.06 54.48 -11.11
C LEU N 108 6.12 53.29 -10.97
N THR N 109 6.36 52.23 -11.76
CA THR N 109 5.49 51.09 -11.72
C THR N 109 5.51 50.39 -10.41
N LYS N 110 6.60 50.55 -9.68
CA LYS N 110 6.78 49.98 -8.34
C LYS N 110 6.07 50.80 -7.22
N VAL N 111 5.71 52.04 -7.50
CA VAL N 111 5.01 52.87 -6.51
C VAL N 111 3.50 52.60 -6.56
N ASP N 112 3.04 52.21 -7.76
CA ASP N 112 1.62 51.92 -8.03
C ASP N 112 1.22 50.53 -7.53
N LYS N 113 2.12 49.56 -7.71
CA LYS N 113 1.85 48.21 -7.26
C LYS N 113 1.76 48.19 -5.72
N LEU N 114 2.37 49.17 -5.05
CA LEU N 114 2.34 49.25 -3.59
C LEU N 114 1.05 49.92 -3.13
N ASP N 115 0.75 51.05 -3.74
CA ASP N 115 -0.47 51.75 -3.39
C ASP N 115 -1.73 51.00 -3.84
N ALA N 116 -1.62 50.09 -4.80
CA ALA N 116 -2.82 49.35 -5.23
C ALA N 116 -2.91 48.05 -4.43
N SER N 117 -2.02 47.89 -3.45
CA SER N 117 -2.00 46.69 -2.59
C SER N 117 -2.21 47.06 -1.12
N GLU N 118 -1.69 48.22 -0.73
CA GLU N 118 -1.83 48.66 0.65
C GLU N 118 -3.30 48.88 0.97
N SER N 119 -3.98 49.65 0.13
CA SER N 119 -5.38 49.96 0.35
C SER N 119 -6.28 48.80 -0.01
N LEU N 120 -5.84 47.99 -0.96
CA LEU N 120 -6.61 46.83 -1.39
C LEU N 120 -6.60 45.76 -0.32
N ARG N 121 -5.55 45.74 0.50
CA ARG N 121 -5.42 44.77 1.58
C ARG N 121 -6.00 45.33 2.86
N LYS N 122 -5.85 46.65 3.05
CA LYS N 122 -6.36 47.32 4.23
C LYS N 122 -7.90 47.43 4.18
N GLU N 123 -8.50 46.75 3.21
CA GLU N 123 -9.98 46.75 3.05
C GLU N 123 -10.58 45.37 3.36
N GLU N 124 -9.82 44.30 3.15
CA GLU N 124 -10.31 42.96 3.42
C GLU N 124 -10.50 42.68 4.92
N GLU N 125 -9.89 43.52 5.76
CA GLU N 125 -10.00 43.37 7.22
C GLU N 125 -11.36 43.89 7.71
N MET O 1 5.30 -19.17 -71.31
CA MET O 1 6.68 -19.10 -70.86
C MET O 1 7.16 -18.08 -69.69
N GLY O 2 6.81 -16.81 -69.77
CA GLY O 2 7.24 -15.89 -68.71
C GLY O 2 6.20 -15.10 -67.93
N SER O 3 6.39 -14.92 -66.62
CA SER O 3 5.44 -14.13 -65.78
C SER O 3 6.17 -13.13 -64.85
N SER O 4 5.83 -11.84 -65.01
CA SER O 4 6.44 -10.75 -64.23
C SER O 4 5.49 -10.12 -63.21
N HIS O 5 5.95 -10.06 -61.97
CA HIS O 5 5.15 -9.52 -60.87
C HIS O 5 5.88 -8.50 -60.02
N HIS O 6 5.56 -7.25 -60.33
CA HIS O 6 6.13 -6.11 -59.67
C HIS O 6 5.19 -5.59 -58.67
N HIS O 7 5.61 -5.68 -57.43
CA HIS O 7 4.83 -5.18 -56.32
C HIS O 7 5.64 -4.10 -55.63
N HIS O 8 5.13 -2.87 -55.71
CA HIS O 8 5.77 -1.72 -55.10
C HIS O 8 4.89 -1.11 -54.01
N HIS O 9 5.40 -1.06 -52.78
CA HIS O 9 4.66 -0.49 -51.65
C HIS O 9 5.46 0.65 -50.96
N HIS O 10 4.87 1.85 -50.87
CA HIS O 10 5.51 2.99 -50.25
C HIS O 10 4.73 3.55 -49.08
N SER O 11 5.26 3.39 -47.88
CA SER O 11 4.59 3.90 -46.71
C SER O 11 5.45 5.01 -46.13
N SER O 12 4.94 6.24 -46.17
CA SER O 12 5.68 7.38 -45.63
C SER O 12 5.23 7.79 -44.23
N GLY O 13 6.11 7.59 -43.25
CA GLY O 13 5.79 7.95 -41.88
C GLY O 13 6.23 9.37 -41.61
N LEU O 14 5.27 10.29 -41.56
CA LEU O 14 5.56 11.71 -41.33
C LEU O 14 6.42 11.87 -40.07
N VAL O 15 7.73 11.74 -40.24
CA VAL O 15 8.67 11.86 -39.13
C VAL O 15 10.03 12.44 -39.56
N PRO O 16 10.69 11.76 -40.52
CA PRO O 16 11.99 12.23 -41.00
C PRO O 16 11.98 13.67 -41.50
N ARG O 17 12.78 14.51 -40.86
CA ARG O 17 12.86 15.91 -41.24
C ARG O 17 14.34 16.35 -41.28
N GLY O 18 14.79 16.76 -42.47
CA GLY O 18 16.16 17.19 -42.65
C GLY O 18 16.27 18.64 -43.09
N SER O 19 17.02 19.43 -42.32
CA SER O 19 17.21 20.84 -42.64
C SER O 19 18.62 21.05 -43.19
N HIS O 20 18.69 21.54 -44.43
CA HIS O 20 19.97 21.78 -45.08
C HIS O 20 20.08 23.24 -45.49
N MET O 21 21.09 23.89 -44.94
CA MET O 21 21.35 25.30 -45.21
C MET O 21 22.46 25.45 -46.27
N TRP O 22 23.20 26.56 -46.21
CA TRP O 22 24.28 26.82 -47.16
C TRP O 22 25.18 27.99 -46.68
N LYS O 23 26.44 27.99 -47.09
CA LYS O 23 27.42 29.06 -46.76
C LYS O 23 28.81 28.56 -47.03
N GLN O 24 29.15 28.39 -48.30
CA GLN O 24 30.48 27.91 -48.66
C GLN O 24 31.07 28.66 -49.87
N SER O 25 31.91 29.66 -49.59
CA SER O 25 32.59 30.48 -50.60
C SER O 25 33.11 31.76 -49.92
N VAL O 26 32.25 32.76 -49.83
CA VAL O 26 32.57 34.03 -49.20
C VAL O 26 33.91 34.57 -49.70
N GLU O 27 34.41 35.58 -49.00
CA GLU O 27 35.67 36.22 -49.33
C GLU O 27 36.56 36.23 -48.10
N LEU O 28 37.39 35.21 -47.98
CA LEU O 28 38.30 35.13 -46.86
C LEU O 28 39.52 34.32 -47.31
N ALA O 29 39.31 33.39 -48.23
CA ALA O 29 40.39 32.55 -48.76
C ALA O 29 41.20 31.81 -47.68
N LYS O 30 40.51 31.18 -46.74
CA LYS O 30 41.15 30.42 -45.64
C LYS O 30 40.14 29.43 -45.05
N LYS O 31 40.23 28.17 -45.47
CA LYS O 31 39.34 27.11 -45.00
C LYS O 31 40.06 25.97 -44.30
N ASP O 32 39.54 25.58 -43.14
CA ASP O 32 40.10 24.48 -42.36
C ASP O 32 39.06 23.36 -42.32
N SER O 33 39.46 22.16 -42.75
CA SER O 33 38.55 21.03 -42.79
C SER O 33 38.38 20.31 -41.47
N LEU O 34 37.81 19.11 -41.55
CA LEU O 34 37.52 18.24 -40.42
C LEU O 34 36.25 18.69 -39.71
N TYR O 35 35.71 17.81 -38.87
CA TYR O 35 34.49 18.07 -38.11
C TYR O 35 33.33 18.45 -39.03
N LYS O 36 32.42 19.28 -38.52
CA LYS O 36 31.26 19.74 -39.29
C LYS O 36 30.35 18.53 -39.59
N ASP O 37 29.21 18.78 -40.23
CA ASP O 37 28.26 17.73 -40.64
C ASP O 37 27.20 17.43 -39.56
N ALA O 38 27.56 16.54 -38.65
CA ALA O 38 26.71 16.14 -37.55
C ALA O 38 26.50 17.23 -36.52
N MET O 39 27.19 18.38 -36.65
CA MET O 39 27.12 19.52 -35.66
C MET O 39 26.08 20.54 -35.99
N GLN O 40 25.76 20.64 -37.28
CA GLN O 40 24.76 21.54 -37.82
C GLN O 40 23.36 20.94 -37.62
N TYR O 41 23.24 19.61 -37.63
CA TYR O 41 21.96 18.87 -37.45
C TYR O 41 21.56 18.83 -35.94
N ALA O 42 22.56 18.70 -35.06
CA ALA O 42 22.38 18.65 -33.62
C ALA O 42 22.00 20.02 -33.09
N SER O 43 22.35 21.04 -33.86
CA SER O 43 22.03 22.39 -33.48
C SER O 43 20.54 22.51 -33.18
N GLU O 44 19.68 21.71 -33.84
CA GLU O 44 18.17 21.72 -33.68
C GLU O 44 17.66 21.20 -32.30
N SER O 45 18.63 21.00 -31.40
CA SER O 45 18.35 20.53 -30.07
C SER O 45 18.43 21.65 -29.03
N LYS O 46 19.63 22.20 -28.81
CA LYS O 46 19.88 23.27 -27.82
C LYS O 46 19.04 23.24 -26.56
N ASP O 47 18.97 24.40 -25.90
CA ASP O 47 18.21 24.57 -24.66
C ASP O 47 19.00 24.17 -23.46
N THR O 48 18.76 24.83 -22.33
CA THR O 48 19.46 24.51 -21.10
C THR O 48 20.97 24.75 -21.26
N GLU O 49 21.70 24.57 -20.16
CA GLU O 49 23.15 24.80 -20.14
C GLU O 49 23.88 23.93 -21.15
N LEU O 50 23.60 22.63 -21.08
CA LEU O 50 24.23 21.70 -21.98
C LEU O 50 24.24 22.25 -23.42
N ALA O 51 23.25 23.10 -23.74
CA ALA O 51 23.18 23.64 -25.09
C ALA O 51 24.35 24.55 -25.26
N GLU O 52 24.61 25.32 -24.22
CA GLU O 52 25.70 26.29 -24.28
C GLU O 52 27.06 25.62 -24.21
N GLU O 53 27.09 24.56 -23.44
CA GLU O 53 28.32 23.84 -23.29
C GLU O 53 28.72 23.45 -24.70
N LEU O 54 27.77 23.49 -25.60
CA LEU O 54 28.06 23.08 -26.94
C LEU O 54 28.79 24.14 -27.67
N LEU O 55 28.62 25.38 -27.24
CA LEU O 55 29.30 26.45 -27.94
C LEU O 55 30.68 26.66 -27.36
N GLN O 56 30.93 26.00 -26.23
CA GLN O 56 32.23 26.07 -25.59
C GLN O 56 33.35 25.59 -26.54
N TRP O 57 33.54 24.26 -26.63
CA TRP O 57 34.58 23.63 -27.46
C TRP O 57 34.39 23.73 -28.97
N PHE O 58 33.29 24.34 -29.37
CA PHE O 58 32.97 24.50 -30.78
C PHE O 58 33.43 25.85 -31.22
N LEU O 59 33.61 26.74 -30.25
CA LEU O 59 34.03 28.11 -30.52
C LEU O 59 35.48 28.35 -30.09
N GLN O 60 36.19 27.26 -29.81
CA GLN O 60 37.59 27.35 -29.39
C GLN O 60 38.57 27.30 -30.54
N GLU O 61 39.14 26.13 -30.81
CA GLU O 61 40.11 25.96 -31.90
C GLU O 61 39.45 25.64 -33.22
N GLU O 62 38.41 26.42 -33.54
CA GLU O 62 37.62 26.26 -34.75
C GLU O 62 37.30 27.58 -35.41
N LYS O 63 37.09 27.59 -36.72
CA LYS O 63 36.75 28.83 -37.43
C LYS O 63 35.43 28.73 -38.15
N ARG O 64 35.41 28.02 -39.28
CA ARG O 64 34.20 27.84 -40.05
C ARG O 64 33.21 26.96 -39.32
N GLU O 65 33.51 26.66 -38.05
CA GLU O 65 32.70 25.78 -37.15
C GLU O 65 31.90 26.48 -36.02
N CYS O 66 32.31 27.74 -35.80
CA CYS O 66 31.81 28.71 -34.84
C CYS O 66 30.68 29.47 -35.43
N PHE O 67 30.80 29.78 -36.75
CA PHE O 67 29.75 30.51 -37.51
C PHE O 67 28.52 29.57 -37.58
N GLY O 68 28.80 28.27 -37.78
CA GLY O 68 27.76 27.25 -37.82
C GLY O 68 27.13 27.20 -36.43
N ALA O 69 27.90 27.64 -35.43
CA ALA O 69 27.41 27.70 -34.06
C ALA O 69 26.86 29.09 -33.74
N CYS O 70 27.13 30.06 -34.63
CA CYS O 70 26.66 31.46 -34.53
C CYS O 70 25.27 31.57 -35.17
N LEU O 71 25.11 30.93 -36.33
CA LEU O 71 23.83 30.89 -37.04
C LEU O 71 23.01 29.80 -36.33
N PHE O 72 23.16 29.77 -34.99
CA PHE O 72 22.55 28.85 -33.97
C PHE O 72 21.69 29.55 -32.89
N THR O 73 22.27 30.43 -32.09
CA THR O 73 21.49 31.13 -31.08
C THR O 73 20.69 32.31 -31.71
N CYS O 74 21.09 32.80 -32.89
CA CYS O 74 20.38 33.90 -33.61
C CYS O 74 19.01 33.40 -34.09
N TYR O 75 19.01 32.15 -34.54
CA TYR O 75 17.81 31.45 -35.00
C TYR O 75 16.97 31.18 -33.74
N ASP O 76 17.64 31.23 -32.57
CA ASP O 76 17.06 31.04 -31.22
C ASP O 76 16.33 32.34 -30.89
N LEU O 77 16.58 32.85 -29.68
CA LEU O 77 15.97 34.09 -29.21
C LEU O 77 16.98 34.99 -28.49
N LEU O 78 17.13 34.75 -27.18
CA LEU O 78 18.03 35.52 -26.33
C LEU O 78 19.05 34.59 -25.62
N ARG O 79 20.33 34.87 -25.83
CA ARG O 79 21.41 34.09 -25.23
C ARG O 79 22.81 34.64 -25.61
N PRO O 80 23.25 35.76 -24.99
CA PRO O 80 24.56 36.38 -25.27
C PRO O 80 25.60 35.98 -24.26
N ASP O 81 26.29 37.00 -23.77
CA ASP O 81 27.29 36.84 -22.73
C ASP O 81 28.53 36.16 -23.24
N VAL O 82 28.54 34.85 -23.13
CA VAL O 82 29.70 34.13 -23.58
C VAL O 82 30.00 34.55 -25.03
N VAL O 83 28.91 34.86 -25.74
CA VAL O 83 28.94 35.18 -27.16
C VAL O 83 30.01 36.16 -27.36
N LEU O 84 30.45 36.67 -26.24
CA LEU O 84 31.41 37.66 -26.35
C LEU O 84 32.71 37.28 -25.77
N GLU O 85 32.73 36.58 -24.65
CA GLU O 85 34.05 36.27 -24.05
C GLU O 85 35.01 35.54 -24.97
N LEU O 86 34.43 34.85 -25.96
CA LEU O 86 35.15 34.08 -26.98
C LEU O 86 35.81 34.94 -28.06
N ALA O 87 35.08 35.93 -28.55
CA ALA O 87 35.68 36.82 -29.51
C ALA O 87 36.83 37.54 -28.78
N TRP O 88 36.99 37.31 -27.48
CA TRP O 88 38.06 37.94 -26.72
C TRP O 88 38.96 36.82 -26.30
N ARG O 89 38.72 35.64 -26.83
CA ARG O 89 39.61 34.56 -26.45
C ARG O 89 41.02 34.91 -26.82
N HIS O 90 41.20 35.49 -28.00
CA HIS O 90 42.53 35.89 -28.49
C HIS O 90 42.45 36.55 -29.86
N ASN O 91 41.31 36.37 -30.53
CA ASN O 91 41.12 36.92 -31.86
C ASN O 91 39.90 37.81 -31.95
N ILE O 92 39.45 38.03 -33.18
CA ILE O 92 38.30 38.90 -33.47
C ILE O 92 37.02 38.11 -33.70
N MET O 93 35.99 38.86 -34.02
CA MET O 93 34.71 38.27 -34.27
C MET O 93 33.95 39.09 -35.28
N ASP O 94 32.99 38.44 -35.93
CA ASP O 94 32.16 39.04 -36.96
C ASP O 94 30.66 38.83 -36.77
N PHE O 95 29.88 39.86 -37.10
CA PHE O 95 28.42 39.83 -37.00
C PHE O 95 27.97 39.67 -35.57
N ALA O 96 26.72 40.03 -35.31
CA ALA O 96 26.17 39.88 -33.97
C ALA O 96 24.85 40.63 -33.97
N MET O 97 24.68 41.51 -32.98
CA MET O 97 23.50 42.40 -32.77
C MET O 97 22.11 41.85 -32.88
N PRO O 98 21.87 40.64 -32.34
CA PRO O 98 20.53 40.07 -32.44
C PRO O 98 19.49 40.73 -31.52
N TYR O 99 19.79 41.91 -30.95
CA TYR O 99 18.84 42.58 -30.03
C TYR O 99 18.50 43.99 -30.47
N PHE O 100 19.14 44.40 -31.54
CA PHE O 100 18.97 45.73 -32.09
C PHE O 100 17.66 45.87 -32.74
N ILE O 101 16.98 44.74 -32.89
CA ILE O 101 15.67 44.70 -33.53
C ILE O 101 14.62 45.12 -32.51
N GLN O 102 14.72 44.61 -31.28
CA GLN O 102 13.75 44.93 -30.23
C GLN O 102 13.89 46.40 -29.79
N VAL O 103 15.01 46.98 -30.16
CA VAL O 103 15.30 48.34 -29.81
C VAL O 103 14.28 49.32 -30.29
N MET O 104 13.23 48.85 -30.95
CA MET O 104 12.18 49.73 -31.47
C MET O 104 10.95 49.94 -30.57
N LYS O 105 9.98 49.02 -30.65
CA LYS O 105 8.71 49.07 -29.89
C LYS O 105 8.80 49.62 -28.48
N GLU O 106 9.99 49.63 -27.91
CA GLU O 106 10.18 50.11 -26.57
C GLU O 106 10.01 51.62 -26.44
N TYR O 107 10.90 52.33 -27.14
CA TYR O 107 10.92 53.79 -27.14
C TYR O 107 9.66 54.33 -27.77
N LEU O 108 8.98 53.46 -28.54
CA LEU O 108 7.74 53.84 -29.19
C LEU O 108 6.61 53.74 -28.14
N THR O 109 6.58 52.67 -27.37
CA THR O 109 5.57 52.50 -26.36
C THR O 109 6.01 53.39 -25.23
N LYS O 110 7.07 54.14 -25.48
CA LYS O 110 7.62 55.06 -24.51
C LYS O 110 7.14 56.48 -24.72
N VAL O 111 7.35 56.98 -25.96
CA VAL O 111 6.92 58.33 -26.34
C VAL O 111 5.39 58.29 -26.48
N ASP O 112 4.82 57.08 -26.51
CA ASP O 112 3.37 56.88 -26.64
C ASP O 112 2.72 56.84 -25.26
N LYS O 113 3.37 56.17 -24.31
CA LYS O 113 2.87 56.07 -22.93
C LYS O 113 2.78 57.47 -22.29
N LEU O 114 3.76 58.32 -22.60
CA LEU O 114 3.81 59.69 -22.10
C LEU O 114 2.52 60.44 -22.50
N ASP O 115 2.29 60.56 -23.81
CA ASP O 115 1.11 61.25 -24.34
C ASP O 115 -0.21 60.60 -23.86
N ALA O 116 -0.19 59.29 -23.62
CA ALA O 116 -1.37 58.55 -23.18
C ALA O 116 -1.88 59.04 -21.83
N SER O 117 -1.03 59.79 -21.15
CA SER O 117 -1.37 60.34 -19.86
C SER O 117 -1.38 61.88 -19.91
N GLU O 118 -0.39 62.47 -20.57
CA GLU O 118 -0.27 63.94 -20.68
C GLU O 118 -1.56 64.62 -21.16
N SER O 119 -2.49 63.84 -21.71
CA SER O 119 -3.76 64.37 -22.19
C SER O 119 -4.89 64.22 -21.17
N LEU O 120 -5.04 63.01 -20.61
CA LEU O 120 -6.07 62.74 -19.60
C LEU O 120 -5.86 63.61 -18.37
N ARG O 121 -4.70 64.27 -18.32
CA ARG O 121 -4.34 65.15 -17.21
C ARG O 121 -4.67 66.59 -17.60
N LYS O 122 -4.33 66.97 -18.82
CA LYS O 122 -4.64 68.32 -19.33
C LYS O 122 -6.16 68.35 -19.46
N GLU O 123 -6.72 67.14 -19.49
CA GLU O 123 -8.15 66.86 -19.57
C GLU O 123 -8.78 67.01 -18.17
N GLU O 124 -8.03 66.60 -17.13
CA GLU O 124 -8.47 66.68 -15.74
C GLU O 124 -8.56 68.15 -15.25
N GLU O 125 -8.20 68.39 -13.99
CA GLU O 125 -8.26 69.75 -13.41
C GLU O 125 -9.54 70.47 -13.81
N MET P 1 -71.04 -13.51 77.27
CA MET P 1 -72.42 -13.65 76.70
C MET P 1 -73.10 -12.30 76.59
N GLY P 2 -72.70 -11.38 77.46
CA GLY P 2 -73.27 -10.05 77.48
C GLY P 2 -72.35 -8.92 77.04
N SER P 3 -72.79 -8.20 76.02
CA SER P 3 -72.04 -7.06 75.48
C SER P 3 -72.88 -5.79 75.55
N SER P 4 -72.35 -4.78 76.24
CA SER P 4 -73.03 -3.49 76.43
C SER P 4 -72.24 -2.27 75.89
N HIS P 5 -72.73 -1.63 74.82
CA HIS P 5 -72.07 -0.49 74.19
C HIS P 5 -72.94 0.77 74.28
N HIS P 6 -72.38 1.84 74.84
CA HIS P 6 -73.12 3.09 75.00
C HIS P 6 -72.42 4.27 74.45
N HIS P 7 -73.06 4.88 73.47
CA HIS P 7 -72.46 6.06 72.89
C HIS P 7 -73.17 7.27 73.47
N HIS P 8 -72.46 8.41 73.51
CA HIS P 8 -73.00 9.67 74.06
C HIS P 8 -73.73 10.56 73.02
N HIS P 9 -74.58 11.45 73.52
CA HIS P 9 -75.39 12.37 72.72
C HIS P 9 -76.46 12.95 73.62
N HIS P 10 -77.70 13.10 73.14
CA HIS P 10 -78.76 13.62 74.02
C HIS P 10 -79.81 12.52 74.21
N SER P 11 -80.97 12.83 74.78
CA SER P 11 -82.01 11.82 75.07
C SER P 11 -81.78 11.20 76.51
N SER P 12 -82.53 10.16 76.92
CA SER P 12 -82.43 9.60 78.30
C SER P 12 -82.94 8.17 78.42
N GLY P 13 -81.98 7.29 78.61
CA GLY P 13 -82.30 5.89 78.73
C GLY P 13 -81.81 5.39 80.04
N LEU P 14 -82.79 5.08 80.89
CA LEU P 14 -82.53 4.60 82.22
C LEU P 14 -82.94 3.18 82.52
N VAL P 15 -81.92 2.35 82.72
CA VAL P 15 -82.10 0.95 83.05
C VAL P 15 -81.39 0.69 84.32
N PRO P 16 -82.13 0.33 85.35
CA PRO P 16 -81.66 0.03 86.70
C PRO P 16 -80.56 -1.04 86.94
N ARG P 17 -79.64 -0.74 87.88
CA ARG P 17 -78.50 -1.58 88.31
C ARG P 17 -77.04 -1.24 87.82
N GLY P 18 -76.39 -0.17 88.33
CA GLY P 18 -75.02 0.18 87.88
C GLY P 18 -74.48 1.60 87.51
N SER P 19 -74.22 1.82 86.21
CA SER P 19 -73.68 3.07 85.63
C SER P 19 -74.58 4.31 85.39
N HIS P 20 -73.95 5.49 85.38
CA HIS P 20 -74.65 6.77 85.15
C HIS P 20 -73.69 7.84 84.57
N MET P 21 -73.85 8.15 83.29
CA MET P 21 -73.02 9.16 82.64
C MET P 21 -73.62 10.49 82.83
N TRP P 22 -72.80 11.51 82.67
CA TRP P 22 -73.32 12.83 82.89
C TRP P 22 -73.97 13.52 81.66
N LYS P 23 -73.92 14.84 81.72
CA LYS P 23 -74.43 15.77 80.72
C LYS P 23 -75.82 16.19 81.08
N GLN P 24 -76.07 17.51 81.03
CA GLN P 24 -77.37 18.11 81.37
C GLN P 24 -78.61 17.41 80.80
N SER P 25 -79.62 17.25 81.66
CA SER P 25 -80.92 16.63 81.32
C SER P 25 -81.67 16.41 82.63
N VAL P 26 -82.86 16.98 82.73
CA VAL P 26 -83.68 16.91 83.94
C VAL P 26 -84.22 15.55 84.17
N GLU P 27 -83.78 14.95 85.26
CA GLU P 27 -84.18 13.57 85.59
C GLU P 27 -84.28 13.37 87.07
N LEU P 28 -85.24 12.54 87.43
CA LEU P 28 -85.52 12.19 88.82
C LEU P 28 -86.08 10.82 88.96
N ALA P 29 -85.67 10.23 90.06
CA ALA P 29 -86.07 8.87 90.36
C ALA P 29 -86.51 8.56 91.84
N LYS P 30 -85.49 8.00 92.55
CA LYS P 30 -85.43 7.54 93.97
C LYS P 30 -84.07 6.89 94.59
N LYS P 31 -83.56 7.46 95.69
CA LYS P 31 -82.31 6.97 96.33
C LYS P 31 -81.09 7.51 95.60
N ASP P 32 -80.14 8.10 96.32
CA ASP P 32 -78.97 8.64 95.64
C ASP P 32 -77.69 7.98 96.07
N SER P 33 -76.64 8.78 96.10
CA SER P 33 -75.32 8.31 96.51
C SER P 33 -74.79 7.16 95.66
N LEU P 34 -73.80 6.47 96.23
CA LEU P 34 -73.17 5.33 95.59
C LEU P 34 -72.21 5.76 94.47
N TYR P 35 -71.05 6.33 94.86
CA TYR P 35 -70.03 6.79 93.92
C TYR P 35 -68.81 5.83 93.87
N LYS P 36 -68.50 5.22 95.01
CA LYS P 36 -67.39 4.25 95.13
C LYS P 36 -67.85 2.90 94.56
N ASP P 37 -69.04 2.45 94.97
CA ASP P 37 -69.63 1.18 94.52
C ASP P 37 -69.85 1.25 93.01
N ALA P 38 -70.21 2.43 92.51
CA ALA P 38 -70.45 2.61 91.07
C ALA P 38 -69.12 2.91 90.36
N MET P 39 -68.10 3.22 91.15
CA MET P 39 -66.83 3.51 90.61
C MET P 39 -66.07 2.25 90.41
N GLN P 40 -66.43 1.20 91.14
CA GLN P 40 -65.75 -0.12 91.07
C GLN P 40 -66.05 -0.93 89.81
N TYR P 41 -67.34 -0.98 89.43
CA TYR P 41 -67.76 -1.73 88.26
C TYR P 41 -67.33 -1.05 86.95
N ALA P 42 -66.49 -0.01 87.04
CA ALA P 42 -66.05 0.69 85.83
C ALA P 42 -64.59 0.38 85.48
N SER P 43 -63.87 -0.18 86.45
CA SER P 43 -62.46 -0.53 86.30
C SER P 43 -62.22 -1.95 85.78
N GLU P 44 -62.70 -2.94 86.54
CA GLU P 44 -62.57 -4.35 86.20
C GLU P 44 -63.66 -4.71 85.16
N SER P 45 -63.94 -3.72 84.29
CA SER P 45 -64.92 -3.81 83.17
C SER P 45 -64.18 -4.05 81.86
N LYS P 46 -63.89 -2.94 81.21
CA LYS P 46 -63.21 -2.88 79.97
C LYS P 46 -63.03 -1.38 79.72
N ASP P 47 -63.62 -0.91 78.63
CA ASP P 47 -63.56 0.49 78.21
C ASP P 47 -62.11 0.82 77.90
N THR P 48 -61.75 0.83 76.61
CA THR P 48 -60.39 1.15 76.21
C THR P 48 -60.33 2.68 76.07
N GLU P 49 -60.86 3.19 74.96
CA GLU P 49 -60.88 4.62 74.70
C GLU P 49 -61.88 5.28 75.67
N LEU P 50 -63.14 4.85 75.57
CA LEU P 50 -64.24 5.38 76.38
C LEU P 50 -63.84 5.60 77.81
N ALA P 51 -63.19 4.61 78.37
CA ALA P 51 -62.74 4.77 79.74
C ALA P 51 -62.03 6.14 80.02
N GLU P 52 -60.76 6.21 79.63
CA GLU P 52 -59.92 7.39 79.86
C GLU P 52 -60.68 8.67 80.05
N GLU P 53 -61.44 9.05 79.03
CA GLU P 53 -62.22 10.29 79.06
C GLU P 53 -62.94 10.55 80.39
N LEU P 54 -63.23 9.49 81.14
CA LEU P 54 -63.94 9.65 82.41
C LEU P 54 -63.05 10.22 83.53
N LEU P 55 -61.88 9.60 83.66
CA LEU P 55 -60.89 9.95 84.66
C LEU P 55 -60.37 11.37 84.51
N GLN P 56 -59.94 11.75 83.34
CA GLN P 56 -59.53 13.14 83.19
C GLN P 56 -60.37 14.14 84.00
N TRP P 57 -61.71 14.04 83.87
CA TRP P 57 -62.66 14.93 84.52
C TRP P 57 -62.69 14.68 85.99
N PHE P 58 -62.36 13.46 86.38
CA PHE P 58 -62.31 13.13 87.78
C PHE P 58 -61.00 13.61 88.39
N LEU P 59 -59.95 13.68 87.57
CA LEU P 59 -58.64 14.13 88.05
C LEU P 59 -58.47 15.57 87.70
N GLN P 60 -59.48 16.12 87.07
CA GLN P 60 -59.47 17.51 86.68
C GLN P 60 -60.03 18.35 87.83
N GLU P 61 -61.09 17.85 88.45
CA GLU P 61 -61.78 18.51 89.59
C GLU P 61 -61.81 17.58 90.84
N GLU P 62 -62.31 18.10 91.97
CA GLU P 62 -62.42 17.35 93.24
C GLU P 62 -61.05 17.02 93.87
N LYS P 63 -61.04 16.36 95.03
CA LYS P 63 -59.80 16.00 95.71
C LYS P 63 -59.77 14.52 96.09
N ARG P 64 -60.96 13.99 96.36
CA ARG P 64 -61.09 12.59 96.73
C ARG P 64 -61.42 11.81 95.47
N GLU P 65 -62.18 12.45 94.56
CA GLU P 65 -62.57 11.85 93.26
C GLU P 65 -61.35 11.70 92.31
N CYS P 66 -60.22 12.34 92.65
CA CYS P 66 -58.97 12.22 91.86
C CYS P 66 -58.25 11.00 92.44
N PHE P 67 -58.12 11.00 93.76
CA PHE P 67 -57.49 9.91 94.44
C PHE P 67 -58.17 8.62 94.03
N GLY P 68 -59.46 8.50 94.29
CA GLY P 68 -60.14 7.27 93.92
C GLY P 68 -59.96 6.82 92.47
N ALA P 69 -59.95 7.78 91.55
CA ALA P 69 -59.80 7.47 90.14
C ALA P 69 -58.41 6.95 89.89
N CYS P 70 -57.51 7.39 90.75
CA CYS P 70 -56.14 7.01 90.67
C CYS P 70 -56.08 5.55 91.01
N LEU P 71 -56.56 5.22 92.20
CA LEU P 71 -56.57 3.83 92.61
C LEU P 71 -57.36 3.12 91.51
N PHE P 72 -58.39 3.80 90.97
CA PHE P 72 -59.24 3.25 89.90
C PHE P 72 -58.36 2.86 88.72
N THR P 73 -57.40 3.72 88.42
CA THR P 73 -56.48 3.43 87.35
C THR P 73 -55.56 2.25 87.60
N CYS P 74 -54.73 2.33 88.65
CA CYS P 74 -53.75 1.30 89.05
C CYS P 74 -54.17 -0.19 88.90
N TYR P 75 -55.36 -0.53 89.40
CA TYR P 75 -55.88 -1.91 89.35
C TYR P 75 -56.37 -2.35 87.96
N ASP P 76 -55.98 -1.60 86.93
CA ASP P 76 -56.31 -1.88 85.52
C ASP P 76 -55.03 -1.97 84.68
N LEU P 77 -53.92 -1.56 85.29
CA LEU P 77 -52.59 -1.56 84.68
C LEU P 77 -52.47 -0.51 83.56
N LEU P 78 -52.09 -0.98 82.35
CA LEU P 78 -51.89 -0.17 81.14
C LEU P 78 -52.78 1.10 81.07
N ARG P 79 -52.28 2.23 81.63
CA ARG P 79 -52.94 3.56 81.67
C ARG P 79 -52.19 4.76 82.34
N PRO P 80 -50.86 4.71 82.30
CA PRO P 80 -50.08 5.79 82.90
C PRO P 80 -50.22 7.03 82.02
N ASP P 81 -49.05 7.47 81.52
CA ASP P 81 -48.85 8.63 80.66
C ASP P 81 -49.78 9.70 81.10
N VAL P 82 -50.97 9.68 80.54
CA VAL P 82 -51.96 10.66 80.90
C VAL P 82 -51.87 11.06 82.37
N VAL P 83 -51.76 10.04 83.20
CA VAL P 83 -51.72 10.25 84.62
C VAL P 83 -50.73 11.30 84.98
N LEU P 84 -49.64 11.28 84.26
CA LEU P 84 -48.56 12.19 84.51
C LEU P 84 -48.83 13.62 84.17
N GLU P 85 -49.44 13.81 83.02
CA GLU P 85 -49.65 15.19 82.59
C GLU P 85 -50.40 15.93 83.64
N LEU P 86 -51.45 15.24 84.14
CA LEU P 86 -52.42 15.71 85.14
C LEU P 86 -51.89 16.01 86.55
N ALA P 87 -50.59 15.71 86.67
CA ALA P 87 -49.77 15.90 87.89
C ALA P 87 -48.79 17.08 87.73
N TRP P 88 -48.56 17.44 86.48
CA TRP P 88 -47.69 18.50 86.16
C TRP P 88 -48.67 19.60 85.89
N ARG P 89 -49.91 19.51 86.41
CA ARG P 89 -50.89 20.59 86.16
C ARG P 89 -50.75 21.81 87.03
N HIS P 90 -51.57 21.86 88.08
CA HIS P 90 -51.52 22.99 88.98
C HIS P 90 -50.55 22.88 90.12
N ASN P 91 -50.65 21.81 90.88
CA ASN P 91 -49.74 21.65 92.00
C ASN P 91 -49.10 20.26 92.11
N ILE P 92 -48.38 20.06 93.22
CA ILE P 92 -47.68 18.82 93.52
C ILE P 92 -48.68 17.65 93.63
N MET P 93 -48.20 16.42 93.46
CA MET P 93 -49.10 15.33 93.53
C MET P 93 -48.21 14.16 93.86
N ASP P 94 -48.83 12.96 93.95
CA ASP P 94 -48.21 11.64 94.28
C ASP P 94 -48.31 10.58 93.20
N PHE P 95 -47.15 10.19 92.72
CA PHE P 95 -47.13 9.20 91.69
C PHE P 95 -47.39 7.83 92.25
N ALA P 96 -47.07 6.86 91.42
CA ALA P 96 -47.23 5.46 91.76
C ALA P 96 -45.88 4.76 91.64
N MET P 97 -45.83 3.73 90.80
CA MET P 97 -44.62 2.94 90.61
C MET P 97 -44.70 1.88 89.47
N PRO P 98 -45.16 2.26 88.27
CA PRO P 98 -45.25 1.27 87.17
C PRO P 98 -43.95 1.13 86.33
N TYR P 99 -42.88 0.63 86.93
CA TYR P 99 -41.63 0.51 86.18
C TYR P 99 -40.98 -0.86 86.27
N PHE P 100 -40.73 -1.28 87.50
CA PHE P 100 -40.11 -2.58 87.82
C PHE P 100 -40.64 -3.68 86.90
N ILE P 101 -41.96 -3.76 86.74
CA ILE P 101 -42.62 -4.78 85.92
C ILE P 101 -41.89 -4.87 84.61
N GLN P 102 -41.43 -3.71 84.16
CA GLN P 102 -40.72 -3.61 82.91
C GLN P 102 -39.29 -4.07 83.03
N VAL P 103 -38.63 -3.75 84.12
CA VAL P 103 -37.27 -4.19 84.25
C VAL P 103 -37.06 -5.68 83.97
N MET P 104 -38.15 -6.46 84.03
CA MET P 104 -38.12 -7.91 83.79
C MET P 104 -37.79 -8.21 82.33
N LYS P 105 -38.81 -8.11 81.51
CA LYS P 105 -38.72 -8.34 80.08
C LYS P 105 -37.44 -7.73 79.49
N GLU P 106 -36.99 -6.63 80.07
CA GLU P 106 -35.79 -5.93 79.59
C GLU P 106 -34.59 -6.87 79.56
N TYR P 107 -33.93 -6.95 80.71
CA TYR P 107 -32.77 -7.80 80.86
C TYR P 107 -33.16 -9.26 80.60
N LEU P 108 -34.46 -9.53 80.51
CA LEU P 108 -34.95 -10.89 80.25
C LEU P 108 -34.75 -11.31 78.78
N THR P 109 -35.33 -10.55 77.86
CA THR P 109 -35.23 -10.85 76.42
C THR P 109 -33.79 -11.07 75.96
N LYS P 110 -32.92 -10.13 76.33
CA LYS P 110 -31.50 -10.20 75.97
C LYS P 110 -30.93 -11.61 76.20
N VAL P 111 -30.84 -12.03 77.46
CA VAL P 111 -30.29 -13.35 77.81
C VAL P 111 -30.85 -14.48 76.93
N ASP P 112 -32.12 -14.38 76.56
CA ASP P 112 -32.78 -15.39 75.71
C ASP P 112 -32.13 -15.40 74.32
N LYS P 113 -32.07 -14.23 73.69
CA LYS P 113 -31.45 -14.12 72.38
C LYS P 113 -29.98 -14.55 72.38
N LEU P 114 -29.31 -14.34 73.54
CA LEU P 114 -27.89 -14.67 73.75
C LEU P 114 -27.68 -16.14 73.55
N ASP P 115 -28.34 -16.93 74.39
CA ASP P 115 -28.23 -18.37 74.31
C ASP P 115 -29.04 -18.94 73.13
N ALA P 116 -29.71 -18.06 72.40
CA ALA P 116 -30.51 -18.47 71.23
C ALA P 116 -29.64 -18.59 69.99
N SER P 117 -28.48 -17.94 69.99
CA SER P 117 -27.57 -17.99 68.85
C SER P 117 -26.37 -18.90 69.14
N GLU P 118 -25.93 -18.89 70.40
CA GLU P 118 -24.79 -19.70 70.86
C GLU P 118 -25.06 -21.18 70.55
N SER P 119 -26.34 -21.54 70.48
CA SER P 119 -26.76 -22.92 70.19
C SER P 119 -26.88 -23.16 68.70
N LEU P 120 -27.49 -22.22 67.98
CA LEU P 120 -27.66 -22.34 66.53
C LEU P 120 -26.34 -22.24 65.82
N ARG P 121 -25.25 -22.17 66.60
CA ARG P 121 -23.92 -22.09 66.02
C ARG P 121 -23.08 -23.34 66.33
N LYS P 122 -23.45 -24.07 67.38
CA LYS P 122 -22.73 -25.29 67.78
C LYS P 122 -23.28 -26.56 67.11
N GLU P 123 -24.35 -26.39 66.33
CA GLU P 123 -24.98 -27.50 65.61
C GLU P 123 -24.46 -27.58 64.17
N GLU P 124 -23.87 -26.48 63.70
CA GLU P 124 -23.32 -26.41 62.34
C GLU P 124 -21.80 -26.62 62.34
N GLU P 125 -21.14 -26.30 63.46
CA GLU P 125 -19.70 -26.45 63.60
C GLU P 125 -19.35 -27.91 63.88
N ALA Q 29 -15.81 33.70 61.57
CA ALA Q 29 -16.63 34.22 62.69
C ALA Q 29 -17.36 35.46 62.25
N LYS Q 30 -17.04 36.57 62.91
CA LYS Q 30 -17.65 37.84 62.58
C LYS Q 30 -19.16 37.81 62.92
N LYS Q 31 -19.73 38.98 63.20
CA LYS Q 31 -21.16 39.12 63.51
C LYS Q 31 -21.77 37.98 64.36
N ASP Q 32 -23.08 37.73 64.23
CA ASP Q 32 -23.76 36.65 64.97
C ASP Q 32 -24.84 35.92 64.16
N SER Q 33 -25.51 36.66 63.27
CA SER Q 33 -26.56 36.09 62.40
C SER Q 33 -25.99 34.87 61.69
N LEU Q 34 -24.69 34.90 61.43
CA LEU Q 34 -24.00 33.80 60.77
C LEU Q 34 -24.12 32.55 61.64
N TYR Q 35 -24.01 32.72 62.95
CA TYR Q 35 -24.13 31.62 63.90
C TYR Q 35 -25.51 31.00 63.81
N LYS Q 36 -26.52 31.75 64.20
CA LYS Q 36 -27.91 31.29 64.13
C LYS Q 36 -28.31 30.62 62.79
N ASP Q 37 -27.56 30.88 61.71
CA ASP Q 37 -27.85 30.27 60.40
C ASP Q 37 -27.12 28.91 60.27
N ALA Q 38 -26.00 28.76 61.01
CA ALA Q 38 -25.16 27.53 61.04
C ALA Q 38 -25.92 26.38 61.64
N MET Q 39 -26.15 26.48 62.94
CA MET Q 39 -26.84 25.42 63.61
C MET Q 39 -28.05 25.03 62.81
N GLN Q 40 -28.58 25.97 62.05
CA GLN Q 40 -29.75 25.70 61.26
C GLN Q 40 -29.53 24.97 59.95
N TYR Q 41 -28.30 24.98 59.44
CA TYR Q 41 -28.04 24.26 58.17
C TYR Q 41 -27.44 22.86 58.47
N ALA Q 42 -27.31 22.56 59.77
CA ALA Q 42 -26.75 21.30 60.30
C ALA Q 42 -27.85 20.38 60.77
N SER Q 43 -29.01 20.98 60.98
CA SER Q 43 -30.12 20.21 61.44
C SER Q 43 -30.63 19.37 60.29
N GLU Q 44 -30.45 19.85 59.06
CA GLU Q 44 -30.96 19.13 57.92
C GLU Q 44 -30.13 17.91 57.70
N SER Q 45 -28.83 18.13 57.70
CA SER Q 45 -27.90 17.06 57.46
C SER Q 45 -28.08 16.06 58.57
N LYS Q 46 -27.75 16.46 59.81
CA LYS Q 46 -27.88 15.60 60.97
C LYS Q 46 -27.05 14.30 60.90
N ASP Q 47 -26.24 14.02 61.93
CA ASP Q 47 -25.39 12.79 62.00
C ASP Q 47 -25.59 12.00 63.29
N THR Q 48 -24.50 11.53 63.86
CA THR Q 48 -24.58 10.81 65.12
C THR Q 48 -24.11 11.79 66.23
N GLU Q 49 -23.01 11.43 66.90
CA GLU Q 49 -22.44 12.27 67.95
C GLU Q 49 -22.17 13.64 67.35
N LEU Q 50 -21.90 13.65 66.04
CA LEU Q 50 -21.66 14.89 65.30
C LEU Q 50 -22.89 15.77 65.48
N ALA Q 51 -24.05 15.22 65.16
CA ALA Q 51 -25.28 15.99 65.31
C ALA Q 51 -25.70 16.08 66.76
N GLU Q 52 -25.23 15.15 67.59
CA GLU Q 52 -25.56 15.16 69.00
C GLU Q 52 -24.77 16.25 69.69
N GLU Q 53 -23.49 15.96 69.93
CA GLU Q 53 -22.58 16.88 70.60
C GLU Q 53 -22.86 18.31 70.20
N LEU Q 54 -23.00 18.55 68.89
CA LEU Q 54 -23.26 19.91 68.43
C LEU Q 54 -24.30 20.67 69.26
N LEU Q 55 -25.28 19.96 69.79
CA LEU Q 55 -26.32 20.58 70.59
C LEU Q 55 -25.96 21.21 71.93
N GLN Q 56 -25.21 20.50 72.79
CA GLN Q 56 -24.83 21.04 74.13
C GLN Q 56 -24.24 22.49 74.14
N TRP Q 57 -23.46 22.82 73.11
CA TRP Q 57 -22.85 24.15 72.98
C TRP Q 57 -23.89 25.13 72.42
N PHE Q 58 -24.96 24.58 71.85
CA PHE Q 58 -26.03 25.38 71.30
C PHE Q 58 -26.90 25.68 72.52
N LEU Q 59 -26.50 25.09 73.63
CA LEU Q 59 -27.24 25.26 74.85
C LEU Q 59 -26.34 25.91 75.90
N GLN Q 60 -25.04 25.90 75.67
CA GLN Q 60 -24.15 26.49 76.65
C GLN Q 60 -24.53 27.95 76.93
N GLU Q 61 -25.33 28.54 76.05
CA GLU Q 61 -25.73 29.91 76.23
C GLU Q 61 -26.87 30.19 75.27
N GLU Q 62 -27.26 31.47 75.17
CA GLU Q 62 -28.35 31.92 74.31
C GLU Q 62 -29.71 31.38 74.78
N LYS Q 63 -30.80 31.88 74.21
CA LYS Q 63 -32.15 31.45 74.60
C LYS Q 63 -32.72 30.43 73.64
N ARG Q 64 -33.48 30.93 72.66
CA ARG Q 64 -34.10 30.03 71.72
C ARG Q 64 -33.09 29.19 70.98
N GLU Q 65 -31.82 29.61 71.01
CA GLU Q 65 -30.76 28.86 70.34
C GLU Q 65 -30.68 27.50 70.96
N CYS Q 66 -30.94 27.44 72.26
CA CYS Q 66 -30.91 26.19 72.99
C CYS Q 66 -32.16 25.39 72.58
N PHE Q 67 -33.28 26.09 72.38
CA PHE Q 67 -34.55 25.47 71.99
C PHE Q 67 -34.48 24.72 70.66
N GLY Q 68 -34.13 25.48 69.60
CA GLY Q 68 -34.00 24.92 68.27
C GLY Q 68 -33.13 23.68 68.25
N ALA Q 69 -32.15 23.63 69.17
CA ALA Q 69 -31.22 22.49 69.29
C ALA Q 69 -31.88 21.35 70.06
N CYS Q 70 -32.68 21.71 71.07
CA CYS Q 70 -33.37 20.73 71.88
C CYS Q 70 -34.21 19.83 70.99
N LEU Q 71 -34.66 20.36 69.85
CA LEU Q 71 -35.43 19.60 68.88
C LEU Q 71 -34.60 18.51 68.19
N PHE Q 72 -33.36 18.86 67.88
CA PHE Q 72 -32.42 17.94 67.22
C PHE Q 72 -32.10 16.67 68.04
N THR Q 73 -31.79 16.84 69.32
CA THR Q 73 -31.47 15.71 70.20
C THR Q 73 -32.50 14.58 70.02
N CYS Q 74 -33.78 14.92 70.12
CA CYS Q 74 -34.87 13.94 69.99
C CYS Q 74 -34.98 13.35 68.60
N TYR Q 75 -34.56 14.14 67.63
CA TYR Q 75 -34.58 13.68 66.27
C TYR Q 75 -33.65 12.46 66.20
N ASP Q 76 -32.59 12.46 66.99
CA ASP Q 76 -31.63 11.35 66.97
C ASP Q 76 -32.32 10.05 67.45
N LEU Q 77 -33.62 10.15 67.70
CA LEU Q 77 -34.43 9.03 68.17
C LEU Q 77 -34.18 8.61 69.62
N LEU Q 78 -32.93 8.66 70.08
CA LEU Q 78 -32.63 8.26 71.46
C LEU Q 78 -31.51 9.09 72.11
N ARG Q 79 -31.89 10.04 72.95
CA ARG Q 79 -30.90 10.87 73.62
C ARG Q 79 -31.36 11.69 74.82
N PRO Q 80 -31.23 11.11 76.01
CA PRO Q 80 -31.62 11.76 77.26
C PRO Q 80 -30.56 12.71 77.84
N ASP Q 81 -30.16 12.40 79.08
CA ASP Q 81 -29.14 13.10 79.82
C ASP Q 81 -29.18 14.58 79.70
N VAL Q 82 -28.75 15.07 78.54
CA VAL Q 82 -28.68 16.52 78.21
C VAL Q 82 -29.96 17.27 78.49
N VAL Q 83 -31.02 16.46 78.46
CA VAL Q 83 -32.43 16.81 78.66
C VAL Q 83 -32.68 17.02 80.13
N LEU Q 84 -31.96 16.25 80.93
CA LEU Q 84 -32.07 16.37 82.36
C LEU Q 84 -31.21 17.53 82.89
N GLU Q 85 -29.89 17.55 82.63
CA GLU Q 85 -28.99 18.65 83.12
C GLU Q 85 -29.54 20.18 83.03
N LEU Q 86 -29.78 20.52 81.77
CA LEU Q 86 -30.25 21.81 81.31
C LEU Q 86 -31.69 22.04 81.83
N ALA Q 87 -32.27 20.98 82.38
CA ALA Q 87 -33.59 21.11 82.93
C ALA Q 87 -33.49 21.75 84.31
N TRP Q 88 -32.32 21.64 84.98
CA TRP Q 88 -32.09 22.22 86.32
C TRP Q 88 -31.45 23.61 86.28
N ARG Q 89 -31.94 24.45 85.37
CA ARG Q 89 -31.44 25.81 85.24
C ARG Q 89 -32.26 26.77 86.09
N HIS Q 90 -33.41 27.21 85.57
CA HIS Q 90 -34.29 28.16 86.27
C HIS Q 90 -35.81 27.89 86.10
N ASN Q 91 -36.35 28.25 84.93
CA ASN Q 91 -37.78 28.09 84.63
C ASN Q 91 -38.22 26.64 84.35
N ILE Q 92 -39.36 26.51 83.70
CA ILE Q 92 -39.89 25.20 83.39
C ILE Q 92 -39.28 24.65 82.10
N MET Q 93 -39.43 23.34 81.92
CA MET Q 93 -38.88 22.66 80.75
C MET Q 93 -39.93 21.84 80.07
N ASP Q 94 -39.49 20.97 79.16
CA ASP Q 94 -40.39 20.07 78.40
C ASP Q 94 -40.09 18.59 78.70
N PHE Q 95 -40.75 17.74 77.89
CA PHE Q 95 -40.69 16.27 77.96
C PHE Q 95 -41.71 15.44 77.05
N ALA Q 96 -41.11 14.34 76.61
CA ALA Q 96 -41.73 13.36 75.76
C ALA Q 96 -41.31 11.96 76.14
N MET Q 97 -42.25 11.04 75.97
CA MET Q 97 -41.99 9.66 76.30
C MET Q 97 -42.55 8.70 75.26
N PRO Q 98 -41.73 7.73 74.78
CA PRO Q 98 -42.05 6.68 73.79
C PRO Q 98 -42.88 5.53 74.39
N TYR Q 99 -42.39 4.28 74.35
CA TYR Q 99 -43.13 3.10 74.88
C TYR Q 99 -44.23 2.64 73.94
N PHE Q 100 -45.12 1.76 74.41
CA PHE Q 100 -46.25 1.23 73.58
C PHE Q 100 -45.82 0.39 72.37
N ILE Q 101 -45.06 0.99 71.45
CA ILE Q 101 -44.56 0.29 70.25
C ILE Q 101 -43.93 -1.01 70.71
N GLN Q 102 -43.50 -1.02 71.97
CA GLN Q 102 -42.86 -2.16 72.60
C GLN Q 102 -43.93 -3.13 73.08
N VAL Q 103 -44.99 -2.60 73.66
CA VAL Q 103 -46.08 -3.45 74.13
C VAL Q 103 -46.64 -4.37 73.04
N MET Q 104 -46.67 -3.92 71.79
CA MET Q 104 -47.18 -4.73 70.65
C MET Q 104 -46.08 -5.64 70.07
N LYS Q 105 -45.12 -6.01 70.92
CA LYS Q 105 -44.01 -6.87 70.52
C LYS Q 105 -43.91 -8.16 71.33
N GLU Q 106 -43.92 -8.07 72.65
CA GLU Q 106 -43.86 -9.26 73.49
C GLU Q 106 -45.08 -10.16 73.20
N TYR Q 107 -46.16 -9.54 72.68
CA TYR Q 107 -47.43 -10.23 72.34
C TYR Q 107 -47.25 -11.11 71.09
N LEU Q 108 -46.27 -10.77 70.27
CA LEU Q 108 -45.96 -11.51 69.06
C LEU Q 108 -45.09 -12.72 69.43
N THR Q 109 -44.05 -12.49 70.26
CA THR Q 109 -43.12 -13.53 70.69
C THR Q 109 -43.87 -14.56 71.44
N LYS Q 110 -44.92 -14.18 72.15
CA LYS Q 110 -45.71 -15.18 72.88
C LYS Q 110 -46.65 -16.06 71.99
N VAL Q 111 -46.85 -15.66 70.74
CA VAL Q 111 -47.68 -16.40 69.78
C VAL Q 111 -46.86 -17.44 69.03
N ASP Q 112 -45.56 -17.17 68.93
CA ASP Q 112 -44.62 -18.05 68.23
C ASP Q 112 -44.16 -19.19 69.16
N LYS Q 113 -43.94 -18.89 70.44
CA LYS Q 113 -43.50 -19.86 71.46
C LYS Q 113 -44.59 -20.93 71.67
N LEU Q 114 -45.83 -20.56 71.37
CA LEU Q 114 -46.95 -21.47 71.51
C LEU Q 114 -47.07 -22.33 70.25
N ASP Q 115 -47.03 -21.69 69.08
CA ASP Q 115 -47.11 -22.39 67.79
C ASP Q 115 -45.90 -23.24 67.53
N ALA Q 116 -44.80 -22.96 68.24
CA ALA Q 116 -43.60 -23.75 68.08
C ALA Q 116 -43.47 -24.81 69.19
N SER Q 117 -44.54 -24.94 70.00
CA SER Q 117 -44.61 -25.95 71.08
C SER Q 117 -45.83 -26.88 70.88
N GLU Q 118 -46.92 -26.35 70.31
CA GLU Q 118 -48.12 -27.16 70.06
C GLU Q 118 -47.86 -28.27 69.04
N SER Q 119 -47.33 -27.88 67.88
CA SER Q 119 -47.02 -28.83 66.81
C SER Q 119 -45.76 -29.66 67.13
N LEU Q 120 -44.83 -29.09 67.90
CA LEU Q 120 -43.59 -29.77 68.28
C LEU Q 120 -43.89 -30.88 69.30
N ARG Q 121 -44.96 -30.69 70.06
CA ARG Q 121 -45.36 -31.68 71.06
C ARG Q 121 -46.34 -32.65 70.46
N LYS Q 122 -47.19 -32.15 69.57
CA LYS Q 122 -48.19 -32.99 68.92
C LYS Q 122 -47.53 -33.93 67.91
N GLU Q 123 -46.19 -33.96 67.92
CA GLU Q 123 -45.45 -34.84 67.00
C GLU Q 123 -44.75 -35.97 67.74
N GLU Q 124 -44.41 -35.75 69.01
CA GLU Q 124 -43.74 -36.77 69.81
C GLU Q 124 -44.65 -37.94 70.12
N GLU Q 125 -45.95 -37.75 69.96
CA GLU Q 125 -46.93 -38.81 70.22
C GLU Q 125 -46.97 -39.84 69.09
N MET R 1 33.33 -4.00 121.07
CA MET R 1 32.44 -3.46 122.10
C MET R 1 30.93 -3.54 121.88
N GLY R 2 30.54 -3.19 120.66
CA GLY R 2 29.13 -3.16 120.18
C GLY R 2 28.76 -3.97 118.92
N SER R 3 27.54 -4.53 118.94
CA SER R 3 26.99 -5.38 117.86
C SER R 3 25.52 -5.12 117.53
N SER R 4 25.27 -4.81 116.28
CA SER R 4 23.94 -4.53 115.83
C SER R 4 23.41 -5.57 114.85
N HIS R 5 22.20 -6.09 115.12
CA HIS R 5 21.55 -7.11 114.29
C HIS R 5 20.13 -6.82 113.92
N HIS R 6 19.99 -6.27 112.74
CA HIS R 6 18.69 -5.89 112.21
C HIS R 6 18.14 -6.97 111.34
N HIS R 7 17.02 -7.49 111.78
CA HIS R 7 16.39 -8.52 111.00
C HIS R 7 15.01 -8.05 110.60
N HIS R 8 14.79 -7.81 109.30
CA HIS R 8 13.51 -7.33 108.78
C HIS R 8 12.83 -8.35 107.83
N HIS R 9 11.64 -8.85 108.21
CA HIS R 9 10.88 -9.82 107.41
C HIS R 9 9.48 -9.32 107.01
N HIS R 10 9.21 -9.27 105.71
CA HIS R 10 7.94 -8.79 105.20
C HIS R 10 7.19 -9.81 104.37
N SER R 11 6.11 -10.32 104.92
CA SER R 11 5.32 -11.30 104.21
C SER R 11 3.97 -10.66 103.87
N SER R 12 3.74 -10.42 102.58
CA SER R 12 2.48 -9.82 102.14
C SER R 12 1.48 -10.87 101.67
N GLY R 13 0.38 -11.02 102.42
CA GLY R 13 -0.64 -11.98 102.03
C GLY R 13 -1.68 -11.31 101.16
N LEU R 14 -1.65 -11.60 99.86
CA LEU R 14 -2.58 -11.00 98.90
C LEU R 14 -4.03 -11.21 99.36
N VAL R 15 -4.50 -10.32 100.24
CA VAL R 15 -5.87 -10.38 100.78
C VAL R 15 -6.45 -8.99 101.10
N PRO R 16 -5.76 -8.20 101.96
CA PRO R 16 -6.23 -6.86 102.32
C PRO R 16 -6.47 -5.95 101.12
N ARG R 17 -7.72 -5.54 100.94
CA ARG R 17 -8.08 -4.67 99.83
C ARG R 17 -8.96 -3.52 100.34
N GLY R 18 -8.46 -2.29 100.19
CA GLY R 18 -9.22 -1.12 100.63
C GLY R 18 -9.58 -0.17 99.50
N SER R 19 -10.88 0.14 99.35
CA SER R 19 -11.34 1.05 98.31
C SER R 19 -11.72 2.38 98.93
N HIS R 20 -11.04 3.43 98.49
CA HIS R 20 -11.29 4.75 99.00
C HIS R 20 -11.68 5.67 97.86
N MET R 21 -12.89 6.22 97.97
CA MET R 21 -13.44 7.13 96.95
C MET R 21 -13.27 8.59 97.42
N TRP R 22 -14.16 9.47 96.96
CA TRP R 22 -14.10 10.88 97.33
C TRP R 22 -15.40 11.62 96.95
N LYS R 23 -15.72 12.70 97.68
CA LYS R 23 -16.90 13.55 97.44
C LYS R 23 -17.19 14.43 98.65
N GLN R 24 -16.32 15.39 98.91
CA GLN R 24 -16.49 16.28 100.04
C GLN R 24 -16.20 17.75 99.71
N SER R 25 -17.27 18.50 99.40
CA SER R 25 -17.21 19.92 99.06
C SER R 25 -18.54 20.32 98.40
N VAL R 26 -18.61 20.11 97.09
CA VAL R 26 -19.81 20.41 96.30
C VAL R 26 -20.34 21.81 96.62
N GLU R 27 -21.54 22.08 96.12
CA GLU R 27 -22.17 23.36 96.34
C GLU R 27 -23.54 23.14 96.98
N LEU R 28 -23.60 23.21 98.30
CA LEU R 28 -24.87 23.03 98.99
C LEU R 28 -24.79 23.81 100.31
N ALA R 29 -23.59 23.87 100.87
CA ALA R 29 -23.33 24.57 102.12
C ALA R 29 -24.23 24.07 103.26
N LYS R 30 -24.32 22.75 103.42
CA LYS R 30 -25.12 22.12 104.47
C LYS R 30 -24.65 20.68 104.73
N LYS R 31 -23.82 20.51 105.76
CA LYS R 31 -23.27 19.20 106.12
C LYS R 31 -23.67 18.73 107.52
N ASP R 32 -24.14 17.49 107.63
CA ASP R 32 -24.54 16.91 108.91
C ASP R 32 -23.55 15.77 109.20
N SER R 33 -22.91 15.80 110.38
CA SER R 33 -21.91 14.78 110.76
C SER R 33 -22.50 13.48 111.34
N LEU R 34 -21.62 12.70 111.96
CA LEU R 34 -21.97 11.42 112.57
C LEU R 34 -22.06 10.34 111.51
N TYR R 35 -22.05 9.09 111.97
CA TYR R 35 -22.12 7.93 111.09
C TYR R 35 -21.03 7.95 110.03
N LYS R 36 -21.33 7.36 108.89
CA LYS R 36 -20.39 7.31 107.77
C LYS R 36 -19.18 6.44 108.20
N ASP R 37 -18.25 6.21 107.28
CA ASP R 37 -17.00 5.46 107.52
C ASP R 37 -17.17 3.98 107.23
N ALA R 38 -17.67 3.29 108.23
CA ALA R 38 -17.89 1.88 108.15
C ALA R 38 -19.00 1.49 107.19
N MET R 39 -19.72 2.49 106.65
CA MET R 39 -20.88 2.23 105.76
C MET R 39 -20.56 2.14 104.29
N GLN R 40 -19.49 2.83 103.93
CA GLN R 40 -18.99 2.89 102.58
C GLN R 40 -18.18 1.64 102.26
N TYR R 41 -17.56 1.06 103.29
CA TYR R 41 -16.76 -0.17 103.13
C TYR R 41 -17.71 -1.38 103.04
N ALA R 42 -18.81 -1.38 103.80
CA ALA R 42 -19.80 -2.47 103.80
C ALA R 42 -20.58 -2.53 102.48
N SER R 43 -20.66 -1.39 101.79
CA SER R 43 -21.34 -1.33 100.50
C SER R 43 -20.86 -2.42 99.52
N GLU R 44 -19.59 -2.81 99.63
CA GLU R 44 -19.00 -3.84 98.76
C GLU R 44 -19.55 -5.25 99.01
N SER R 45 -20.60 -5.31 99.82
CA SER R 45 -21.22 -6.57 100.14
C SER R 45 -22.54 -6.76 99.37
N LYS R 46 -23.54 -5.94 99.66
CA LYS R 46 -24.87 -6.00 99.03
C LYS R 46 -25.40 -7.38 98.68
N ASP R 47 -26.37 -7.38 97.77
CA ASP R 47 -27.01 -8.60 97.28
C ASP R 47 -28.12 -9.07 98.17
N THR R 48 -29.12 -9.68 97.55
CA THR R 48 -30.27 -10.21 98.29
C THR R 48 -31.01 -9.04 98.94
N GLU R 49 -32.12 -9.36 99.61
CA GLU R 49 -32.95 -8.35 100.29
C GLU R 49 -32.14 -7.60 101.34
N LEU R 50 -31.47 -8.33 102.24
CA LEU R 50 -30.68 -7.72 103.31
C LEU R 50 -29.86 -6.53 102.80
N ALA R 51 -29.49 -6.59 101.53
CA ALA R 51 -28.73 -5.50 100.92
C ALA R 51 -29.60 -4.25 100.84
N GLU R 52 -30.83 -4.42 100.36
CA GLU R 52 -31.76 -3.32 100.22
C GLU R 52 -32.20 -2.79 101.60
N GLU R 53 -32.28 -3.71 102.54
CA GLU R 53 -32.69 -3.32 103.87
C GLU R 53 -31.68 -2.30 104.36
N LEU R 54 -30.51 -2.32 103.75
CA LEU R 54 -29.45 -1.43 104.16
C LEU R 54 -29.72 -0.07 103.66
N LEU R 55 -30.53 0.03 102.62
CA LEU R 55 -30.83 1.35 102.10
C LEU R 55 -32.07 1.92 102.79
N GLN R 56 -32.79 1.06 103.50
CA GLN R 56 -33.96 1.50 104.26
C GLN R 56 -33.60 2.64 105.21
N TRP R 57 -33.02 2.31 106.37
CA TRP R 57 -32.64 3.28 107.43
C TRP R 57 -31.46 4.23 107.14
N PHE R 58 -30.83 4.04 105.98
CA PHE R 58 -29.66 4.81 105.55
C PHE R 58 -30.12 5.96 104.71
N LEU R 59 -31.32 5.80 104.16
CA LEU R 59 -31.95 6.78 103.29
C LEU R 59 -33.12 7.48 104.03
N GLN R 60 -33.19 7.31 105.33
CA GLN R 60 -34.25 7.94 106.10
C GLN R 60 -33.84 9.29 106.62
N GLU R 61 -33.44 9.35 107.88
CA GLU R 61 -33.04 10.61 108.49
C GLU R 61 -31.59 10.95 108.26
N GLU R 62 -31.18 10.80 107.00
CA GLU R 62 -29.80 11.01 106.55
C GLU R 62 -29.71 11.83 105.26
N LYS R 63 -28.63 12.59 105.10
CA LYS R 63 -28.45 13.36 103.88
C LYS R 63 -27.20 12.93 103.13
N ARG R 64 -26.01 13.37 103.58
CA ARG R 64 -24.75 12.98 102.93
C ARG R 64 -24.41 11.47 103.12
N GLU R 65 -25.41 10.72 103.61
CA GLU R 65 -25.33 9.25 103.89
C GLU R 65 -26.16 8.33 102.96
N CYS R 66 -27.05 8.99 102.19
CA CYS R 66 -27.95 8.43 101.18
C CYS R 66 -27.17 8.39 99.91
N PHE R 67 -26.46 9.48 99.57
CA PHE R 67 -25.64 9.58 98.31
C PHE R 67 -24.57 8.47 98.28
N GLY R 68 -23.96 8.24 99.43
CA GLY R 68 -22.97 7.20 99.55
C GLY R 68 -23.71 5.89 99.37
N ALA R 69 -25.01 5.92 99.61
CA ALA R 69 -25.85 4.73 99.42
C ALA R 69 -26.42 4.75 97.99
N CYS R 70 -26.29 5.89 97.31
CA CYS R 70 -26.77 6.05 95.95
C CYS R 70 -25.66 5.60 95.01
N LEU R 71 -24.43 5.96 95.37
CA LEU R 71 -23.23 5.60 94.60
C LEU R 71 -22.92 4.16 94.99
N PHE R 72 -24.00 3.42 95.20
CA PHE R 72 -23.98 2.00 95.63
C PHE R 72 -24.65 1.04 94.66
N THR R 73 -25.94 1.22 94.38
CA THR R 73 -26.62 0.37 93.45
C THR R 73 -26.32 0.78 91.98
N CYS R 74 -25.79 2.00 91.74
CA CYS R 74 -25.39 2.45 90.36
C CYS R 74 -24.12 1.68 89.94
N TYR R 75 -23.24 1.46 90.91
CA TYR R 75 -21.98 0.72 90.76
C TYR R 75 -22.37 -0.75 90.56
N ASP R 76 -23.61 -1.07 90.97
CA ASP R 76 -24.20 -2.41 90.85
C ASP R 76 -24.69 -2.59 89.40
N LEU R 77 -25.95 -3.03 89.22
CA LEU R 77 -26.56 -3.23 87.90
C LEU R 77 -28.00 -2.71 87.84
N LEU R 78 -28.95 -3.58 88.21
CA LEU R 78 -30.39 -3.25 88.21
C LEU R 78 -31.01 -3.44 89.60
N ARG R 79 -31.64 -2.38 90.13
CA ARG R 79 -32.28 -2.42 91.45
C ARG R 79 -32.94 -1.06 91.80
N PRO R 80 -34.09 -0.71 91.15
CA PRO R 80 -34.79 0.57 91.42
C PRO R 80 -35.89 0.41 92.43
N ASP R 81 -37.06 0.95 92.09
CA ASP R 81 -38.27 0.84 92.90
C ASP R 81 -38.18 1.67 94.13
N VAL R 82 -37.75 1.06 95.20
CA VAL R 82 -37.67 1.84 96.40
C VAL R 82 -36.92 3.18 96.12
N VAL R 83 -35.93 3.10 95.20
CA VAL R 83 -35.03 4.20 94.82
C VAL R 83 -35.79 5.43 94.58
N LEU R 84 -37.06 5.21 94.55
CA LEU R 84 -37.89 6.30 94.32
C LEU R 84 -38.76 6.55 95.51
N GLU R 85 -39.39 5.52 96.10
CA GLU R 85 -40.32 5.79 97.18
C GLU R 85 -39.82 6.72 98.24
N LEU R 86 -38.51 6.71 98.44
CA LEU R 86 -37.83 7.53 99.43
C LEU R 86 -37.71 9.00 99.04
N ALA R 87 -37.54 9.26 97.77
CA ALA R 87 -37.45 10.62 97.32
C ALA R 87 -38.83 11.22 97.47
N TRP R 88 -39.78 10.39 97.87
CA TRP R 88 -41.15 10.83 98.03
C TRP R 88 -41.44 10.67 99.48
N ARG R 89 -40.41 10.42 100.28
CA ARG R 89 -40.60 10.27 101.72
C ARG R 89 -41.15 11.57 102.26
N HIS R 90 -40.62 12.68 101.77
CA HIS R 90 -41.06 14.00 102.20
C HIS R 90 -40.25 15.11 101.51
N ASN R 91 -39.09 14.76 100.97
CA ASN R 91 -38.24 15.74 100.32
C ASN R 91 -37.98 15.40 98.89
N ILE R 92 -36.91 15.99 98.36
CA ILE R 92 -36.54 15.80 96.96
C ILE R 92 -35.36 14.82 96.85
N MET R 93 -34.97 14.59 95.61
CA MET R 93 -33.87 13.69 95.28
C MET R 93 -33.06 14.23 94.07
N ASP R 94 -31.79 13.83 93.98
CA ASP R 94 -30.92 14.28 92.89
C ASP R 94 -30.23 13.12 92.17
N PHE R 95 -30.00 13.29 90.86
CA PHE R 95 -29.36 12.29 90.00
C PHE R 95 -30.14 10.99 89.94
N ALA R 96 -29.90 10.18 88.91
CA ALA R 96 -30.54 8.86 88.80
C ALA R 96 -30.22 8.31 87.43
N MET R 97 -31.29 7.95 86.72
CA MET R 97 -31.24 7.40 85.37
C MET R 97 -30.19 6.36 85.02
N PRO R 98 -29.94 5.34 85.88
CA PRO R 98 -28.94 4.31 85.55
C PRO R 98 -29.40 3.29 84.47
N TYR R 99 -30.49 3.60 83.73
CA TYR R 99 -31.07 2.70 82.68
C TYR R 99 -31.26 3.40 81.32
N PHE R 100 -30.88 4.66 81.29
CA PHE R 100 -30.98 5.42 80.08
C PHE R 100 -29.85 5.08 79.18
N ILE R 101 -28.95 4.23 79.66
CA ILE R 101 -27.78 3.78 78.90
C ILE R 101 -28.17 2.59 78.00
N GLN R 102 -28.91 1.62 78.55
CA GLN R 102 -29.35 0.43 77.80
C GLN R 102 -30.43 0.79 76.76
N VAL R 103 -31.00 1.97 76.95
CA VAL R 103 -32.02 2.49 76.07
C VAL R 103 -31.59 2.58 74.61
N MET R 104 -30.34 2.20 74.32
CA MET R 104 -29.78 2.24 72.96
C MET R 104 -29.91 0.94 72.14
N LYS R 105 -28.98 0.00 72.33
CA LYS R 105 -28.94 -1.29 71.61
C LYS R 105 -30.28 -1.93 71.31
N GLU R 106 -31.30 -1.52 72.04
CA GLU R 106 -32.65 -2.07 71.87
C GLU R 106 -33.35 -1.64 70.57
N TYR R 107 -33.51 -0.32 70.44
CA TYR R 107 -34.15 0.26 69.28
C TYR R 107 -33.27 0.08 68.06
N LEU R 108 -31.98 -0.18 68.30
CA LEU R 108 -31.03 -0.39 67.21
C LEU R 108 -31.19 -1.84 66.70
N THR R 109 -31.23 -2.80 67.62
CA THR R 109 -31.43 -4.19 67.24
C THR R 109 -32.91 -4.33 66.87
N LYS R 110 -33.60 -3.18 66.87
CA LYS R 110 -35.02 -3.05 66.53
C LYS R 110 -35.20 -2.61 65.08
N VAL R 111 -34.60 -1.48 64.70
CA VAL R 111 -34.68 -0.98 63.33
C VAL R 111 -33.80 -1.90 62.44
N ASP R 112 -32.98 -2.74 63.07
CA ASP R 112 -32.09 -3.67 62.37
C ASP R 112 -32.78 -5.01 62.12
N LYS R 113 -33.53 -5.49 63.10
CA LYS R 113 -34.24 -6.75 62.96
C LYS R 113 -35.31 -6.65 61.82
N LEU R 114 -35.95 -5.48 61.67
CA LEU R 114 -36.99 -5.26 60.64
C LEU R 114 -36.39 -5.48 59.25
N ASP R 115 -35.34 -4.73 58.93
CA ASP R 115 -34.65 -4.85 57.64
C ASP R 115 -34.07 -6.26 57.45
N ALA R 116 -33.67 -6.92 58.55
CA ALA R 116 -33.10 -8.27 58.48
C ALA R 116 -34.09 -9.27 57.89
N SER R 117 -35.34 -8.85 57.82
CA SER R 117 -36.40 -9.68 57.27
C SER R 117 -37.03 -9.03 56.05
N GLU R 118 -37.29 -7.74 56.12
CA GLU R 118 -37.89 -7.01 54.99
C GLU R 118 -37.19 -7.25 53.65
N SER R 119 -35.97 -7.79 53.68
CA SER R 119 -35.20 -8.04 52.44
C SER R 119 -35.36 -9.47 51.97
N LEU R 120 -35.20 -10.41 52.89
CA LEU R 120 -35.32 -11.85 52.62
C LEU R 120 -36.73 -12.17 52.15
N ARG R 121 -37.61 -11.18 52.25
CA ARG R 121 -38.99 -11.35 51.84
C ARG R 121 -39.16 -10.74 50.46
N LYS R 122 -38.56 -9.57 50.27
CA LYS R 122 -38.60 -8.87 48.99
C LYS R 122 -37.77 -9.74 48.07
N GLU R 123 -36.97 -10.57 48.72
CA GLU R 123 -36.10 -11.52 48.07
C GLU R 123 -36.93 -12.76 47.68
N GLU R 124 -37.87 -13.14 48.55
CA GLU R 124 -38.70 -14.31 48.34
C GLU R 124 -39.63 -14.09 47.14
N GLU R 125 -40.86 -14.60 47.24
CA GLU R 125 -41.84 -14.48 46.16
C GLU R 125 -41.21 -14.74 44.79
N MET S 1 75.79 26.13 -26.71
CA MET S 1 76.48 27.46 -26.68
C MET S 1 75.77 28.42 -27.62
N GLY S 2 75.14 27.85 -28.65
CA GLY S 2 74.44 28.65 -29.63
C GLY S 2 72.94 28.48 -29.59
N SER S 3 72.26 29.60 -29.35
CA SER S 3 70.81 29.66 -29.29
C SER S 3 70.29 30.65 -30.34
N SER S 4 69.44 30.17 -31.23
CA SER S 4 68.88 31.00 -32.29
C SER S 4 67.33 31.01 -32.27
N HIS S 5 66.72 32.17 -31.99
CA HIS S 5 65.24 32.35 -31.91
C HIS S 5 64.72 33.35 -32.98
N HIS S 6 63.79 32.87 -33.82
CA HIS S 6 63.22 33.67 -34.91
C HIS S 6 61.75 33.75 -34.92
N HIS S 7 61.31 34.98 -34.78
CA HIS S 7 59.91 35.22 -34.78
C HIS S 7 59.55 35.84 -36.12
N HIS S 8 58.32 35.56 -36.53
CA HIS S 8 57.76 36.02 -37.79
C HIS S 8 57.13 37.41 -37.79
N HIS S 9 57.05 38.01 -38.96
CA HIS S 9 56.46 39.34 -39.11
C HIS S 9 56.82 39.81 -40.49
N HIS S 10 57.16 41.09 -40.68
CA HIS S 10 57.61 41.56 -42.02
C HIS S 10 59.11 41.93 -41.98
N SER S 11 59.61 42.65 -42.98
CA SER S 11 61.03 43.00 -42.99
C SER S 11 61.83 41.86 -43.61
N SER S 12 63.17 41.90 -43.47
CA SER S 12 64.11 40.92 -44.08
C SER S 12 65.55 40.83 -43.52
N GLY S 13 65.85 39.66 -43.01
CA GLY S 13 67.15 39.46 -42.48
C GLY S 13 67.67 38.21 -43.11
N LEU S 14 68.74 38.37 -43.88
CA LEU S 14 69.28 37.21 -44.50
C LEU S 14 70.67 36.88 -44.05
N VAL S 15 70.83 35.74 -43.43
CA VAL S 15 72.16 35.39 -43.00
C VAL S 15 72.42 34.08 -43.58
N PRO S 16 73.50 33.98 -44.35
CA PRO S 16 73.97 32.78 -45.05
C PRO S 16 74.30 31.51 -44.26
N ARG S 17 73.87 30.34 -44.80
CA ARG S 17 74.06 28.97 -44.26
C ARG S 17 72.85 28.23 -43.55
N GLY S 18 71.82 27.77 -44.27
CA GLY S 18 70.70 27.05 -43.62
C GLY S 18 69.21 27.25 -43.97
N SER S 19 68.49 27.88 -43.06
CA SER S 19 67.05 28.14 -43.18
C SER S 19 66.52 29.38 -44.00
N HIS S 20 65.27 29.25 -44.46
CA HIS S 20 64.53 30.27 -45.22
C HIS S 20 63.02 30.09 -45.03
N MET S 21 62.42 31.05 -44.33
CA MET S 21 60.99 31.05 -44.07
C MET S 21 60.32 31.81 -45.17
N TRP S 22 59.05 31.53 -45.36
CA TRP S 22 58.30 32.17 -46.42
C TRP S 22 57.70 33.57 -46.14
N LYS S 23 56.59 33.85 -46.83
CA LYS S 23 55.85 35.10 -46.73
C LYS S 23 56.45 36.10 -47.70
N GLN S 24 55.55 36.73 -48.46
CA GLN S 24 55.87 37.72 -49.50
C GLN S 24 56.85 38.79 -49.11
N SER S 25 57.74 39.09 -50.04
CA SER S 25 58.79 40.09 -49.84
C SER S 25 59.79 39.85 -50.95
N VAL S 26 60.06 40.89 -51.74
CA VAL S 26 60.98 40.80 -52.87
C VAL S 26 62.43 40.68 -52.47
N GLU S 27 62.99 39.52 -52.78
CA GLU S 27 64.37 39.26 -52.44
C GLU S 27 65.11 38.51 -53.53
N LEU S 28 66.40 38.75 -53.64
CA LEU S 28 67.06 38.06 -54.68
C LEU S 28 68.44 37.90 -54.18
N ALA S 29 69.04 36.72 -54.39
CA ALA S 29 70.44 36.47 -54.00
C ALA S 29 71.48 36.06 -55.07
N LYS S 30 71.54 34.71 -55.17
CA LYS S 30 72.40 33.76 -56.04
C LYS S 30 72.41 32.17 -55.71
N LYS S 31 72.06 31.31 -56.67
CA LYS S 31 72.00 29.84 -56.46
C LYS S 31 70.68 29.43 -55.76
N ASP S 32 69.95 28.45 -56.28
CA ASP S 32 68.67 28.04 -55.65
C ASP S 32 68.63 26.62 -55.19
N SER S 33 67.44 26.02 -55.25
CA SER S 33 67.24 24.63 -54.85
C SER S 33 67.61 24.34 -53.40
N LEU S 34 67.88 23.07 -53.10
CA LEU S 34 68.25 22.63 -51.75
C LEU S 34 67.06 22.66 -50.79
N TYR S 35 66.08 21.76 -50.99
CA TYR S 35 64.87 21.66 -50.14
C TYR S 35 64.98 20.50 -49.16
N LYS S 36 65.65 19.43 -49.59
CA LYS S 36 65.88 18.22 -48.78
C LYS S 36 66.99 18.51 -47.78
N ASP S 37 68.09 19.07 -48.28
CA ASP S 37 69.23 19.41 -47.45
C ASP S 37 68.82 20.45 -46.42
N ALA S 38 67.93 21.36 -46.83
CA ALA S 38 67.45 22.41 -45.92
C ALA S 38 66.32 21.86 -45.08
N MET S 39 65.77 20.73 -45.51
CA MET S 39 64.67 20.09 -44.80
C MET S 39 65.17 19.18 -43.67
N GLN S 40 66.46 18.81 -43.72
CA GLN S 40 67.10 17.94 -42.73
C GLN S 40 67.49 18.68 -41.42
N TYR S 41 68.07 19.86 -41.56
CA TYR S 41 68.47 20.65 -40.40
C TYR S 41 67.28 21.25 -39.60
N ALA S 42 66.04 20.86 -39.90
CA ALA S 42 64.87 21.42 -39.19
C ALA S 42 64.24 20.40 -38.30
N SER S 43 64.60 19.14 -38.52
CA SER S 43 64.06 18.06 -37.74
C SER S 43 64.88 17.85 -36.48
N GLU S 44 66.11 17.36 -36.69
CA GLU S 44 67.09 17.06 -35.63
C GLU S 44 67.63 18.37 -35.07
N SER S 45 66.73 19.37 -35.04
CA SER S 45 67.00 20.70 -34.48
C SER S 45 66.31 20.81 -33.13
N LYS S 46 65.08 21.29 -33.16
CA LYS S 46 64.26 21.50 -31.97
C LYS S 46 62.90 21.98 -32.47
N ASP S 47 62.52 23.19 -32.08
CA ASP S 47 61.26 23.74 -32.51
C ASP S 47 60.15 22.88 -31.96
N THR S 48 59.54 23.32 -30.88
CA THR S 48 58.44 22.57 -30.30
C THR S 48 57.17 23.04 -31.00
N GLU S 49 56.69 24.23 -30.63
CA GLU S 49 55.48 24.80 -31.23
C GLU S 49 55.81 25.20 -32.65
N LEU S 50 56.78 26.10 -32.80
CA LEU S 50 57.23 26.62 -34.09
C LEU S 50 57.32 25.55 -35.18
N ALA S 51 57.93 24.40 -34.84
CA ALA S 51 58.09 23.32 -35.79
C ALA S 51 56.81 23.05 -36.54
N GLU S 52 55.84 22.43 -35.84
CA GLU S 52 54.51 22.01 -36.35
C GLU S 52 53.89 22.85 -37.45
N GLU S 53 53.69 24.13 -37.18
CA GLU S 53 53.13 25.07 -38.14
C GLU S 53 53.72 24.95 -39.55
N LEU S 54 54.93 24.45 -39.65
CA LEU S 54 55.60 24.26 -40.94
C LEU S 54 55.06 23.04 -41.80
N LEU S 55 55.01 21.85 -41.17
CA LEU S 55 54.57 20.61 -41.78
C LEU S 55 53.17 20.74 -42.24
N GLN S 56 52.29 21.25 -41.42
CA GLN S 56 50.93 21.41 -41.92
C GLN S 56 50.85 21.87 -43.44
N TRP S 57 51.48 23.02 -43.71
CA TRP S 57 51.51 23.63 -45.02
C TRP S 57 52.23 22.73 -45.96
N PHE S 58 53.13 21.93 -45.41
CA PHE S 58 53.81 21.00 -46.29
C PHE S 58 52.92 19.78 -46.55
N LEU S 59 52.05 19.44 -45.57
CA LEU S 59 51.12 18.29 -45.62
C LEU S 59 49.83 18.77 -46.13
N GLN S 60 49.76 20.06 -46.33
CA GLN S 60 48.58 20.67 -46.88
C GLN S 60 48.60 20.70 -48.42
N GLU S 61 49.79 20.96 -49.01
CA GLU S 61 50.02 21.06 -50.48
C GLU S 61 51.15 20.16 -50.93
N GLU S 62 51.32 20.03 -52.24
CA GLU S 62 52.38 19.21 -52.80
C GLU S 62 52.08 17.69 -52.60
N LYS S 63 52.95 16.82 -53.14
CA LYS S 63 52.83 15.35 -53.06
C LYS S 63 54.11 14.70 -52.52
N ARG S 64 55.24 15.30 -52.87
CA ARG S 64 56.53 14.82 -52.42
C ARG S 64 56.92 15.55 -51.12
N GLU S 65 56.51 16.83 -51.01
CA GLU S 65 56.76 17.73 -49.84
C GLU S 65 55.93 17.32 -48.63
N CYS S 66 54.96 16.45 -48.88
CA CYS S 66 54.13 15.89 -47.82
C CYS S 66 54.87 14.65 -47.35
N PHE S 67 55.23 13.78 -48.29
CA PHE S 67 55.97 12.55 -47.97
C PHE S 67 57.21 12.87 -47.17
N GLY S 68 58.07 13.73 -47.72
CA GLY S 68 59.28 14.13 -47.01
C GLY S 68 59.04 14.70 -45.61
N ALA S 69 58.00 15.53 -45.45
CA ALA S 69 57.65 16.12 -44.15
C ALA S 69 57.21 15.01 -43.20
N CYS S 70 56.69 13.93 -43.77
CA CYS S 70 56.28 12.76 -43.00
C CYS S 70 57.53 12.10 -42.44
N LEU S 71 58.44 11.68 -43.31
CA LEU S 71 59.69 11.08 -42.84
C LEU S 71 60.34 12.09 -41.87
N PHE S 72 60.20 13.38 -42.17
CA PHE S 72 60.74 14.49 -41.36
C PHE S 72 60.21 14.34 -39.94
N THR S 73 58.93 14.06 -39.85
CA THR S 73 58.27 13.89 -38.59
C THR S 73 58.76 12.71 -37.80
N CYS S 74 58.60 11.52 -38.38
CA CYS S 74 58.97 10.23 -37.79
C CYS S 74 60.31 10.22 -37.05
N TYR S 75 61.34 10.75 -37.68
CA TYR S 75 62.66 10.78 -37.05
C TYR S 75 62.79 11.82 -35.92
N ASP S 76 61.65 12.28 -35.37
CA ASP S 76 61.60 13.27 -34.27
C ASP S 76 60.73 12.77 -33.11
N LEU S 77 60.03 11.66 -33.39
CA LEU S 77 59.14 10.99 -32.45
C LEU S 77 57.92 11.83 -32.14
N LEU S 78 57.70 12.08 -30.85
CA LEU S 78 56.56 12.86 -30.34
C LEU S 78 55.99 13.96 -31.28
N ARG S 79 54.94 13.63 -32.06
CA ARG S 79 54.25 14.51 -33.06
C ARG S 79 53.14 13.87 -33.96
N PRO S 80 52.47 12.87 -33.41
CA PRO S 80 51.44 12.23 -34.22
C PRO S 80 50.30 13.17 -34.23
N ASP S 81 49.19 12.69 -33.68
CA ASP S 81 47.91 13.39 -33.61
C ASP S 81 47.62 14.13 -34.88
N VAL S 82 48.13 15.33 -34.92
CA VAL S 82 47.99 16.17 -36.09
C VAL S 82 48.17 15.34 -37.36
N VAL S 83 49.22 14.52 -37.42
CA VAL S 83 49.49 13.70 -38.60
C VAL S 83 48.23 13.00 -39.12
N LEU S 84 47.41 12.57 -38.17
CA LEU S 84 46.18 11.87 -38.50
C LEU S 84 45.12 12.76 -39.18
N GLU S 85 44.89 13.91 -38.58
CA GLU S 85 43.88 14.75 -39.12
C GLU S 85 44.19 14.93 -40.56
N LEU S 86 45.37 15.40 -40.90
CA LEU S 86 45.67 15.67 -42.26
C LEU S 86 45.45 14.57 -43.34
N ALA S 87 45.28 13.34 -42.81
CA ALA S 87 45.08 12.05 -43.52
C ALA S 87 43.61 11.72 -43.75
N TRP S 88 42.78 12.26 -42.87
CA TRP S 88 41.37 12.11 -43.00
C TRP S 88 40.86 13.36 -43.80
N ARG S 89 41.76 14.10 -44.46
CA ARG S 89 41.37 15.29 -45.22
C ARG S 89 40.62 15.00 -46.50
N HIS S 90 41.33 15.05 -47.62
CA HIS S 90 40.72 14.82 -48.92
C HIS S 90 40.67 13.37 -49.37
N ASN S 91 41.83 12.71 -49.41
CA ASN S 91 41.85 11.32 -49.85
C ASN S 91 42.61 10.32 -48.94
N ILE S 92 42.74 9.10 -49.45
CA ILE S 92 43.41 8.06 -48.71
C ILE S 92 44.86 8.40 -48.50
N MET S 93 45.45 7.80 -47.48
CA MET S 93 46.82 8.06 -47.29
C MET S 93 47.48 6.82 -46.72
N ASP S 94 48.72 6.99 -46.20
CA ASP S 94 49.55 5.95 -45.56
C ASP S 94 50.06 6.36 -44.19
N PHE S 95 49.60 5.67 -43.16
CA PHE S 95 50.02 5.99 -41.80
C PHE S 95 51.44 5.54 -41.43
N ALA S 96 51.75 5.49 -40.15
CA ALA S 96 53.05 5.01 -39.79
C ALA S 96 52.95 3.80 -38.87
N MET S 97 53.44 3.88 -37.62
CA MET S 97 53.36 2.76 -36.69
C MET S 97 53.81 3.08 -35.28
N PRO S 98 53.41 4.24 -34.75
CA PRO S 98 53.83 4.62 -33.40
C PRO S 98 52.98 4.04 -32.22
N TYR S 99 53.00 2.74 -32.04
CA TYR S 99 52.20 2.18 -30.98
C TYR S 99 52.97 1.27 -30.09
N PHE S 100 53.57 0.26 -30.70
CA PHE S 100 54.37 -0.73 -30.00
C PHE S 100 55.22 -0.13 -28.88
N ILE S 101 55.92 0.97 -29.18
CA ILE S 101 56.81 1.65 -28.23
C ILE S 101 56.06 1.80 -26.94
N GLN S 102 54.78 2.04 -27.06
CA GLN S 102 53.95 2.24 -25.89
C GLN S 102 53.55 0.96 -25.19
N VAL S 103 53.37 -0.10 -25.95
CA VAL S 103 53.00 -1.39 -25.37
C VAL S 103 53.95 -1.82 -24.25
N MET S 104 55.16 -1.26 -24.26
CA MET S 104 56.21 -1.56 -23.27
C MET S 104 55.78 -1.08 -21.88
N LYS S 105 55.97 0.21 -21.67
CA LYS S 105 55.62 0.88 -20.44
C LYS S 105 54.29 0.39 -19.91
N GLU S 106 53.35 0.06 -20.79
CA GLU S 106 52.03 -0.40 -20.37
C GLU S 106 52.13 -1.59 -19.40
N TYR S 107 52.21 -2.77 -19.98
CA TYR S 107 52.31 -3.99 -19.21
C TYR S 107 53.55 -3.95 -18.32
N LEU S 108 54.45 -3.00 -18.58
CA LEU S 108 55.68 -2.87 -17.81
C LEU S 108 55.42 -2.33 -16.40
N THR S 109 54.83 -1.14 -16.33
CA THR S 109 54.54 -0.50 -15.05
C THR S 109 53.79 -1.42 -14.09
N LYS S 110 52.72 -2.03 -14.58
CA LYS S 110 51.91 -2.92 -13.78
C LYS S 110 52.76 -3.87 -12.98
N VAL S 111 53.46 -4.75 -13.68
CA VAL S 111 54.31 -5.74 -13.03
C VAL S 111 55.19 -5.12 -11.94
N ASP S 112 55.68 -3.91 -12.17
CA ASP S 112 56.53 -3.23 -11.20
C ASP S 112 55.76 -2.94 -9.94
N LYS S 113 54.61 -2.29 -10.09
CA LYS S 113 53.76 -1.99 -8.96
C LYS S 113 53.30 -3.27 -8.25
N LEU S 114 53.20 -4.38 -9.00
CA LEU S 114 52.79 -5.70 -8.46
C LEU S 114 53.76 -6.19 -7.38
N ASP S 115 55.02 -6.39 -7.76
CA ASP S 115 56.05 -6.85 -6.84
C ASP S 115 56.56 -5.76 -5.89
N ALA S 116 56.00 -4.56 -6.05
CA ALA S 116 56.38 -3.40 -5.24
C ALA S 116 55.63 -3.36 -3.91
N SER S 117 54.48 -4.03 -3.88
CA SER S 117 53.64 -4.13 -2.68
C SER S 117 53.82 -5.51 -2.03
N GLU S 118 53.99 -6.57 -2.84
CA GLU S 118 54.19 -7.94 -2.34
C GLU S 118 55.39 -7.98 -1.39
N SER S 119 56.31 -7.05 -1.57
CA SER S 119 57.52 -6.95 -0.75
C SER S 119 57.31 -6.08 0.49
N LEU S 120 56.67 -4.92 0.30
CA LEU S 120 56.39 -4.00 1.41
C LEU S 120 55.38 -4.60 2.38
N ARG S 121 54.98 -5.85 2.14
CA ARG S 121 54.02 -6.54 3.00
C ARG S 121 54.67 -7.74 3.73
N LYS S 122 55.77 -8.26 3.19
CA LYS S 122 56.47 -9.40 3.81
C LYS S 122 57.53 -8.96 4.82
N GLU S 123 57.69 -7.64 4.95
CA GLU S 123 58.65 -7.06 5.88
C GLU S 123 57.97 -6.67 7.19
N GLU S 124 56.65 -6.55 7.17
CA GLU S 124 55.87 -6.18 8.34
C GLU S 124 55.23 -7.42 8.99
N GLU S 125 54.99 -8.46 8.20
CA GLU S 125 54.38 -9.70 8.68
C GLU S 125 55.42 -10.55 9.39
N ALA T 29 4.48 5.48 -27.16
CA ALA T 29 5.01 5.70 -28.53
C ALA T 29 4.42 6.93 -29.11
N LYS T 30 3.74 6.67 -30.22
CA LYS T 30 3.10 7.74 -30.90
C LYS T 30 4.13 8.66 -31.51
N LYS T 31 3.73 9.39 -32.55
CA LYS T 31 4.56 10.36 -33.27
C LYS T 31 6.04 10.00 -33.26
N ASP T 32 6.91 11.01 -33.28
CA ASP T 32 8.36 10.79 -33.27
C ASP T 32 9.15 11.83 -32.49
N SER T 33 8.68 13.07 -32.52
CA SER T 33 9.34 14.16 -31.81
C SER T 33 9.60 13.71 -30.39
N LEU T 34 8.71 12.85 -29.89
CA LEU T 34 8.82 12.33 -28.55
C LEU T 34 10.11 11.54 -28.41
N TYR T 35 10.46 10.79 -29.44
CA TYR T 35 11.67 9.99 -29.43
C TYR T 35 12.87 10.92 -29.30
N LYS T 36 13.08 11.73 -30.31
CA LYS T 36 14.19 12.67 -30.32
C LYS T 36 14.37 13.49 -29.04
N ASP T 37 13.33 13.57 -28.21
CA ASP T 37 13.41 14.33 -26.95
C ASP T 37 13.88 13.42 -25.80
N ALA T 38 13.64 12.11 -25.96
CA ALA T 38 13.99 11.10 -24.97
C ALA T 38 15.48 10.95 -24.84
N MET T 39 16.04 10.33 -25.85
CA MET T 39 17.45 10.15 -25.85
C MET T 39 18.12 11.42 -25.34
N GLN T 40 17.48 12.56 -25.53
CA GLN T 40 18.05 13.83 -25.12
C GLN T 40 17.91 14.16 -23.67
N TYR T 41 16.95 13.53 -23.00
CA TYR T 41 16.75 13.77 -21.57
C TYR T 41 17.48 12.69 -20.76
N ALA T 42 18.17 11.82 -21.49
CA ALA T 42 18.93 10.71 -20.93
C ALA T 42 20.41 10.95 -20.96
N SER T 43 20.79 11.95 -21.73
CA SER T 43 22.18 12.32 -21.85
C SER T 43 22.67 13.03 -20.58
N GLU T 44 21.76 13.76 -19.93
CA GLU T 44 22.10 14.51 -18.74
C GLU T 44 22.34 13.52 -17.59
N SER T 45 21.37 12.66 -17.37
CA SER T 45 21.51 11.70 -16.30
C SER T 45 22.81 10.90 -16.55
N LYS T 46 22.83 10.08 -17.61
CA LYS T 46 24.00 9.29 -17.97
C LYS T 46 24.38 8.28 -16.88
N ASP T 47 24.49 7.01 -17.25
CA ASP T 47 24.86 5.91 -16.32
C ASP T 47 26.05 5.12 -16.87
N THR T 48 25.97 3.80 -16.73
CA THR T 48 27.00 2.89 -17.21
C THR T 48 26.53 2.22 -18.50
N GLU T 49 26.38 0.90 -18.46
CA GLU T 49 25.89 0.17 -19.61
C GLU T 49 24.52 0.72 -19.96
N LEU T 50 23.81 1.22 -18.95
CA LEU T 50 22.48 1.80 -19.14
C LEU T 50 22.67 2.92 -20.15
N ALA T 51 23.63 3.80 -19.85
CA ALA T 51 23.98 4.97 -20.70
C ALA T 51 24.70 4.50 -21.96
N GLU T 52 25.40 3.37 -21.86
CA GLU T 52 26.13 2.86 -23.01
C GLU T 52 25.19 2.23 -24.02
N GLU T 53 24.75 1.04 -23.67
CA GLU T 53 23.85 0.31 -24.52
C GLU T 53 22.85 1.25 -25.21
N LEU T 54 22.18 2.10 -24.45
CA LEU T 54 21.19 2.99 -25.06
C LEU T 54 21.60 3.56 -26.43
N LEU T 55 22.89 3.76 -26.64
CA LEU T 55 23.39 4.34 -27.89
C LEU T 55 23.31 3.53 -29.21
N GLN T 56 23.72 2.27 -29.17
CA GLN T 56 23.67 1.43 -30.37
C GLN T 56 22.32 1.50 -31.10
N TRP T 57 21.23 1.52 -30.34
CA TRP T 57 19.90 1.58 -30.94
C TRP T 57 19.64 2.99 -31.42
N PHE T 58 20.43 3.92 -30.89
CA PHE T 58 20.27 5.31 -31.28
C PHE T 58 21.08 5.41 -32.54
N LEU T 59 21.68 4.29 -32.90
CA LEU T 59 22.51 4.24 -34.08
C LEU T 59 21.97 3.21 -35.06
N GLN T 60 21.08 2.34 -34.58
CA GLN T 60 20.54 1.33 -35.45
C GLN T 60 19.87 1.90 -36.71
N GLU T 61 19.52 3.19 -36.64
CA GLU T 61 18.84 3.90 -37.75
C GLU T 61 18.90 5.43 -37.54
N GLU T 62 18.20 6.18 -38.38
CA GLU T 62 18.19 7.65 -38.29
C GLU T 62 19.58 8.24 -38.62
N LYS T 63 19.62 9.56 -38.81
CA LYS T 63 20.87 10.26 -39.13
C LYS T 63 21.53 10.89 -37.91
N ARG T 64 21.23 12.17 -37.68
CA ARG T 64 21.82 12.88 -36.55
C ARG T 64 21.51 12.23 -35.21
N GLU T 65 20.49 11.38 -35.21
CA GLU T 65 20.14 10.68 -34.00
C GLU T 65 21.32 9.84 -33.60
N CYS T 66 22.05 9.29 -34.58
CA CYS T 66 23.22 8.46 -34.29
C CYS T 66 24.35 9.38 -33.79
N PHE T 67 24.47 10.57 -34.37
CA PHE T 67 25.47 11.56 -34.00
C PHE T 67 25.37 11.99 -32.54
N GLY T 68 24.23 12.56 -32.18
CA GLY T 68 23.99 12.99 -30.81
C GLY T 68 24.34 11.92 -29.79
N ALA T 69 24.16 10.65 -30.16
CA ALA T 69 24.45 9.51 -29.29
C ALA T 69 25.95 9.22 -29.31
N CYS T 70 26.57 9.40 -30.46
CA CYS T 70 27.99 9.17 -30.60
C CYS T 70 28.74 10.02 -29.57
N LEU T 71 28.13 11.14 -29.17
CA LEU T 71 28.74 12.04 -28.18
C LEU T 71 28.75 11.41 -26.80
N PHE T 72 27.64 10.75 -26.50
CA PHE T 72 27.49 10.09 -25.23
C PHE T 72 28.54 9.01 -24.93
N THR T 73 28.77 8.11 -25.89
CA THR T 73 29.73 7.02 -25.71
C THR T 73 31.05 7.51 -25.12
N CYS T 74 31.61 8.56 -25.72
CA CYS T 74 32.88 9.15 -25.30
C CYS T 74 32.78 9.81 -23.93
N TYR T 75 31.58 10.24 -23.61
CA TYR T 75 31.33 10.85 -22.33
C TYR T 75 31.60 9.79 -21.27
N ASP T 76 31.30 8.53 -21.58
CA ASP T 76 31.51 7.45 -20.62
C ASP T 76 33.01 7.30 -20.32
N LEU T 77 33.81 8.21 -20.89
CA LEU T 77 35.26 8.22 -20.71
C LEU T 77 36.01 7.10 -21.45
N LEU T 78 35.41 5.91 -21.52
CA LEU T 78 36.07 4.78 -22.18
C LEU T 78 35.08 3.82 -22.88
N ARG T 79 34.95 3.94 -24.19
CA ARG T 79 34.06 3.05 -24.91
C ARG T 79 34.30 3.05 -26.41
N PRO T 80 35.14 2.12 -26.90
CA PRO T 80 35.46 1.99 -28.33
C PRO T 80 34.42 1.15 -29.08
N ASP T 81 34.89 0.04 -29.70
CA ASP T 81 34.06 -0.94 -30.43
C ASP T 81 32.98 -0.33 -31.30
N VAL T 82 31.86 0.02 -30.68
CA VAL T 82 30.75 0.64 -31.38
C VAL T 82 31.28 1.73 -32.38
N VAL T 83 32.39 2.35 -31.99
CA VAL T 83 33.04 3.43 -32.76
C VAL T 83 33.61 2.88 -34.06
N LEU T 84 33.99 1.62 -34.02
CA LEU T 84 34.55 0.97 -35.20
C LEU T 84 33.50 0.44 -36.16
N GLU T 85 32.52 -0.30 -35.63
CA GLU T 85 31.39 -0.98 -36.37
C GLU T 85 30.50 -0.12 -37.31
N LEU T 86 30.00 0.98 -36.75
CA LEU T 86 29.14 1.93 -37.47
C LEU T 86 30.01 2.81 -38.35
N ALA T 87 31.32 2.66 -38.20
CA ALA T 87 32.27 3.43 -38.96
C ALA T 87 32.31 2.84 -40.34
N TRP T 88 32.05 1.53 -40.44
CA TRP T 88 32.08 0.80 -41.72
C TRP T 88 30.71 0.80 -42.41
N ARG T 89 30.09 1.96 -42.40
CA ARG T 89 28.79 2.10 -43.01
C ARG T 89 28.94 2.56 -44.47
N HIS T 90 29.14 3.86 -44.69
CA HIS T 90 29.28 4.40 -46.04
C HIS T 90 30.27 5.59 -46.13
N ASN T 91 29.87 6.75 -45.62
CA ASN T 91 30.69 7.97 -45.67
C ASN T 91 31.85 8.00 -44.65
N ILE T 92 32.35 9.20 -44.37
CA ILE T 92 33.45 9.36 -43.45
C ILE T 92 32.98 9.41 -42.04
N MET T 93 33.87 9.25 -41.09
CA MET T 93 33.40 9.28 -39.70
C MET T 93 34.34 10.17 -38.93
N ASP T 94 34.34 10.01 -37.61
CA ASP T 94 35.20 10.78 -36.72
C ASP T 94 36.14 9.89 -35.89
N PHE T 95 36.86 10.54 -34.96
CA PHE T 95 37.84 9.94 -34.01
C PHE T 95 38.59 10.92 -33.04
N ALA T 96 38.92 10.32 -31.90
CA ALA T 96 39.65 11.00 -30.84
C ALA T 96 40.55 10.01 -30.11
N MET T 97 41.63 10.55 -29.55
CA MET T 97 42.60 9.74 -28.82
C MET T 97 43.18 10.44 -27.59
N PRO T 98 43.16 9.76 -26.45
CA PRO T 98 43.67 10.22 -25.16
C PRO T 98 45.22 10.20 -25.11
N TYR T 99 45.81 9.46 -24.16
CA TYR T 99 47.27 9.35 -24.00
C TYR T 99 47.86 10.52 -23.29
N PHE T 100 49.20 10.64 -23.29
CA PHE T 100 49.92 11.76 -22.64
C PHE T 100 49.75 11.82 -21.12
N ILE T 101 48.51 11.98 -20.65
CA ILE T 101 48.21 12.07 -19.21
C ILE T 101 48.94 10.92 -18.56
N GLN T 102 49.18 9.89 -19.35
CA GLN T 102 49.82 8.71 -18.85
C GLN T 102 51.28 8.98 -18.81
N VAL T 103 51.75 9.66 -19.86
CA VAL T 103 53.15 9.98 -19.99
C VAL T 103 53.69 10.62 -18.71
N MET T 104 52.88 11.50 -18.11
CA MET T 104 53.30 12.18 -16.89
C MET T 104 53.09 11.34 -15.63
N LYS T 105 53.16 10.01 -15.76
CA LYS T 105 52.95 9.08 -14.64
C LYS T 105 54.10 8.13 -14.34
N GLU T 106 54.60 7.47 -15.39
CA GLU T 106 55.73 6.57 -15.20
C GLU T 106 56.95 7.38 -14.74
N TYR T 107 56.95 8.68 -15.06
CA TYR T 107 58.03 9.62 -14.69
C TYR T 107 58.01 9.88 -13.19
N LEU T 108 56.83 9.66 -12.59
CA LEU T 108 56.63 9.82 -11.15
C LEU T 108 57.09 8.55 -10.46
N THR T 109 56.59 7.38 -10.89
CA THR T 109 57.04 6.08 -10.28
C THR T 109 58.57 5.80 -10.37
N LYS T 110 59.26 6.49 -11.28
CA LYS T 110 60.73 6.42 -11.49
C LYS T 110 61.55 7.33 -10.51
N VAL T 111 60.90 8.34 -9.93
CA VAL T 111 61.58 9.23 -8.98
C VAL T 111 61.44 8.66 -7.59
N ASP T 112 60.46 7.76 -7.41
CA ASP T 112 60.18 7.09 -6.12
C ASP T 112 61.07 5.86 -5.93
N LYS T 113 61.25 5.08 -6.99
CA LYS T 113 62.10 3.88 -6.98
C LYS T 113 63.55 4.28 -6.71
N LEU T 114 63.90 5.52 -7.04
CA LEU T 114 65.25 6.06 -6.81
C LEU T 114 65.40 6.55 -5.37
N ASP T 115 64.49 7.41 -4.91
CA ASP T 115 64.53 7.94 -3.54
C ASP T 115 64.27 6.84 -2.47
N ALA T 116 63.73 5.68 -2.88
CA ALA T 116 63.53 4.57 -1.92
C ALA T 116 64.64 3.54 -2.04
N SER T 117 65.65 3.87 -2.86
CA SER T 117 66.82 3.01 -3.02
C SER T 117 68.08 3.76 -2.59
N GLU T 118 68.11 5.08 -2.77
CA GLU T 118 69.28 5.89 -2.39
C GLU T 118 69.47 5.88 -0.88
N SER T 119 68.41 6.22 -0.14
CA SER T 119 68.45 6.24 1.31
C SER T 119 68.41 4.83 1.92
N LEU T 120 67.78 3.88 1.22
CA LEU T 120 67.68 2.50 1.72
C LEU T 120 69.05 1.81 1.63
N ARG T 121 69.86 2.27 0.68
CA ARG T 121 71.22 1.72 0.48
C ARG T 121 72.26 2.49 1.29
N LYS T 122 72.07 3.81 1.40
CA LYS T 122 72.99 4.66 2.17
C LYS T 122 72.84 4.41 3.67
N GLU T 123 72.08 3.38 4.02
CA GLU T 123 71.84 3.00 5.41
C GLU T 123 72.55 1.69 5.77
N GLU T 124 72.70 0.80 4.79
CA GLU T 124 73.36 -0.48 5.03
C GLU T 124 74.85 -0.32 5.32
N GLU T 125 75.41 0.84 5.00
CA GLU T 125 76.83 1.10 5.23
C GLU T 125 77.09 1.44 6.71
N MET U 1 28.86 -77.34 -26.12
CA MET U 1 29.23 -77.04 -27.55
C MET U 1 29.96 -75.65 -27.81
N GLY U 2 29.38 -74.54 -27.32
CA GLY U 2 29.97 -73.20 -27.49
C GLY U 2 30.50 -72.41 -26.27
N SER U 3 31.60 -71.70 -26.46
CA SER U 3 32.20 -70.93 -25.37
C SER U 3 32.62 -69.56 -25.88
N SER U 4 32.04 -68.51 -25.29
CA SER U 4 32.33 -67.12 -25.68
C SER U 4 33.16 -66.37 -24.63
N HIS U 5 34.27 -65.76 -25.08
CA HIS U 5 35.20 -65.02 -24.20
C HIS U 5 35.53 -63.61 -24.69
N HIS U 6 34.82 -62.67 -24.11
CA HIS U 6 34.99 -61.29 -24.47
C HIS U 6 35.83 -60.64 -23.49
N HIS U 7 36.97 -60.20 -23.98
CA HIS U 7 37.89 -59.50 -23.14
C HIS U 7 38.10 -58.06 -23.69
N HIS U 8 37.61 -57.06 -22.95
CA HIS U 8 37.72 -55.63 -23.31
C HIS U 8 38.61 -54.80 -22.34
N HIS U 9 39.74 -54.25 -22.85
CA HIS U 9 40.71 -53.47 -22.05
C HIS U 9 40.93 -52.06 -22.63
N HIS U 10 40.64 -51.09 -21.79
CA HIS U 10 40.72 -49.69 -22.14
C HIS U 10 41.66 -48.90 -21.24
N SER U 11 42.77 -48.50 -21.83
CA SER U 11 43.73 -47.73 -21.09
C SER U 11 43.79 -46.34 -21.71
N SER U 12 43.34 -45.33 -20.97
CA SER U 12 43.35 -43.93 -21.46
C SER U 12 44.56 -43.14 -20.97
N GLY U 13 45.45 -42.79 -21.88
CA GLY U 13 46.62 -42.03 -21.52
C GLY U 13 46.33 -40.55 -21.65
N LEU U 14 46.15 -39.89 -20.51
CA LEU U 14 45.85 -38.46 -20.50
C LEU U 14 46.88 -37.67 -21.33
N VAL U 15 46.65 -37.60 -22.64
CA VAL U 15 47.54 -36.89 -23.55
C VAL U 15 46.79 -36.28 -24.74
N PRO U 16 46.07 -37.10 -25.52
CA PRO U 16 45.32 -36.62 -26.68
C PRO U 16 44.34 -35.49 -26.36
N ARG U 17 44.55 -34.33 -26.97
CA ARG U 17 43.69 -33.18 -26.75
C ARG U 17 43.35 -32.53 -28.08
N GLY U 18 42.07 -32.52 -28.42
CA GLY U 18 41.64 -31.91 -29.66
C GLY U 18 40.70 -30.74 -29.46
N SER U 19 41.05 -29.60 -30.06
CA SER U 19 40.23 -28.39 -29.96
C SER U 19 39.51 -28.14 -31.27
N HIS U 20 38.19 -28.13 -31.20
CA HIS U 20 37.36 -27.91 -32.37
C HIS U 20 36.46 -26.69 -32.15
N MET U 21 36.65 -25.69 -33.01
CA MET U 21 35.87 -24.46 -32.95
C MET U 21 34.72 -24.50 -33.98
N TRP U 22 34.33 -23.34 -34.48
CA TRP U 22 33.25 -23.26 -35.46
C TRP U 22 33.20 -21.86 -36.11
N LYS U 23 32.70 -21.78 -37.34
CA LYS U 23 32.54 -20.52 -38.09
C LYS U 23 32.34 -20.79 -39.57
N GLN U 24 31.18 -21.34 -39.90
CA GLN U 24 30.88 -21.66 -41.29
C GLN U 24 29.44 -21.31 -41.68
N SER U 25 29.28 -20.14 -42.30
CA SER U 25 27.99 -19.61 -42.77
C SER U 25 28.13 -18.11 -43.04
N VAL U 26 27.93 -17.32 -41.98
CA VAL U 26 28.05 -15.86 -42.05
C VAL U 26 27.27 -15.30 -43.22
N GLU U 27 27.51 -14.03 -43.49
CA GLU U 27 26.86 -13.31 -44.57
C GLU U 27 27.93 -12.71 -45.47
N LEU U 28 28.34 -13.46 -46.49
CA LEU U 28 29.32 -12.96 -47.42
C LEU U 28 29.05 -13.57 -48.80
N ALA U 29 28.52 -14.79 -48.78
CA ALA U 29 28.20 -15.55 -49.99
C ALA U 29 29.38 -15.68 -50.95
N LYS U 30 30.55 -16.05 -50.41
CA LYS U 30 31.78 -16.22 -51.21
C LYS U 30 32.78 -17.11 -50.47
N LYS U 31 32.80 -18.40 -50.81
CA LYS U 31 33.69 -19.38 -50.17
C LYS U 31 34.67 -20.03 -51.15
N ASP U 32 35.94 -20.03 -50.77
CA ASP U 32 36.99 -20.61 -51.58
C ASP U 32 37.51 -21.81 -50.80
N SER U 33 37.54 -22.99 -51.42
CA SER U 33 38.00 -24.23 -50.77
C SER U 33 39.51 -24.46 -50.74
N LEU U 34 39.90 -25.70 -50.44
CA LEU U 34 41.29 -26.14 -50.35
C LEU U 34 41.91 -25.71 -49.03
N TYR U 35 43.06 -26.28 -48.73
CA TYR U 35 43.80 -26.00 -47.50
C TYR U 35 42.90 -26.22 -46.28
N LYS U 36 43.15 -25.46 -45.21
CA LYS U 36 42.37 -25.57 -43.99
C LYS U 36 42.61 -26.98 -43.36
N ASP U 37 41.99 -27.27 -42.21
CA ASP U 37 42.10 -28.57 -41.50
C ASP U 37 43.31 -28.63 -40.55
N ALA U 38 44.46 -28.98 -41.11
CA ALA U 38 45.71 -29.08 -40.36
C ALA U 38 46.36 -27.74 -39.86
N MET U 39 45.81 -26.57 -40.27
CA MET U 39 46.34 -25.21 -39.94
C MET U 39 45.77 -24.62 -38.64
N GLN U 40 44.55 -25.05 -38.33
CA GLN U 40 43.83 -24.59 -37.16
C GLN U 40 44.34 -25.30 -35.92
N TYR U 41 44.83 -26.52 -36.13
CA TYR U 41 45.38 -27.39 -35.08
C TYR U 41 46.84 -26.95 -34.78
N ALA U 42 47.61 -26.61 -35.81
CA ALA U 42 49.00 -26.17 -35.61
C ALA U 42 49.01 -24.77 -34.95
N SER U 43 47.92 -24.02 -35.12
CA SER U 43 47.78 -22.73 -34.51
C SER U 43 48.17 -22.83 -33.02
N GLU U 44 47.88 -23.96 -32.37
CA GLU U 44 48.18 -24.18 -30.93
C GLU U 44 49.65 -24.27 -30.59
N SER U 45 50.46 -23.92 -31.59
CA SER U 45 51.90 -23.93 -31.43
C SER U 45 52.47 -22.51 -31.25
N LYS U 46 52.43 -21.68 -32.32
CA LYS U 46 52.93 -20.29 -32.35
C LYS U 46 54.20 -19.96 -31.54
N ASP U 47 54.40 -18.67 -31.24
CA ASP U 47 55.57 -18.18 -30.49
C ASP U 47 56.80 -17.96 -31.39
N THR U 48 57.63 -17.01 -31.03
CA THR U 48 58.83 -16.73 -31.80
C THR U 48 58.43 -16.30 -33.19
N GLU U 49 59.45 -15.91 -33.97
CA GLU U 49 59.26 -15.43 -35.33
C GLU U 49 58.60 -16.46 -36.19
N LEU U 50 59.11 -17.70 -36.16
CA LEU U 50 58.53 -18.78 -36.97
C LEU U 50 56.97 -18.81 -36.83
N ALA U 51 56.43 -18.34 -35.70
CA ALA U 51 54.96 -18.28 -35.48
C ALA U 51 54.30 -17.26 -36.38
N GLU U 52 54.93 -16.08 -36.50
CA GLU U 52 54.48 -14.97 -37.35
C GLU U 52 54.74 -15.27 -38.84
N GLU U 53 55.80 -16.04 -39.14
CA GLU U 53 56.13 -16.43 -40.52
C GLU U 53 54.94 -17.24 -41.07
N LEU U 54 54.14 -17.79 -40.15
CA LEU U 54 52.97 -18.57 -40.47
C LEU U 54 51.78 -17.69 -40.92
N LEU U 55 51.73 -16.42 -40.49
CA LEU U 55 50.64 -15.52 -40.93
C LEU U 55 50.97 -14.84 -42.27
N GLN U 56 52.24 -14.95 -42.66
CA GLN U 56 52.74 -14.38 -43.92
C GLN U 56 51.92 -14.96 -45.08
N TRP U 57 52.33 -16.17 -45.53
CA TRP U 57 51.71 -16.91 -46.63
C TRP U 57 50.28 -17.41 -46.36
N PHE U 58 49.79 -17.22 -45.13
CA PHE U 58 48.44 -17.67 -44.72
C PHE U 58 47.49 -16.52 -44.83
N LEU U 59 48.07 -15.32 -44.91
CA LEU U 59 47.33 -14.07 -45.02
C LEU U 59 47.53 -13.43 -46.40
N GLN U 60 48.11 -14.20 -47.31
CA GLN U 60 48.34 -13.73 -48.67
C GLN U 60 47.14 -14.01 -49.61
N GLU U 61 47.24 -15.05 -50.45
CA GLU U 61 46.19 -15.45 -51.43
C GLU U 61 45.11 -16.37 -50.86
N GLU U 62 44.66 -15.97 -49.68
CA GLU U 62 43.66 -16.71 -48.93
C GLU U 62 42.61 -15.74 -48.33
N LYS U 63 41.41 -16.26 -48.09
CA LYS U 63 40.34 -15.47 -47.50
C LYS U 63 39.85 -16.07 -46.21
N ARG U 64 39.05 -17.12 -46.32
CA ARG U 64 38.54 -17.77 -45.12
C ARG U 64 39.63 -18.48 -44.32
N GLU U 65 40.90 -18.29 -44.75
CA GLU U 65 42.14 -18.89 -44.17
C GLU U 65 43.05 -17.93 -43.34
N CYS U 66 42.69 -16.65 -43.43
CA CYS U 66 43.31 -15.51 -42.75
C CYS U 66 42.60 -15.27 -41.45
N PHE U 67 41.25 -15.48 -41.42
CA PHE U 67 40.36 -15.32 -40.23
C PHE U 67 40.73 -16.43 -39.23
N GLY U 68 40.91 -17.65 -39.73
CA GLY U 68 41.35 -18.74 -38.89
C GLY U 68 42.76 -18.38 -38.37
N ALA U 69 43.48 -17.49 -39.07
CA ALA U 69 44.81 -17.05 -38.63
C ALA U 69 44.67 -15.76 -37.79
N CYS U 70 43.47 -15.16 -37.85
CA CYS U 70 43.16 -13.94 -37.10
C CYS U 70 42.68 -14.37 -35.72
N LEU U 71 41.89 -15.44 -35.70
CA LEU U 71 41.34 -15.98 -34.44
C LEU U 71 42.42 -16.87 -33.88
N PHE U 72 43.65 -16.34 -33.98
CA PHE U 72 44.93 -16.95 -33.56
C PHE U 72 45.78 -16.11 -32.55
N THR U 73 46.17 -14.90 -32.94
CA THR U 73 46.96 -14.03 -32.07
C THR U 73 46.02 -13.33 -31.05
N CYS U 74 44.73 -13.20 -31.40
CA CYS U 74 43.76 -12.57 -30.48
C CYS U 74 43.68 -13.48 -29.26
N TYR U 75 43.66 -14.78 -29.52
CA TYR U 75 43.59 -15.81 -28.48
C TYR U 75 44.92 -15.74 -27.73
N ASP U 76 45.90 -15.14 -28.39
CA ASP U 76 47.25 -14.95 -27.88
C ASP U 76 47.20 -13.77 -26.88
N LEU U 77 48.12 -12.81 -27.03
CA LEU U 77 48.15 -11.65 -26.16
C LEU U 77 48.43 -10.39 -26.96
N LEU U 78 49.71 -10.13 -27.21
CA LEU U 78 50.16 -8.95 -27.95
C LEU U 78 51.08 -9.29 -29.15
N ARG U 79 50.67 -8.82 -30.32
CA ARG U 79 51.42 -9.09 -31.54
C ARG U 79 50.68 -8.47 -32.78
N PRO U 80 50.75 -7.13 -32.96
CA PRO U 80 50.10 -6.41 -34.09
C PRO U 80 51.09 -6.21 -35.21
N ASP U 81 51.15 -4.96 -35.66
CA ASP U 81 52.08 -4.51 -36.71
C ASP U 81 51.76 -5.05 -38.09
N VAL U 82 52.31 -6.22 -38.42
CA VAL U 82 52.08 -6.86 -39.71
C VAL U 82 50.55 -7.03 -39.85
N VAL U 83 49.89 -7.17 -38.69
CA VAL U 83 48.46 -7.39 -38.65
C VAL U 83 47.79 -6.34 -39.48
N LEU U 84 48.56 -5.34 -39.85
CA LEU U 84 47.98 -4.28 -40.59
C LEU U 84 48.48 -4.14 -41.99
N GLU U 85 49.78 -4.28 -42.20
CA GLU U 85 50.36 -4.12 -43.56
C GLU U 85 49.70 -4.91 -44.67
N LEU U 86 49.13 -6.08 -44.25
CA LEU U 86 48.40 -7.13 -45.05
C LEU U 86 46.99 -6.69 -45.46
N ALA U 87 46.28 -6.10 -44.53
CA ALA U 87 45.03 -5.55 -44.89
C ALA U 87 45.35 -4.34 -45.74
N TRP U 88 46.64 -4.09 -46.04
CA TRP U 88 47.05 -2.98 -46.94
C TRP U 88 47.74 -3.62 -48.12
N ARG U 89 47.73 -4.96 -48.15
CA ARG U 89 48.32 -5.71 -49.26
C ARG U 89 47.69 -5.28 -50.60
N HIS U 90 46.37 -5.13 -50.62
CA HIS U 90 45.64 -4.72 -51.82
C HIS U 90 44.12 -4.59 -51.60
N ASN U 91 43.63 -5.23 -50.54
CA ASN U 91 42.22 -5.26 -50.19
C ASN U 91 41.91 -4.66 -48.80
N ILE U 92 40.75 -5.03 -48.23
CA ILE U 92 40.28 -4.53 -46.91
C ILE U 92 40.49 -5.58 -45.80
N MET U 93 40.07 -5.23 -44.60
CA MET U 93 40.21 -6.17 -43.51
C MET U 93 39.03 -5.97 -42.58
N ASP U 94 38.76 -6.97 -41.76
CA ASP U 94 37.65 -6.90 -40.82
C ASP U 94 38.06 -7.28 -39.39
N PHE U 95 37.44 -6.63 -38.40
CA PHE U 95 37.68 -6.85 -36.97
C PHE U 95 39.12 -6.56 -36.58
N ALA U 96 39.33 -6.37 -35.29
CA ALA U 96 40.68 -6.12 -34.80
C ALA U 96 40.57 -5.71 -33.37
N MET U 97 41.20 -4.57 -33.07
CA MET U 97 41.20 -3.93 -31.75
C MET U 97 41.37 -4.76 -30.52
N PRO U 98 42.34 -5.69 -30.52
CA PRO U 98 42.56 -6.52 -29.33
C PRO U 98 43.28 -5.78 -28.17
N TYR U 99 43.37 -4.45 -28.25
CA TYR U 99 44.07 -3.64 -27.23
C TYR U 99 43.17 -2.56 -26.61
N PHE U 100 41.95 -2.47 -27.12
CA PHE U 100 41.02 -1.51 -26.61
C PHE U 100 40.47 -1.94 -25.29
N ILE U 101 40.88 -3.11 -24.83
CA ILE U 101 40.42 -3.63 -23.55
C ILE U 101 41.30 -3.09 -22.43
N GLN U 102 42.61 -3.05 -22.67
CA GLN U 102 43.56 -2.59 -21.68
C GLN U 102 43.48 -1.10 -21.51
N VAL U 103 42.87 -0.45 -22.48
CA VAL U 103 42.70 1.00 -22.48
C VAL U 103 41.99 1.56 -21.24
N MET U 104 41.59 0.67 -20.33
CA MET U 104 40.87 1.06 -19.11
C MET U 104 41.76 1.35 -17.89
N LYS U 105 42.10 0.29 -17.16
CA LYS U 105 42.91 0.36 -15.93
C LYS U 105 44.01 1.43 -15.88
N GLU U 106 44.37 1.93 -17.05
CA GLU U 106 45.45 2.88 -17.21
C GLU U 106 45.07 4.26 -16.72
N TYR U 107 44.06 4.80 -17.39
CA TYR U 107 43.54 6.12 -17.11
C TYR U 107 42.90 6.13 -15.74
N LEU U 108 42.58 4.94 -15.24
CA LEU U 108 41.95 4.81 -13.93
C LEU U 108 43.04 4.89 -12.86
N THR U 109 44.11 4.13 -13.06
CA THR U 109 45.21 4.14 -12.13
C THR U 109 45.88 5.46 -12.38
N LYS U 110 45.27 6.26 -13.24
CA LYS U 110 45.80 7.55 -13.62
C LYS U 110 45.16 8.66 -12.83
N VAL U 111 43.84 8.74 -12.98
CA VAL U 111 43.08 9.74 -12.28
C VAL U 111 43.14 9.33 -10.79
N ASP U 112 43.58 8.10 -10.53
CA ASP U 112 43.69 7.62 -9.15
C ASP U 112 45.04 7.98 -8.53
N LYS U 113 46.11 7.87 -9.31
CA LYS U 113 47.47 8.19 -8.84
C LYS U 113 47.57 9.68 -8.46
N LEU U 114 46.89 10.53 -9.23
CA LEU U 114 46.90 11.99 -9.00
C LEU U 114 46.38 12.28 -7.59
N ASP U 115 45.15 11.86 -7.30
CA ASP U 115 44.54 12.07 -6.00
C ASP U 115 45.32 11.40 -4.87
N ALA U 116 45.97 10.28 -5.18
CA ALA U 116 46.76 9.53 -4.18
C ALA U 116 47.86 10.40 -3.62
N SER U 117 48.12 11.51 -4.30
CA SER U 117 49.17 12.42 -3.87
C SER U 117 48.59 13.79 -3.54
N GLU U 118 47.69 14.28 -4.38
CA GLU U 118 47.07 15.59 -4.18
C GLU U 118 46.50 15.78 -2.77
N SER U 119 46.38 14.69 -2.01
CA SER U 119 45.85 14.75 -0.65
C SER U 119 46.97 14.78 0.39
N LEU U 120 47.92 13.87 0.27
CA LEU U 120 49.05 13.82 1.19
C LEU U 120 49.87 15.11 1.13
N ARG U 121 49.57 15.99 0.16
CA ARG U 121 50.28 17.27 0.01
C ARG U 121 49.46 18.38 0.64
N LYS U 122 48.15 18.32 0.41
CA LYS U 122 47.21 19.29 0.97
C LYS U 122 47.25 18.96 2.46
N GLU U 123 47.70 17.75 2.74
CA GLU U 123 47.84 17.21 4.09
C GLU U 123 49.16 17.74 4.67
N GLU U 124 50.15 17.89 3.82
CA GLU U 124 51.45 18.38 4.24
C GLU U 124 51.41 19.86 4.67
N GLU U 125 52.46 20.60 4.36
CA GLU U 125 52.56 22.02 4.72
C GLU U 125 52.05 22.28 6.14
N MET V 1 -48.72 42.39 -57.93
CA MET V 1 -50.22 42.40 -57.89
C MET V 1 -50.76 40.98 -57.91
N GLY V 2 -50.01 40.09 -58.56
CA GLY V 2 -50.41 38.70 -58.69
C GLY V 2 -49.59 37.71 -57.89
N SER V 3 -50.29 37.00 -57.01
CA SER V 3 -49.66 35.99 -56.16
C SER V 3 -50.31 34.63 -56.40
N SER V 4 -49.48 33.66 -56.73
CA SER V 4 -49.92 32.29 -57.02
C SER V 4 -49.28 31.17 -56.16
N HIS V 5 -50.06 30.53 -55.26
CA HIS V 5 -49.57 29.48 -54.36
C HIS V 5 -50.23 28.12 -54.63
N HIS V 6 -49.40 27.13 -54.92
CA HIS V 6 -49.88 25.79 -55.25
C HIS V 6 -49.29 24.73 -54.40
N HIS V 7 -50.17 24.08 -53.67
CA HIS V 7 -49.70 23.01 -52.86
C HIS V 7 -50.04 21.69 -53.58
N HIS V 8 -49.30 20.64 -53.25
CA HIS V 8 -49.47 19.32 -53.84
C HIS V 8 -50.42 18.35 -53.11
N HIS V 9 -50.94 17.37 -53.82
CA HIS V 9 -51.84 16.40 -53.23
C HIS V 9 -52.45 15.70 -54.41
N HIS V 10 -53.74 15.37 -54.35
CA HIS V 10 -54.40 14.69 -55.48
C HIS V 10 -55.40 15.61 -56.16
N SER V 11 -56.27 15.04 -56.99
CA SER V 11 -57.25 15.83 -57.70
C SER V 11 -56.59 16.46 -58.95
N SER V 12 -57.26 17.45 -59.59
CA SER V 12 -56.85 18.14 -60.85
C SER V 12 -57.45 19.56 -61.19
N GLY V 13 -56.54 20.52 -61.30
CA GLY V 13 -56.86 21.90 -61.60
C GLY V 13 -55.97 22.36 -62.74
N LEU V 14 -56.62 22.55 -63.87
CA LEU V 14 -55.91 22.96 -65.05
C LEU V 14 -56.30 24.32 -65.57
N VAL V 15 -55.33 25.19 -65.53
CA VAL V 15 -55.62 26.50 -66.03
C VAL V 15 -54.56 26.76 -67.00
N PRO V 16 -54.91 27.05 -68.26
CA PRO V 16 -54.03 27.34 -69.41
C PRO V 16 -53.00 28.52 -69.38
N ARG V 17 -51.76 28.30 -69.91
CA ARG V 17 -50.60 29.25 -69.99
C ARG V 17 -49.36 29.09 -69.00
N GLY V 18 -48.50 28.06 -69.14
CA GLY V 18 -47.34 27.89 -68.22
C GLY V 18 -46.88 26.55 -67.55
N SER V 19 -47.08 26.44 -66.25
CA SER V 19 -46.67 25.27 -65.44
C SER V 19 -47.50 23.93 -65.43
N HIS V 20 -46.82 22.83 -65.09
CA HIS V 20 -47.45 21.52 -65.00
C HIS V 20 -46.70 20.58 -64.05
N MET V 21 -47.29 20.29 -62.90
CA MET V 21 -46.64 19.42 -61.92
C MET V 21 -46.97 18.02 -62.18
N TRP V 22 -46.12 17.13 -61.73
CA TRP V 22 -46.34 15.75 -61.99
C TRP V 22 -47.31 15.05 -61.06
N LYS V 23 -47.07 13.75 -60.91
CA LYS V 23 -47.83 12.79 -60.09
C LYS V 23 -49.01 12.22 -60.85
N GLN V 24 -49.16 10.88 -60.77
CA GLN V 24 -50.21 10.10 -61.47
C GLN V 24 -51.62 10.68 -61.39
N SER V 25 -52.28 10.67 -62.54
CA SER V 25 -53.63 11.19 -62.72
C SER V 25 -53.92 11.30 -64.23
N VAL V 26 -54.93 10.56 -64.68
CA VAL V 26 -55.35 10.54 -66.10
C VAL V 26 -55.92 11.85 -66.64
N GLU V 27 -55.11 12.46 -67.46
CA GLU V 27 -55.47 13.70 -68.02
C GLU V 27 -55.07 13.76 -69.47
N LEU V 28 -55.86 14.52 -70.21
CA LEU V 28 -55.65 14.61 -71.61
C LEU V 28 -56.09 15.97 -72.10
N ALA V 29 -55.32 16.59 -73.00
CA ALA V 29 -55.74 17.88 -73.49
C ALA V 29 -55.83 18.13 -75.00
N LYS V 30 -54.64 18.56 -75.49
CA LYS V 30 -54.22 18.98 -76.89
C LYS V 30 -52.84 19.78 -77.09
N LYS V 31 -51.90 19.20 -77.85
CA LYS V 31 -50.57 19.84 -78.07
C LYS V 31 -49.63 19.49 -76.91
N ASP V 32 -48.41 19.04 -77.19
CA ASP V 32 -47.51 18.68 -76.09
C ASP V 32 -46.19 19.42 -76.11
N SER V 33 -45.14 18.71 -75.72
CA SER V 33 -43.81 19.27 -75.70
C SER V 33 -43.74 20.56 -74.85
N LEU V 34 -42.71 21.38 -75.10
CA LEU V 34 -42.45 22.65 -74.39
C LEU V 34 -41.92 22.43 -72.98
N TYR V 35 -40.66 22.00 -72.87
CA TYR V 35 -39.99 21.72 -71.56
C TYR V 35 -39.02 22.81 -71.17
N LYS V 36 -38.33 23.36 -72.19
CA LYS V 36 -37.36 24.45 -72.02
C LYS V 36 -38.11 25.74 -71.76
N ASP V 37 -39.13 26.02 -72.59
CA ASP V 37 -39.96 27.22 -72.46
C ASP V 37 -40.69 27.19 -71.13
N ALA V 38 -41.11 26.01 -70.70
CA ALA V 38 -41.81 25.87 -69.43
C ALA V 38 -40.81 25.79 -68.29
N MET V 39 -39.56 25.54 -68.64
CA MET V 39 -38.47 25.46 -67.68
C MET V 39 -37.91 26.84 -67.38
N GLN V 40 -38.15 27.82 -68.24
CA GLN V 40 -37.64 29.19 -68.04
C GLN V 40 -38.44 29.99 -67.01
N TYR V 41 -39.76 29.90 -67.10
CA TYR V 41 -40.66 30.62 -66.20
C TYR V 41 -40.64 30.05 -64.78
N ALA V 42 -39.75 29.10 -64.49
CA ALA V 42 -39.71 28.50 -63.16
C ALA V 42 -38.51 28.96 -62.40
N SER V 43 -37.53 29.53 -63.13
CA SER V 43 -36.29 30.06 -62.54
C SER V 43 -36.45 31.53 -62.07
N GLU V 44 -36.65 32.45 -63.03
CA GLU V 44 -36.82 33.90 -62.78
C GLU V 44 -38.22 34.19 -62.24
N SER V 45 -38.66 33.24 -61.41
CA SER V 45 -39.94 33.24 -60.71
C SER V 45 -39.72 33.58 -59.20
N LYS V 46 -39.53 32.56 -58.36
CA LYS V 46 -39.36 32.71 -56.91
C LYS V 46 -39.20 31.26 -56.46
N ASP V 47 -40.13 30.78 -55.64
CA ASP V 47 -40.08 29.41 -55.12
C ASP V 47 -38.80 29.29 -54.32
N THR V 48 -38.90 29.38 -53.00
CA THR V 48 -37.72 29.22 -52.16
C THR V 48 -37.57 27.72 -51.88
N GLU V 49 -38.43 27.18 -51.01
CA GLU V 49 -38.41 25.74 -50.67
C GLU V 49 -38.95 24.90 -51.85
N LEU V 50 -40.20 25.18 -52.24
CA LEU V 50 -40.89 24.48 -53.33
C LEU V 50 -39.98 24.20 -54.54
N ALA V 51 -39.35 25.26 -55.02
CA ALA V 51 -38.41 25.14 -56.11
C ALA V 51 -37.55 23.88 -56.00
N GLU V 52 -36.52 23.93 -55.14
CA GLU V 52 -35.57 22.83 -54.95
C GLU V 52 -36.13 21.44 -55.22
N GLU V 53 -37.12 21.02 -54.44
CA GLU V 53 -37.71 19.71 -54.63
C GLU V 53 -37.85 19.32 -56.09
N LEU V 54 -37.90 20.30 -56.97
CA LEU V 54 -38.04 20.03 -58.40
C LEU V 54 -36.74 19.57 -59.14
N LEU V 55 -35.67 20.35 -58.99
CA LEU V 55 -34.40 20.07 -59.60
C LEU V 55 -33.85 18.72 -59.26
N GLN V 56 -34.02 18.32 -58.01
CA GLN V 56 -33.48 17.02 -57.53
C GLN V 56 -33.82 15.86 -58.49
N TRP V 57 -35.12 15.74 -58.73
CA TRP V 57 -35.68 14.73 -59.59
C TRP V 57 -35.18 14.94 -61.02
N PHE V 58 -34.84 16.19 -61.34
CA PHE V 58 -34.30 16.54 -62.68
C PHE V 58 -32.79 16.26 -62.73
N LEU V 59 -32.16 16.36 -61.58
CA LEU V 59 -30.79 16.09 -61.54
C LEU V 59 -30.68 14.66 -61.13
N GLN V 60 -31.82 14.06 -60.81
CA GLN V 60 -31.81 12.67 -60.39
C GLN V 60 -31.89 11.74 -61.55
N GLU V 61 -32.59 12.13 -62.59
CA GLU V 61 -32.69 11.26 -63.74
C GLU V 61 -32.30 12.05 -64.97
N GLU V 62 -32.44 11.45 -66.15
CA GLU V 62 -32.15 12.09 -67.43
C GLU V 62 -30.69 12.56 -67.54
N LYS V 63 -30.32 13.10 -68.71
CA LYS V 63 -28.96 13.59 -68.94
C LYS V 63 -28.97 15.05 -69.40
N ARG V 64 -30.03 15.43 -70.12
CA ARG V 64 -30.18 16.79 -70.62
C ARG V 64 -31.02 17.58 -69.63
N GLU V 65 -31.95 16.90 -68.95
CA GLU V 65 -32.81 17.53 -67.95
C GLU V 65 -32.03 17.84 -66.66
N CYS V 66 -30.82 17.30 -66.55
CA CYS V 66 -29.92 17.57 -65.42
C CYS V 66 -29.16 18.85 -65.79
N PHE V 67 -28.53 18.85 -66.95
CA PHE V 67 -27.82 20.00 -67.46
C PHE V 67 -28.72 21.25 -67.45
N GLY V 68 -29.85 21.19 -68.15
CA GLY V 68 -30.72 22.36 -68.15
C GLY V 68 -31.05 22.86 -66.75
N ALA V 69 -31.30 21.94 -65.82
CA ALA V 69 -31.66 22.25 -64.42
C ALA V 69 -30.50 22.92 -63.73
N CYS V 70 -29.32 22.63 -64.26
CA CYS V 70 -28.11 23.20 -63.77
C CYS V 70 -28.07 24.66 -64.25
N LEU V 71 -28.13 24.87 -65.56
CA LEU V 71 -28.14 26.24 -66.04
C LEU V 71 -29.32 26.92 -65.36
N PHE V 72 -30.41 26.18 -65.12
CA PHE V 72 -31.64 26.67 -64.45
C PHE V 72 -31.30 27.21 -63.05
N THR V 73 -30.42 26.51 -62.35
CA THR V 73 -29.96 26.93 -61.02
C THR V 73 -29.08 28.17 -61.01
N CYS V 74 -27.99 28.12 -61.78
CA CYS V 74 -27.02 29.22 -61.89
C CYS V 74 -27.60 30.62 -62.03
N TYR V 75 -28.51 30.80 -62.97
CA TYR V 75 -29.14 32.12 -63.17
C TYR V 75 -30.10 32.55 -62.05
N ASP V 76 -30.03 31.89 -60.89
CA ASP V 76 -30.88 32.21 -59.73
C ASP V 76 -30.03 32.49 -58.51
N LEU V 77 -28.74 32.15 -58.64
CA LEU V 77 -27.74 32.34 -57.60
C LEU V 77 -27.94 31.37 -56.44
N LEU V 78 -28.05 31.94 -55.23
CA LEU V 78 -28.23 31.21 -53.97
C LEU V 78 -28.96 29.86 -54.09
N ARG V 79 -28.20 28.77 -54.31
CA ARG V 79 -28.68 27.37 -54.46
C ARG V 79 -27.66 26.26 -54.72
N PRO V 80 -26.45 26.45 -54.20
CA PRO V 80 -25.43 25.44 -54.41
C PRO V 80 -25.75 24.30 -53.50
N ASP V 81 -24.76 24.00 -52.67
CA ASP V 81 -24.78 22.93 -51.69
C ASP V 81 -25.35 21.73 -52.34
N VAL V 82 -26.66 21.63 -52.25
CA VAL V 82 -27.35 20.53 -52.84
C VAL V 82 -26.72 20.08 -54.16
N VAL V 83 -26.41 21.06 -55.00
CA VAL V 83 -25.84 20.79 -56.32
C VAL V 83 -24.67 19.84 -56.22
N LEU V 84 -23.93 20.06 -55.17
CA LEU V 84 -22.75 19.29 -54.96
C LEU V 84 -23.07 17.87 -54.68
N GLU V 85 -24.01 17.67 -53.76
CA GLU V 85 -24.28 16.32 -53.36
C GLU V 85 -24.59 15.56 -54.59
N LEU V 86 -25.49 16.06 -55.43
CA LEU V 86 -25.86 15.32 -56.58
C LEU V 86 -24.68 14.99 -57.49
N ALA V 87 -23.57 15.68 -57.31
CA ALA V 87 -22.41 15.36 -58.16
C ALA V 87 -21.45 14.24 -57.67
N TRP V 88 -21.52 13.94 -56.38
CA TRP V 88 -20.72 12.95 -55.72
C TRP V 88 -21.67 11.79 -55.74
N ARG V 89 -22.65 11.75 -56.64
CA ARG V 89 -23.57 10.60 -56.64
C ARG V 89 -23.02 9.37 -57.31
N HIS V 90 -23.44 9.12 -58.55
CA HIS V 90 -22.98 7.92 -59.25
C HIS V 90 -21.69 8.11 -60.00
N ASN V 91 -21.62 9.14 -60.82
CA ASN V 91 -20.40 9.37 -61.57
C ASN V 91 -19.91 10.83 -61.57
N ILE V 92 -18.86 11.05 -62.35
CA ILE V 92 -18.21 12.33 -62.48
C ILE V 92 -19.16 13.38 -62.97
N MET V 93 -18.84 14.63 -62.66
CA MET V 93 -19.66 15.68 -63.14
C MET V 93 -18.86 16.97 -63.43
N ASP V 94 -19.61 18.05 -63.71
CA ASP V 94 -19.06 19.39 -63.99
C ASP V 94 -19.67 20.43 -63.13
N PHE V 95 -18.81 21.01 -62.31
CA PHE V 95 -19.25 22.04 -61.40
C PHE V 95 -19.39 23.37 -62.11
N ALA V 96 -19.51 24.41 -61.31
CA ALA V 96 -19.67 25.75 -61.82
C ALA V 96 -18.52 26.57 -61.32
N MET V 97 -18.85 27.63 -60.57
CA MET V 97 -17.87 28.59 -60.03
C MET V 97 -18.41 29.66 -59.08
N PRO V 98 -19.20 29.28 -58.08
CA PRO V 98 -19.74 30.30 -57.16
C PRO V 98 -18.82 30.60 -55.96
N TYR V 99 -17.70 31.23 -56.22
CA TYR V 99 -16.82 31.52 -55.14
C TYR V 99 -16.32 32.94 -55.16
N PHE V 100 -15.70 33.32 -56.27
CA PHE V 100 -15.17 34.66 -56.43
C PHE V 100 -16.09 35.72 -55.82
N ILE V 101 -17.39 35.64 -56.13
CA ILE V 101 -18.38 36.61 -55.67
C ILE V 101 -18.18 36.84 -54.20
N GLN V 102 -17.86 35.76 -53.50
CA GLN V 102 -17.65 35.87 -52.10
C GLN V 102 -16.30 36.48 -51.73
N VAL V 103 -15.26 36.25 -52.51
CA VAL V 103 -13.93 36.82 -52.20
C VAL V 103 -13.94 38.33 -51.95
N MET V 104 -14.99 38.98 -52.46
CA MET V 104 -15.19 40.43 -52.34
C MET V 104 -15.43 40.80 -50.86
N LYS V 105 -16.67 40.62 -50.42
CA LYS V 105 -17.09 40.90 -49.06
C LYS V 105 -16.05 40.47 -48.03
N GLU V 106 -15.34 39.40 -48.33
CA GLU V 106 -14.33 38.89 -47.42
C GLU V 106 -13.36 39.99 -47.08
N TYR V 107 -12.31 40.09 -47.91
CA TYR V 107 -11.26 41.09 -47.73
C TYR V 107 -11.84 42.52 -47.73
N LEU V 108 -13.11 42.64 -48.11
CA LEU V 108 -13.76 43.96 -48.14
C LEU V 108 -14.12 44.47 -46.74
N THR V 109 -14.92 43.68 -46.01
CA THR V 109 -15.35 44.05 -44.67
C THR V 109 -14.20 44.47 -43.79
N LYS V 110 -13.20 43.61 -43.72
CA LYS V 110 -12.02 43.86 -42.91
C LYS V 110 -11.53 45.26 -43.04
N VAL V 111 -11.06 45.61 -44.24
CA VAL V 111 -10.55 46.95 -44.50
C VAL V 111 -11.49 48.00 -43.95
N ASP V 112 -12.80 47.76 -44.06
CA ASP V 112 -13.77 48.73 -43.56
C ASP V 112 -13.66 48.89 -42.05
N LYS V 113 -13.67 47.75 -41.35
CA LYS V 113 -13.57 47.76 -39.90
C LYS V 113 -12.23 48.36 -39.43
N LEU V 114 -11.19 48.18 -40.25
CA LEU V 114 -9.83 48.69 -39.94
C LEU V 114 -9.82 50.20 -39.79
N ASP V 115 -10.20 50.91 -40.84
CA ASP V 115 -10.24 52.38 -40.83
C ASP V 115 -11.45 52.93 -40.06
N ALA V 116 -12.28 52.03 -39.53
CA ALA V 116 -13.48 52.37 -38.77
C ALA V 116 -13.14 52.64 -37.33
N SER V 117 -12.00 52.12 -36.91
CA SER V 117 -11.56 52.33 -35.56
C SER V 117 -10.41 53.34 -35.53
N GLU V 118 -9.57 53.32 -36.56
CA GLU V 118 -8.43 54.24 -36.66
C GLU V 118 -8.91 55.67 -36.58
N SER V 119 -10.16 55.89 -36.98
CA SER V 119 -10.77 57.22 -36.97
C SER V 119 -11.44 57.52 -35.63
N LEU V 120 -12.16 56.54 -35.09
CA LEU V 120 -12.85 56.70 -33.81
C LEU V 120 -11.86 56.82 -32.65
N ARG V 121 -10.57 56.82 -33.00
CA ARG V 121 -9.53 56.93 -32.00
C ARG V 121 -8.75 58.24 -32.12
N LYS V 122 -8.80 58.88 -33.30
CA LYS V 122 -8.11 60.15 -33.52
C LYS V 122 -8.98 61.37 -33.18
N GLU V 123 -10.24 61.11 -32.81
CA GLU V 123 -11.19 62.16 -32.44
C GLU V 123 -11.22 62.36 -30.92
N GLU V 124 -10.71 61.38 -30.17
CA GLU V 124 -10.67 61.43 -28.71
C GLU V 124 -9.26 61.81 -28.19
N GLU V 125 -8.24 61.52 -28.99
CA GLU V 125 -6.85 61.83 -28.62
C GLU V 125 -6.55 63.31 -28.88
N ALA W 29 -0.50 -1.72 -22.65
CA ALA W 29 -1.00 -2.23 -23.96
C ALA W 29 -1.80 -3.53 -23.74
N LYS W 30 -1.27 -4.66 -24.22
CA LYS W 30 -1.97 -5.93 -24.08
C LYS W 30 -3.22 -5.91 -24.94
N LYS W 31 -3.65 -7.08 -25.41
CA LYS W 31 -4.85 -7.22 -26.23
C LYS W 31 -5.08 -6.05 -27.24
N ASP W 32 -6.34 -5.77 -27.59
CA ASP W 32 -6.66 -4.67 -28.52
C ASP W 32 -7.97 -3.93 -28.15
N SER W 33 -8.94 -4.66 -27.58
CA SER W 33 -10.23 -4.08 -27.17
C SER W 33 -9.97 -2.86 -26.31
N LEU W 34 -8.87 -2.88 -25.59
CA LEU W 34 -8.48 -1.77 -24.74
C LEU W 34 -8.23 -0.52 -25.60
N TYR W 35 -7.63 -0.69 -26.77
CA TYR W 35 -7.35 0.40 -27.69
C TYR W 35 -8.67 1.04 -28.11
N LYS W 36 -9.47 0.28 -28.84
CA LYS W 36 -10.77 0.75 -29.30
C LYS W 36 -11.66 1.42 -28.20
N ASP W 37 -11.33 1.20 -26.92
CA ASP W 37 -12.09 1.82 -25.83
C ASP W 37 -11.49 3.15 -25.43
N ALA W 38 -10.20 3.33 -25.70
CA ALA W 38 -9.51 4.59 -25.36
C ALA W 38 -9.89 5.73 -26.24
N MET W 39 -9.53 5.62 -27.52
CA MET W 39 -9.86 6.69 -28.40
C MET W 39 -11.30 7.11 -28.16
N GLN W 40 -12.10 6.19 -27.62
CA GLN W 40 -13.52 6.44 -27.37
C GLN W 40 -13.84 7.12 -26.06
N TYR W 41 -12.88 7.12 -25.14
CA TYR W 41 -13.07 7.80 -23.88
C TYR W 41 -12.34 9.16 -23.95
N ALA W 42 -11.66 9.45 -25.09
CA ALA W 42 -10.95 10.73 -25.35
C ALA W 42 -11.79 11.67 -26.28
N SER W 43 -12.85 11.12 -26.89
CA SER W 43 -13.74 11.88 -27.75
C SER W 43 -14.66 12.75 -26.89
N GLU W 44 -15.01 12.27 -25.70
CA GLU W 44 -15.89 13.02 -24.81
C GLU W 44 -15.18 14.28 -24.27
N SER W 45 -13.96 14.07 -23.77
CA SER W 45 -13.13 15.13 -23.21
C SER W 45 -12.89 16.14 -24.32
N LYS W 46 -12.13 15.72 -25.33
CA LYS W 46 -11.80 16.56 -26.49
C LYS W 46 -11.02 17.83 -26.11
N ASP W 47 -9.90 18.09 -26.78
CA ASP W 47 -9.07 19.27 -26.51
C ASP W 47 -8.72 19.99 -27.79
N THR W 48 -7.50 20.51 -27.85
CA THR W 48 -7.08 21.22 -29.03
C THR W 48 -6.25 20.26 -29.89
N GLU W 49 -4.98 20.61 -30.09
CA GLU W 49 -4.07 19.78 -30.86
C GLU W 49 -4.07 18.41 -30.19
N LEU W 50 -4.31 18.41 -28.89
CA LEU W 50 -4.36 17.16 -28.12
C LEU W 50 -5.46 16.29 -28.71
N ALA W 51 -6.67 16.86 -28.85
CA ALA W 51 -7.80 16.12 -29.42
C ALA W 51 -7.64 16.01 -30.96
N GLU W 52 -6.85 16.90 -31.57
CA GLU W 52 -6.58 16.88 -33.01
C GLU W 52 -5.58 15.77 -33.41
N GLU W 53 -4.30 16.03 -33.14
CA GLU W 53 -3.23 15.11 -33.43
C GLU W 53 -3.66 13.66 -33.16
N LEU W 54 -4.26 13.42 -31.99
CA LEU W 54 -4.69 12.06 -31.62
C LEU W 54 -5.34 11.30 -32.79
N LEU W 55 -6.00 12.02 -33.68
CA LEU W 55 -6.69 11.39 -34.81
C LEU W 55 -5.84 10.74 -35.94
N GLN W 56 -4.83 11.43 -36.45
CA GLN W 56 -4.00 10.87 -37.53
C GLN W 56 -3.51 9.41 -37.29
N TRP W 57 -3.13 9.13 -36.04
CA TRP W 57 -2.64 7.81 -35.66
C TRP W 57 -3.82 6.87 -35.55
N PHE W 58 -5.01 7.46 -35.38
CA PHE W 58 -6.21 6.66 -35.29
C PHE W 58 -6.54 6.35 -36.75
N LEU W 59 -5.77 6.95 -37.65
CA LEU W 59 -5.97 6.82 -39.09
C LEU W 59 -4.79 6.13 -39.75
N GLN W 60 -3.66 6.16 -39.06
CA GLN W 60 -2.53 5.52 -39.62
C GLN W 60 -2.84 4.06 -39.98
N GLU W 61 -3.88 3.48 -39.39
CA GLU W 61 -4.19 2.08 -39.70
C GLU W 61 -5.61 1.77 -39.25
N GLU W 62 -6.00 0.51 -39.32
CA GLU W 62 -7.36 0.07 -38.94
C GLU W 62 -8.41 0.63 -39.91
N LYS W 63 -9.65 0.13 -39.80
CA LYS W 63 -10.75 0.56 -40.67
C LYS W 63 -11.61 1.61 -40.01
N ARG W 64 -12.72 1.17 -39.42
CA ARG W 64 -13.64 2.08 -38.74
C ARG W 64 -12.95 2.92 -37.66
N GLU W 65 -11.76 2.49 -37.24
CA GLU W 65 -11.03 3.21 -36.22
C GLU W 65 -10.72 4.57 -36.78
N CYS W 66 -10.45 4.62 -38.08
CA CYS W 66 -10.15 5.87 -38.74
C CYS W 66 -11.43 6.71 -38.83
N PHE W 67 -12.53 6.05 -39.10
CA PHE W 67 -13.84 6.69 -39.21
C PHE W 67 -14.21 7.43 -37.91
N GLY W 68 -14.38 6.67 -36.82
CA GLY W 68 -14.74 7.24 -35.53
C GLY W 68 -13.94 8.46 -35.18
N ALA W 69 -12.69 8.50 -35.65
CA ALA W 69 -11.79 9.61 -35.41
C ALA W 69 -12.09 10.74 -36.38
N CYS W 70 -12.44 10.37 -37.61
CA CYS W 70 -12.76 11.36 -38.63
C CYS W 70 -13.86 12.27 -38.09
N LEU W 71 -14.67 11.74 -37.17
CA LEU W 71 -15.75 12.51 -36.55
C LEU W 71 -15.22 13.58 -35.61
N PHE W 72 -14.22 13.20 -34.87
CA PHE W 72 -13.61 14.13 -33.95
C PHE W 72 -13.02 15.39 -34.62
N THR W 73 -12.28 15.21 -35.71
CA THR W 73 -11.65 16.35 -36.40
C THR W 73 -12.63 17.48 -36.64
N CYS W 74 -13.77 17.16 -37.22
CA CYS W 74 -14.81 18.15 -37.51
C CYS W 74 -15.44 18.74 -36.26
N TYR W 75 -15.40 17.98 -35.18
CA TYR W 75 -15.94 18.44 -33.91
C TYR W 75 -15.11 19.65 -33.49
N ASP W 76 -13.81 19.63 -33.81
CA ASP W 76 -12.92 20.74 -33.44
C ASP W 76 -13.35 22.03 -34.16
N LEU W 77 -14.48 21.95 -34.88
CA LEU W 77 -15.04 23.07 -35.63
C LEU W 77 -14.26 23.48 -36.88
N LEU W 78 -12.94 23.41 -36.84
CA LEU W 78 -12.12 23.80 -37.99
C LEU W 78 -10.85 22.96 -38.15
N ARG W 79 -10.88 21.99 -39.07
CA ARG W 79 -9.69 21.16 -39.28
C ARG W 79 -9.70 20.34 -40.54
N PRO W 80 -9.13 20.90 -41.61
CA PRO W 80 -9.02 20.27 -42.94
C PRO W 80 -7.82 19.33 -43.09
N ASP W 81 -6.96 19.63 -44.07
CA ASP W 81 -5.74 18.91 -44.39
C ASP W 81 -5.85 17.41 -44.42
N VAL W 82 -5.86 16.83 -43.21
CA VAL W 82 -5.96 15.35 -42.85
C VAL W 82 -7.16 14.68 -43.55
N VAL W 83 -8.12 15.56 -43.86
CA VAL W 83 -9.36 15.22 -44.52
C VAL W 83 -8.99 15.04 -45.98
N LEU W 84 -7.96 15.75 -46.43
CA LEU W 84 -7.52 15.61 -47.81
C LEU W 84 -6.57 14.43 -47.98
N GLU W 85 -5.51 14.38 -47.19
CA GLU W 85 -4.48 13.29 -47.29
C GLU W 85 -5.00 11.81 -47.39
N LEU W 86 -5.70 11.45 -46.32
CA LEU W 86 -6.30 10.13 -46.13
C LEU W 86 -7.41 9.89 -47.17
N ALA W 87 -7.72 10.95 -47.91
CA ALA W 87 -8.74 10.83 -48.92
C ALA W 87 -8.13 10.17 -50.14
N TRP W 88 -6.82 10.33 -50.33
CA TRP W 88 -6.12 9.76 -51.48
C TRP W 88 -5.60 8.38 -51.18
N ARG W 89 -6.46 7.58 -50.57
CA ARG W 89 -6.13 6.24 -50.21
C ARG W 89 -6.56 5.25 -51.31
N HIS W 90 -7.81 4.81 -51.27
CA HIS W 90 -8.29 3.88 -52.27
C HIS W 90 -9.74 4.14 -52.67
N ASN W 91 -10.69 3.80 -51.78
CA ASN W 91 -12.12 3.96 -52.06
C ASN W 91 -12.63 5.39 -51.98
N ILE W 92 -13.94 5.55 -51.85
CA ILE W 92 -14.53 6.87 -51.76
C ILE W 92 -14.43 7.43 -50.32
N MET W 93 -14.59 8.76 -50.18
CA MET W 93 -14.52 9.42 -48.87
C MET W 93 -15.74 10.29 -48.63
N ASP W 94 -15.65 11.18 -47.65
CA ASP W 94 -16.73 12.12 -47.29
C ASP W 94 -16.25 13.61 -47.42
N PHE W 95 -16.99 14.53 -46.79
CA PHE W 95 -16.81 15.96 -46.87
C PHE W 95 -17.98 16.81 -46.36
N ALA W 96 -17.71 17.94 -45.76
CA ALA W 96 -18.82 18.73 -45.32
C ALA W 96 -18.35 20.10 -45.53
N MET W 97 -19.27 21.06 -45.69
CA MET W 97 -18.94 22.50 -45.89
C MET W 97 -19.86 23.50 -45.17
N PRO W 98 -19.28 24.42 -44.42
CA PRO W 98 -19.95 25.46 -43.66
C PRO W 98 -20.51 26.59 -44.58
N TYR W 99 -20.10 27.85 -44.35
CA TYR W 99 -20.58 29.01 -45.13
C TYR W 99 -21.91 29.53 -44.66
N PHE W 100 -22.54 30.40 -45.45
CA PHE W 100 -23.85 30.99 -45.13
C PHE W 100 -23.91 31.83 -43.86
N ILE W 101 -23.59 31.21 -42.72
CA ILE W 101 -23.59 31.88 -41.41
C ILE W 101 -22.82 33.18 -41.60
N GLN W 102 -21.93 33.19 -42.57
CA GLN W 102 -21.13 34.36 -42.82
C GLN W 102 -21.98 35.32 -43.65
N VAL W 103 -22.76 34.77 -44.57
CA VAL W 103 -23.60 35.56 -45.46
C VAL W 103 -24.43 36.53 -44.70
N MET W 104 -24.94 36.10 -43.57
CA MET W 104 -25.76 36.94 -42.73
C MET W 104 -24.92 37.84 -41.82
N LYS W 105 -23.72 38.19 -42.25
CA LYS W 105 -22.82 39.06 -41.47
C LYS W 105 -22.40 40.34 -42.16
N GLU W 106 -21.93 40.24 -43.38
CA GLU W 106 -21.55 41.45 -44.08
C GLU W 106 -22.78 42.34 -44.31
N TYR W 107 -23.96 41.72 -44.32
CA TYR W 107 -25.22 42.45 -44.52
C TYR W 107 -25.48 43.35 -43.32
N LEU W 108 -24.89 43.01 -42.17
CA LEU W 108 -25.02 43.75 -40.90
C LEU W 108 -24.07 44.95 -40.82
N THR W 109 -22.81 44.73 -41.23
CA THR W 109 -21.80 45.80 -41.17
C THR W 109 -22.13 46.89 -42.15
N LYS W 110 -22.92 46.54 -43.18
CA LYS W 110 -23.43 47.41 -44.27
C LYS W 110 -24.59 48.34 -43.84
N VAL W 111 -25.26 47.94 -42.76
CA VAL W 111 -26.37 48.71 -42.18
C VAL W 111 -25.80 49.70 -41.13
N ASP W 112 -24.66 49.37 -40.50
CA ASP W 112 -24.00 50.24 -39.51
C ASP W 112 -23.21 51.33 -40.20
N LYS W 113 -22.56 51.02 -41.33
CA LYS W 113 -21.79 52.00 -42.11
C LYS W 113 -22.70 53.08 -42.71
N LEU W 114 -23.97 52.73 -42.93
CA LEU W 114 -24.98 53.64 -43.48
C LEU W 114 -25.54 54.53 -42.37
N ASP W 115 -26.00 53.91 -41.29
CA ASP W 115 -26.56 54.66 -40.15
C ASP W 115 -25.47 55.49 -39.41
N ALA W 116 -24.18 55.20 -39.65
CA ALA W 116 -23.14 56.00 -39.01
C ALA W 116 -22.56 57.05 -39.99
N SER W 117 -23.23 57.17 -41.14
CA SER W 117 -22.89 58.15 -42.18
C SER W 117 -24.10 59.10 -42.45
N GLU W 118 -25.34 58.59 -42.32
CA GLU W 118 -26.54 59.43 -42.56
C GLU W 118 -26.68 60.52 -41.52
N SER W 119 -26.60 60.13 -40.25
CA SER W 119 -26.70 61.07 -39.15
C SER W 119 -25.40 61.86 -38.96
N LEU W 120 -24.26 61.26 -39.30
CA LEU W 120 -22.96 61.94 -39.17
C LEU W 120 -22.84 63.05 -40.23
N ARG W 121 -23.54 62.88 -41.35
CA ARG W 121 -23.55 63.87 -42.44
C ARG W 121 -24.69 64.87 -42.27
N LYS W 122 -25.84 64.39 -41.77
CA LYS W 122 -26.99 65.26 -41.57
C LYS W 122 -26.76 66.20 -40.37
N GLU W 123 -25.51 66.23 -39.88
CA GLU W 123 -25.14 67.08 -38.75
C GLU W 123 -24.21 68.22 -39.18
N GLU W 124 -23.41 67.99 -40.21
CA GLU W 124 -22.48 68.99 -40.70
C GLU W 124 -23.19 70.17 -41.35
N GLU W 125 -24.47 69.99 -41.68
CA GLU W 125 -25.26 71.05 -42.30
C GLU W 125 -25.72 72.05 -41.25
N MET X 1 65.36 44.35 -61.87
CA MET X 1 64.95 43.52 -63.10
C MET X 1 63.45 43.32 -63.41
N GLY X 2 62.62 43.02 -62.38
CA GLY X 2 61.16 42.76 -62.48
C GLY X 2 60.23 43.61 -61.60
N SER X 3 59.10 44.05 -62.14
CA SER X 3 58.16 44.93 -61.42
C SER X 3 56.71 44.43 -61.55
N SER X 4 56.08 44.10 -60.43
CA SER X 4 54.69 43.62 -60.48
C SER X 4 53.70 44.64 -59.88
N HIS X 5 52.64 44.94 -60.63
CA HIS X 5 51.58 45.91 -60.26
C HIS X 5 50.12 45.39 -60.40
N HIS X 6 49.58 44.95 -59.27
CA HIS X 6 48.24 44.40 -59.28
C HIS X 6 47.27 45.42 -58.83
N HIS X 7 46.37 45.75 -59.71
CA HIS X 7 45.43 46.72 -59.29
C HIS X 7 44.10 46.10 -59.38
N HIS X 8 43.45 45.89 -58.23
CA HIS X 8 42.10 45.29 -58.12
C HIS X 8 41.02 46.24 -57.57
N HIS X 9 40.01 46.52 -58.40
CA HIS X 9 38.92 47.42 -58.05
C HIS X 9 37.55 46.75 -58.14
N HIS X 10 36.83 46.76 -57.03
CA HIS X 10 35.53 46.13 -56.97
C HIS X 10 34.43 47.06 -56.57
N SER X 11 33.56 47.37 -57.54
CA SER X 11 32.44 48.25 -57.29
C SER X 11 31.14 47.45 -57.39
N SER X 12 30.45 47.29 -56.26
CA SER X 12 29.19 46.54 -56.21
C SER X 12 27.96 47.45 -56.25
N GLY X 13 27.22 47.38 -57.35
CA GLY X 13 26.01 48.20 -57.48
C GLY X 13 24.81 47.44 -56.97
N LEU X 14 24.31 47.82 -55.78
CA LEU X 14 23.16 47.16 -55.18
C LEU X 14 21.97 47.11 -56.13
N VAL X 15 21.97 46.10 -57.01
CA VAL X 15 20.91 45.92 -58.00
C VAL X 15 20.66 44.46 -58.31
N PRO X 16 21.71 43.72 -58.77
CA PRO X 16 21.55 42.29 -59.09
C PRO X 16 20.99 41.44 -57.95
N ARG X 17 19.81 40.85 -58.18
CA ARG X 17 19.16 40.00 -57.19
C ARG X 17 18.67 38.70 -57.84
N GLY X 18 19.22 37.58 -57.39
CA GLY X 18 18.84 36.29 -57.94
C GLY X 18 18.20 35.37 -56.90
N SER X 19 17.00 34.87 -57.19
CA SER X 19 16.28 33.97 -56.28
C SER X 19 16.32 32.55 -56.84
N HIS X 20 16.91 31.65 -56.06
CA HIS X 20 17.02 30.27 -56.47
C HIS X 20 16.34 29.39 -55.44
N MET X 21 15.35 28.64 -55.91
CA MET X 21 14.60 27.72 -55.06
C MET X 21 15.11 26.27 -55.24
N TRP X 22 14.24 25.30 -55.01
CA TRP X 22 14.64 23.90 -55.14
C TRP X 22 13.40 23.00 -55.18
N LYS X 23 13.50 21.84 -55.83
CA LYS X 23 12.40 20.85 -55.95
C LYS X 23 12.69 19.86 -57.05
N GLN X 24 13.69 19.01 -56.85
CA GLN X 24 14.03 18.04 -57.87
C GLN X 24 14.34 16.67 -57.27
N SER X 25 13.33 15.79 -57.29
CA SER X 25 13.42 14.41 -56.78
C SER X 25 12.00 13.87 -56.60
N VAL X 26 11.41 14.14 -55.43
CA VAL X 26 10.05 13.71 -55.10
C VAL X 26 9.84 12.22 -55.42
N GLU X 27 8.58 11.81 -55.35
CA GLU X 27 8.20 10.43 -55.60
C GLU X 27 7.14 10.38 -56.68
N LEU X 28 7.59 10.22 -57.92
CA LEU X 28 6.70 10.15 -59.05
C LEU X 28 7.35 9.33 -60.14
N ALA X 29 8.67 9.43 -60.24
CA ALA X 29 9.44 8.69 -61.24
C ALA X 29 8.99 8.95 -62.67
N LYS X 30 8.82 10.23 -63.02
CA LYS X 30 8.39 10.65 -64.36
C LYS X 30 8.77 12.13 -64.61
N LYS X 31 9.90 12.35 -65.29
CA LYS X 31 10.40 13.71 -65.58
C LYS X 31 10.52 14.00 -67.08
N ASP X 32 9.99 15.15 -67.50
CA ASP X 32 10.02 15.57 -68.89
C ASP X 32 10.89 16.82 -68.94
N SER X 33 11.90 16.80 -69.81
CA SER X 33 12.82 17.94 -69.92
C SER X 33 12.33 19.07 -70.82
N LEU X 34 13.27 19.94 -71.18
CA LEU X 34 13.03 21.11 -72.02
C LEU X 34 12.43 22.24 -71.20
N TYR X 35 12.45 23.44 -71.77
CA TYR X 35 11.92 24.63 -71.13
C TYR X 35 12.55 24.85 -69.75
N LYS X 36 11.80 25.45 -68.84
CA LYS X 36 12.28 25.71 -67.48
C LYS X 36 13.43 26.74 -67.54
N ASP X 37 13.96 27.13 -66.38
CA ASP X 37 15.08 28.06 -66.28
C ASP X 37 14.63 29.52 -66.22
N ALA X 38 14.43 30.08 -67.42
CA ALA X 38 14.02 31.46 -67.61
C ALA X 38 12.57 31.74 -67.19
N MET X 39 11.79 30.70 -66.89
CA MET X 39 10.37 30.87 -66.52
C MET X 39 10.14 31.15 -65.03
N GLN X 40 11.08 30.61 -64.23
CA GLN X 40 11.08 30.71 -62.78
C GLN X 40 11.56 32.07 -62.34
N TYR X 41 12.44 32.70 -63.12
CA TYR X 41 12.98 34.04 -62.85
C TYR X 41 11.94 35.12 -63.26
N ALA X 42 11.25 34.87 -64.37
CA ALA X 42 10.21 35.74 -64.94
C ALA X 42 9.01 35.76 -63.95
N SER X 43 8.83 34.68 -63.21
CA SER X 43 7.75 34.61 -62.24
C SER X 43 7.72 35.84 -61.31
N GLU X 44 8.88 36.43 -61.00
CA GLU X 44 8.96 37.61 -60.11
C GLU X 44 8.36 38.89 -60.69
N SER X 45 7.68 38.75 -61.81
CA SER X 45 7.05 39.88 -62.49
C SER X 45 5.53 39.93 -62.24
N LYS X 46 4.82 38.93 -62.77
CA LYS X 46 3.36 38.80 -62.66
C LYS X 46 2.57 40.10 -62.65
N ASP X 47 1.33 40.01 -62.13
CA ASP X 47 0.42 41.15 -62.04
C ASP X 47 -0.35 41.38 -63.36
N THR X 48 -1.59 41.85 -63.26
CA THR X 48 -2.41 42.15 -64.44
C THR X 48 -2.72 40.86 -65.18
N GLU X 49 -3.53 40.96 -66.24
CA GLU X 49 -3.94 39.83 -67.05
C GLU X 49 -2.75 39.13 -67.65
N LEU X 50 -1.89 39.91 -68.31
CA LEU X 50 -0.70 39.35 -68.93
C LEU X 50 0.02 38.32 -67.98
N ALA X 51 -0.13 38.44 -66.65
CA ALA X 51 0.50 37.50 -65.68
C ALA X 51 -0.12 36.12 -65.70
N GLU X 52 -1.44 36.14 -65.77
CA GLU X 52 -2.25 34.95 -65.77
C GLU X 52 -2.14 34.29 -67.11
N GLU X 53 -1.93 35.10 -68.15
CA GLU X 53 -1.78 34.63 -69.53
C GLU X 53 -0.51 33.76 -69.53
N LEU X 54 0.33 33.97 -68.53
CA LEU X 54 1.56 33.21 -68.39
C LEU X 54 1.26 31.84 -67.84
N LEU X 55 0.15 31.70 -67.14
CA LEU X 55 -0.23 30.40 -66.62
C LEU X 55 -1.03 29.58 -67.64
N GLN X 56 -1.53 30.23 -68.70
CA GLN X 56 -2.27 29.54 -69.77
C GLN X 56 -1.45 28.40 -70.45
N TRP X 57 -0.50 28.78 -71.32
CA TRP X 57 0.38 27.85 -72.08
C TRP X 57 1.48 27.17 -71.26
N PHE X 58 1.59 27.54 -69.99
CA PHE X 58 2.58 26.98 -69.06
C PHE X 58 1.96 25.84 -68.27
N LEU X 59 0.62 25.81 -68.24
CA LEU X 59 -0.16 24.78 -67.54
C LEU X 59 -0.92 23.87 -68.55
N GLN X 60 -0.52 23.93 -69.82
CA GLN X 60 -1.14 23.09 -70.85
C GLN X 60 -0.41 21.76 -71.03
N GLU X 61 0.48 21.67 -72.04
CA GLU X 61 1.25 20.45 -72.33
C GLU X 61 2.58 20.38 -71.59
N GLU X 62 2.50 20.70 -70.29
CA GLU X 62 3.60 20.74 -69.34
C GLU X 62 3.25 20.05 -68.00
N LYS X 63 4.25 19.50 -67.29
CA LYS X 63 4.03 18.84 -65.98
C LYS X 63 4.86 19.51 -64.88
N ARG X 64 6.16 19.24 -64.84
CA ARG X 64 7.05 19.85 -63.86
C ARG X 64 7.27 21.37 -64.12
N GLU X 65 6.48 21.95 -65.05
CA GLU X 65 6.53 23.37 -65.45
C GLU X 65 5.34 24.26 -64.95
N CYS X 66 4.30 23.53 -64.50
CA CYS X 66 3.00 24.00 -63.91
C CYS X 66 3.20 24.19 -62.44
N PHE X 67 3.91 23.25 -61.77
CA PHE X 67 4.16 23.37 -60.32
C PHE X 67 4.98 24.67 -60.10
N GLY X 68 5.97 24.87 -60.98
CA GLY X 68 6.81 26.05 -60.92
C GLY X 68 5.91 27.25 -61.11
N ALA X 69 4.79 27.02 -61.78
CA ALA X 69 3.80 28.07 -62.01
C ALA X 69 2.74 28.04 -60.90
N CYS X 70 2.73 26.97 -60.13
CA CYS X 70 1.77 26.84 -59.05
C CYS X 70 2.40 27.51 -57.89
N LEU X 71 3.71 27.32 -57.79
CA LEU X 71 4.50 27.89 -56.68
C LEU X 71 4.82 29.31 -57.05
N PHE X 72 3.79 29.91 -57.65
CA PHE X 72 3.74 31.30 -58.18
C PHE X 72 2.64 32.24 -57.63
N THR X 73 1.38 31.87 -57.79
CA THR X 73 0.33 32.70 -57.29
C THR X 73 0.10 32.44 -55.81
N CYS X 74 0.65 31.34 -55.28
CA CYS X 74 0.54 31.02 -53.83
C CYS X 74 1.47 32.00 -53.08
N TYR X 75 2.64 32.26 -53.68
CA TYR X 75 3.62 33.18 -53.14
C TYR X 75 3.00 34.58 -53.28
N ASP X 76 2.00 34.68 -54.17
CA ASP X 76 1.22 35.89 -54.48
C ASP X 76 0.25 36.09 -53.31
N LEU X 77 -1.03 36.34 -53.63
CA LEU X 77 -2.06 36.54 -52.62
C LEU X 77 -3.34 35.82 -53.00
N LEU X 78 -4.16 36.49 -53.81
CA LEU X 78 -5.42 35.94 -54.24
C LEU X 78 -5.53 35.92 -55.77
N ARG X 79 -5.79 34.75 -56.32
CA ARG X 79 -5.91 34.62 -57.77
C ARG X 79 -6.20 33.16 -58.15
N PRO X 80 -7.44 32.69 -57.97
CA PRO X 80 -7.86 31.32 -58.30
C PRO X 80 -8.56 31.19 -59.67
N ASP X 81 -9.73 30.55 -59.67
CA ASP X 81 -10.58 30.38 -60.84
C ASP X 81 -10.01 29.39 -61.87
N VAL X 82 -9.22 29.94 -62.78
CA VAL X 82 -8.58 29.17 -63.84
C VAL X 82 -7.78 28.06 -63.14
N VAL X 83 -7.27 28.38 -61.94
CA VAL X 83 -6.42 27.47 -61.17
C VAL X 83 -7.11 26.16 -61.12
N LEU X 84 -8.36 26.17 -61.52
CA LEU X 84 -9.07 24.97 -61.45
C LEU X 84 -9.44 24.42 -62.77
N GLU X 85 -9.87 25.28 -63.67
CA GLU X 85 -10.33 24.76 -64.96
C GLU X 85 -9.37 23.82 -65.70
N LEU X 86 -8.07 24.04 -65.44
CA LEU X 86 -6.91 23.33 -66.02
C LEU X 86 -6.76 21.92 -65.46
N ALA X 87 -7.04 21.79 -64.19
CA ALA X 87 -6.98 20.51 -63.57
C ALA X 87 -8.16 19.71 -64.07
N TRP X 88 -8.98 20.37 -64.89
CA TRP X 88 -10.16 19.75 -65.50
C TRP X 88 -9.93 19.79 -66.97
N ARG X 89 -8.70 20.16 -67.35
CA ARG X 89 -8.32 20.19 -68.74
C ARG X 89 -8.48 18.79 -69.27
N HIS X 90 -8.02 17.80 -68.51
CA HIS X 90 -8.12 16.40 -68.94
C HIS X 90 -7.53 15.46 -67.88
N ASN X 91 -6.72 16.03 -67.00
CA ASN X 91 -6.08 15.25 -65.98
C ASN X 91 -6.39 15.73 -64.58
N ILE X 92 -5.59 15.27 -63.61
CA ILE X 92 -5.73 15.59 -62.19
C ILE X 92 -4.83 16.75 -61.78
N MET X 93 -4.91 17.11 -60.51
CA MET X 93 -4.12 18.20 -59.98
C MET X 93 -3.76 17.90 -58.52
N ASP X 94 -2.69 18.53 -58.04
CA ASP X 94 -2.21 18.33 -56.66
C ASP X 94 -1.98 19.62 -55.88
N PHE X 95 -2.26 19.59 -54.57
CA PHE X 95 -2.09 20.73 -53.66
C PHE X 95 -3.00 21.90 -54.05
N ALA X 96 -3.26 22.77 -53.09
CA ALA X 96 -4.05 23.94 -53.40
C ALA X 96 -4.32 24.70 -52.14
N MET X 97 -5.60 24.87 -51.86
CA MET X 97 -6.09 25.54 -50.67
C MET X 97 -5.35 26.78 -50.11
N PRO X 98 -4.93 27.76 -50.96
CA PRO X 98 -4.22 28.93 -50.41
C PRO X 98 -5.15 29.95 -49.70
N TYR X 99 -6.39 29.55 -49.38
CA TYR X 99 -7.38 30.44 -48.74
C TYR X 99 -7.97 29.87 -47.45
N PHE X 100 -7.55 28.65 -47.12
CA PHE X 100 -8.03 27.95 -45.93
C PHE X 100 -7.38 28.50 -44.70
N ILE X 101 -6.45 29.45 -44.91
CA ILE X 101 -5.70 30.13 -43.84
C ILE X 101 -6.53 31.32 -43.29
N GLN X 102 -7.12 32.11 -44.18
CA GLN X 102 -7.93 33.26 -43.80
C GLN X 102 -9.24 32.77 -43.18
N VAL X 103 -9.60 31.53 -43.45
CA VAL X 103 -10.82 30.96 -42.92
C VAL X 103 -10.97 31.09 -41.40
N MET X 104 -9.94 31.60 -40.71
CA MET X 104 -9.94 31.77 -39.25
C MET X 104 -10.53 33.08 -38.69
N LYS X 105 -9.72 34.14 -38.62
CA LYS X 105 -10.11 35.46 -38.09
C LYS X 105 -11.53 35.92 -38.37
N GLU X 106 -12.18 35.30 -39.36
CA GLU X 106 -13.53 35.66 -39.76
C GLU X 106 -14.57 35.22 -38.76
N TYR X 107 -14.62 33.91 -38.56
CA TYR X 107 -15.56 33.29 -37.64
C TYR X 107 -15.22 33.70 -36.22
N LEU X 108 -13.98 34.12 -36.01
CA LEU X 108 -13.55 34.54 -34.70
C LEU X 108 -14.10 35.95 -34.43
N THR X 109 -13.95 36.84 -35.42
CA THR X 109 -14.44 38.23 -35.28
C THR X 109 -15.95 38.17 -35.45
N LYS X 110 -16.40 36.93 -35.61
CA LYS X 110 -17.79 36.63 -35.81
C LYS X 110 -18.44 36.32 -34.48
N VAL X 111 -17.89 35.32 -33.79
CA VAL X 111 -18.39 34.89 -32.49
C VAL X 111 -18.02 35.96 -31.47
N ASP X 112 -17.13 36.86 -31.87
CA ASP X 112 -16.69 37.95 -31.02
C ASP X 112 -17.57 39.20 -31.21
N LYS X 113 -17.96 39.49 -32.44
CA LYS X 113 -18.81 40.65 -32.70
C LYS X 113 -20.20 40.48 -32.05
N LEU X 114 -20.70 39.23 -32.00
CA LEU X 114 -22.01 38.92 -31.38
C LEU X 114 -22.00 39.32 -29.90
N ASP X 115 -21.05 38.77 -29.14
CA ASP X 115 -20.91 39.08 -27.71
C ASP X 115 -20.60 40.57 -27.48
N ALA X 116 -19.91 41.19 -28.43
CA ALA X 116 -19.54 42.60 -28.32
C ALA X 116 -20.79 43.45 -28.23
N SER X 117 -21.91 42.85 -28.58
CA SER X 117 -23.19 43.54 -28.55
C SER X 117 -24.16 42.90 -27.57
N GLU X 118 -24.23 41.57 -27.56
CA GLU X 118 -25.14 40.87 -26.66
C GLU X 118 -25.02 41.30 -25.18
N SER X 119 -23.94 42.02 -24.84
CA SER X 119 -23.71 42.50 -23.47
C SER X 119 -24.20 43.93 -23.25
N LEU X 120 -23.81 44.82 -24.15
CA LEU X 120 -24.21 46.22 -24.11
C LEU X 120 -25.72 46.34 -24.22
N ARG X 121 -26.41 45.23 -24.52
CA ARG X 121 -27.88 45.20 -24.67
C ARG X 121 -28.49 44.66 -23.37
N LYS X 122 -27.84 43.62 -22.82
CA LYS X 122 -28.27 43.03 -21.56
C LYS X 122 -27.93 44.09 -20.53
N GLU X 123 -27.03 44.99 -20.93
CA GLU X 123 -26.61 46.10 -20.11
C GLU X 123 -27.64 47.24 -20.18
N GLU X 124 -28.25 47.39 -21.36
CA GLU X 124 -29.26 48.42 -21.62
C GLU X 124 -30.52 48.19 -20.81
N GLU X 125 -31.67 48.45 -21.43
CA GLU X 125 -32.95 48.27 -20.79
C GLU X 125 -32.89 48.71 -19.33
#